data_8YHA
#
_entry.id   8YHA
#
_cell.length_a   1.00
_cell.length_b   1.00
_cell.length_c   1.00
_cell.angle_alpha   90.00
_cell.angle_beta   90.00
_cell.angle_gamma   90.00
#
_symmetry.space_group_name_H-M   'P 1'
#
loop_
_entity.id
_entity.type
_entity.pdbx_description
1 polymer 'CRISPR system Cascade subunit CasD'
2 polymer 'CRISPR-associated endoribonuclease Cse3'
3 polymer '61-nt crRNA'
4 polymer 'CRISPR system Cascade subunit CasC'
5 polymer 'CRISPR-associated protein Cse1 (CRISPR_cse1)'
6 polymer 'CRISPR-associated protein Cse2 (CRISPR_cse2)'
7 polymer 'DNA/RNA (47-MER)'
8 non-polymer 'ZINC ION'
#
loop_
_entity_poly.entity_id
_entity_poly.type
_entity_poly.pdbx_seq_one_letter_code
_entity_poly.pdbx_strand_id
1 'polypeptide(L)'
;MSAPPNTLFLRLEGALQSWGSNEAKFALRRTADAPTKSGVLGLLCAAMGIGRAEAADSWLPKLANLRMGVRIDRPGIRWW
DFHTVGAGQRMRMAELKAPKKPSMVGAALAETLTPSKVKTRAETLLSRREYLADASFLVALQGEPELVAKLSAALAKPVW
AIYLGRKSCPPSRPVCEHPPGFYNTLEEALSAVPLQKRWHNEPLPQILPCVMDWIPGYDGEHAPDDAEIHYDLPVSFQPP
RHLPRFVIRRELVVGEDVQVSRETGTSVWRPKGTRADYNNSEYKKVRAERLVMDHAACMVCKAPATTVQHVNYRRAGGKE
IPEDLRALCRLCHDACTMLEYGSGMTTNRIDPCDPIWRERILAKRKEIVEFRSRGQRFRKMKPEEENG
;
A
2 'polypeptide(L)'
;MIYLSRLLIDTGGNPDRPRPGRKWLDNIYNVHRRLSMAFPSGLRREQDPHFLKPFSPNDFQKTPFLFRVDNNIDGNDKRA
IIIVQSVLEPDWDYCFQNALDFLAAPPETKEYNPEFKAGQLLRFRLRVNASVRRHIPEMVQQDGQTIETGKILHKRVSLT
WDASSTPDQALADWLAAKSPKLGFTLQRCELLQLGWVYGSKPEPKNVKVKEQGQGYWREHKYNPLRFRAALLEGVLEVDD
PKLFLKTLSSGIGKAKSFGFGLLSVLPIRNDG
;
B
3 'polyribonucleotide' GUGAACCGGAGAAGUCAUUUAAUAAGGCCACUGUUAAAAAGUAUUCCCCACGCAUGUGGGG C
4 'polypeptide(L)'
;MLIEIHMIQNHSPANLNRDDLGAPKTCYFGGVLRSRISSQCIKRSIRTSNDFKALLGGVRTRRLADLIQQEAGETECWKK
AQEILNKCGFKNKDDNTKMLVFMSKDKIKDLARIVLDNSLGLTEAAQQVANVIAQATLAPDIALCGRMLEPNDKDKDKKV
KWSNTTVEAALQVAHAISTHIARPEIDYFVAADDVPGEDAGAGHIGESMFASACFYKYFSIDWEQLVKNLKGDTNLAAHT
VGAFLLAAAKTNPSGKQNSFAAHNYPDGILVEFKNSPISYANAFVRPVSVVKESDLVEQSIGQLSNYVNDIRLGYYDEQS
PVIGFWFSPNNRYPLGYKHSKLASRNIGNLNELVGAVLDYIGGFKWEEVQKSKAYIGG
;
D,E,F,G,H,I
5 'polypeptide(L)'
;MYCAAVCFPQTKYQQRGTALKKPLVGLRKMGVEAAAWNTLKVTRDRPKLTFPDLITPQSKFLDNDLWLKYKVPIEQKEHV
MYNLLCDNWVNVVYLSGKPDRISLVQTLKDAHCLQLAYSNPMDRFTVFRFLLALGYWCFANTNVEPEPDKPLPVSWIPWL
EENKEYFELFGDGKRFFQADPSSRIRAITDLIHEIPTAHNLCHFKHVTDYIDGLCEACCIKGLLRLPVFTTVGGRGIGAG
INNTPPFYLLWHANDLAGMLAQNWQPWDNMGIPAWLGSFQKESREVGLLAGMTWLPRKVYLHDPVPGQAACCSCGLPSEA
LVYSCSIEVEPVPKGLEWKDPHGVYTDQGKSLQSKIKLMSNDRYTFADRDWYSPLFSYLHAEGNSRQGKLWLVGFASDKA
KSIDIWDKIIELEGTDTNDELLAQLANRATALNAMRKKPLRGDFKKSVGTPQIADIIPHAENRIAINAGKMTENRGYSWQ
DADTEYGELLTKVAYSLEPAQTVDARLKRGNFISRKPWPIIPESKTKPAEGDQNE
;
J
6 'polypeptide(L)'
;MNRGTVDFIASLENLKEGDLGILRKLRGARLDEKLPGFDLFSALWWPLRQKNQRAPKREVAWLIAKLFAEFRFEQREGAT
LPILMGGICRKLEPKKELPRVLARFDQLASLDIMQMEEPLSVIMGILRKHQQVCLDWVGLTDVLSFWEQEPVKREWSDSF
IKAYKINKEDSDVD
;
K
7 'polydeoxyribonucleotide/polyribonucleotide hybrid'
;A(DT)(DT)(DA)(DC)(DG)(DC)(DC)(DA)(DA)(DG)(DC)(DT)(DT)(DT)(DT)(DT)AACAG(DT)GGCC
(DT)(DT)A(DT)(DT)AAA(DT)GAC(DT)(DT)C(DT)CC(DT)CC(DT)(DT)GA(DT)AGA
;
T
#
loop_
_chem_comp.id
_chem_comp.type
_chem_comp.name
_chem_comp.formula
A RNA linking ADENOSINE-5'-MONOPHOSPHATE 'C10 H14 N5 O7 P'
C RNA linking CYTIDINE-5'-MONOPHOSPHATE 'C9 H14 N3 O8 P'
DA DNA linking 2'-DEOXYADENOSINE-5'-MONOPHOSPHATE 'C10 H14 N5 O6 P'
DC DNA linking 2'-DEOXYCYTIDINE-5'-MONOPHOSPHATE 'C9 H14 N3 O7 P'
DG DNA linking 2'-DEOXYGUANOSINE-5'-MONOPHOSPHATE 'C10 H14 N5 O7 P'
DT DNA linking THYMIDINE-5'-MONOPHOSPHATE 'C10 H15 N2 O8 P'
G RNA linking GUANOSINE-5'-MONOPHOSPHATE 'C10 H14 N5 O8 P'
U RNA linking URIDINE-5'-MONOPHOSPHATE 'C9 H13 N2 O9 P'
ZN non-polymer 'ZINC ION' 'Zn 2'
#
# COMPACT_ATOMS: atom_id res chain seq x y z
N ALA A 3 52.93 -38.24 29.28
CA ALA A 3 51.82 -37.83 30.13
C ALA A 3 50.49 -38.27 29.55
N PRO A 4 50.09 -39.51 29.84
CA PRO A 4 48.80 -39.99 29.35
C PRO A 4 47.65 -39.28 30.04
N PRO A 5 46.51 -39.14 29.37
CA PRO A 5 45.35 -38.50 30.00
C PRO A 5 44.80 -39.33 31.15
N ASN A 6 44.21 -38.62 32.13
CA ASN A 6 43.71 -39.26 33.33
C ASN A 6 42.27 -38.94 33.67
N THR A 7 41.62 -38.01 32.96
CA THR A 7 40.25 -37.62 33.26
C THR A 7 39.45 -37.53 31.98
N LEU A 8 38.13 -37.72 32.11
CA LEU A 8 37.21 -37.66 30.98
C LEU A 8 36.21 -36.53 31.22
N PHE A 9 35.85 -35.83 30.15
CA PHE A 9 34.94 -34.70 30.24
C PHE A 9 33.63 -35.04 29.52
N LEU A 10 32.52 -34.72 30.18
CA LEU A 10 31.17 -34.94 29.66
C LEU A 10 30.48 -33.59 29.48
N ARG A 11 29.93 -33.37 28.30
CA ARG A 11 29.07 -32.22 28.04
C ARG A 11 27.62 -32.69 28.11
N LEU A 12 26.89 -32.22 29.11
CA LEU A 12 25.49 -32.58 29.29
C LEU A 12 24.67 -31.33 29.05
N GLU A 13 24.15 -31.19 27.82
CA GLU A 13 23.36 -30.04 27.44
C GLU A 13 22.25 -30.51 26.50
N GLY A 14 21.01 -30.18 26.84
CA GLY A 14 19.88 -30.50 26.00
C GLY A 14 18.77 -29.50 26.25
N ALA A 15 17.74 -29.58 25.39
CA ALA A 15 16.59 -28.70 25.55
C ALA A 15 15.86 -28.98 26.86
N LEU A 16 15.65 -30.25 27.18
CA LEU A 16 15.01 -30.65 28.42
C LEU A 16 15.91 -31.66 29.13
N GLN A 17 16.07 -31.49 30.44
CA GLN A 17 16.89 -32.37 31.25
C GLN A 17 16.20 -32.63 32.58
N SER A 18 16.45 -33.81 33.16
CA SER A 18 15.84 -34.14 34.44
C SER A 18 16.72 -35.19 35.12
N TRP A 19 17.54 -34.75 36.07
CA TRP A 19 18.29 -35.66 36.95
C TRP A 19 17.52 -35.72 38.26
N GLY A 20 16.78 -36.82 38.45
CA GLY A 20 15.86 -36.90 39.56
C GLY A 20 16.55 -36.95 40.91
N SER A 21 15.88 -36.41 41.91
CA SER A 21 16.40 -36.34 43.27
C SER A 21 15.86 -37.49 44.12
N ASN A 22 16.44 -37.63 45.31
CA ASN A 22 16.08 -38.71 46.20
C ASN A 22 14.72 -38.49 46.86
N GLU A 23 14.25 -37.25 46.93
CA GLU A 23 13.07 -36.90 47.71
C GLU A 23 11.78 -37.01 46.91
N ALA A 24 11.76 -37.76 45.81
CA ALA A 24 10.51 -37.89 45.06
C ALA A 24 9.60 -38.93 45.69
N LYS A 25 9.99 -40.20 45.63
CA LYS A 25 9.39 -41.31 46.40
C LYS A 25 7.90 -41.51 46.15
N PHE A 26 7.30 -40.74 45.24
CA PHE A 26 5.86 -40.67 45.10
C PHE A 26 5.56 -40.16 43.69
N ALA A 27 4.32 -39.74 43.44
CA ALA A 27 3.91 -39.24 42.14
C ALA A 27 4.33 -37.79 41.89
N LEU A 28 5.29 -37.27 42.65
CA LEU A 28 5.87 -35.95 42.43
C LEU A 28 7.32 -36.17 42.05
N ARG A 29 7.57 -36.37 40.75
CA ARG A 29 8.90 -36.71 40.26
C ARG A 29 9.72 -35.43 40.17
N ARG A 30 10.60 -35.22 41.15
CA ARG A 30 11.38 -34.00 41.25
C ARG A 30 12.71 -34.17 40.51
N THR A 31 13.61 -33.21 40.70
CA THR A 31 14.92 -33.27 40.06
C THR A 31 15.94 -32.54 40.92
N ALA A 32 17.21 -32.78 40.62
CA ALA A 32 18.30 -32.08 41.26
C ALA A 32 18.83 -30.97 40.35
N ASP A 33 19.56 -30.04 40.95
CA ASP A 33 20.08 -28.90 40.21
C ASP A 33 21.32 -29.23 39.38
N ALA A 34 21.92 -30.39 39.62
CA ALA A 34 23.14 -30.81 38.95
C ALA A 34 23.05 -32.28 38.62
N PRO A 35 23.79 -32.76 37.62
CA PRO A 35 23.83 -34.20 37.35
C PRO A 35 24.34 -35.00 38.53
N THR A 36 23.52 -35.94 38.98
CA THR A 36 23.91 -36.82 40.08
C THR A 36 24.94 -37.84 39.61
N LYS A 37 25.71 -38.37 40.58
CA LYS A 37 26.74 -39.34 40.26
C LYS A 37 26.15 -40.65 39.74
N SER A 38 25.04 -41.10 40.35
CA SER A 38 24.41 -42.33 39.90
C SER A 38 23.83 -42.18 38.51
N GLY A 39 23.31 -41.00 38.17
CA GLY A 39 22.77 -40.78 36.84
C GLY A 39 23.83 -40.86 35.75
N VAL A 40 24.97 -40.19 35.96
CA VAL A 40 26.02 -40.25 34.96
C VAL A 40 26.67 -41.63 34.93
N LEU A 41 26.69 -42.34 36.07
CA LEU A 41 27.16 -43.71 36.07
C LEU A 41 26.24 -44.62 35.24
N GLY A 42 24.93 -44.43 35.37
CA GLY A 42 24.01 -45.18 34.53
C GLY A 42 24.13 -44.82 33.07
N LEU A 43 24.40 -43.55 32.77
CA LEU A 43 24.67 -43.13 31.39
C LEU A 43 25.90 -43.84 30.84
N LEU A 44 26.96 -43.92 31.64
CA LEU A 44 28.18 -44.60 31.22
C LEU A 44 27.93 -46.09 30.98
N CYS A 45 27.18 -46.73 31.89
CA CYS A 45 26.89 -48.15 31.76
C CYS A 45 25.99 -48.43 30.56
N ALA A 46 25.07 -47.52 30.25
CA ALA A 46 24.26 -47.67 29.04
C ALA A 46 25.10 -47.48 27.80
N ALA A 47 26.08 -46.56 27.85
CA ALA A 47 26.97 -46.38 26.71
C ALA A 47 27.90 -47.57 26.51
N MET A 48 28.19 -48.32 27.58
CA MET A 48 29.04 -49.50 27.48
C MET A 48 28.26 -50.80 27.28
N GLY A 49 26.93 -50.72 27.19
CA GLY A 49 26.15 -51.91 26.94
C GLY A 49 26.02 -52.87 28.10
N ILE A 50 26.18 -52.38 29.33
CA ILE A 50 26.08 -53.22 30.51
C ILE A 50 24.65 -53.16 31.05
N GLY A 51 24.05 -54.32 31.28
CA GLY A 51 22.71 -54.37 31.80
C GLY A 51 22.64 -54.01 33.27
N ARG A 52 21.40 -53.92 33.78
CA ARG A 52 21.19 -53.56 35.18
C ARG A 52 21.72 -54.62 36.12
N ALA A 53 21.46 -55.90 35.82
CA ALA A 53 21.95 -56.98 36.67
C ALA A 53 23.47 -57.08 36.60
N GLU A 54 24.04 -56.90 35.42
CA GLU A 54 25.49 -57.00 35.25
C GLU A 54 26.22 -55.78 35.82
N ALA A 55 25.53 -54.67 36.04
CA ALA A 55 26.19 -53.47 36.53
C ALA A 55 26.57 -53.58 37.99
N ALA A 56 25.80 -54.32 38.78
CA ALA A 56 25.96 -54.32 40.23
C ALA A 56 27.11 -55.18 40.73
N ASP A 57 27.71 -56.00 39.86
CA ASP A 57 28.75 -56.91 40.34
C ASP A 57 30.14 -56.27 40.33
N SER A 58 30.56 -55.75 39.18
CA SER A 58 31.92 -55.24 39.07
C SER A 58 32.00 -53.81 38.55
N TRP A 59 31.14 -53.42 37.62
CA TRP A 59 31.31 -52.16 36.90
C TRP A 59 31.09 -50.97 37.84
N LEU A 60 29.98 -50.97 38.58
CA LEU A 60 29.73 -49.87 39.51
C LEU A 60 30.75 -49.79 40.66
N PRO A 61 31.15 -50.89 41.32
CA PRO A 61 32.25 -50.74 42.30
C PRO A 61 33.56 -50.29 41.69
N LYS A 62 33.86 -50.68 40.46
CA LYS A 62 35.08 -50.21 39.80
C LYS A 62 35.02 -48.71 39.51
N LEU A 63 33.89 -48.25 38.99
CA LEU A 63 33.76 -46.85 38.58
C LEU A 63 33.38 -45.92 39.72
N ALA A 64 33.04 -46.45 40.90
CA ALA A 64 32.70 -45.60 42.02
C ALA A 64 33.93 -44.99 42.70
N ASN A 65 35.13 -45.42 42.32
CA ASN A 65 36.36 -44.89 42.89
C ASN A 65 36.86 -43.63 42.21
N LEU A 66 36.21 -43.21 41.12
CA LEU A 66 36.64 -42.01 40.41
C LEU A 66 36.22 -40.76 41.19
N ARG A 67 36.83 -39.64 40.85
CA ARG A 67 36.51 -38.36 41.48
C ARG A 67 35.82 -37.44 40.47
N MET A 68 34.65 -36.93 40.85
CA MET A 68 33.72 -36.28 39.94
C MET A 68 33.44 -34.84 40.38
N GLY A 69 33.44 -33.94 39.40
CA GLY A 69 33.06 -32.55 39.65
C GLY A 69 32.31 -31.94 38.49
N VAL A 70 31.24 -31.17 38.78
CA VAL A 70 30.37 -30.63 37.74
C VAL A 70 30.42 -29.10 37.80
N ARG A 71 30.73 -28.49 36.66
CA ARG A 71 30.70 -27.05 36.50
C ARG A 71 29.43 -26.63 35.78
N ILE A 72 28.81 -25.55 36.26
CA ILE A 72 27.56 -25.06 35.72
C ILE A 72 27.87 -24.05 34.61
N ASP A 73 27.41 -24.33 33.40
CA ASP A 73 27.52 -23.39 32.29
C ASP A 73 26.27 -22.56 32.13
N ARG A 74 25.10 -23.15 32.32
CA ARG A 74 23.81 -22.48 32.27
C ARG A 74 22.87 -23.13 33.28
N PRO A 75 22.38 -22.38 34.27
CA PRO A 75 21.59 -23.00 35.34
C PRO A 75 20.30 -23.64 34.86
N GLY A 76 19.65 -23.07 33.84
CA GLY A 76 18.39 -23.60 33.37
C GLY A 76 17.22 -23.11 34.19
N ILE A 77 16.02 -23.51 33.75
CA ILE A 77 14.78 -23.15 34.41
C ILE A 77 14.01 -24.43 34.69
N ARG A 78 13.52 -24.58 35.91
CA ARG A 78 12.74 -25.75 36.28
C ARG A 78 11.32 -25.60 35.74
N TRP A 79 10.92 -26.55 34.89
CA TRP A 79 9.63 -26.51 34.22
C TRP A 79 8.87 -27.79 34.53
N TRP A 80 7.61 -27.66 34.93
CA TRP A 80 6.82 -28.82 35.30
C TRP A 80 5.94 -29.27 34.14
N ASP A 81 5.31 -30.42 34.32
CA ASP A 81 4.55 -31.06 33.25
C ASP A 81 3.49 -31.95 33.88
N PHE A 82 2.22 -31.64 33.61
CA PHE A 82 1.12 -32.50 34.01
C PHE A 82 1.15 -33.77 33.20
N HIS A 83 1.04 -34.91 33.87
CA HIS A 83 1.28 -36.22 33.25
C HIS A 83 0.23 -37.20 33.75
N THR A 84 -0.66 -37.63 32.86
CA THR A 84 -1.65 -38.64 33.18
C THR A 84 -1.25 -39.97 32.57
N VAL A 85 -1.61 -41.06 33.25
CA VAL A 85 -1.33 -42.41 32.81
C VAL A 85 -2.62 -43.21 32.83
N GLY A 86 -2.79 -44.08 31.83
CA GLY A 86 -3.95 -44.95 31.77
C GLY A 86 -5.27 -44.23 31.54
N ALA A 87 -5.30 -43.29 30.61
CA ALA A 87 -6.51 -42.56 30.29
C ALA A 87 -7.25 -43.28 29.15
N GLY A 88 -8.46 -43.75 29.44
CA GLY A 88 -9.18 -44.58 28.51
C GLY A 88 -8.74 -46.03 28.49
N GLN A 89 -7.78 -46.41 29.32
CA GLN A 89 -7.28 -47.77 29.40
C GLN A 89 -7.11 -48.14 30.87
N ARG A 90 -7.17 -49.43 31.15
CA ARG A 90 -7.06 -49.90 32.52
C ARG A 90 -5.61 -49.83 32.99
N MET A 91 -5.43 -49.98 34.30
CA MET A 91 -4.13 -49.89 34.94
C MET A 91 -3.90 -51.11 35.81
N ARG A 92 -2.63 -51.45 36.02
CA ARG A 92 -2.29 -52.67 36.73
C ARG A 92 -2.55 -52.53 38.23
N MET A 93 -3.28 -53.50 38.79
CA MET A 93 -3.55 -53.60 40.23
C MET A 93 -4.18 -52.35 40.81
N LYS A 119 -5.13 -58.20 39.26
CA LYS A 119 -6.35 -57.51 38.83
C LYS A 119 -6.02 -56.16 38.22
N THR A 120 -7.07 -55.40 37.88
CA THR A 120 -6.89 -54.12 37.22
C THR A 120 -8.04 -53.19 37.62
N ARG A 121 -7.98 -51.96 37.13
CA ARG A 121 -9.00 -50.96 37.42
C ARG A 121 -9.08 -49.96 36.28
N ALA A 122 -10.29 -49.51 35.96
CA ALA A 122 -10.51 -48.48 34.95
C ALA A 122 -10.38 -47.13 35.65
N GLU A 123 -9.16 -46.59 35.67
CA GLU A 123 -8.88 -45.38 36.41
C GLU A 123 -7.74 -44.65 35.74
N THR A 124 -7.58 -43.38 36.10
CA THR A 124 -6.52 -42.53 35.57
C THR A 124 -5.56 -42.16 36.69
N LEU A 125 -4.27 -42.25 36.41
CA LEU A 125 -3.23 -41.89 37.37
C LEU A 125 -2.70 -40.50 37.06
N LEU A 126 -2.70 -39.63 38.06
CA LEU A 126 -2.21 -38.27 37.89
C LEU A 126 -0.81 -38.15 38.47
N SER A 127 0.03 -37.36 37.80
CA SER A 127 1.39 -37.12 38.25
C SER A 127 1.87 -35.81 37.66
N ARG A 128 2.96 -35.30 38.22
CA ARG A 128 3.53 -34.01 37.80
C ARG A 128 5.04 -34.14 37.77
N ARG A 129 5.62 -34.07 36.59
CA ARG A 129 7.06 -34.26 36.40
C ARG A 129 7.76 -32.91 36.30
N GLU A 130 9.06 -32.93 36.63
CA GLU A 130 9.86 -31.72 36.61
C GLU A 130 11.09 -31.93 35.73
N TYR A 131 11.37 -30.95 34.87
CA TYR A 131 12.51 -30.97 33.98
C TYR A 131 13.31 -29.69 34.15
N LEU A 132 14.56 -29.74 33.70
CA LEU A 132 15.39 -28.55 33.55
C LEU A 132 15.40 -28.15 32.08
N ALA A 133 15.16 -26.88 31.80
CA ALA A 133 15.08 -26.37 30.44
C ALA A 133 16.21 -25.39 30.21
N ASP A 134 16.89 -25.53 29.07
CA ASP A 134 17.98 -24.65 28.65
C ASP A 134 19.11 -24.62 29.68
N ALA A 135 19.71 -25.78 29.91
CA ALA A 135 20.78 -25.93 30.89
C ALA A 135 21.93 -26.72 30.28
N SER A 136 23.13 -26.48 30.81
CA SER A 136 24.34 -27.13 30.33
C SER A 136 25.31 -27.34 31.48
N PHE A 137 25.90 -28.52 31.55
CA PHE A 137 26.83 -28.88 32.61
C PHE A 137 28.06 -29.54 32.01
N LEU A 138 29.20 -29.33 32.68
CA LEU A 138 30.46 -29.99 32.34
C LEU A 138 30.85 -30.91 33.49
N VAL A 139 31.10 -32.17 33.18
CA VAL A 139 31.41 -33.18 34.19
C VAL A 139 32.85 -33.65 33.98
N ALA A 140 33.66 -33.56 35.03
CA ALA A 140 35.03 -34.05 35.01
C ALA A 140 35.11 -35.26 35.92
N LEU A 141 35.57 -36.39 35.36
CA LEU A 141 35.62 -37.67 36.04
C LEU A 141 37.05 -38.19 35.99
N GLN A 142 37.86 -37.82 36.99
CA GLN A 142 39.25 -38.23 37.04
C GLN A 142 39.37 -39.63 37.62
N GLY A 143 40.22 -40.44 36.98
CA GLY A 143 40.45 -41.81 37.41
C GLY A 143 41.62 -42.50 36.73
N GLU A 144 41.50 -43.81 36.53
CA GLU A 144 42.58 -44.59 35.94
C GLU A 144 42.67 -44.29 34.44
N PRO A 145 43.89 -44.10 33.90
CA PRO A 145 44.02 -43.78 32.47
C PRO A 145 43.45 -44.85 31.54
N GLU A 146 43.62 -46.14 31.88
CA GLU A 146 43.00 -47.19 31.08
C GLU A 146 41.48 -47.09 31.14
N LEU A 147 40.94 -46.80 32.33
CA LEU A 147 39.50 -46.64 32.49
C LEU A 147 38.98 -45.49 31.65
N VAL A 148 39.68 -44.35 31.66
CA VAL A 148 39.27 -43.20 30.88
C VAL A 148 39.36 -43.49 29.38
N ALA A 149 40.42 -44.19 28.95
CA ALA A 149 40.58 -44.51 27.54
C ALA A 149 39.47 -45.43 27.05
N LYS A 150 39.20 -46.50 27.80
CA LYS A 150 38.14 -47.43 27.43
C LYS A 150 36.77 -46.75 27.47
N LEU A 151 36.55 -45.89 28.47
CA LEU A 151 35.29 -45.17 28.59
C LEU A 151 35.06 -44.24 27.41
N SER A 152 36.10 -43.51 27.00
CA SER A 152 35.98 -42.60 25.87
C SER A 152 35.79 -43.38 24.57
N ALA A 153 36.47 -44.52 24.43
CA ALA A 153 36.28 -45.35 23.25
C ALA A 153 34.85 -45.88 23.16
N ALA A 154 34.27 -46.26 24.31
CA ALA A 154 32.88 -46.68 24.34
C ALA A 154 31.94 -45.53 24.04
N LEU A 155 32.25 -44.34 24.56
CA LEU A 155 31.38 -43.18 24.37
C LEU A 155 31.46 -42.61 22.96
N ALA A 156 32.51 -42.94 22.21
CA ALA A 156 32.57 -42.51 20.81
C ALA A 156 31.43 -43.14 20.00
N LYS A 157 31.16 -44.43 20.23
CA LYS A 157 30.03 -45.13 19.61
C LYS A 157 29.27 -45.84 20.71
N PRO A 158 28.29 -45.17 21.32
CA PRO A 158 27.53 -45.80 22.41
C PRO A 158 26.74 -47.02 21.94
N VAL A 159 26.68 -48.03 22.81
CA VAL A 159 25.93 -49.25 22.50
C VAL A 159 24.44 -48.95 22.44
N TRP A 160 23.93 -48.20 23.41
CA TRP A 160 22.52 -47.86 23.50
C TRP A 160 22.34 -46.35 23.38
N ALA A 161 21.09 -45.94 23.15
CA ALA A 161 20.77 -44.53 23.12
C ALA A 161 20.91 -43.94 24.51
N ILE A 162 21.70 -42.87 24.62
CA ILE A 162 21.97 -42.23 25.90
C ILE A 162 21.18 -40.93 25.96
N TYR A 163 20.35 -40.79 26.99
CA TYR A 163 19.53 -39.62 27.20
C TYR A 163 19.94 -38.92 28.49
N LEU A 164 19.36 -37.74 28.72
CA LEU A 164 19.69 -36.92 29.87
C LEU A 164 18.65 -37.14 30.97
N GLY A 165 18.83 -38.21 31.72
CA GLY A 165 17.92 -38.57 32.79
C GLY A 165 16.75 -39.43 32.35
N ARG A 166 15.79 -38.83 31.66
CA ARG A 166 14.60 -39.53 31.18
C ARG A 166 14.71 -39.77 29.69
N LYS A 167 13.98 -40.78 29.21
CA LYS A 167 14.08 -41.19 27.82
C LYS A 167 13.55 -40.13 26.86
N SER A 168 12.75 -39.19 27.33
CA SER A 168 12.25 -38.10 26.50
C SER A 168 13.20 -36.90 26.48
N CYS A 169 14.46 -37.09 26.82
CA CYS A 169 15.44 -36.01 26.91
C CYS A 169 16.73 -36.41 26.19
N PRO A 170 16.73 -36.39 24.86
CA PRO A 170 17.97 -36.66 24.12
C PRO A 170 18.87 -35.44 24.11
N PRO A 171 20.19 -35.64 24.10
CA PRO A 171 21.10 -34.49 24.12
C PRO A 171 21.13 -33.75 22.79
N SER A 172 21.31 -32.44 22.88
CA SER A 172 21.43 -31.59 21.70
C SER A 172 22.87 -31.33 21.28
N ARG A 173 23.84 -31.76 22.08
CA ARG A 173 25.25 -31.63 21.77
C ARG A 173 25.94 -32.96 21.99
N PRO A 174 27.02 -33.25 21.25
CA PRO A 174 27.71 -34.53 21.41
C PRO A 174 28.37 -34.63 22.78
N VAL A 175 28.11 -35.73 23.49
CA VAL A 175 28.76 -35.97 24.77
C VAL A 175 30.26 -36.16 24.58
N CYS A 176 30.65 -36.91 23.55
CA CYS A 176 32.06 -37.06 23.21
C CYS A 176 32.50 -35.85 22.40
N GLU A 177 32.72 -34.74 23.10
CA GLU A 177 33.12 -33.49 22.48
C GLU A 177 34.49 -33.01 22.93
N HIS A 178 34.74 -33.01 24.24
CA HIS A 178 35.98 -32.46 24.74
C HIS A 178 37.01 -33.56 24.98
N PRO A 179 38.27 -33.34 24.61
CA PRO A 179 39.27 -34.40 24.68
C PRO A 179 39.73 -34.63 26.11
N PRO A 180 40.20 -35.84 26.42
CA PRO A 180 40.76 -36.10 27.75
C PRO A 180 42.11 -35.43 27.93
N GLY A 181 42.56 -35.36 29.18
CA GLY A 181 43.83 -34.75 29.49
C GLY A 181 44.33 -35.20 30.84
N PHE A 182 45.48 -34.63 31.23
CA PHE A 182 46.13 -34.93 32.50
C PHE A 182 46.28 -33.63 33.29
N TYR A 183 45.67 -33.59 34.48
CA TYR A 183 45.71 -32.42 35.34
C TYR A 183 45.88 -32.90 36.78
N ASN A 184 45.84 -31.97 37.72
CA ASN A 184 46.08 -32.29 39.14
C ASN A 184 44.84 -32.10 39.99
N THR A 185 44.24 -30.92 39.98
CA THR A 185 43.05 -30.63 40.77
C THR A 185 41.84 -30.49 39.87
N LEU A 186 40.66 -30.56 40.48
CA LEU A 186 39.42 -30.43 39.72
C LEU A 186 39.21 -29.01 39.23
N GLU A 187 39.74 -28.01 39.96
CA GLU A 187 39.55 -26.63 39.55
C GLU A 187 40.25 -26.32 38.23
N GLU A 188 41.50 -26.78 38.07
CA GLU A 188 42.18 -26.58 36.80
C GLU A 188 41.55 -27.43 35.69
N ALA A 189 40.99 -28.59 36.04
CA ALA A 189 40.29 -29.41 35.05
C ALA A 189 39.08 -28.68 34.50
N LEU A 190 38.26 -28.08 35.38
CA LEU A 190 37.14 -27.29 34.93
C LEU A 190 37.59 -25.97 34.29
N SER A 191 38.82 -25.54 34.58
CA SER A 191 39.38 -24.37 33.91
C SER A 191 39.84 -24.68 32.50
N ALA A 192 40.12 -25.96 32.21
CA ALA A 192 40.72 -26.32 30.93
C ALA A 192 39.78 -26.04 29.75
N VAL A 193 38.53 -26.44 29.86
CA VAL A 193 37.58 -26.32 28.76
C VAL A 193 37.01 -24.91 28.69
N PRO A 194 37.11 -24.23 27.55
CA PRO A 194 36.53 -22.90 27.42
C PRO A 194 35.01 -22.94 27.39
N LEU A 195 34.41 -21.80 27.72
CA LEU A 195 32.96 -21.66 27.73
C LEU A 195 32.51 -21.21 26.34
N GLN A 196 31.67 -22.00 25.70
CA GLN A 196 31.25 -21.75 24.33
C GLN A 196 30.01 -20.85 24.32
N LYS A 197 30.07 -19.79 23.52
CA LYS A 197 29.03 -18.77 23.48
C LYS A 197 28.01 -19.07 22.40
N ARG A 198 26.75 -18.78 22.68
CA ARG A 198 25.68 -18.74 21.69
C ARG A 198 25.72 -17.42 20.93
N TRP A 199 24.62 -17.06 20.28
CA TRP A 199 24.50 -15.86 19.45
C TRP A 199 25.11 -14.61 20.08
N HIS A 200 25.61 -13.71 19.23
CA HIS A 200 26.58 -12.69 19.65
C HIS A 200 26.03 -11.75 20.73
N ASN A 201 24.73 -11.47 20.71
CA ASN A 201 24.13 -10.57 21.69
C ASN A 201 24.06 -11.20 23.08
N GLU A 202 24.02 -12.53 23.17
CA GLU A 202 23.70 -13.22 24.42
C GLU A 202 24.75 -12.94 25.50
N PRO A 203 24.34 -12.51 26.69
CA PRO A 203 25.29 -12.34 27.79
C PRO A 203 25.64 -13.66 28.44
N LEU A 204 26.63 -13.61 29.33
CA LEU A 204 27.12 -14.84 29.94
C LEU A 204 27.07 -14.75 31.45
N PRO A 205 26.91 -15.88 32.14
CA PRO A 205 27.00 -15.87 33.61
C PRO A 205 28.40 -15.47 34.07
N GLN A 206 28.45 -14.72 35.17
CA GLN A 206 29.71 -14.16 35.66
C GLN A 206 30.37 -15.02 36.73
N ILE A 207 29.59 -15.77 37.50
CA ILE A 207 30.13 -16.68 38.51
C ILE A 207 29.58 -18.07 38.20
N LEU A 208 30.46 -19.01 37.88
CA LEU A 208 30.03 -20.35 37.51
C LEU A 208 30.19 -21.27 38.72
N PRO A 209 29.11 -21.78 39.29
CA PRO A 209 29.25 -22.69 40.43
C PRO A 209 29.76 -24.06 40.01
N CYS A 210 30.71 -24.58 40.77
CA CYS A 210 31.17 -25.95 40.63
C CYS A 210 30.75 -26.74 41.86
N VAL A 211 30.22 -27.94 41.62
CA VAL A 211 29.79 -28.84 42.68
C VAL A 211 30.67 -30.07 42.57
N MET A 212 31.54 -30.29 43.56
CA MET A 212 32.55 -31.31 43.46
C MET A 212 32.55 -32.19 44.70
N ASP A 213 33.02 -33.42 44.52
CA ASP A 213 33.10 -34.38 45.61
C ASP A 213 34.13 -33.94 46.64
N TRP A 214 33.81 -34.13 47.91
CA TRP A 214 34.74 -33.80 48.98
C TRP A 214 35.86 -34.84 49.04
N ILE A 215 37.09 -34.38 49.15
CA ILE A 215 38.27 -35.23 49.18
C ILE A 215 38.86 -35.17 50.59
N PRO A 216 39.00 -36.29 51.29
CA PRO A 216 39.59 -36.26 52.64
C PRO A 216 41.07 -35.91 52.64
N GLY A 217 41.85 -36.60 51.82
CA GLY A 217 43.29 -36.44 51.82
C GLY A 217 44.02 -37.20 52.91
N TYR A 218 43.29 -37.94 53.74
CA TYR A 218 43.77 -38.77 54.86
C TYR A 218 44.38 -37.96 56.00
N ASP A 219 44.42 -36.63 55.90
CA ASP A 219 44.84 -35.76 56.99
C ASP A 219 43.67 -34.96 57.56
N GLY A 220 42.91 -34.28 56.72
CA GLY A 220 41.68 -33.66 57.14
C GLY A 220 40.55 -34.67 57.13
N GLU A 221 40.54 -35.55 58.13
CA GLU A 221 39.61 -36.69 58.14
C GLU A 221 38.17 -36.25 58.34
N HIS A 222 37.92 -35.06 58.88
CA HIS A 222 36.57 -34.57 59.15
C HIS A 222 36.24 -33.44 58.20
N ALA A 223 35.10 -33.57 57.50
CA ALA A 223 34.70 -32.60 56.50
C ALA A 223 34.27 -31.29 57.17
N PRO A 224 34.35 -30.17 56.44
CA PRO A 224 33.82 -28.91 56.97
C PRO A 224 32.30 -28.95 57.09
N ASP A 225 31.76 -27.95 57.79
CA ASP A 225 30.34 -27.91 58.06
C ASP A 225 29.52 -27.51 56.85
N ASP A 226 30.15 -26.93 55.82
CA ASP A 226 29.42 -26.58 54.61
C ASP A 226 29.20 -27.78 53.70
N ALA A 227 29.91 -28.88 53.94
CA ALA A 227 29.73 -30.07 53.13
C ALA A 227 28.36 -30.68 53.40
N GLU A 228 27.62 -30.96 52.33
CA GLU A 228 26.24 -31.43 52.42
C GLU A 228 26.16 -32.82 51.82
N ILE A 229 25.21 -33.61 52.35
CA ILE A 229 25.04 -35.00 51.94
C ILE A 229 24.07 -35.07 50.77
N HIS A 230 24.51 -35.71 49.68
CA HIS A 230 23.64 -36.14 48.61
C HIS A 230 23.61 -37.65 48.58
N TYR A 231 22.53 -38.21 48.02
CA TYR A 231 22.27 -39.64 48.17
C TYR A 231 22.37 -40.37 46.84
N ASP A 232 23.44 -40.12 46.09
CA ASP A 232 23.56 -40.68 44.75
C ASP A 232 24.79 -41.56 44.57
N LEU A 233 25.10 -42.42 45.53
CA LEU A 233 26.16 -43.40 45.28
C LEU A 233 25.50 -44.74 44.99
N PRO A 234 25.50 -45.23 43.75
CA PRO A 234 24.71 -46.41 43.41
C PRO A 234 25.43 -47.72 43.70
N VAL A 235 24.63 -48.77 43.86
CA VAL A 235 25.10 -50.15 43.89
C VAL A 235 24.48 -50.98 42.78
N SER A 236 23.15 -51.04 42.73
CA SER A 236 22.44 -51.81 41.73
C SER A 236 21.45 -50.91 41.02
N PHE A 237 20.72 -51.48 40.05
CA PHE A 237 19.77 -50.70 39.27
C PHE A 237 18.40 -51.36 39.23
N GLN A 238 18.35 -52.70 39.27
CA GLN A 238 17.05 -53.36 39.22
C GLN A 238 16.38 -53.32 40.61
N PRO A 239 17.04 -53.72 41.70
CA PRO A 239 16.63 -53.22 43.02
C PRO A 239 17.44 -51.99 43.40
N PRO A 240 17.05 -50.80 42.93
CA PRO A 240 17.96 -49.64 43.00
C PRO A 240 18.34 -49.30 44.44
N ARG A 241 19.65 -49.18 44.66
CA ARG A 241 20.21 -48.94 45.99
C ARG A 241 21.23 -47.81 45.91
N HIS A 242 21.13 -46.86 46.84
CA HIS A 242 22.02 -45.71 46.89
C HIS A 242 22.54 -45.52 48.31
N LEU A 243 23.70 -44.87 48.40
CA LEU A 243 24.35 -44.50 49.64
C LEU A 243 24.76 -43.03 49.57
N PRO A 244 24.86 -42.35 50.71
CA PRO A 244 25.19 -40.93 50.71
C PRO A 244 26.66 -40.66 50.43
N ARG A 245 26.95 -39.39 50.19
CA ARG A 245 28.32 -38.92 49.95
C ARG A 245 28.38 -37.44 50.27
N PHE A 246 29.54 -37.00 50.75
CA PHE A 246 29.75 -35.60 51.13
C PHE A 246 30.18 -34.80 49.91
N VAL A 247 29.44 -33.74 49.61
CA VAL A 247 29.63 -32.95 48.41
C VAL A 247 29.81 -31.49 48.80
N ILE A 248 30.80 -30.83 48.21
CA ILE A 248 31.07 -29.43 48.48
C ILE A 248 30.80 -28.61 47.22
N ARG A 249 30.64 -27.30 47.42
CA ARG A 249 30.28 -26.38 46.35
C ARG A 249 31.21 -25.17 46.39
N ARG A 250 31.95 -24.95 45.32
CA ARG A 250 32.81 -23.79 45.16
C ARG A 250 32.38 -23.03 43.90
N GLU A 251 33.16 -22.03 43.50
CA GLU A 251 32.79 -21.19 42.37
C GLU A 251 34.02 -20.85 41.55
N LEU A 252 33.77 -20.46 40.30
CA LEU A 252 34.80 -20.04 39.36
C LEU A 252 34.40 -18.69 38.75
N VAL A 253 35.40 -17.93 38.33
CA VAL A 253 35.22 -16.63 37.70
C VAL A 253 35.56 -16.76 36.22
N VAL A 254 34.63 -16.34 35.37
CA VAL A 254 34.80 -16.49 33.93
C VAL A 254 35.83 -15.48 33.43
N GLY A 255 36.69 -15.91 32.51
CA GLY A 255 37.77 -15.07 32.02
C GLY A 255 39.07 -15.32 32.75
N GLU A 256 39.04 -15.20 34.08
CA GLU A 256 40.21 -15.59 34.88
C GLU A 256 40.43 -17.09 34.82
N ASP A 257 39.38 -17.87 35.05
CA ASP A 257 39.47 -19.32 35.13
C ASP A 257 39.08 -20.02 33.84
N VAL A 258 37.99 -19.60 33.21
CA VAL A 258 37.51 -20.17 31.96
C VAL A 258 37.44 -19.07 30.92
N GLN A 259 38.14 -19.26 29.80
CA GLN A 259 38.11 -18.30 28.70
C GLN A 259 36.85 -18.48 27.88
N VAL A 260 36.23 -17.36 27.50
CA VAL A 260 35.01 -17.41 26.70
C VAL A 260 35.39 -17.83 25.28
N SER A 261 34.86 -18.95 24.82
CA SER A 261 35.09 -19.39 23.46
C SER A 261 34.21 -18.60 22.49
N ARG A 262 34.58 -18.64 21.22
CA ARG A 262 33.88 -17.90 20.18
C ARG A 262 32.94 -18.83 19.43
N GLU A 263 31.78 -18.29 19.03
CA GLU A 263 30.79 -19.08 18.31
C GLU A 263 31.29 -19.43 16.93
N THR A 264 30.78 -20.54 16.41
CA THR A 264 31.14 -20.98 15.07
C THR A 264 30.49 -20.08 14.02
N GLY A 265 30.90 -20.25 12.77
CA GLY A 265 30.33 -19.49 11.69
C GLY A 265 28.90 -19.90 11.41
N THR A 266 27.95 -19.04 11.79
CA THR A 266 26.54 -19.36 11.63
C THR A 266 25.74 -18.06 11.57
N SER A 267 24.50 -18.18 11.10
CA SER A 267 23.59 -17.05 11.06
C SER A 267 22.17 -17.59 10.97
N VAL A 268 21.21 -16.70 11.25
CA VAL A 268 19.82 -17.03 10.97
C VAL A 268 19.62 -17.10 9.47
N TRP A 269 18.90 -18.12 9.01
CA TRP A 269 18.78 -18.37 7.58
C TRP A 269 17.94 -17.28 6.93
N ARG A 270 18.50 -16.64 5.91
CA ARG A 270 17.78 -15.66 5.12
C ARG A 270 17.77 -16.11 3.67
N PRO A 271 16.65 -15.92 2.96
CA PRO A 271 16.62 -16.25 1.52
C PRO A 271 17.64 -15.42 0.75
N LYS A 272 18.24 -16.06 -0.25
CA LYS A 272 19.32 -15.43 -1.01
C LYS A 272 18.76 -14.26 -1.81
N GLY A 273 19.28 -13.06 -1.53
CA GLY A 273 18.92 -11.87 -2.26
C GLY A 273 19.67 -11.66 -3.55
N THR A 274 20.40 -12.69 -4.01
CA THR A 274 21.19 -12.70 -5.24
C THR A 274 22.23 -11.58 -5.23
N ARG A 275 22.67 -11.17 -6.41
CA ARG A 275 23.64 -10.10 -6.57
C ARG A 275 23.31 -9.33 -7.83
N ALA A 276 24.18 -8.41 -8.21
CA ALA A 276 23.97 -7.62 -9.43
C ALA A 276 25.32 -7.11 -9.91
N ASP A 277 25.66 -7.40 -11.16
CA ASP A 277 26.92 -6.90 -11.73
C ASP A 277 26.94 -7.04 -13.24
N TYR A 278 27.00 -5.91 -13.95
CA TYR A 278 27.07 -5.94 -15.41
C TYR A 278 28.50 -5.76 -15.89
N ASN A 279 29.24 -4.87 -15.25
CA ASN A 279 30.63 -4.66 -15.62
C ASN A 279 31.29 -6.02 -15.82
N ASN A 280 30.84 -7.00 -15.06
CA ASN A 280 31.37 -8.36 -15.19
C ASN A 280 31.57 -8.74 -16.67
N SER A 281 32.75 -9.27 -16.97
CA SER A 281 33.09 -9.60 -18.35
C SER A 281 32.32 -10.81 -18.86
N GLU A 282 32.01 -11.76 -17.98
CA GLU A 282 31.26 -12.95 -18.40
C GLU A 282 29.87 -12.58 -18.89
N TYR A 283 29.18 -11.67 -18.20
CA TYR A 283 27.90 -11.19 -18.71
C TYR A 283 28.11 -10.30 -19.95
N LYS A 284 29.21 -9.55 -19.99
CA LYS A 284 29.52 -8.71 -21.15
C LYS A 284 29.76 -9.53 -22.40
N LYS A 285 30.09 -10.82 -22.25
CA LYS A 285 30.23 -11.73 -23.37
C LYS A 285 28.98 -12.57 -23.60
N VAL A 286 28.23 -12.87 -22.54
CA VAL A 286 26.95 -13.57 -22.67
C VAL A 286 25.97 -12.73 -23.47
N ARG A 287 25.96 -11.41 -23.24
CA ARG A 287 25.09 -10.53 -24.02
C ARG A 287 25.50 -10.51 -25.49
N ALA A 288 26.80 -10.62 -25.75
CA ALA A 288 27.26 -10.68 -27.14
C ALA A 288 26.81 -11.98 -27.81
N GLU A 289 26.88 -13.09 -27.09
CA GLU A 289 26.37 -14.35 -27.61
C GLU A 289 24.88 -14.27 -27.90
N ARG A 290 24.12 -13.63 -27.01
CA ARG A 290 22.68 -13.49 -27.22
C ARG A 290 22.39 -12.62 -28.45
N LEU A 291 23.10 -11.50 -28.59
CA LEU A 291 22.90 -10.63 -29.75
C LEU A 291 23.29 -11.31 -31.04
N VAL A 292 24.27 -12.22 -30.99
CA VAL A 292 24.58 -13.04 -32.17
C VAL A 292 23.46 -14.02 -32.46
N MET A 293 22.97 -14.70 -31.42
CA MET A 293 22.08 -15.85 -31.64
C MET A 293 20.69 -15.42 -32.09
N ASP A 294 20.17 -14.30 -31.56
CA ASP A 294 18.95 -13.74 -32.13
C ASP A 294 19.21 -12.81 -33.32
N HIS A 295 20.40 -12.92 -33.93
CA HIS A 295 20.71 -12.30 -35.23
C HIS A 295 20.64 -10.78 -35.18
N ALA A 296 20.89 -10.21 -34.00
CA ALA A 296 20.90 -8.76 -33.78
C ALA A 296 19.60 -8.10 -34.24
N ALA A 297 18.50 -8.57 -33.66
CA ALA A 297 17.18 -8.03 -33.96
C ALA A 297 16.29 -8.12 -32.73
N CYS A 298 15.36 -7.17 -32.63
CA CYS A 298 14.40 -7.17 -31.53
C CYS A 298 13.38 -8.30 -31.72
N MET A 299 12.81 -8.74 -30.60
CA MET A 299 11.78 -9.78 -30.67
C MET A 299 10.39 -9.23 -30.92
N VAL A 300 10.11 -8.00 -30.50
CA VAL A 300 8.77 -7.46 -30.61
C VAL A 300 8.63 -6.70 -31.92
N CYS A 301 9.39 -5.61 -32.07
CA CYS A 301 9.28 -4.75 -33.24
C CYS A 301 10.31 -5.07 -34.32
N LYS A 302 11.19 -6.05 -34.09
CA LYS A 302 12.19 -6.53 -35.05
C LYS A 302 13.13 -5.42 -35.51
N ALA A 303 13.27 -4.35 -34.73
CA ALA A 303 14.28 -3.34 -34.99
C ALA A 303 15.66 -3.90 -34.63
N PRO A 304 16.74 -3.27 -35.12
CA PRO A 304 18.07 -3.66 -34.68
C PRO A 304 18.21 -3.55 -33.17
N ALA A 305 18.86 -4.55 -32.58
CA ALA A 305 18.91 -4.66 -31.13
C ALA A 305 19.89 -3.66 -30.52
N THR A 306 19.61 -3.30 -29.28
CA THR A 306 20.47 -2.39 -28.52
C THR A 306 21.02 -3.05 -27.25
N THR A 307 20.17 -3.71 -26.48
CA THR A 307 20.59 -4.34 -25.23
C THR A 307 19.89 -5.69 -25.13
N VAL A 308 19.93 -6.28 -23.94
CA VAL A 308 19.28 -7.57 -23.71
C VAL A 308 18.57 -7.52 -22.36
N GLN A 309 17.30 -7.92 -22.35
CA GLN A 309 16.53 -8.03 -21.12
C GLN A 309 16.85 -9.35 -20.42
N HIS A 310 16.98 -9.27 -19.09
CA HIS A 310 17.40 -10.40 -18.27
C HIS A 310 16.19 -11.04 -17.60
N VAL A 311 15.44 -11.80 -18.42
CA VAL A 311 14.33 -12.57 -17.90
C VAL A 311 14.89 -13.73 -17.07
N ASN A 312 14.09 -14.21 -16.12
CA ASN A 312 14.47 -15.28 -15.20
C ASN A 312 15.73 -14.91 -14.41
N TYR A 313 15.55 -13.90 -13.53
CA TYR A 313 16.65 -13.28 -12.82
C TYR A 313 17.37 -14.22 -11.87
N ARG A 314 16.80 -15.39 -11.58
CA ARG A 314 17.49 -16.39 -10.78
C ARG A 314 18.78 -16.84 -11.47
N ARG A 315 19.77 -17.19 -10.65
CA ARG A 315 21.14 -17.51 -11.09
C ARG A 315 21.76 -16.34 -11.85
N ALA A 316 21.96 -15.24 -11.13
CA ALA A 316 22.49 -14.02 -11.70
C ALA A 316 23.89 -13.74 -11.15
N GLY A 317 24.85 -13.54 -12.05
CA GLY A 317 26.20 -13.17 -11.65
C GLY A 317 27.23 -14.26 -11.78
N GLY A 318 26.87 -15.48 -11.41
CA GLY A 318 27.83 -16.58 -11.43
C GLY A 318 27.38 -17.77 -12.24
N LYS A 319 26.07 -17.93 -12.42
CA LYS A 319 25.53 -19.07 -13.15
C LYS A 319 24.72 -18.60 -14.35
N GLU A 320 25.26 -17.65 -15.10
CA GLU A 320 24.53 -17.04 -16.21
C GLU A 320 24.53 -17.96 -17.41
N ILE A 321 23.36 -18.45 -17.77
CA ILE A 321 23.15 -19.26 -18.98
C ILE A 321 22.56 -18.35 -20.05
N PRO A 322 23.22 -18.19 -21.22
CA PRO A 322 22.69 -17.35 -22.29
C PRO A 322 21.49 -17.95 -23.05
N GLU A 323 20.48 -18.36 -22.29
CA GLU A 323 19.23 -18.88 -22.86
C GLU A 323 18.02 -18.06 -22.44
N ASP A 324 17.88 -17.78 -21.14
CA ASP A 324 16.73 -17.02 -20.66
C ASP A 324 16.82 -15.54 -21.01
N LEU A 325 18.01 -15.04 -21.31
CA LEU A 325 18.17 -13.66 -21.76
C LEU A 325 17.54 -13.47 -23.13
N ARG A 326 17.00 -12.28 -23.38
CA ARG A 326 16.34 -12.01 -24.65
C ARG A 326 16.71 -10.63 -25.16
N ALA A 327 17.24 -10.56 -26.38
CA ALA A 327 17.70 -9.29 -26.93
C ALA A 327 16.52 -8.36 -27.21
N LEU A 328 16.76 -7.07 -27.03
CA LEU A 328 15.71 -6.06 -27.15
C LEU A 328 16.31 -4.74 -27.60
N CYS A 329 15.46 -3.91 -28.20
CA CYS A 329 15.80 -2.54 -28.53
C CYS A 329 15.52 -1.64 -27.33
N ARG A 330 15.90 -0.36 -27.45
CA ARG A 330 15.79 0.55 -26.31
C ARG A 330 14.33 0.83 -25.95
N LEU A 331 13.46 0.97 -26.96
CA LEU A 331 12.06 1.32 -26.69
C LEU A 331 11.31 0.14 -26.08
N CYS A 332 11.50 -1.06 -26.64
CA CYS A 332 10.83 -2.24 -26.09
C CYS A 332 11.36 -2.58 -24.70
N HIS A 333 12.66 -2.42 -24.47
CA HIS A 333 13.21 -2.65 -23.14
C HIS A 333 12.67 -1.65 -22.13
N ASP A 334 12.56 -0.38 -22.53
CA ASP A 334 11.99 0.62 -21.63
C ASP A 334 10.52 0.33 -21.34
N ALA A 335 9.77 -0.13 -22.34
CA ALA A 335 8.38 -0.50 -22.13
C ALA A 335 8.24 -1.68 -21.19
N CYS A 336 9.09 -2.70 -21.37
CA CYS A 336 9.05 -3.86 -20.48
C CYS A 336 9.44 -3.50 -19.06
N THR A 337 10.42 -2.61 -18.90
CA THR A 337 10.79 -2.12 -17.58
C THR A 337 9.66 -1.30 -16.96
N MET A 338 8.91 -0.56 -17.78
CA MET A 338 7.73 0.16 -17.29
C MET A 338 6.67 -0.80 -16.79
N LEU A 339 6.43 -1.89 -17.52
CA LEU A 339 5.46 -2.89 -17.08
C LEU A 339 5.94 -3.62 -15.83
N GLU A 340 7.23 -3.87 -15.71
CA GLU A 340 7.73 -4.59 -14.54
C GLU A 340 7.77 -3.71 -13.30
N TYR A 341 8.09 -2.42 -13.46
CA TYR A 341 8.08 -1.50 -12.32
C TYR A 341 6.68 -1.36 -11.76
N GLY A 342 5.69 -1.19 -12.62
CA GLY A 342 4.31 -1.30 -12.22
C GLY A 342 3.93 -2.74 -11.92
N SER A 343 2.74 -2.90 -11.37
CA SER A 343 2.20 -4.20 -10.94
C SER A 343 3.18 -4.81 -9.93
N GLY A 344 3.31 -6.14 -9.92
CA GLY A 344 4.23 -6.81 -9.02
C GLY A 344 5.64 -6.88 -9.59
N MET A 345 6.53 -7.42 -8.77
CA MET A 345 7.92 -7.63 -9.17
C MET A 345 8.50 -8.68 -8.23
N THR A 346 8.97 -9.78 -8.81
CA THR A 346 9.57 -10.89 -8.07
C THR A 346 10.78 -11.38 -8.86
N THR A 347 11.26 -12.58 -8.53
CA THR A 347 12.43 -13.14 -9.21
C THR A 347 12.15 -13.38 -10.68
N ASN A 348 10.91 -13.69 -11.05
CA ASN A 348 10.57 -13.83 -12.45
C ASN A 348 10.42 -12.46 -13.11
N ARG A 349 10.42 -12.47 -14.44
CA ARG A 349 10.26 -11.23 -15.20
C ARG A 349 9.17 -11.37 -16.25
N ILE A 350 9.06 -10.37 -17.12
CA ILE A 350 8.12 -10.39 -18.23
C ILE A 350 8.88 -10.80 -19.48
N ASP A 351 8.45 -11.89 -20.11
CA ASP A 351 9.20 -12.51 -21.19
C ASP A 351 8.55 -12.21 -22.53
N PRO A 352 9.24 -11.53 -23.44
CA PRO A 352 8.81 -11.50 -24.85
C PRO A 352 8.68 -12.90 -25.43
N CYS A 353 8.10 -12.95 -26.63
CA CYS A 353 7.64 -14.13 -27.37
C CYS A 353 6.40 -14.76 -26.73
N ASP A 354 5.93 -14.23 -25.61
CA ASP A 354 4.67 -14.65 -25.03
C ASP A 354 3.52 -14.05 -25.83
N PRO A 355 2.53 -14.85 -26.26
CA PRO A 355 1.35 -14.26 -26.91
C PRO A 355 0.60 -13.27 -26.02
N ILE A 356 0.60 -13.47 -24.71
CA ILE A 356 0.06 -12.49 -23.79
C ILE A 356 1.04 -11.33 -23.65
N TRP A 357 0.54 -10.22 -23.09
CA TRP A 357 1.24 -8.96 -22.83
C TRP A 357 1.63 -8.21 -24.10
N ARG A 358 1.25 -8.71 -25.28
CA ARG A 358 1.61 -8.03 -26.53
C ARG A 358 0.87 -6.71 -26.67
N GLU A 359 -0.43 -6.69 -26.35
CA GLU A 359 -1.22 -5.48 -26.52
C GLU A 359 -0.75 -4.37 -25.58
N ARG A 360 -0.42 -4.72 -24.34
CA ARG A 360 0.08 -3.72 -23.39
C ARG A 360 1.45 -3.22 -23.80
N ILE A 361 2.30 -4.10 -24.36
CA ILE A 361 3.60 -3.67 -24.86
C ILE A 361 3.43 -2.70 -26.02
N LEU A 362 2.48 -2.97 -26.92
CA LEU A 362 2.23 -2.05 -28.03
C LEU A 362 1.66 -0.72 -27.56
N ALA A 363 0.79 -0.75 -26.55
CA ALA A 363 0.29 0.50 -25.97
C ALA A 363 1.40 1.31 -25.32
N LYS A 364 2.32 0.63 -24.64
CA LYS A 364 3.48 1.31 -24.07
C LYS A 364 4.37 1.87 -25.17
N ARG A 365 4.51 1.15 -26.28
CA ARG A 365 5.26 1.65 -27.42
C ARG A 365 4.64 2.93 -27.96
N LYS A 366 3.31 2.95 -28.08
CA LYS A 366 2.61 4.15 -28.53
C LYS A 366 2.85 5.31 -27.58
N GLU A 367 2.75 5.06 -26.27
CA GLU A 367 2.93 6.12 -25.29
C GLU A 367 4.37 6.63 -25.28
N ILE A 368 5.35 5.73 -25.40
CA ILE A 368 6.76 6.13 -25.46
C ILE A 368 7.01 6.99 -26.69
N VAL A 369 6.47 6.57 -27.84
CA VAL A 369 6.71 7.31 -29.08
C VAL A 369 6.07 8.70 -29.01
N GLU A 370 4.85 8.79 -28.49
CA GLU A 370 4.12 10.06 -28.55
C GLU A 370 4.30 10.92 -27.29
N PHE A 371 5.07 10.48 -26.30
CA PHE A 371 5.19 11.25 -25.06
C PHE A 371 6.60 11.48 -24.54
N ARG A 372 7.58 10.66 -24.92
CA ARG A 372 8.92 10.79 -24.35
C ARG A 372 9.66 11.95 -25.01
N SER A 373 10.22 12.84 -24.19
CA SER A 373 10.94 14.01 -24.66
C SER A 373 12.44 13.77 -24.52
N ARG A 374 13.17 13.93 -25.64
CA ARG A 374 14.60 13.68 -25.64
C ARG A 374 15.38 14.71 -24.83
N GLY A 375 14.80 15.87 -24.53
CA GLY A 375 15.47 16.88 -23.75
C GLY A 375 15.53 16.54 -22.28
N GLN A 376 16.29 15.52 -21.93
CA GLN A 376 16.37 15.03 -20.56
C GLN A 376 17.77 14.48 -20.25
N MET B 1 3.03 -10.49 -64.83
CA MET B 1 2.66 -10.82 -63.46
C MET B 1 3.67 -10.23 -62.48
N ILE B 2 3.57 -8.93 -62.25
CA ILE B 2 4.49 -8.21 -61.38
C ILE B 2 3.66 -7.41 -60.37
N TYR B 3 3.91 -7.63 -59.09
CA TYR B 3 3.22 -6.90 -58.03
C TYR B 3 3.94 -5.59 -57.77
N LEU B 4 3.25 -4.48 -58.03
CA LEU B 4 3.80 -3.14 -57.84
C LEU B 4 3.20 -2.58 -56.55
N SER B 5 3.85 -2.88 -55.44
CA SER B 5 3.39 -2.42 -54.14
C SER B 5 3.91 -1.01 -53.85
N ARG B 6 3.35 -0.39 -52.81
CA ARG B 6 3.71 0.96 -52.42
C ARG B 6 3.56 1.12 -50.93
N LEU B 7 4.57 1.74 -50.30
CA LEU B 7 4.56 2.01 -48.87
C LEU B 7 4.47 3.51 -48.64
N LEU B 8 3.88 3.89 -47.50
CA LEU B 8 3.76 5.27 -47.08
C LEU B 8 4.41 5.38 -45.70
N ILE B 9 5.71 5.65 -45.68
CA ILE B 9 6.48 5.63 -44.45
C ILE B 9 6.09 6.81 -43.56
N ASP B 10 5.86 6.53 -42.28
CA ASP B 10 5.56 7.57 -41.30
C ASP B 10 6.88 8.11 -40.78
N THR B 11 7.29 9.27 -41.29
CA THR B 11 8.48 9.95 -40.82
C THR B 11 8.15 10.70 -39.53
N GLY B 12 9.03 11.61 -39.14
CA GLY B 12 8.86 12.30 -37.87
C GLY B 12 7.87 13.44 -37.93
N GLY B 13 8.25 14.59 -37.40
CA GLY B 13 7.36 15.71 -37.25
C GLY B 13 7.65 16.47 -35.97
N ASN B 14 8.48 15.87 -35.12
CA ASN B 14 8.98 16.50 -33.91
C ASN B 14 10.31 15.88 -33.54
N PRO B 15 11.43 16.60 -33.69
CA PRO B 15 12.73 16.05 -33.30
C PRO B 15 12.99 16.12 -31.80
N ASP B 16 11.96 15.78 -31.02
CA ASP B 16 12.09 15.60 -29.58
C ASP B 16 11.40 14.34 -29.09
N ARG B 17 10.56 13.72 -29.91
CA ARG B 17 9.95 12.43 -29.66
C ARG B 17 10.66 11.37 -30.49
N PRO B 18 10.64 10.11 -30.05
CA PRO B 18 11.26 9.04 -30.86
C PRO B 18 10.56 8.88 -32.20
N ARG B 19 11.36 8.80 -33.26
CA ARG B 19 10.86 8.70 -34.64
C ARG B 19 11.51 7.49 -35.29
N PRO B 20 10.97 6.30 -35.04
CA PRO B 20 11.61 5.07 -35.56
C PRO B 20 11.65 4.98 -37.07
N GLY B 21 10.73 5.65 -37.79
CA GLY B 21 10.72 5.55 -39.24
C GLY B 21 11.95 6.15 -39.88
N ARG B 22 12.35 7.34 -39.44
CA ARG B 22 13.52 7.99 -40.01
C ARG B 22 14.79 7.24 -39.65
N LYS B 23 14.87 6.73 -38.42
CA LYS B 23 16.02 5.94 -38.01
C LYS B 23 16.12 4.64 -38.82
N TRP B 24 14.98 4.02 -39.11
CA TRP B 24 14.96 2.84 -39.96
C TRP B 24 15.40 3.16 -41.38
N LEU B 25 14.92 4.28 -41.92
CA LEU B 25 15.32 4.70 -43.27
C LEU B 25 16.75 5.20 -43.35
N ASP B 26 17.39 5.47 -42.21
CA ASP B 26 18.76 5.97 -42.25
C ASP B 26 19.76 4.88 -42.65
N ASN B 27 19.43 3.61 -42.41
CA ASN B 27 20.32 2.50 -42.72
C ASN B 27 19.67 1.64 -43.80
N ILE B 28 20.39 1.45 -44.91
CA ILE B 28 19.82 0.72 -46.05
C ILE B 28 19.71 -0.76 -45.74
N TYR B 29 20.63 -1.32 -44.93
CA TYR B 29 20.59 -2.74 -44.65
C TYR B 29 19.35 -3.12 -43.85
N ASN B 30 18.97 -2.30 -42.87
CA ASN B 30 17.75 -2.56 -42.12
C ASN B 30 16.51 -2.43 -42.99
N VAL B 31 16.53 -1.50 -43.94
CA VAL B 31 15.42 -1.39 -44.91
C VAL B 31 15.31 -2.66 -45.73
N HIS B 32 16.45 -3.17 -46.21
CA HIS B 32 16.42 -4.40 -47.01
C HIS B 32 15.95 -5.59 -46.19
N ARG B 33 16.40 -5.69 -44.94
CA ARG B 33 15.97 -6.79 -44.08
C ARG B 33 14.48 -6.72 -43.77
N ARG B 34 13.97 -5.52 -43.49
CA ARG B 34 12.55 -5.36 -43.21
C ARG B 34 11.71 -5.68 -44.44
N LEU B 35 12.17 -5.26 -45.63
CA LEU B 35 11.44 -5.59 -46.85
C LEU B 35 11.46 -7.09 -47.13
N SER B 36 12.59 -7.75 -46.86
CA SER B 36 12.67 -9.20 -47.03
C SER B 36 11.86 -9.96 -45.99
N MET B 37 11.59 -9.33 -44.84
CA MET B 37 10.83 -9.97 -43.77
C MET B 37 9.36 -10.21 -44.13
N ALA B 38 8.88 -9.65 -45.24
CA ALA B 38 7.48 -9.75 -45.61
C ALA B 38 7.17 -11.03 -46.39
N PHE B 39 8.05 -12.02 -46.37
CA PHE B 39 7.87 -13.26 -47.13
C PHE B 39 8.04 -14.49 -46.23
N PRO B 40 7.03 -14.82 -45.43
CA PRO B 40 7.05 -16.10 -44.72
C PRO B 40 6.45 -17.20 -45.58
N SER B 41 7.12 -18.35 -45.63
CA SER B 41 6.76 -19.35 -46.63
C SER B 41 5.56 -20.20 -46.20
N GLY B 42 5.76 -21.08 -45.22
CA GLY B 42 4.64 -21.82 -44.65
C GLY B 42 4.77 -22.08 -43.18
N LEU B 43 5.93 -21.75 -42.61
CA LEU B 43 6.27 -22.10 -41.24
C LEU B 43 6.08 -20.94 -40.28
N ARG B 44 6.63 -19.76 -40.63
CA ARG B 44 6.47 -18.60 -39.77
C ARG B 44 5.05 -18.05 -39.81
N ARG B 45 4.32 -18.29 -40.89
CA ARG B 45 2.96 -17.76 -40.99
C ARG B 45 1.99 -18.54 -40.10
N GLU B 46 2.10 -19.86 -40.08
CA GLU B 46 1.10 -20.69 -39.41
C GLU B 46 1.46 -21.03 -37.96
N GLN B 47 2.75 -21.24 -37.67
CA GLN B 47 3.14 -21.60 -36.31
C GLN B 47 2.95 -20.42 -35.36
N ASP B 48 3.43 -19.24 -35.74
CA ASP B 48 3.28 -18.03 -34.93
C ASP B 48 2.38 -17.04 -35.64
N PRO B 49 1.21 -16.70 -35.09
CA PRO B 49 0.33 -15.73 -35.74
C PRO B 49 0.59 -14.30 -35.34
N HIS B 50 1.61 -14.01 -34.53
CA HIS B 50 1.83 -12.67 -34.02
C HIS B 50 3.29 -12.22 -34.14
N PHE B 51 4.13 -12.97 -34.87
CA PHE B 51 5.52 -12.61 -35.14
C PHE B 51 6.34 -12.45 -33.86
N LEU B 52 5.97 -13.17 -32.81
CA LEU B 52 6.68 -13.12 -31.53
C LEU B 52 7.65 -14.29 -31.41
N LYS B 53 8.64 -14.32 -32.30
CA LYS B 53 9.63 -15.38 -32.36
C LYS B 53 10.98 -14.78 -32.68
N PRO B 54 12.08 -15.45 -32.30
CA PRO B 54 13.40 -15.01 -32.75
C PRO B 54 13.52 -15.13 -34.27
N PHE B 55 14.29 -14.21 -34.85
CA PHE B 55 14.39 -14.12 -36.30
C PHE B 55 15.25 -15.23 -36.87
N SER B 56 14.73 -15.92 -37.87
CA SER B 56 15.47 -16.96 -38.59
C SER B 56 15.47 -16.63 -40.08
N PRO B 57 16.61 -16.25 -40.66
CA PRO B 57 16.62 -15.90 -42.09
C PRO B 57 16.29 -17.05 -43.01
N ASN B 58 16.56 -18.30 -42.59
CA ASN B 58 16.26 -19.45 -43.41
C ASN B 58 14.77 -19.77 -43.47
N ASP B 59 13.95 -19.12 -42.65
CA ASP B 59 12.52 -19.37 -42.61
C ASP B 59 11.74 -18.51 -43.61
N PHE B 60 12.43 -17.75 -44.45
CA PHE B 60 11.79 -16.83 -45.38
C PHE B 60 12.17 -17.19 -46.81
N GLN B 61 11.24 -16.95 -47.73
CA GLN B 61 11.47 -17.26 -49.13
C GLN B 61 12.52 -16.34 -49.73
N LYS B 62 13.43 -16.93 -50.50
CA LYS B 62 14.47 -16.17 -51.19
C LYS B 62 13.93 -15.72 -52.55
N THR B 63 12.94 -14.84 -52.49
CA THR B 63 12.31 -14.33 -53.71
C THR B 63 12.99 -13.03 -54.12
N PRO B 64 13.59 -12.96 -55.30
CA PRO B 64 14.19 -11.69 -55.76
C PRO B 64 13.14 -10.60 -55.91
N PHE B 65 13.53 -9.38 -55.54
CA PHE B 65 12.63 -8.24 -55.62
C PHE B 65 13.46 -6.96 -55.66
N LEU B 66 12.85 -5.89 -56.14
CA LEU B 66 13.49 -4.59 -56.24
C LEU B 66 12.67 -3.57 -55.46
N PHE B 67 13.34 -2.51 -55.01
CA PHE B 67 12.64 -1.47 -54.26
C PHE B 67 13.41 -0.16 -54.39
N ARG B 68 12.67 0.94 -54.50
CA ARG B 68 13.25 2.27 -54.52
C ARG B 68 12.54 3.14 -53.51
N VAL B 69 13.29 3.78 -52.62
CA VAL B 69 12.76 4.72 -51.65
C VAL B 69 12.95 6.13 -52.16
N ASP B 70 11.86 6.90 -52.20
CA ASP B 70 11.89 8.24 -52.78
C ASP B 70 10.77 9.06 -52.16
N ASN B 71 10.46 10.19 -52.78
CA ASN B 71 9.47 11.13 -52.26
C ASN B 71 8.54 11.57 -53.38
N ASN B 72 7.31 11.94 -53.02
CA ASN B 72 6.36 12.40 -54.02
C ASN B 72 5.43 13.44 -53.41
N ILE B 73 4.76 14.19 -54.28
CA ILE B 73 3.79 15.20 -53.90
C ILE B 73 2.52 14.93 -54.69
N ASP B 74 1.43 14.60 -54.00
CA ASP B 74 0.23 14.21 -54.72
C ASP B 74 -0.75 15.36 -54.93
N GLY B 75 -1.39 15.84 -53.86
CA GLY B 75 -2.24 16.99 -54.01
C GLY B 75 -2.04 18.11 -53.00
N ASN B 76 -1.66 17.76 -51.78
CA ASN B 76 -1.48 18.77 -50.75
C ASN B 76 -0.35 18.46 -49.78
N ASP B 77 0.43 17.39 -49.99
CA ASP B 77 1.41 16.99 -48.99
C ASP B 77 2.52 16.21 -49.66
N LYS B 78 3.64 16.13 -48.96
CA LYS B 78 4.82 15.39 -49.42
C LYS B 78 4.92 14.09 -48.64
N ARG B 79 5.00 12.97 -49.37
CA ARG B 79 5.03 11.66 -48.76
C ARG B 79 6.29 10.90 -49.18
N ALA B 80 6.88 10.19 -48.22
CA ALA B 80 8.01 9.32 -48.49
C ALA B 80 7.47 7.93 -48.85
N ILE B 81 7.83 7.46 -50.03
CA ILE B 81 7.31 6.21 -50.56
C ILE B 81 8.44 5.23 -50.76
N ILE B 82 8.09 3.94 -50.73
CA ILE B 82 9.01 2.84 -51.05
C ILE B 82 8.29 1.99 -52.08
N ILE B 83 8.61 2.18 -53.36
CA ILE B 83 7.99 1.42 -54.43
C ILE B 83 8.72 0.09 -54.55
N VAL B 84 7.99 -1.01 -54.37
CA VAL B 84 8.57 -2.36 -54.35
C VAL B 84 7.94 -3.16 -55.48
N GLN B 85 8.79 -3.79 -56.28
CA GLN B 85 8.36 -4.68 -57.36
C GLN B 85 8.84 -6.08 -57.05
N SER B 86 7.92 -7.05 -57.15
CA SER B 86 8.23 -8.42 -56.83
C SER B 86 7.34 -9.35 -57.63
N VAL B 87 7.77 -10.60 -57.76
CA VAL B 87 7.00 -11.60 -58.50
C VAL B 87 6.10 -12.45 -57.60
N LEU B 88 6.37 -12.47 -56.30
CA LEU B 88 5.53 -13.17 -55.34
C LEU B 88 4.65 -12.17 -54.60
N GLU B 89 3.51 -12.65 -54.12
CA GLU B 89 2.58 -11.78 -53.42
C GLU B 89 3.19 -11.31 -52.11
N PRO B 90 3.28 -10.00 -51.87
CA PRO B 90 3.90 -9.51 -50.63
C PRO B 90 2.93 -9.59 -49.45
N ASP B 91 3.42 -10.11 -48.34
CA ASP B 91 2.61 -10.25 -47.13
C ASP B 91 2.92 -9.09 -46.20
N TRP B 92 2.35 -7.92 -46.53
CA TRP B 92 2.51 -6.75 -45.68
C TRP B 92 1.79 -6.88 -44.35
N ASP B 93 0.79 -7.76 -44.28
CA ASP B 93 0.08 -7.97 -43.01
C ASP B 93 1.01 -8.57 -41.96
N TYR B 94 1.87 -9.51 -42.36
CA TYR B 94 2.80 -10.14 -41.45
C TYR B 94 4.02 -9.28 -41.15
N CYS B 95 4.25 -8.22 -41.91
CA CYS B 95 5.48 -7.44 -41.80
C CYS B 95 5.41 -6.37 -40.72
N PHE B 96 4.33 -5.60 -40.67
CA PHE B 96 4.19 -4.49 -39.73
C PHE B 96 3.07 -4.72 -38.71
N GLN B 97 2.71 -5.98 -38.46
CA GLN B 97 1.68 -6.26 -37.46
C GLN B 97 2.13 -5.93 -36.05
N ASN B 98 3.44 -5.78 -35.82
CA ASN B 98 3.96 -5.35 -34.54
C ASN B 98 4.64 -3.99 -34.58
N ALA B 99 5.04 -3.52 -35.75
CA ALA B 99 5.73 -2.25 -35.88
C ALA B 99 4.94 -1.29 -36.76
N LEU B 100 3.64 -1.18 -36.48
CA LEU B 100 2.76 -0.29 -37.24
C LEU B 100 3.09 1.18 -37.06
N ASP B 101 3.92 1.53 -36.06
CA ASP B 101 4.40 2.90 -35.93
C ASP B 101 5.26 3.33 -37.11
N PHE B 102 5.81 2.36 -37.85
CA PHE B 102 6.68 2.68 -38.98
C PHE B 102 5.89 3.27 -40.14
N LEU B 103 4.67 2.77 -40.36
CA LEU B 103 3.90 3.07 -41.56
C LEU B 103 2.80 4.08 -41.25
N ALA B 104 2.56 4.99 -42.18
CA ALA B 104 1.54 6.01 -42.03
C ALA B 104 0.19 5.59 -42.60
N ALA B 105 0.18 4.74 -43.62
CA ALA B 105 -1.02 4.29 -44.28
C ALA B 105 -0.90 2.80 -44.56
N PRO B 106 -2.02 2.10 -44.68
CA PRO B 106 -1.96 0.69 -45.04
C PRO B 106 -1.37 0.51 -46.42
N PRO B 107 -0.64 -0.58 -46.65
CA PRO B 107 0.02 -0.77 -47.95
C PRO B 107 -0.97 -1.17 -49.03
N GLU B 108 -0.47 -1.17 -50.26
CA GLU B 108 -1.27 -1.43 -51.45
C GLU B 108 -0.56 -2.46 -52.32
N THR B 109 -1.34 -3.32 -52.97
CA THR B 109 -0.83 -4.29 -53.93
C THR B 109 -1.68 -4.25 -55.19
N LYS B 110 -1.15 -3.66 -56.25
CA LYS B 110 -1.83 -3.55 -57.53
C LYS B 110 -1.04 -4.31 -58.59
N GLU B 111 -1.72 -5.17 -59.34
CA GLU B 111 -1.07 -6.00 -60.34
C GLU B 111 -0.58 -5.14 -61.51
N TYR B 112 0.62 -5.42 -61.98
CA TYR B 112 1.24 -4.72 -63.11
C TYR B 112 1.57 -5.75 -64.18
N ASN B 113 0.79 -5.78 -65.25
CA ASN B 113 0.96 -6.73 -66.35
C ASN B 113 1.02 -5.97 -67.66
N PRO B 114 2.19 -5.42 -68.01
CA PRO B 114 2.29 -4.63 -69.25
C PRO B 114 2.61 -5.49 -70.46
N GLU B 115 1.88 -5.27 -71.56
CA GLU B 115 2.12 -5.93 -72.83
C GLU B 115 2.63 -4.87 -73.79
N PHE B 116 3.95 -4.68 -73.81
CA PHE B 116 4.58 -3.57 -74.50
C PHE B 116 5.31 -4.07 -75.75
N LYS B 117 5.11 -3.38 -76.87
CA LYS B 117 5.80 -3.67 -78.11
C LYS B 117 6.89 -2.64 -78.36
N ALA B 118 7.56 -2.75 -79.49
CA ALA B 118 8.66 -1.87 -79.83
C ALA B 118 8.18 -0.66 -80.62
N GLY B 119 9.03 0.37 -80.66
CA GLY B 119 8.77 1.57 -81.43
C GLY B 119 7.83 2.57 -80.80
N GLN B 120 7.41 2.34 -79.55
CA GLN B 120 6.49 3.24 -78.86
C GLN B 120 7.25 4.00 -77.79
N LEU B 121 7.09 5.32 -77.77
CA LEU B 121 7.79 6.16 -76.79
C LEU B 121 7.21 5.95 -75.39
N LEU B 122 8.09 5.71 -74.43
CA LEU B 122 7.72 5.53 -73.04
C LEU B 122 8.65 6.36 -72.17
N ARG B 123 8.15 6.77 -71.01
CA ARG B 123 8.93 7.54 -70.04
C ARG B 123 9.29 6.66 -68.85
N PHE B 124 10.36 7.04 -68.16
CA PHE B 124 10.92 6.20 -67.11
C PHE B 124 11.56 7.07 -66.04
N ARG B 125 11.88 6.42 -64.91
CA ARG B 125 12.59 7.07 -63.81
C ARG B 125 13.20 5.96 -62.96
N LEU B 126 14.52 5.86 -62.93
CA LEU B 126 15.17 4.81 -62.15
C LEU B 126 16.38 5.35 -61.42
N ARG B 127 16.72 4.67 -60.32
CA ARG B 127 17.92 4.92 -59.56
C ARG B 127 18.91 3.77 -59.83
N VAL B 128 20.14 4.13 -60.16
CA VAL B 128 21.14 3.16 -60.59
C VAL B 128 22.42 3.32 -59.78
N ASN B 129 23.16 2.23 -59.69
CA ASN B 129 24.48 2.23 -59.09
C ASN B 129 25.51 2.68 -60.12
N ALA B 130 26.50 3.44 -59.67
CA ALA B 130 27.45 4.06 -60.59
C ALA B 130 28.88 3.59 -60.30
N SER B 131 29.08 2.29 -60.16
CA SER B 131 30.39 1.72 -59.87
C SER B 131 30.96 1.04 -61.10
N VAL B 132 32.26 1.22 -61.32
CA VAL B 132 33.00 0.51 -62.35
C VAL B 132 34.18 -0.18 -61.67
N ARG B 133 34.68 -1.22 -62.34
CA ARG B 133 35.85 -1.96 -61.87
C ARG B 133 37.07 -1.51 -62.65
N ARG B 134 38.06 -0.97 -61.96
CA ARG B 134 39.27 -0.48 -62.61
C ARG B 134 40.20 -1.65 -62.90
N HIS B 135 40.45 -1.91 -64.19
CA HIS B 135 41.39 -2.96 -64.57
C HIS B 135 42.81 -2.65 -64.13
N ILE B 136 43.14 -1.37 -63.92
CA ILE B 136 44.37 -1.00 -63.24
C ILE B 136 43.96 -0.45 -61.89
N PRO B 137 44.02 -1.25 -60.84
CA PRO B 137 43.66 -0.75 -59.51
C PRO B 137 44.84 -0.09 -58.82
N GLU B 138 44.61 1.10 -58.28
CA GLU B 138 45.65 1.78 -57.50
C GLU B 138 45.92 1.01 -56.22
N MET B 139 47.14 1.15 -55.72
CA MET B 139 47.57 0.39 -54.55
C MET B 139 46.88 0.91 -53.28
N VAL B 140 47.23 0.30 -52.15
CA VAL B 140 46.48 0.50 -50.91
C VAL B 140 46.64 1.92 -50.37
N GLN B 141 47.78 2.57 -50.64
CA GLN B 141 48.09 3.91 -50.16
C GLN B 141 48.04 3.97 -48.63
N GLN B 142 48.98 3.25 -48.02
CA GLN B 142 49.18 3.31 -46.58
C GLN B 142 49.43 4.75 -46.16
N ASP B 143 48.53 5.30 -45.34
CA ASP B 143 48.44 6.74 -45.14
C ASP B 143 49.70 7.35 -44.52
N GLY B 144 50.51 6.54 -43.84
CA GLY B 144 51.76 7.07 -43.29
C GLY B 144 52.73 7.51 -44.37
N GLN B 145 52.75 6.79 -45.50
CA GLN B 145 53.60 7.11 -46.63
C GLN B 145 52.84 7.40 -47.91
N THR B 146 51.61 6.86 -48.06
CA THR B 146 50.75 7.07 -49.22
C THR B 146 51.43 6.64 -50.52
N ILE B 147 52.03 5.44 -50.49
CA ILE B 147 52.60 4.90 -51.72
C ILE B 147 51.99 3.54 -52.06
N GLU B 148 52.17 2.53 -51.21
CA GLU B 148 51.62 1.19 -51.45
C GLU B 148 51.88 0.31 -50.23
N THR B 149 50.89 -0.54 -49.92
CA THR B 149 51.10 -1.71 -49.08
C THR B 149 51.19 -2.98 -49.93
N GLY B 150 50.16 -3.25 -50.73
CA GLY B 150 50.22 -4.21 -51.80
C GLY B 150 50.34 -3.53 -53.14
N LYS B 151 49.98 -4.25 -54.19
CA LYS B 151 50.04 -3.70 -55.55
C LYS B 151 48.67 -3.60 -56.21
N ILE B 152 47.93 -4.70 -56.29
CA ILE B 152 46.69 -4.75 -57.07
C ILE B 152 45.54 -5.14 -56.15
N LEU B 153 44.48 -4.33 -56.17
CA LEU B 153 43.25 -4.60 -55.39
C LEU B 153 42.06 -4.30 -56.29
N HIS B 154 41.60 -5.32 -57.01
CA HIS B 154 40.47 -5.15 -57.94
C HIS B 154 39.21 -4.83 -57.15
N LYS B 155 38.76 -3.58 -57.24
CA LYS B 155 37.69 -3.08 -56.38
C LYS B 155 36.70 -2.27 -57.20
N ARG B 156 35.42 -2.44 -56.89
CA ARG B 156 34.36 -1.61 -57.45
C ARG B 156 34.40 -0.26 -56.74
N VAL B 157 34.71 0.81 -57.46
CA VAL B 157 35.16 2.01 -56.79
C VAL B 157 34.29 3.25 -57.09
N SER B 158 34.28 3.70 -58.34
CA SER B 158 33.55 4.92 -58.70
C SER B 158 33.55 5.08 -60.22
N LEU B 159 32.49 5.68 -60.73
CA LEU B 159 32.43 6.09 -62.13
C LEU B 159 32.93 7.53 -62.22
N THR B 160 34.09 7.72 -62.83
CA THR B 160 34.73 9.02 -62.95
C THR B 160 34.54 9.56 -64.36
N TRP B 161 34.09 10.80 -64.47
CA TRP B 161 33.84 11.41 -65.77
C TRP B 161 34.81 12.58 -65.99
N ASP B 162 36.02 12.25 -66.43
CA ASP B 162 37.05 13.20 -66.87
C ASP B 162 37.28 14.31 -65.86
N ALA B 163 37.51 15.53 -66.36
CA ALA B 163 37.67 16.70 -65.49
C ALA B 163 36.58 17.72 -65.72
N SER B 164 36.38 18.19 -66.95
CA SER B 164 35.42 19.25 -67.26
C SER B 164 34.16 18.71 -67.93
N SER B 165 34.01 17.39 -68.06
CA SER B 165 32.82 16.83 -68.65
C SER B 165 31.63 16.96 -67.70
N THR B 166 30.45 17.18 -68.27
CA THR B 166 29.26 17.30 -67.46
C THR B 166 28.83 15.93 -66.92
N PRO B 167 28.28 15.87 -65.70
CA PRO B 167 27.93 14.55 -65.14
C PRO B 167 26.72 13.93 -65.79
N ASP B 168 25.71 14.74 -66.13
CA ASP B 168 24.47 14.19 -66.69
C ASP B 168 24.70 13.56 -68.06
N GLN B 169 25.45 14.22 -68.93
CA GLN B 169 25.75 13.66 -70.24
C GLN B 169 26.59 12.40 -70.12
N ALA B 170 27.55 12.39 -69.19
CA ALA B 170 28.37 11.20 -68.98
C ALA B 170 27.54 10.02 -68.51
N LEU B 171 26.63 10.25 -67.56
CA LEU B 171 25.73 9.19 -67.12
C LEU B 171 24.82 8.73 -68.25
N ALA B 172 24.37 9.67 -69.08
CA ALA B 172 23.49 9.33 -70.21
C ALA B 172 24.21 8.44 -71.21
N ASP B 173 25.45 8.77 -71.57
CA ASP B 173 26.16 7.92 -72.52
C ASP B 173 26.58 6.60 -71.89
N TRP B 174 26.86 6.60 -70.58
CA TRP B 174 27.16 5.34 -69.90
C TRP B 174 25.96 4.41 -69.91
N LEU B 175 24.75 4.95 -69.73
CA LEU B 175 23.55 4.13 -69.82
C LEU B 175 23.29 3.70 -71.26
N ALA B 176 23.46 4.61 -72.22
CA ALA B 176 23.22 4.28 -73.62
C ALA B 176 24.23 3.30 -74.19
N ALA B 177 25.40 3.15 -73.54
CA ALA B 177 26.36 2.15 -73.98
C ALA B 177 25.82 0.74 -73.79
N LYS B 178 25.17 0.47 -72.66
CA LYS B 178 24.57 -0.82 -72.40
C LYS B 178 23.11 -0.90 -72.82
N SER B 179 22.51 0.22 -73.22
CA SER B 179 21.13 0.19 -73.68
C SER B 179 20.83 -0.73 -74.86
N PRO B 180 21.67 -0.86 -75.91
CA PRO B 180 21.31 -1.81 -76.99
C PRO B 180 21.21 -3.26 -76.52
N LYS B 181 22.02 -3.66 -75.54
CA LYS B 181 21.87 -4.99 -74.97
C LYS B 181 20.54 -5.12 -74.24
N LEU B 182 20.16 -4.11 -73.47
CA LEU B 182 18.87 -4.14 -72.78
C LEU B 182 17.72 -3.88 -73.74
N GLY B 183 17.86 -2.91 -74.64
CA GLY B 183 16.90 -2.74 -75.71
C GLY B 183 16.10 -1.44 -75.71
N PHE B 184 16.69 -0.34 -75.23
CA PHE B 184 16.03 0.95 -75.33
C PHE B 184 17.02 2.00 -75.82
N THR B 185 16.51 3.22 -76.05
CA THR B 185 17.30 4.33 -76.53
C THR B 185 16.93 5.59 -75.77
N LEU B 186 17.93 6.42 -75.46
CA LEU B 186 17.75 7.62 -74.67
C LEU B 186 17.98 8.85 -75.53
N GLN B 187 17.19 9.90 -75.27
CA GLN B 187 17.36 11.14 -76.03
C GLN B 187 17.48 12.37 -75.15
N ARG B 188 16.82 12.37 -73.99
CA ARG B 188 16.86 13.52 -73.08
C ARG B 188 17.01 13.05 -71.63
N CYS B 189 17.93 12.11 -71.40
CA CYS B 189 18.21 11.67 -70.05
C CYS B 189 18.82 12.81 -69.23
N GLU B 190 18.38 12.92 -67.98
CA GLU B 190 18.83 13.97 -67.08
C GLU B 190 19.15 13.38 -65.71
N LEU B 191 20.02 14.07 -64.98
CA LEU B 191 20.46 13.63 -63.66
C LEU B 191 19.86 14.55 -62.61
N LEU B 192 19.26 13.95 -61.57
CA LEU B 192 18.63 14.69 -60.50
C LEU B 192 19.41 14.59 -59.20
N GLN B 193 19.67 13.37 -58.72
CA GLN B 193 20.40 13.13 -57.49
C GLN B 193 21.65 12.34 -57.81
N LEU B 194 22.78 12.76 -57.26
CA LEU B 194 24.05 12.05 -57.42
C LEU B 194 24.79 12.13 -56.10
N GLY B 195 24.89 11.01 -55.40
CA GLY B 195 25.47 11.01 -54.07
C GLY B 195 25.90 9.64 -53.62
N TRP B 196 25.78 9.40 -52.32
CA TRP B 196 26.17 8.13 -51.71
C TRP B 196 25.08 7.67 -50.75
N VAL B 197 24.97 6.34 -50.62
CA VAL B 197 24.16 5.73 -49.58
C VAL B 197 25.06 4.84 -48.75
N TYR B 198 24.67 4.61 -47.50
CA TYR B 198 25.52 4.00 -46.50
C TYR B 198 24.76 2.90 -45.76
N GLY B 199 25.51 1.90 -45.30
CA GLY B 199 24.93 0.80 -44.55
C GLY B 199 25.98 0.12 -43.72
N SER B 200 25.54 -0.87 -42.94
CA SER B 200 26.45 -1.61 -42.07
C SER B 200 25.90 -3.01 -41.86
N LYS B 201 26.69 -4.03 -42.18
CA LYS B 201 26.31 -5.42 -42.02
C LYS B 201 26.96 -6.02 -40.78
N PRO B 202 26.27 -6.92 -40.07
CA PRO B 202 26.88 -7.54 -38.88
C PRO B 202 28.07 -8.42 -39.21
N GLU B 203 27.88 -9.44 -40.06
CA GLU B 203 28.94 -10.37 -40.48
C GLU B 203 29.64 -10.98 -39.27
N PRO B 204 29.01 -11.91 -38.56
CA PRO B 204 29.59 -12.41 -37.31
C PRO B 204 30.91 -13.14 -37.52
N LYS B 205 31.80 -12.98 -36.54
CA LYS B 205 33.10 -13.64 -36.48
C LYS B 205 33.14 -14.52 -35.23
N ASN B 206 34.31 -15.08 -34.95
CA ASN B 206 34.52 -15.88 -33.76
C ASN B 206 35.84 -15.49 -33.10
N VAL B 207 35.86 -15.51 -31.77
CA VAL B 207 37.00 -15.08 -30.98
C VAL B 207 37.50 -16.19 -30.06
N LYS B 208 36.59 -16.90 -29.40
CA LYS B 208 36.97 -17.91 -28.41
C LYS B 208 35.98 -19.06 -28.48
N VAL B 209 36.46 -20.28 -28.22
CA VAL B 209 35.65 -21.48 -28.29
C VAL B 209 35.19 -21.86 -26.88
N LYS B 210 34.04 -22.53 -26.82
CA LYS B 210 33.43 -22.90 -25.55
C LYS B 210 34.26 -23.94 -24.81
N GLU B 211 33.99 -24.08 -23.52
CA GLU B 211 34.63 -25.11 -22.71
C GLU B 211 34.05 -26.49 -22.96
N GLN B 212 32.90 -26.59 -23.61
CA GLN B 212 32.28 -27.89 -23.87
C GLN B 212 31.65 -28.01 -25.25
N GLY B 213 31.77 -27.03 -26.11
CA GLY B 213 31.12 -27.08 -27.41
C GLY B 213 31.79 -26.24 -28.47
N GLN B 214 30.99 -25.81 -29.45
CA GLN B 214 31.47 -25.01 -30.57
C GLN B 214 31.89 -23.63 -30.09
N GLY B 215 32.45 -22.84 -31.01
CA GLY B 215 32.87 -21.49 -30.67
C GLY B 215 31.70 -20.55 -30.44
N TYR B 216 30.93 -20.78 -29.38
CA TYR B 216 29.76 -19.97 -29.08
C TYR B 216 30.11 -18.73 -28.26
N TRP B 217 31.37 -18.54 -27.87
CA TRP B 217 31.77 -17.27 -27.26
C TRP B 217 31.94 -16.16 -28.31
N ARG B 218 31.41 -16.36 -29.51
CA ARG B 218 31.57 -15.44 -30.62
C ARG B 218 30.82 -14.13 -30.35
N GLU B 219 31.20 -13.10 -31.09
CA GLU B 219 30.57 -11.78 -31.02
C GLU B 219 30.29 -11.30 -32.43
N HIS B 220 29.79 -10.07 -32.54
CA HIS B 220 29.43 -9.47 -33.82
C HIS B 220 30.47 -8.43 -34.21
N LYS B 221 31.06 -8.59 -35.40
CA LYS B 221 31.86 -7.54 -36.01
C LYS B 221 30.90 -6.56 -36.69
N TYR B 222 31.43 -5.66 -37.52
CA TYR B 222 30.58 -4.76 -38.29
C TYR B 222 31.33 -4.30 -39.52
N ASN B 223 30.79 -4.63 -40.70
CA ASN B 223 31.39 -4.26 -41.97
C ASN B 223 30.58 -3.14 -42.62
N PRO B 224 31.12 -1.93 -42.74
CA PRO B 224 30.38 -0.85 -43.40
C PRO B 224 30.29 -1.05 -44.90
N LEU B 225 29.26 -0.45 -45.50
CA LEU B 225 29.02 -0.49 -46.93
C LEU B 225 28.73 0.92 -47.43
N ARG B 226 29.33 1.26 -48.57
CA ARG B 226 29.10 2.53 -49.24
C ARG B 226 28.71 2.27 -50.69
N PHE B 227 27.80 3.08 -51.22
CA PHE B 227 27.36 2.91 -52.60
C PHE B 227 27.21 4.26 -53.27
N ARG B 228 27.89 4.44 -54.41
CA ARG B 228 27.63 5.59 -55.25
C ARG B 228 26.26 5.46 -55.91
N ALA B 229 25.52 6.55 -55.98
CA ALA B 229 24.12 6.50 -56.39
C ALA B 229 23.81 7.61 -57.37
N ALA B 230 23.07 7.26 -58.43
CA ALA B 230 22.53 8.24 -59.35
C ALA B 230 21.04 7.99 -59.53
N LEU B 231 20.28 9.06 -59.73
CA LEU B 231 18.85 8.98 -60.01
C LEU B 231 18.59 9.74 -61.29
N LEU B 232 17.96 9.07 -62.26
CA LEU B 232 17.85 9.63 -63.60
C LEU B 232 16.52 9.23 -64.22
N GLU B 233 15.95 10.18 -64.97
CA GLU B 233 14.65 10.01 -65.61
C GLU B 233 14.70 10.60 -67.00
N GLY B 234 13.66 10.32 -67.79
CA GLY B 234 13.57 10.83 -69.14
C GLY B 234 12.55 10.07 -69.95
N VAL B 235 12.89 9.74 -71.20
CA VAL B 235 12.04 8.92 -72.06
C VAL B 235 12.91 7.89 -72.77
N LEU B 236 12.37 6.69 -72.94
CA LEU B 236 13.07 5.60 -73.61
C LEU B 236 12.21 5.07 -74.76
N GLU B 237 12.88 4.67 -75.84
CA GLU B 237 12.24 4.16 -77.04
C GLU B 237 12.45 2.65 -77.08
N VAL B 238 11.36 1.90 -77.18
CA VAL B 238 11.41 0.46 -77.03
C VAL B 238 11.91 -0.18 -78.33
N ASP B 239 12.87 -1.09 -78.20
CA ASP B 239 13.31 -1.97 -79.26
C ASP B 239 13.43 -3.37 -78.71
N ASP B 240 13.28 -4.39 -79.58
CA ASP B 240 13.33 -5.82 -79.31
C ASP B 240 12.57 -6.16 -78.01
N PRO B 241 11.23 -6.17 -78.05
CA PRO B 241 10.45 -6.21 -76.80
C PRO B 241 10.65 -7.46 -75.95
N LYS B 242 11.29 -8.50 -76.48
CA LYS B 242 11.58 -9.68 -75.65
C LYS B 242 12.56 -9.34 -74.53
N LEU B 243 13.58 -8.53 -74.83
CA LEU B 243 14.62 -8.26 -73.84
C LEU B 243 14.14 -7.27 -72.79
N PHE B 244 13.31 -6.30 -73.19
CA PHE B 244 12.85 -5.27 -72.27
C PHE B 244 12.04 -5.85 -71.12
N LEU B 245 11.29 -6.93 -71.38
CA LEU B 245 10.58 -7.62 -70.31
C LEU B 245 11.56 -8.21 -69.30
N LYS B 246 12.67 -8.79 -69.79
CA LYS B 246 13.68 -9.33 -68.89
C LYS B 246 14.32 -8.23 -68.06
N THR B 247 14.64 -7.08 -68.69
CA THR B 247 15.20 -5.96 -67.93
C THR B 247 14.21 -5.43 -66.90
N LEU B 248 12.92 -5.38 -67.25
CA LEU B 248 11.91 -4.93 -66.30
C LEU B 248 11.77 -5.89 -65.13
N SER B 249 11.85 -7.19 -65.39
CA SER B 249 11.71 -8.18 -64.33
C SER B 249 12.99 -8.41 -63.56
N SER B 250 14.14 -7.93 -64.04
CA SER B 250 15.41 -8.14 -63.37
C SER B 250 16.01 -6.87 -62.80
N GLY B 251 15.98 -5.77 -63.53
CA GLY B 251 16.55 -4.54 -63.04
C GLY B 251 17.94 -4.27 -63.61
N ILE B 252 18.30 -3.00 -63.67
CA ILE B 252 19.57 -2.55 -64.23
C ILE B 252 20.44 -2.04 -63.08
N GLY B 253 21.52 -2.74 -62.80
CA GLY B 253 22.43 -2.33 -61.75
C GLY B 253 23.24 -3.50 -61.24
N LYS B 254 24.09 -3.20 -60.25
CA LYS B 254 24.94 -4.20 -59.64
C LYS B 254 24.72 -4.32 -58.14
N ALA B 255 23.75 -3.60 -57.58
CA ALA B 255 23.42 -3.62 -56.16
C ALA B 255 21.91 -3.73 -55.99
N LYS B 256 21.32 -4.71 -56.67
CA LYS B 256 19.85 -4.82 -56.75
C LYS B 256 19.21 -5.11 -55.40
N SER B 257 19.97 -5.51 -54.39
CA SER B 257 19.45 -5.72 -53.05
C SER B 257 19.68 -4.51 -52.14
N PHE B 258 20.08 -3.37 -52.71
CA PHE B 258 20.32 -2.16 -51.93
C PHE B 258 19.72 -0.95 -52.64
N GLY B 259 18.49 -1.08 -53.13
CA GLY B 259 17.79 0.04 -53.72
C GLY B 259 17.91 0.21 -55.21
N PHE B 260 19.14 0.24 -55.72
CA PHE B 260 19.36 0.52 -57.13
C PHE B 260 18.88 -0.65 -57.99
N GLY B 261 18.28 -0.32 -59.14
CA GLY B 261 17.91 -1.35 -60.09
C GLY B 261 16.49 -1.28 -60.61
N LEU B 262 15.54 -0.91 -59.76
CA LEU B 262 14.14 -0.92 -60.15
C LEU B 262 13.87 0.16 -61.19
N LEU B 263 13.23 -0.23 -62.29
CA LEU B 263 12.86 0.67 -63.37
C LEU B 263 11.35 0.75 -63.46
N SER B 264 10.81 1.96 -63.38
CA SER B 264 9.37 2.19 -63.47
C SER B 264 9.07 2.89 -64.78
N VAL B 265 8.24 2.26 -65.61
CA VAL B 265 7.97 2.74 -66.96
C VAL B 265 6.49 3.06 -67.08
N LEU B 266 6.19 4.19 -67.71
CA LEU B 266 4.83 4.65 -67.94
C LEU B 266 4.63 4.93 -69.42
N PRO B 267 3.40 4.78 -69.93
CA PRO B 267 3.14 5.14 -71.32
C PRO B 267 3.21 6.65 -71.52
N ILE B 268 3.40 7.03 -72.79
CA ILE B 268 3.51 8.44 -73.17
C ILE B 268 2.19 9.17 -72.93
N MET D 1 15.76 54.64 -44.60
CA MET D 1 16.19 53.89 -43.43
C MET D 1 16.51 52.44 -43.81
N LEU D 2 15.49 51.68 -44.17
CA LEU D 2 15.62 50.27 -44.53
C LEU D 2 15.31 50.10 -46.01
N ILE D 3 16.07 49.23 -46.67
CA ILE D 3 15.86 48.92 -48.08
C ILE D 3 15.33 47.50 -48.18
N GLU D 4 14.15 47.34 -48.76
CA GLU D 4 13.51 46.04 -48.89
C GLU D 4 13.29 45.69 -50.34
N ILE D 5 13.63 44.46 -50.70
CA ILE D 5 13.53 43.96 -52.07
C ILE D 5 12.49 42.86 -52.09
N HIS D 6 11.40 43.09 -52.82
CA HIS D 6 10.39 42.07 -53.10
C HIS D 6 10.53 41.71 -54.57
N MET D 7 10.96 40.49 -54.85
CA MET D 7 11.12 40.06 -56.22
C MET D 7 10.35 38.77 -56.46
N ILE D 8 9.88 38.57 -57.68
CA ILE D 8 9.33 37.30 -58.10
C ILE D 8 10.08 36.83 -59.34
N GLN D 9 10.32 35.53 -59.41
CA GLN D 9 11.21 34.93 -60.38
C GLN D 9 10.93 33.44 -60.44
N ASN D 10 11.01 32.85 -61.62
CA ASN D 10 10.70 31.44 -61.81
C ASN D 10 11.97 30.60 -61.82
N HIS D 11 11.95 29.51 -61.06
CA HIS D 11 13.07 28.58 -60.94
C HIS D 11 12.63 27.19 -61.38
N SER D 12 13.58 26.25 -61.31
CA SER D 12 13.33 24.84 -61.62
C SER D 12 13.55 24.02 -60.36
N PRO D 13 12.48 23.58 -59.69
CA PRO D 13 12.65 22.83 -58.43
C PRO D 13 13.22 21.44 -58.63
N ALA D 14 13.31 20.68 -57.53
CA ALA D 14 13.86 19.33 -57.40
C ALA D 14 15.37 19.27 -57.66
N ASN D 15 16.03 20.40 -57.90
CA ASN D 15 17.48 20.45 -58.00
C ASN D 15 18.03 21.71 -57.35
N LEU D 16 17.30 22.29 -56.39
CA LEU D 16 17.68 23.55 -55.77
C LEU D 16 18.11 23.38 -54.32
N ASN D 17 17.24 22.80 -53.49
CA ASN D 17 17.51 22.69 -52.06
C ASN D 17 16.75 21.49 -51.52
N ARG D 18 17.43 20.69 -50.70
CA ARG D 18 16.87 19.43 -50.22
C ARG D 18 17.04 19.33 -48.72
N ASP D 19 16.44 18.28 -48.15
CA ASP D 19 16.58 17.92 -46.75
C ASP D 19 17.48 16.68 -46.65
N ASP D 20 17.57 16.12 -45.43
CA ASP D 20 18.43 14.97 -45.21
C ASP D 20 17.99 13.73 -45.96
N LEU D 21 16.71 13.65 -46.35
CA LEU D 21 16.20 12.52 -47.12
C LEU D 21 16.22 12.77 -48.62
N GLY D 22 16.74 13.91 -49.06
CA GLY D 22 16.78 14.23 -50.47
C GLY D 22 15.52 14.85 -51.03
N ALA D 23 14.48 14.99 -50.23
CA ALA D 23 13.24 15.59 -50.70
C ALA D 23 13.42 17.10 -50.84
N PRO D 24 12.85 17.71 -51.89
CA PRO D 24 12.88 19.17 -52.00
C PRO D 24 12.12 19.82 -50.86
N LYS D 25 12.61 20.98 -50.41
CA LYS D 25 12.02 21.65 -49.26
C LYS D 25 10.68 22.26 -49.64
N THR D 26 9.65 21.95 -48.87
CA THR D 26 8.31 22.48 -49.07
C THR D 26 7.73 22.91 -47.74
N CYS D 27 6.73 23.78 -47.80
CA CYS D 27 6.09 24.32 -46.60
C CYS D 27 4.59 24.42 -46.84
N TYR D 28 3.87 24.85 -45.80
CA TYR D 28 2.43 25.09 -45.88
C TYR D 28 2.21 26.59 -45.70
N PHE D 29 1.53 27.20 -46.65
CA PHE D 29 1.16 28.61 -46.57
C PHE D 29 -0.28 28.77 -47.00
N GLY D 30 -1.04 29.55 -46.24
CA GLY D 30 -2.44 29.76 -46.55
C GLY D 30 -3.28 28.51 -46.53
N GLY D 31 -2.81 27.44 -45.88
CA GLY D 31 -3.49 26.16 -45.88
C GLY D 31 -3.14 25.26 -47.03
N VAL D 32 -2.31 25.70 -47.98
CA VAL D 32 -1.97 24.87 -49.13
C VAL D 32 -0.46 24.68 -49.19
N LEU D 33 -0.04 23.61 -49.86
CA LEU D 33 1.35 23.20 -49.91
C LEU D 33 2.09 23.96 -51.00
N ARG D 34 3.22 24.56 -50.64
CA ARG D 34 4.02 25.36 -51.57
C ARG D 34 5.47 24.91 -51.52
N SER D 35 6.21 25.21 -52.58
CA SER D 35 7.63 24.95 -52.62
C SER D 35 8.37 26.00 -51.80
N ARG D 36 9.53 25.60 -51.26
CA ARG D 36 10.26 26.46 -50.35
C ARG D 36 11.75 26.41 -50.66
N ILE D 37 12.37 27.59 -50.73
CA ILE D 37 13.82 27.73 -50.73
C ILE D 37 14.22 28.33 -49.39
N SER D 38 15.15 27.67 -48.70
CA SER D 38 15.54 28.11 -47.37
C SER D 38 16.33 29.41 -47.44
N SER D 39 16.36 30.12 -46.31
CA SER D 39 17.03 31.42 -46.28
C SER D 39 18.54 31.26 -46.27
N GLN D 40 19.06 30.30 -45.49
CA GLN D 40 20.51 30.13 -45.40
C GLN D 40 21.10 29.65 -46.72
N CYS D 41 20.31 28.95 -47.54
CA CYS D 41 20.76 28.61 -48.88
C CYS D 41 20.90 29.86 -49.74
N ILE D 42 19.97 30.81 -49.59
CA ILE D 42 20.07 32.06 -50.33
C ILE D 42 21.23 32.90 -49.82
N LYS D 43 21.38 33.01 -48.49
CA LYS D 43 22.42 33.85 -47.90
C LYS D 43 23.83 33.35 -48.21
N ARG D 44 23.98 32.08 -48.59
CA ARG D 44 25.28 31.56 -49.00
C ARG D 44 25.49 31.68 -50.51
N SER D 45 24.45 31.47 -51.30
CA SER D 45 24.58 31.52 -52.75
C SER D 45 24.95 32.92 -53.22
N ILE D 46 24.53 33.96 -52.50
CA ILE D 46 25.05 35.30 -52.76
C ILE D 46 26.54 35.37 -52.42
N ARG D 47 26.93 34.81 -51.28
CA ARG D 47 28.32 34.90 -50.83
C ARG D 47 29.27 34.23 -51.81
N THR D 48 29.00 32.98 -52.16
CA THR D 48 29.85 32.23 -53.08
C THR D 48 29.33 32.41 -54.51
N SER D 49 29.51 33.63 -55.02
CA SER D 49 29.02 34.00 -56.34
C SER D 49 30.09 34.82 -57.04
N ASN D 50 29.89 35.03 -58.34
CA ASN D 50 30.80 35.83 -59.15
C ASN D 50 30.64 37.33 -58.92
N ASP D 51 29.57 37.75 -58.24
CA ASP D 51 29.35 39.17 -57.97
C ASP D 51 29.78 39.57 -56.56
N PHE D 52 29.99 38.61 -55.66
CA PHE D 52 30.42 38.89 -54.30
C PHE D 52 31.88 38.57 -54.07
N LYS D 53 32.56 37.97 -55.06
CA LYS D 53 33.99 37.69 -54.94
C LYS D 53 34.84 38.95 -54.85
N ALA D 54 34.28 40.11 -55.20
CA ALA D 54 35.02 41.36 -55.09
C ALA D 54 35.34 41.70 -53.64
N LEU D 55 34.51 41.27 -52.70
CA LEU D 55 34.75 41.54 -51.28
C LEU D 55 35.05 40.27 -50.50
N LEU D 56 34.08 39.35 -50.40
CA LEU D 56 34.18 37.99 -49.87
C LEU D 56 35.17 37.84 -48.72
N GLY D 57 35.09 38.74 -47.72
CA GLY D 57 36.04 38.76 -46.64
C GLY D 57 35.49 38.10 -45.40
N GLY D 58 36.13 37.01 -45.00
CA GLY D 58 35.69 36.32 -43.80
C GLY D 58 35.48 34.83 -44.03
N VAL D 59 35.96 34.01 -43.09
CA VAL D 59 35.84 32.56 -43.19
C VAL D 59 35.18 32.03 -41.92
N ARG D 60 34.17 31.19 -42.09
CA ARG D 60 33.53 30.48 -40.98
C ARG D 60 34.15 29.09 -40.88
N THR D 61 35.36 29.05 -40.35
CA THR D 61 36.16 27.85 -40.38
C THR D 61 35.89 26.96 -39.17
N ARG D 62 36.35 25.73 -39.27
CA ARG D 62 36.40 24.81 -38.15
C ARG D 62 37.80 24.34 -37.82
N ARG D 63 38.66 24.19 -38.83
CA ARG D 63 40.06 23.82 -38.64
C ARG D 63 40.91 25.09 -38.77
N LEU D 64 40.90 25.88 -37.69
CA LEU D 64 41.65 27.13 -37.72
C LEU D 64 43.15 26.90 -37.62
N ALA D 65 43.57 25.87 -36.90
CA ALA D 65 45.00 25.54 -36.83
C ALA D 65 45.54 25.12 -38.19
N ASP D 66 44.74 24.39 -38.96
CA ASP D 66 45.14 24.03 -40.31
C ASP D 66 45.18 25.24 -41.23
N LEU D 67 44.42 26.29 -40.91
CA LEU D 67 44.50 27.52 -41.69
C LEU D 67 45.83 28.23 -41.49
N ILE D 68 46.50 27.97 -40.37
CA ILE D 68 47.82 28.56 -40.16
C ILE D 68 48.91 27.76 -40.85
N GLN D 69 48.59 26.54 -41.30
CA GLN D 69 49.53 25.77 -42.12
C GLN D 69 49.79 26.46 -43.45
N GLN D 70 48.73 26.94 -44.11
CA GLN D 70 48.86 27.58 -45.41
C GLN D 70 49.58 28.92 -45.34
N GLU D 71 49.72 29.51 -44.16
CA GLU D 71 50.57 30.68 -43.94
C GLU D 71 51.45 30.37 -42.73
N ALA D 72 52.57 29.68 -42.98
CA ALA D 72 53.42 29.19 -41.91
C ALA D 72 54.87 29.45 -42.27
N GLY D 73 55.70 29.68 -41.24
CA GLY D 73 57.11 29.90 -41.49
C GLY D 73 57.84 28.63 -41.90
N GLU D 74 58.11 27.72 -40.97
CA GLU D 74 58.63 26.40 -41.32
C GLU D 74 57.72 25.28 -40.85
N THR D 75 57.55 25.09 -39.54
CA THR D 75 56.60 24.11 -39.03
C THR D 75 55.94 24.50 -37.72
N GLU D 76 56.21 25.69 -37.18
CA GLU D 76 55.74 26.03 -35.83
C GLU D 76 54.22 26.22 -35.79
N CYS D 77 53.58 26.40 -36.93
CA CYS D 77 52.13 26.61 -37.00
C CYS D 77 51.39 25.27 -36.94
N TRP D 78 51.64 24.54 -35.85
CA TRP D 78 51.06 23.23 -35.60
C TRP D 78 50.93 23.07 -34.09
N LYS D 79 50.90 21.82 -33.59
CA LYS D 79 50.30 21.45 -32.29
C LYS D 79 50.50 22.49 -31.19
N LYS D 80 51.67 23.14 -31.16
CA LYS D 80 51.86 24.30 -30.29
C LYS D 80 50.78 25.35 -30.52
N ALA D 81 50.53 25.71 -31.78
CA ALA D 81 49.45 26.63 -32.11
C ALA D 81 48.09 26.04 -31.80
N GLN D 82 47.91 24.73 -32.04
CA GLN D 82 46.62 24.10 -31.81
C GLN D 82 46.23 24.12 -30.34
N GLU D 83 47.19 23.84 -29.45
CA GLU D 83 46.87 23.82 -28.03
C GLU D 83 46.78 25.21 -27.42
N ILE D 84 47.20 26.25 -28.15
CA ILE D 84 46.93 27.62 -27.72
C ILE D 84 45.42 27.88 -27.76
N LEU D 85 44.78 27.49 -28.86
CA LEU D 85 43.32 27.58 -28.93
C LEU D 85 42.64 26.49 -28.11
N ASN D 86 43.25 25.31 -28.03
CA ASN D 86 42.63 24.19 -27.32
C ASN D 86 42.50 24.48 -25.83
N LYS D 87 43.52 25.11 -25.24
CA LYS D 87 43.42 25.49 -23.85
C LYS D 87 42.51 26.69 -23.66
N CYS D 88 42.46 27.59 -24.65
CA CYS D 88 41.66 28.80 -24.53
C CYS D 88 40.16 28.51 -24.41
N GLY D 89 39.54 28.05 -25.50
CA GLY D 89 38.14 27.69 -25.42
C GLY D 89 37.63 26.60 -26.34
N PHE D 90 38.50 25.94 -27.11
CA PHE D 90 38.07 25.07 -28.21
C PHE D 90 38.76 23.72 -28.13
N LYS D 91 38.13 22.75 -27.48
CA LYS D 91 38.65 21.39 -27.41
C LYS D 91 38.80 20.83 -28.83
N ASN D 92 39.97 20.27 -29.14
CA ASN D 92 40.29 19.94 -30.51
C ASN D 92 39.47 18.76 -31.03
N LYS D 93 39.39 17.68 -30.25
CA LYS D 93 38.72 16.44 -30.63
C LYS D 93 39.22 15.94 -31.98
N ASP D 94 40.50 15.55 -31.97
CA ASP D 94 41.25 15.14 -33.17
C ASP D 94 41.31 16.27 -34.20
N ASP D 95 42.01 17.33 -33.78
CA ASP D 95 42.31 18.55 -34.54
C ASP D 95 41.11 19.09 -35.32
N ASN D 96 39.92 19.07 -34.72
CA ASN D 96 38.73 19.63 -35.34
C ASN D 96 38.21 20.87 -34.63
N THR D 97 38.68 21.15 -33.42
CA THR D 97 38.40 22.34 -32.61
C THR D 97 36.94 22.42 -32.14
N LYS D 98 36.09 21.50 -32.59
CA LYS D 98 34.74 21.27 -32.06
C LYS D 98 33.86 22.53 -32.08
N MET D 99 34.14 23.47 -32.98
CA MET D 99 33.40 24.73 -32.99
C MET D 99 33.58 25.39 -34.35
N LEU D 100 32.66 26.29 -34.67
CA LEU D 100 32.72 27.10 -35.88
C LEU D 100 33.12 28.52 -35.50
N VAL D 101 34.23 29.00 -36.06
CA VAL D 101 34.74 30.33 -35.78
C VAL D 101 34.58 31.17 -37.04
N PHE D 102 33.78 32.23 -36.93
CA PHE D 102 33.60 33.19 -38.02
C PHE D 102 34.58 34.33 -37.79
N MET D 103 35.58 34.45 -38.67
CA MET D 103 36.63 35.42 -38.44
C MET D 103 37.23 35.81 -39.78
N SER D 104 37.68 37.06 -39.87
CA SER D 104 38.08 37.64 -41.16
C SER D 104 39.33 36.96 -41.71
N LYS D 105 39.36 36.80 -43.04
CA LYS D 105 40.49 36.13 -43.68
C LYS D 105 41.78 36.93 -43.52
N ASP D 106 41.73 38.25 -43.69
CA ASP D 106 42.93 39.05 -43.62
C ASP D 106 43.29 39.41 -42.18
N LYS D 107 43.29 38.41 -41.29
CA LYS D 107 43.76 38.58 -39.93
C LYS D 107 44.52 37.36 -39.42
N ILE D 108 44.74 36.35 -40.26
CA ILE D 108 45.49 35.16 -39.84
C ILE D 108 46.95 35.52 -39.58
N LYS D 109 47.51 36.40 -40.40
CA LYS D 109 48.94 36.69 -40.33
C LYS D 109 49.35 37.24 -38.97
N ASP D 110 48.59 38.20 -38.44
CA ASP D 110 48.85 38.69 -37.08
C ASP D 110 48.68 37.57 -36.08
N LEU D 111 47.67 36.71 -36.29
CA LEU D 111 47.50 35.52 -35.48
C LEU D 111 48.74 34.65 -35.52
N ALA D 112 49.31 34.46 -36.71
CA ALA D 112 50.57 33.73 -36.82
C ALA D 112 51.68 34.45 -36.07
N ARG D 113 51.69 35.78 -36.14
CA ARG D 113 52.64 36.57 -35.38
C ARG D 113 52.49 36.33 -33.88
N ILE D 114 51.28 36.01 -33.43
CA ILE D 114 51.07 35.71 -32.02
C ILE D 114 51.78 34.40 -31.64
N VAL D 115 51.81 33.45 -32.56
CA VAL D 115 52.26 32.10 -32.21
C VAL D 115 53.65 31.77 -32.75
N LEU D 116 54.13 32.50 -33.77
CA LEU D 116 55.43 32.19 -34.37
C LEU D 116 56.58 32.40 -33.39
N ASP D 117 56.40 33.26 -32.41
CA ASP D 117 57.47 33.56 -31.45
C ASP D 117 57.47 32.51 -30.34
N ASN D 118 58.32 32.70 -29.34
CA ASN D 118 58.37 31.82 -28.18
C ASN D 118 58.50 32.60 -26.88
N SER D 119 58.37 33.92 -26.91
CA SER D 119 58.53 34.71 -25.70
C SER D 119 57.39 34.49 -24.71
N LEU D 120 56.17 34.32 -25.22
CA LEU D 120 55.01 34.13 -24.38
C LEU D 120 54.87 32.67 -23.95
N GLY D 121 54.35 32.47 -22.74
CA GLY D 121 54.20 31.14 -22.20
C GLY D 121 52.76 30.64 -22.20
N LEU D 122 52.26 30.25 -21.03
CA LEU D 122 50.93 29.68 -20.92
C LEU D 122 49.90 30.76 -20.59
N THR D 123 48.81 30.75 -21.35
CA THR D 123 47.58 31.54 -21.19
C THR D 123 47.76 33.02 -21.54
N GLU D 124 49.00 33.49 -21.64
CA GLU D 124 49.19 34.86 -22.07
C GLU D 124 49.09 34.97 -23.59
N ALA D 125 49.67 34.00 -24.30
CA ALA D 125 49.41 33.89 -25.73
C ALA D 125 47.95 33.58 -26.01
N ALA D 126 47.28 32.87 -25.09
CA ALA D 126 45.85 32.61 -25.24
C ALA D 126 45.04 33.89 -25.17
N GLN D 127 45.34 34.76 -24.21
CA GLN D 127 44.71 36.08 -24.18
C GLN D 127 45.06 36.88 -25.45
N GLN D 128 46.29 36.76 -25.92
CA GLN D 128 46.74 37.49 -27.10
C GLN D 128 45.96 37.07 -28.35
N VAL D 129 45.66 35.78 -28.49
CA VAL D 129 44.90 35.36 -29.66
C VAL D 129 43.41 35.64 -29.45
N ALA D 130 42.91 35.54 -28.21
CA ALA D 130 41.50 35.77 -27.95
C ALA D 130 41.09 37.20 -28.24
N ASN D 131 41.90 38.18 -27.82
CA ASN D 131 41.52 39.57 -28.05
C ASN D 131 41.53 39.90 -29.54
N VAL D 132 42.50 39.39 -30.29
CA VAL D 132 42.56 39.66 -31.73
C VAL D 132 41.50 38.88 -32.50
N ILE D 133 41.02 37.75 -31.96
CA ILE D 133 39.89 37.07 -32.58
C ILE D 133 38.61 37.87 -32.34
N ALA D 134 38.45 38.40 -31.13
CA ALA D 134 37.28 39.22 -30.83
C ALA D 134 37.26 40.49 -31.66
N GLN D 135 38.43 41.11 -31.87
CA GLN D 135 38.50 42.36 -32.61
C GLN D 135 38.24 42.20 -34.10
N ALA D 136 38.42 41.00 -34.65
CA ALA D 136 38.35 40.77 -36.09
C ALA D 136 36.90 40.84 -36.54
N THR D 137 36.43 42.08 -36.77
CA THR D 137 35.05 42.34 -37.13
C THR D 137 34.89 42.91 -38.53
N LEU D 138 35.87 43.65 -39.04
CA LEU D 138 35.75 44.32 -40.32
C LEU D 138 35.66 43.34 -41.47
N ALA D 139 34.46 43.14 -42.00
CA ALA D 139 34.19 42.18 -43.06
C ALA D 139 32.84 42.49 -43.69
N PRO D 140 32.77 42.57 -45.02
CA PRO D 140 31.51 42.98 -45.67
C PRO D 140 30.37 41.98 -45.53
N ASP D 141 30.65 40.71 -45.25
CA ASP D 141 29.59 39.72 -45.10
C ASP D 141 29.35 39.29 -43.66
N ILE D 142 30.34 39.46 -42.78
CA ILE D 142 30.10 39.27 -41.35
C ILE D 142 29.12 40.31 -40.85
N ALA D 143 29.26 41.56 -41.31
CA ALA D 143 28.31 42.61 -40.97
C ALA D 143 26.92 42.31 -41.51
N LEU D 144 26.84 41.60 -42.64
CA LEU D 144 25.53 41.27 -43.20
C LEU D 144 24.82 40.19 -42.38
N CYS D 145 25.54 39.15 -41.98
CA CYS D 145 24.92 38.01 -41.32
C CYS D 145 25.02 38.06 -39.80
N GLY D 146 26.09 38.62 -39.26
CA GLY D 146 26.30 38.61 -37.82
C GLY D 146 26.94 37.32 -37.35
N ARG D 147 27.44 37.34 -36.12
CA ARG D 147 28.15 36.20 -35.55
C ARG D 147 27.80 36.06 -34.08
N MET D 148 27.52 34.82 -33.67
CA MET D 148 27.45 34.46 -32.26
C MET D 148 28.57 33.47 -31.98
N LEU D 149 29.37 33.75 -30.94
CA LEU D 149 30.53 32.94 -30.60
C LEU D 149 30.65 32.88 -29.09
N GLU D 150 30.42 31.69 -28.52
CA GLU D 150 30.52 31.47 -27.08
C GLU D 150 31.60 30.44 -26.79
N PRO D 151 32.79 30.87 -26.38
CA PRO D 151 33.85 29.89 -26.08
C PRO D 151 33.52 29.07 -24.84
N ASN D 152 34.03 27.84 -24.84
CA ASN D 152 33.82 26.94 -23.71
C ASN D 152 34.75 27.34 -22.57
N ASP D 153 34.18 27.62 -21.40
CA ASP D 153 34.95 28.01 -20.23
C ASP D 153 35.30 26.85 -19.32
N LYS D 154 34.87 25.62 -19.66
CA LYS D 154 35.21 24.46 -18.86
C LYS D 154 36.71 24.17 -18.95
N ASP D 155 37.27 24.24 -20.15
CA ASP D 155 38.69 24.02 -20.37
C ASP D 155 39.51 25.29 -20.31
N LYS D 156 38.87 26.45 -20.15
CA LYS D 156 39.59 27.71 -20.05
C LYS D 156 40.32 27.78 -18.72
N ASP D 157 41.60 28.19 -18.77
CA ASP D 157 42.43 28.30 -17.59
C ASP D 157 42.41 29.70 -16.98
N LYS D 158 41.30 30.43 -17.16
CA LYS D 158 41.07 31.77 -16.64
C LYS D 158 42.06 32.80 -17.20
N LYS D 159 41.84 34.08 -16.88
CA LYS D 159 42.65 35.21 -17.36
C LYS D 159 42.65 35.31 -18.88
N VAL D 160 41.57 34.86 -19.53
CA VAL D 160 41.40 34.98 -20.97
C VAL D 160 40.13 35.79 -21.20
N LYS D 161 39.90 36.77 -20.33
CA LYS D 161 38.65 37.54 -20.34
C LYS D 161 38.42 38.19 -21.70
N TRP D 162 37.23 37.98 -22.25
CA TRP D 162 36.89 38.41 -23.60
C TRP D 162 36.20 39.79 -23.59
N SER D 163 36.12 40.38 -24.77
CA SER D 163 35.24 41.51 -25.01
C SER D 163 33.90 40.98 -25.50
N ASN D 164 33.05 41.87 -26.01
CA ASN D 164 31.76 41.45 -26.54
C ASN D 164 31.98 40.90 -27.95
N THR D 165 31.96 39.58 -28.08
CA THR D 165 32.14 38.91 -29.37
C THR D 165 30.77 38.55 -29.92
N THR D 166 30.05 39.56 -30.40
CA THR D 166 28.71 39.37 -30.94
C THR D 166 28.42 40.49 -31.91
N VAL D 167 28.06 40.13 -33.14
CA VAL D 167 27.74 41.08 -34.20
C VAL D 167 26.27 40.97 -34.52
N GLU D 168 25.56 42.09 -34.47
CA GLU D 168 24.15 42.11 -34.83
C GLU D 168 23.99 42.00 -36.35
N ALA D 169 22.97 41.28 -36.77
CA ALA D 169 22.71 41.08 -38.19
C ALA D 169 22.07 42.32 -38.79
N ALA D 170 22.66 42.81 -39.88
CA ALA D 170 22.10 43.94 -40.63
C ALA D 170 21.17 43.50 -41.75
N LEU D 171 21.02 42.19 -41.96
CA LEU D 171 20.24 41.66 -43.07
C LEU D 171 19.23 40.65 -42.56
N GLN D 172 18.01 40.72 -43.09
CA GLN D 172 16.94 39.78 -42.79
C GLN D 172 16.45 39.17 -44.09
N VAL D 173 16.53 37.84 -44.18
CA VAL D 173 16.13 37.12 -45.38
C VAL D 173 15.03 36.14 -45.00
N ALA D 174 13.91 36.20 -45.74
CA ALA D 174 12.81 35.29 -45.51
C ALA D 174 13.05 33.97 -46.23
N HIS D 175 12.06 33.09 -46.20
CA HIS D 175 12.08 31.87 -46.97
C HIS D 175 11.29 32.09 -48.26
N ALA D 176 11.90 31.75 -49.39
CA ALA D 176 11.22 31.92 -50.67
C ALA D 176 10.12 30.89 -50.81
N ILE D 177 8.93 31.35 -51.18
CA ILE D 177 7.76 30.49 -51.33
C ILE D 177 7.19 30.67 -52.73
N SER D 178 6.50 29.64 -53.20
CA SER D 178 5.87 29.70 -54.52
C SER D 178 4.53 30.39 -54.43
N THR D 179 4.19 31.15 -55.47
CA THR D 179 2.93 31.88 -55.51
C THR D 179 1.73 30.99 -55.79
N HIS D 180 1.95 29.73 -56.14
CA HIS D 180 0.89 28.78 -56.45
C HIS D 180 1.10 27.52 -55.62
N ILE D 181 0.24 26.52 -55.86
CA ILE D 181 0.42 25.22 -55.22
C ILE D 181 1.67 24.55 -55.78
N ALA D 182 2.26 23.66 -54.98
CA ALA D 182 3.45 22.95 -55.42
C ALA D 182 3.13 22.06 -56.62
N ARG D 183 4.08 21.95 -57.53
CA ARG D 183 3.85 21.21 -58.76
C ARG D 183 3.76 19.72 -58.47
N PRO D 184 2.65 19.06 -58.81
CA PRO D 184 2.54 17.62 -58.59
C PRO D 184 3.22 16.85 -59.71
N GLU D 185 4.36 16.24 -59.39
CA GLU D 185 5.10 15.51 -60.40
C GLU D 185 4.46 14.15 -60.66
N ILE D 186 4.93 13.48 -61.72
CA ILE D 186 4.34 12.20 -62.13
C ILE D 186 4.55 11.17 -61.04
N ASP D 187 3.47 10.49 -60.68
CA ASP D 187 3.48 9.48 -59.62
C ASP D 187 3.09 8.14 -60.22
N TYR D 188 3.86 7.10 -59.90
CA TYR D 188 3.61 5.76 -60.40
C TYR D 188 2.89 4.94 -59.34
N PHE D 189 1.98 4.09 -59.79
CA PHE D 189 1.11 3.32 -58.92
C PHE D 189 1.90 2.30 -58.09
N PHE D 210 9.85 18.76 -65.45
CA PHE D 210 10.21 19.74 -66.47
C PHE D 210 9.31 20.95 -66.43
N ALA D 211 8.74 21.25 -65.25
CA ALA D 211 7.85 22.38 -65.08
C ALA D 211 8.47 23.36 -64.09
N SER D 212 8.59 24.61 -64.53
CA SER D 212 9.14 25.65 -63.67
C SER D 212 8.10 26.10 -62.65
N ALA D 213 8.58 26.76 -61.59
CA ALA D 213 7.73 27.24 -60.52
C ALA D 213 8.10 28.67 -60.18
N CYS D 214 7.10 29.53 -60.03
CA CYS D 214 7.35 30.91 -59.62
C CYS D 214 7.73 30.94 -58.15
N PHE D 215 8.46 31.99 -57.76
CA PHE D 215 8.90 32.14 -56.38
C PHE D 215 8.91 33.61 -56.03
N TYR D 216 8.53 33.91 -54.78
CA TYR D 216 8.54 35.26 -54.24
C TYR D 216 9.62 35.34 -53.17
N LYS D 217 10.67 36.11 -53.45
CA LYS D 217 11.76 36.31 -52.52
C LYS D 217 11.65 37.70 -51.89
N TYR D 218 11.95 37.78 -50.60
CA TYR D 218 11.89 39.03 -49.86
C TYR D 218 13.18 39.18 -49.06
N PHE D 219 13.80 40.35 -49.18
CA PHE D 219 15.01 40.68 -48.44
C PHE D 219 14.86 42.04 -47.79
N SER D 220 15.54 42.23 -46.66
CA SER D 220 15.55 43.52 -45.98
C SER D 220 16.97 43.82 -45.49
N ILE D 221 17.44 45.03 -45.75
CA ILE D 221 18.76 45.46 -45.30
C ILE D 221 18.59 46.75 -44.50
N ASP D 222 19.17 46.76 -43.30
CA ASP D 222 19.22 47.95 -42.47
C ASP D 222 20.48 48.73 -42.85
N TRP D 223 20.29 49.98 -43.30
CA TRP D 223 21.44 50.77 -43.70
C TRP D 223 22.25 51.25 -42.51
N GLU D 224 21.56 51.70 -41.45
CA GLU D 224 22.25 52.21 -40.27
C GLU D 224 23.02 51.11 -39.57
N GLN D 225 22.42 49.93 -39.42
CA GLN D 225 23.11 48.81 -38.77
C GLN D 225 24.30 48.35 -39.61
N LEU D 226 24.14 48.33 -40.94
CA LEU D 226 25.24 47.94 -41.81
C LEU D 226 26.40 48.92 -41.72
N VAL D 227 26.09 50.23 -41.66
CA VAL D 227 27.13 51.24 -41.50
C VAL D 227 27.81 51.10 -40.15
N LYS D 228 27.03 50.90 -39.08
CA LYS D 228 27.60 50.83 -37.74
C LYS D 228 28.47 49.59 -37.55
N ASN D 229 28.10 48.47 -38.17
CA ASN D 229 28.89 47.25 -38.04
C ASN D 229 30.23 47.38 -38.76
N LEU D 230 30.31 48.21 -39.80
CA LEU D 230 31.54 48.43 -40.55
C LEU D 230 32.28 49.68 -40.09
N LYS D 231 31.82 50.32 -39.00
CA LYS D 231 32.50 51.44 -38.36
C LYS D 231 32.67 52.62 -39.31
N GLY D 232 31.55 53.12 -39.83
CA GLY D 232 31.55 54.28 -40.70
C GLY D 232 32.28 54.08 -42.00
N ASP D 233 31.76 53.19 -42.85
CA ASP D 233 32.38 52.83 -44.12
C ASP D 233 31.32 52.81 -45.22
N THR D 234 30.57 53.91 -45.33
CA THR D 234 29.40 53.97 -46.21
C THR D 234 29.75 53.66 -47.67
N ASN D 235 30.98 53.91 -48.09
CA ASN D 235 31.39 53.50 -49.43
C ASN D 235 31.39 51.98 -49.57
N LEU D 236 32.01 51.30 -48.61
CA LEU D 236 32.00 49.84 -48.60
C LEU D 236 30.59 49.30 -48.40
N ALA D 237 29.77 49.99 -47.60
CA ALA D 237 28.40 49.57 -47.41
C ALA D 237 27.59 49.68 -48.71
N ALA D 238 27.78 50.76 -49.46
CA ALA D 238 27.11 50.91 -50.75
C ALA D 238 27.57 49.86 -51.75
N HIS D 239 28.88 49.58 -51.77
CA HIS D 239 29.38 48.51 -52.63
C HIS D 239 28.79 47.17 -52.22
N THR D 240 28.66 46.92 -50.92
CA THR D 240 28.05 45.69 -50.43
C THR D 240 26.60 45.58 -50.86
N VAL D 241 25.85 46.69 -50.78
CA VAL D 241 24.44 46.66 -51.16
C VAL D 241 24.30 46.38 -52.65
N GLY D 242 25.11 47.04 -53.47
CA GLY D 242 25.05 46.81 -54.91
C GLY D 242 25.44 45.41 -55.31
N ALA D 243 26.54 44.90 -54.73
CA ALA D 243 26.97 43.54 -55.01
C ALA D 243 25.96 42.52 -54.53
N PHE D 244 25.34 42.76 -53.37
CA PHE D 244 24.31 41.86 -52.86
C PHE D 244 23.11 41.83 -53.79
N LEU D 245 22.67 43.00 -54.26
CA LEU D 245 21.52 43.04 -55.17
C LEU D 245 21.83 42.32 -56.47
N LEU D 246 23.03 42.56 -57.03
CA LEU D 246 23.39 41.88 -58.27
C LEU D 246 23.49 40.37 -58.08
N ALA D 247 24.11 39.93 -56.99
CA ALA D 247 24.26 38.49 -56.73
C ALA D 247 22.92 37.83 -56.52
N ALA D 248 22.02 38.48 -55.79
CA ALA D 248 20.67 37.93 -55.61
C ALA D 248 19.91 37.93 -56.93
N ALA D 249 20.18 38.88 -57.81
CA ALA D 249 19.47 38.93 -59.09
C ALA D 249 19.90 37.80 -60.02
N LYS D 250 21.21 37.61 -60.20
CA LYS D 250 21.63 36.72 -61.28
C LYS D 250 22.46 35.53 -60.81
N THR D 251 22.05 34.86 -59.74
CA THR D 251 22.68 33.61 -59.31
C THR D 251 21.62 32.59 -58.96
N ASN D 252 22.01 31.32 -59.02
CA ASN D 252 21.11 30.22 -58.71
C ASN D 252 21.26 29.84 -57.25
N PRO D 253 20.18 29.87 -56.46
CA PRO D 253 20.27 29.47 -55.05
C PRO D 253 20.29 27.95 -54.93
N SER D 254 21.48 27.41 -54.64
CA SER D 254 21.67 25.97 -54.54
C SER D 254 22.98 25.72 -53.80
N GLY D 255 23.40 24.45 -53.80
CA GLY D 255 24.71 24.07 -53.30
C GLY D 255 25.35 23.07 -54.25
N LYS D 256 24.81 22.98 -55.46
CA LYS D 256 25.27 22.00 -56.43
C LYS D 256 26.62 22.35 -57.05
N GLN D 257 27.09 23.59 -56.86
CA GLN D 257 28.41 24.04 -57.33
C GLN D 257 28.57 23.91 -58.84
N ASN D 258 27.48 24.06 -59.59
CA ASN D 258 27.53 23.92 -61.03
C ASN D 258 26.37 24.69 -61.65
N SER D 259 26.40 24.80 -62.98
CA SER D 259 25.40 25.51 -63.77
C SER D 259 25.25 26.96 -63.31
N PHE D 260 26.34 27.72 -63.48
CA PHE D 260 26.40 29.09 -62.99
C PHE D 260 25.79 30.11 -63.93
N ALA D 261 25.35 29.69 -65.13
CA ALA D 261 24.78 30.63 -66.07
C ALA D 261 23.43 31.15 -65.57
N ALA D 262 23.25 32.47 -65.67
CA ALA D 262 22.01 33.11 -65.21
C ALA D 262 20.96 33.00 -66.31
N HIS D 263 20.43 31.78 -66.46
CA HIS D 263 19.46 31.52 -67.52
C HIS D 263 18.10 32.14 -67.25
N ASN D 264 17.80 32.46 -65.99
CA ASN D 264 16.50 33.03 -65.62
C ASN D 264 16.72 34.32 -64.85
N TYR D 265 16.56 35.45 -65.54
CA TYR D 265 16.66 36.74 -64.90
C TYR D 265 15.43 36.98 -64.02
N PRO D 266 15.54 37.85 -63.01
CA PRO D 266 14.36 38.17 -62.19
C PRO D 266 13.32 38.91 -63.01
N ASP D 267 12.13 38.31 -63.13
CA ASP D 267 11.08 38.89 -63.95
C ASP D 267 10.51 40.13 -63.26
N GLY D 268 10.32 40.08 -61.94
CA GLY D 268 9.84 41.27 -61.26
C GLY D 268 10.65 41.66 -60.05
N ILE D 269 11.10 42.91 -59.97
CA ILE D 269 11.85 43.41 -58.83
C ILE D 269 11.26 44.73 -58.37
N LEU D 270 10.92 44.83 -57.08
CA LEU D 270 10.46 46.08 -56.49
C LEU D 270 11.33 46.38 -55.28
N VAL D 271 11.96 47.56 -55.29
CA VAL D 271 12.80 48.02 -54.19
C VAL D 271 12.07 49.16 -53.50
N GLU D 272 11.97 49.08 -52.17
CA GLU D 272 11.24 50.06 -51.38
C GLU D 272 12.13 50.61 -50.29
N PHE D 273 12.04 51.92 -50.05
CA PHE D 273 12.75 52.58 -48.97
C PHE D 273 11.74 52.85 -47.87
N LYS D 274 11.78 52.06 -46.81
CA LYS D 274 10.80 52.15 -45.74
C LYS D 274 11.50 52.09 -44.38
N ASN D 275 10.82 52.66 -43.38
CA ASN D 275 11.30 52.61 -42.01
C ASN D 275 10.76 51.40 -41.26
N SER D 276 9.53 50.98 -41.54
CA SER D 276 8.95 49.79 -40.94
C SER D 276 8.94 48.67 -41.95
N PRO D 277 9.61 47.54 -41.68
CA PRO D 277 9.67 46.47 -42.69
C PRO D 277 8.34 45.76 -42.87
N ILE D 278 7.99 45.52 -44.13
CA ILE D 278 6.75 44.85 -44.51
C ILE D 278 7.08 43.67 -45.42
N SER D 279 6.24 42.65 -45.35
CA SER D 279 6.31 41.50 -46.25
C SER D 279 5.02 41.41 -47.04
N TYR D 280 5.14 41.32 -48.37
CA TYR D 280 3.99 41.23 -49.26
C TYR D 280 3.65 39.79 -49.62
N ALA D 281 3.96 38.84 -48.72
CA ALA D 281 3.66 37.44 -48.99
C ALA D 281 2.17 37.15 -48.89
N ASN D 282 1.39 38.06 -48.28
CA ASN D 282 -0.05 37.85 -48.16
C ASN D 282 -0.79 38.09 -49.47
N ALA D 283 -0.12 38.58 -50.50
CA ALA D 283 -0.73 38.71 -51.81
C ALA D 283 -1.05 37.36 -52.44
N PHE D 284 -0.35 36.30 -52.02
CA PHE D 284 -0.48 34.99 -52.64
C PHE D 284 -1.03 33.96 -51.67
N VAL D 285 -1.83 34.38 -50.69
CA VAL D 285 -2.50 33.43 -49.81
C VAL D 285 -3.46 32.56 -50.62
N ARG D 286 -4.23 33.17 -51.50
CA ARG D 286 -4.99 32.43 -52.49
C ARG D 286 -4.05 32.01 -53.63
N PRO D 287 -3.97 30.73 -53.96
CA PRO D 287 -3.04 30.29 -55.00
C PRO D 287 -3.38 30.89 -56.35
N VAL D 288 -2.34 31.22 -57.12
CA VAL D 288 -2.49 31.77 -58.46
C VAL D 288 -2.62 30.58 -59.40
N SER D 289 -3.85 30.10 -59.58
CA SER D 289 -4.13 28.91 -60.34
C SER D 289 -4.52 29.28 -61.76
N VAL D 290 -3.76 28.77 -62.73
CA VAL D 290 -4.06 28.94 -64.15
C VAL D 290 -3.83 27.61 -64.85
N VAL D 291 -4.74 27.27 -65.77
CA VAL D 291 -4.57 26.06 -66.58
C VAL D 291 -3.67 26.29 -67.78
N LYS D 292 -3.31 27.53 -68.07
CA LYS D 292 -2.46 27.83 -69.22
C LYS D 292 -1.01 27.47 -68.95
N GLU D 293 -0.54 27.66 -67.72
CA GLU D 293 0.84 27.42 -67.28
C GLU D 293 1.86 28.24 -68.07
N SER D 294 1.43 29.31 -68.73
CA SER D 294 2.32 30.14 -69.54
C SER D 294 2.40 31.58 -69.03
N ASP D 295 1.26 32.24 -68.84
CA ASP D 295 1.22 33.62 -68.37
C ASP D 295 1.10 33.72 -66.86
N LEU D 296 1.39 32.62 -66.15
CA LEU D 296 1.16 32.52 -64.71
C LEU D 296 1.82 33.66 -63.95
N VAL D 297 3.10 33.91 -64.22
CA VAL D 297 3.84 34.96 -63.52
C VAL D 297 3.17 36.31 -63.73
N GLU D 298 2.67 36.56 -64.96
CA GLU D 298 1.94 37.79 -65.23
C GLU D 298 0.74 37.92 -64.31
N GLN D 299 -0.05 36.85 -64.19
CA GLN D 299 -1.17 36.84 -63.26
C GLN D 299 -0.68 37.07 -61.84
N SER D 300 0.44 36.41 -61.48
CA SER D 300 1.04 36.62 -60.17
C SER D 300 1.37 38.08 -59.96
N ILE D 301 1.90 38.73 -61.00
CA ILE D 301 2.22 40.15 -60.94
C ILE D 301 0.99 40.93 -60.52
N GLY D 302 -0.14 40.66 -61.20
CA GLY D 302 -1.37 41.36 -60.90
C GLY D 302 -1.76 41.21 -59.45
N GLN D 303 -1.69 39.97 -58.94
CA GLN D 303 -2.04 39.72 -57.55
C GLN D 303 -1.20 40.59 -56.63
N LEU D 304 0.13 40.54 -56.82
CA LEU D 304 1.01 41.32 -55.97
C LEU D 304 0.69 42.80 -56.08
N SER D 305 0.44 43.26 -57.31
CA SER D 305 0.14 44.67 -57.55
C SER D 305 -1.04 45.10 -56.71
N ASN D 306 -2.12 44.31 -56.76
CA ASN D 306 -3.34 44.69 -56.05
C ASN D 306 -3.07 44.84 -54.57
N TYR D 307 -2.33 43.88 -54.00
CA TYR D 307 -2.09 43.91 -52.56
C TYR D 307 -1.32 45.16 -52.18
N VAL D 308 -0.32 45.53 -53.00
CA VAL D 308 0.47 46.72 -52.69
C VAL D 308 -0.43 47.94 -52.66
N ASN D 309 -1.36 48.04 -53.61
CA ASN D 309 -2.29 49.15 -53.64
C ASN D 309 -3.09 49.19 -52.34
N ASP D 310 -3.60 48.04 -51.90
CA ASP D 310 -4.37 47.98 -50.67
C ASP D 310 -3.52 48.45 -49.50
N ILE D 311 -2.25 48.03 -49.46
CA ILE D 311 -1.37 48.45 -48.37
C ILE D 311 -1.22 49.97 -48.39
N ARG D 312 -1.03 50.54 -49.58
CA ARG D 312 -0.85 51.99 -49.64
C ARG D 312 -2.15 52.74 -49.39
N LEU D 313 -3.27 52.05 -49.34
CA LEU D 313 -4.52 52.66 -48.88
C LEU D 313 -5.03 52.00 -47.61
N GLY D 314 -4.29 51.05 -47.04
CA GLY D 314 -4.68 50.47 -45.77
C GLY D 314 -3.90 51.04 -44.61
N TYR D 315 -2.59 51.13 -44.78
CA TYR D 315 -1.67 51.62 -43.75
C TYR D 315 -0.96 52.87 -44.22
N TYR D 316 -1.68 53.76 -44.89
CA TYR D 316 -1.08 54.99 -45.40
C TYR D 316 -0.71 55.92 -44.27
N ASP D 317 0.52 56.41 -44.28
CA ASP D 317 1.00 57.41 -43.35
C ASP D 317 1.57 58.59 -44.12
N GLU D 318 1.30 59.80 -43.64
CA GLU D 318 1.73 61.01 -44.34
C GLU D 318 3.09 61.50 -43.88
N GLN D 319 3.43 61.30 -42.60
CA GLN D 319 4.70 61.77 -42.08
C GLN D 319 5.88 60.93 -42.52
N SER D 320 5.64 59.69 -42.95
CA SER D 320 6.71 58.79 -43.40
C SER D 320 6.31 58.17 -44.74
N PRO D 321 6.42 58.91 -45.83
CA PRO D 321 6.11 58.35 -47.14
C PRO D 321 7.22 57.41 -47.62
N VAL D 322 6.83 56.51 -48.53
CA VAL D 322 7.75 55.51 -49.06
C VAL D 322 8.01 55.81 -50.54
N ILE D 323 9.18 55.40 -51.00
CA ILE D 323 9.62 55.60 -52.38
C ILE D 323 10.21 54.29 -52.88
N GLY D 324 9.81 53.88 -54.10
CA GLY D 324 10.22 52.60 -54.63
C GLY D 324 10.58 52.68 -56.10
N PHE D 325 11.23 51.62 -56.55
CA PHE D 325 11.63 51.43 -57.94
C PHE D 325 11.15 50.06 -58.41
N TRP D 326 10.71 49.99 -59.66
CA TRP D 326 10.18 48.77 -60.23
C TRP D 326 10.96 48.40 -61.48
N PHE D 327 11.20 47.10 -61.66
CA PHE D 327 11.90 46.60 -62.84
C PHE D 327 11.28 45.30 -63.33
N SER D 328 11.01 45.26 -64.63
CA SER D 328 10.75 44.06 -65.41
C SER D 328 11.59 44.13 -66.67
N PRO D 329 12.04 42.98 -67.19
CA PRO D 329 12.92 43.01 -68.36
C PRO D 329 12.20 43.54 -69.59
N ASN D 330 12.82 44.54 -70.24
CA ASN D 330 12.29 45.21 -71.43
C ASN D 330 10.93 45.86 -71.18
N ASN D 331 10.65 46.19 -69.91
CA ASN D 331 9.40 46.82 -69.49
C ASN D 331 8.18 46.01 -69.93
N ARG D 332 8.29 44.68 -69.84
CA ARG D 332 7.22 43.83 -70.35
C ARG D 332 6.01 43.82 -69.42
N TYR D 333 6.23 43.80 -68.12
CA TYR D 333 5.12 43.75 -67.16
C TYR D 333 5.08 45.02 -66.33
N PRO D 334 4.01 45.82 -66.44
CA PRO D 334 3.85 46.97 -65.54
C PRO D 334 3.49 46.52 -64.13
N LEU D 335 3.80 47.40 -63.17
CA LEU D 335 3.54 47.13 -61.76
C LEU D 335 2.28 47.82 -61.24
N GLY D 336 2.11 49.11 -61.54
CA GLY D 336 1.07 49.91 -60.93
C GLY D 336 -0.33 49.49 -61.35
N TYR D 337 -1.30 50.30 -60.92
CA TYR D 337 -2.71 50.01 -61.16
C TYR D 337 -3.06 50.26 -62.62
N LYS D 338 -2.59 49.35 -63.50
CA LYS D 338 -2.80 49.42 -64.94
C LYS D 338 -2.17 50.68 -65.54
N HIS D 339 -2.72 51.84 -65.20
CA HIS D 339 -2.16 53.12 -65.62
C HIS D 339 -1.69 53.99 -64.47
N SER D 340 -2.37 53.94 -63.32
CA SER D 340 -1.95 54.73 -62.17
C SER D 340 -0.64 54.19 -61.60
N LYS D 341 0.27 55.11 -61.29
CA LYS D 341 1.61 54.74 -60.86
C LYS D 341 1.62 54.24 -59.42
N LEU D 342 2.48 53.25 -59.17
CA LEU D 342 2.77 52.78 -57.81
C LEU D 342 4.21 53.03 -57.43
N ALA D 343 5.16 52.60 -58.26
CA ALA D 343 6.56 52.91 -58.09
C ALA D 343 6.92 54.11 -58.96
N SER D 344 7.92 54.87 -58.50
CA SER D 344 8.29 56.10 -59.18
C SER D 344 8.98 55.88 -60.52
N ARG D 345 9.43 54.66 -60.81
CA ARG D 345 10.19 54.39 -62.02
C ARG D 345 9.64 53.15 -62.72
N ASN D 346 10.08 52.96 -63.96
CA ASN D 346 9.81 51.80 -64.79
C ASN D 346 11.10 51.31 -65.42
N ILE D 347 12.13 51.15 -64.58
CA ILE D 347 13.48 50.84 -65.03
C ILE D 347 13.51 49.48 -65.72
N GLY D 348 14.20 49.43 -66.87
CA GLY D 348 14.34 48.19 -67.61
C GLY D 348 15.77 47.73 -67.76
N ASN D 349 16.59 47.93 -66.73
CA ASN D 349 17.98 47.51 -66.76
C ASN D 349 18.44 47.26 -65.32
N LEU D 350 19.28 46.23 -65.16
CA LEU D 350 19.77 45.91 -63.82
C LEU D 350 20.72 46.98 -63.30
N ASN D 351 21.71 47.36 -64.13
CA ASN D 351 22.73 48.32 -63.68
C ASN D 351 22.13 49.68 -63.42
N GLU D 352 21.17 50.10 -64.24
CA GLU D 352 20.48 51.36 -64.00
C GLU D 352 19.68 51.31 -62.70
N LEU D 353 19.09 50.16 -62.39
CA LEU D 353 18.38 50.00 -61.12
C LEU D 353 19.33 50.11 -59.93
N VAL D 354 20.51 49.47 -60.02
CA VAL D 354 21.48 49.60 -58.94
C VAL D 354 21.98 51.02 -58.81
N GLY D 355 22.13 51.73 -59.94
CA GLY D 355 22.53 53.13 -59.88
C GLY D 355 21.48 54.01 -59.20
N ALA D 356 20.21 53.77 -59.51
CA ALA D 356 19.13 54.51 -58.85
C ALA D 356 19.09 54.22 -57.36
N VAL D 357 19.27 52.94 -57.00
CA VAL D 357 19.31 52.58 -55.58
C VAL D 357 20.47 53.27 -54.89
N LEU D 358 21.64 53.30 -55.53
CA LEU D 358 22.83 53.91 -54.94
C LEU D 358 22.67 55.40 -54.75
N ASP D 359 22.16 56.11 -55.76
CA ASP D 359 22.07 57.57 -55.61
C ASP D 359 20.92 57.98 -54.70
N TYR D 360 19.86 57.16 -54.60
CA TYR D 360 18.86 57.44 -53.58
C TYR D 360 19.38 57.13 -52.18
N ILE D 361 20.29 56.15 -52.05
CA ILE D 361 20.84 55.85 -50.73
C ILE D 361 21.78 56.96 -50.27
N GLY D 362 22.79 57.28 -51.07
CA GLY D 362 23.77 58.25 -50.63
C GLY D 362 24.33 59.16 -51.70
N GLY D 363 23.63 59.29 -52.82
CA GLY D 363 24.15 60.07 -53.91
C GLY D 363 25.39 59.50 -54.57
N PHE D 364 25.61 58.20 -54.41
CA PHE D 364 26.81 57.54 -54.92
C PHE D 364 26.58 57.09 -56.37
N LYS D 365 27.55 56.37 -56.91
CA LYS D 365 27.40 55.71 -58.20
C LYS D 365 28.25 54.45 -58.18
N TRP D 366 27.90 53.50 -59.04
CA TRP D 366 28.58 52.20 -59.04
C TRP D 366 30.04 52.33 -59.43
N GLU D 367 30.38 53.32 -60.25
CA GLU D 367 31.78 53.52 -60.64
C GLU D 367 32.62 54.00 -59.47
N GLU D 368 32.06 54.86 -58.62
CA GLU D 368 32.83 55.41 -57.50
C GLU D 368 33.06 54.37 -56.42
N VAL D 369 32.04 53.58 -56.08
CA VAL D 369 32.14 52.66 -54.94
C VAL D 369 32.78 51.33 -55.29
N GLN D 370 33.10 51.09 -56.55
CA GLN D 370 33.74 49.83 -56.94
C GLN D 370 35.19 49.75 -56.50
N LYS D 371 35.85 50.90 -56.29
CA LYS D 371 37.26 50.89 -55.92
C LYS D 371 37.50 50.50 -54.48
N SER D 372 36.49 50.60 -53.62
CA SER D 372 36.61 50.21 -52.22
C SER D 372 36.22 48.74 -52.09
N LYS D 373 37.22 47.88 -51.86
CA LYS D 373 37.00 46.45 -51.81
C LYS D 373 37.72 45.86 -50.61
N ALA D 374 37.15 44.81 -50.05
CA ALA D 374 37.85 44.01 -49.06
C ALA D 374 38.91 43.12 -49.71
N TYR D 375 38.57 42.52 -50.84
CA TYR D 375 39.49 41.64 -51.56
C TYR D 375 39.46 41.92 -53.06
N MET E 1 -16.69 51.51 -18.79
CA MET E 1 -16.59 51.38 -20.24
C MET E 1 -15.22 50.81 -20.63
N LEU E 2 -15.21 50.00 -21.69
CA LEU E 2 -14.03 49.26 -22.08
C LEU E 2 -13.66 49.58 -23.53
N ILE E 3 -12.42 49.28 -23.88
CA ILE E 3 -11.93 49.34 -25.26
C ILE E 3 -11.47 47.94 -25.62
N GLU E 4 -12.14 47.31 -26.58
CA GLU E 4 -11.88 45.92 -26.95
C GLU E 4 -11.37 45.85 -28.37
N ILE E 5 -10.30 45.09 -28.57
CA ILE E 5 -9.67 44.94 -29.87
C ILE E 5 -9.63 43.46 -30.20
N HIS E 6 -10.20 43.10 -31.35
CA HIS E 6 -10.14 41.74 -31.88
C HIS E 6 -9.47 41.80 -33.24
N MET E 7 -8.39 41.04 -33.41
CA MET E 7 -7.56 41.12 -34.60
C MET E 7 -7.49 39.77 -35.30
N ILE E 8 -7.45 39.80 -36.63
CA ILE E 8 -7.17 38.64 -37.45
C ILE E 8 -5.87 38.90 -38.21
N GLN E 9 -4.94 37.96 -38.12
CA GLN E 9 -3.64 38.11 -38.77
C GLN E 9 -3.29 36.82 -39.50
N ASN E 10 -2.41 36.95 -40.50
CA ASN E 10 -1.85 35.80 -41.19
C ASN E 10 -0.34 35.93 -41.20
N HIS E 11 0.36 34.81 -41.01
CA HIS E 11 1.81 34.85 -40.87
C HIS E 11 2.47 33.93 -41.89
N SER E 12 3.48 34.45 -42.57
CA SER E 12 4.33 33.65 -43.43
C SER E 12 5.15 32.69 -42.57
N PRO E 13 5.68 31.59 -43.17
CA PRO E 13 6.45 30.60 -42.38
C PRO E 13 7.54 31.19 -41.51
N ALA E 14 7.40 31.03 -40.19
CA ALA E 14 8.33 31.61 -39.23
C ALA E 14 8.30 30.81 -37.94
N ASN E 15 9.08 31.26 -36.96
CA ASN E 15 9.08 30.69 -35.61
C ASN E 15 9.15 31.86 -34.64
N LEU E 16 7.98 32.38 -34.25
CA LEU E 16 7.90 33.61 -33.50
C LEU E 16 8.01 33.42 -31.99
N ASN E 17 7.86 32.19 -31.50
CA ASN E 17 7.92 31.95 -30.07
C ASN E 17 8.30 30.49 -29.84
N ARG E 18 9.36 30.27 -29.07
CA ARG E 18 9.86 28.92 -28.82
C ARG E 18 9.88 28.62 -27.33
N ASP E 19 9.88 27.34 -27.01
CA ASP E 19 10.00 26.88 -25.63
C ASP E 19 11.48 26.66 -25.30
N ASP E 20 11.76 25.99 -24.19
CA ASP E 20 13.13 25.75 -23.77
C ASP E 20 13.88 24.78 -24.67
N LEU E 21 13.19 24.08 -25.57
CA LEU E 21 13.85 23.15 -26.48
C LEU E 21 14.00 23.69 -27.90
N GLY E 22 13.10 24.56 -28.34
CA GLY E 22 13.21 25.16 -29.65
C GLY E 22 11.95 25.05 -30.48
N ALA E 23 11.05 24.16 -30.09
CA ALA E 23 9.80 23.97 -30.83
C ALA E 23 8.88 25.18 -30.64
N PRO E 24 8.08 25.50 -31.65
CA PRO E 24 7.10 26.58 -31.49
C PRO E 24 6.05 26.22 -30.46
N LYS E 25 5.58 27.24 -29.74
CA LYS E 25 4.57 27.03 -28.72
C LYS E 25 3.25 26.63 -29.35
N THR E 26 2.55 25.70 -28.69
CA THR E 26 1.27 25.19 -29.14
C THR E 26 0.29 25.14 -27.99
N CYS E 27 -0.96 24.84 -28.32
CA CYS E 27 -2.01 24.71 -27.33
C CYS E 27 -3.13 23.86 -27.94
N TYR E 28 -4.18 23.64 -27.15
CA TYR E 28 -5.36 22.90 -27.59
C TYR E 28 -6.59 23.77 -27.38
N PHE E 29 -7.40 23.89 -28.42
CA PHE E 29 -8.65 24.66 -28.35
C PHE E 29 -9.69 23.94 -29.20
N GLY E 30 -10.68 23.34 -28.54
CA GLY E 30 -11.64 22.52 -29.25
C GLY E 30 -11.17 21.12 -29.53
N GLY E 31 -10.13 20.67 -28.85
CA GLY E 31 -9.60 19.33 -29.04
C GLY E 31 -8.61 19.18 -30.17
N VAL E 32 -8.15 20.27 -30.77
CA VAL E 32 -7.22 20.23 -31.89
C VAL E 32 -6.02 21.12 -31.58
N LEU E 33 -4.86 20.71 -32.08
CA LEU E 33 -3.63 21.45 -31.83
C LEU E 33 -3.62 22.75 -32.62
N ARG E 34 -3.21 23.84 -31.94
CA ARG E 34 -3.13 25.16 -32.55
C ARG E 34 -1.81 25.81 -32.20
N SER E 35 -1.24 26.55 -33.14
CA SER E 35 -0.05 27.33 -32.86
C SER E 35 -0.39 28.49 -31.93
N ARG E 36 0.55 28.82 -31.03
CA ARG E 36 0.28 29.79 -29.99
C ARG E 36 1.43 30.78 -29.86
N ILE E 37 1.08 32.05 -29.68
CA ILE E 37 2.03 33.10 -29.32
C ILE E 37 1.60 33.64 -27.97
N SER E 38 2.53 33.62 -27.01
CA SER E 38 2.18 33.93 -25.63
C SER E 38 1.83 35.41 -25.46
N SER E 39 1.06 35.69 -24.41
CA SER E 39 0.63 37.06 -24.16
C SER E 39 1.78 37.94 -23.70
N GLN E 40 2.72 37.38 -22.93
CA GLN E 40 3.87 38.17 -22.48
C GLN E 40 4.74 38.57 -23.66
N CYS E 41 4.84 37.71 -24.68
CA CYS E 41 5.58 38.06 -25.89
C CYS E 41 4.93 39.24 -26.61
N ILE E 42 3.61 39.21 -26.74
CA ILE E 42 2.90 40.30 -27.40
C ILE E 42 3.03 41.59 -26.62
N LYS E 43 2.91 41.51 -25.29
CA LYS E 43 3.03 42.72 -24.46
C LYS E 43 4.44 43.30 -24.51
N ARG E 44 5.46 42.44 -24.52
CA ARG E 44 6.83 42.94 -24.64
C ARG E 44 7.07 43.53 -26.03
N SER E 45 6.49 42.93 -27.07
CA SER E 45 6.62 43.47 -28.41
C SER E 45 5.99 44.84 -28.53
N ILE E 46 4.83 45.04 -27.89
CA ILE E 46 4.18 46.35 -27.92
C ILE E 46 4.98 47.36 -27.09
N ARG E 47 5.41 46.95 -25.90
CA ARG E 47 6.10 47.88 -25.00
C ARG E 47 7.46 48.28 -25.54
N THR E 48 8.20 47.33 -26.12
CA THR E 48 9.48 47.63 -26.75
C THR E 48 9.31 47.76 -28.26
N SER E 49 8.56 48.78 -28.66
CA SER E 49 8.27 49.04 -30.07
C SER E 49 8.60 50.49 -30.40
N ASN E 50 8.74 50.77 -31.69
CA ASN E 50 9.08 52.11 -32.13
C ASN E 50 7.92 53.08 -31.92
N ASP E 51 6.68 52.64 -32.16
CA ASP E 51 5.52 53.49 -31.99
C ASP E 51 5.15 53.69 -30.52
N PHE E 52 5.72 52.91 -29.61
CA PHE E 52 5.52 53.10 -28.17
C PHE E 52 6.77 53.63 -27.49
N LYS E 53 7.72 54.15 -28.27
CA LYS E 53 8.97 54.66 -27.70
C LYS E 53 8.75 55.92 -26.88
N ALA E 54 7.81 56.77 -27.32
CA ALA E 54 7.58 58.06 -26.68
C ALA E 54 6.95 57.95 -25.30
N LEU E 55 6.46 56.78 -24.91
CA LEU E 55 5.79 56.61 -23.61
C LEU E 55 6.44 55.56 -22.73
N LEU E 56 7.62 55.07 -23.09
CA LEU E 56 8.30 54.01 -22.33
C LEU E 56 8.88 54.62 -21.06
N GLY E 57 8.04 54.76 -20.05
CA GLY E 57 8.40 55.39 -18.79
C GLY E 57 8.66 54.45 -17.63
N GLY E 58 8.71 53.15 -17.85
CA GLY E 58 8.97 52.21 -16.78
C GLY E 58 10.09 51.25 -17.13
N VAL E 59 10.81 50.81 -16.10
CA VAL E 59 11.94 49.91 -16.26
C VAL E 59 11.80 48.79 -15.23
N ARG E 60 11.92 47.54 -15.70
CA ARG E 60 11.88 46.35 -14.87
C ARG E 60 13.26 45.73 -14.88
N THR E 61 14.04 45.97 -13.83
CA THR E 61 15.45 45.63 -13.85
C THR E 61 15.87 44.97 -12.55
N ARG E 62 16.91 44.14 -12.63
CA ARG E 62 17.60 43.62 -11.46
C ARG E 62 18.86 44.42 -11.11
N ARG E 63 19.41 45.14 -12.07
CA ARG E 63 20.65 45.91 -11.85
C ARG E 63 20.32 47.36 -11.54
N LEU E 64 19.73 47.56 -10.35
CA LEU E 64 19.37 48.91 -9.93
C LEU E 64 20.58 49.72 -9.48
N ALA E 65 21.59 49.05 -8.93
CA ALA E 65 22.80 49.75 -8.49
C ALA E 65 23.56 50.33 -9.68
N ASP E 66 23.53 49.66 -10.83
CA ASP E 66 24.15 50.20 -12.04
C ASP E 66 23.48 51.50 -12.46
N LEU E 67 22.15 51.54 -12.42
CA LEU E 67 21.44 52.77 -12.77
C LEU E 67 21.67 53.86 -11.74
N ILE E 68 21.78 53.48 -10.46
CA ILE E 68 22.08 54.46 -9.42
C ILE E 68 23.45 55.08 -9.64
N GLN E 69 24.44 54.25 -9.96
CA GLN E 69 25.78 54.77 -10.25
C GLN E 69 25.80 55.60 -11.53
N GLN E 70 25.00 55.22 -12.53
CA GLN E 70 24.92 56.00 -13.76
C GLN E 70 24.26 57.35 -13.51
N GLU E 71 23.37 57.44 -12.52
CA GLU E 71 22.73 58.71 -12.23
C GLU E 71 23.72 59.71 -11.62
N ALA E 72 24.65 59.24 -10.81
CA ALA E 72 25.63 60.09 -10.16
C ALA E 72 26.97 60.00 -10.89
N GLY E 73 28.00 60.62 -10.32
CA GLY E 73 29.32 60.59 -10.90
C GLY E 73 30.36 59.92 -10.02
N GLU E 74 30.16 60.00 -8.71
CA GLU E 74 31.11 59.39 -7.76
C GLU E 74 30.94 57.87 -7.75
N THR E 75 32.06 57.16 -7.87
CA THR E 75 32.01 55.71 -8.03
C THR E 75 31.63 55.00 -6.74
N GLU E 76 32.27 55.39 -5.63
CA GLU E 76 32.22 54.60 -4.41
C GLU E 76 30.81 54.46 -3.85
N CYS E 77 29.94 55.45 -4.14
CA CYS E 77 28.56 55.41 -3.66
C CYS E 77 27.84 54.15 -4.13
N TRP E 78 28.21 53.64 -5.32
CA TRP E 78 27.62 52.40 -5.84
C TRP E 78 27.72 51.29 -4.81
N LYS E 79 28.89 51.14 -4.19
CA LYS E 79 29.06 50.12 -3.15
C LYS E 79 28.04 50.33 -2.05
N LYS E 80 27.98 51.56 -1.51
CA LYS E 80 27.02 51.85 -0.46
C LYS E 80 25.60 51.66 -0.95
N ALA E 81 25.35 51.94 -2.24
CA ALA E 81 24.02 51.76 -2.80
C ALA E 81 23.55 50.32 -2.64
N GLN E 82 24.45 49.37 -2.90
CA GLN E 82 24.09 47.96 -2.73
C GLN E 82 23.71 47.68 -1.29
N GLU E 83 24.48 48.22 -0.34
CA GLU E 83 24.15 48.04 1.07
C GLU E 83 22.83 48.73 1.40
N ILE E 84 22.57 49.88 0.79
CA ILE E 84 21.28 50.54 0.99
C ILE E 84 20.17 49.68 0.41
N LEU E 85 20.44 48.97 -0.68
CA LEU E 85 19.47 48.05 -1.23
C LEU E 85 19.50 46.69 -0.53
N ASN E 86 20.40 46.48 0.43
CA ASN E 86 20.45 45.21 1.12
C ASN E 86 19.61 45.19 2.38
N LYS E 87 19.69 46.25 3.20
CA LYS E 87 18.84 46.33 4.39
C LYS E 87 17.40 46.66 4.04
N CYS E 88 17.13 47.10 2.80
CA CYS E 88 15.77 47.33 2.35
C CYS E 88 15.00 46.04 2.09
N GLY E 89 15.67 44.89 2.09
CA GLY E 89 15.01 43.62 1.90
C GLY E 89 15.01 43.14 0.47
N PHE E 90 16.18 43.16 -0.17
CA PHE E 90 16.29 42.74 -1.56
C PHE E 90 17.36 41.68 -1.82
N LYS E 91 18.36 41.53 -0.93
CA LYS E 91 19.43 40.54 -1.02
C LYS E 91 20.31 40.72 -2.24
N ASN E 92 21.42 39.98 -2.31
CA ASN E 92 22.36 40.10 -3.41
C ASN E 92 22.80 38.70 -3.84
N LYS E 93 23.21 38.60 -5.10
CA LYS E 93 23.70 37.34 -5.66
C LYS E 93 24.57 37.69 -6.85
N ASP E 94 25.87 37.43 -6.73
CA ASP E 94 26.93 37.83 -7.69
C ASP E 94 26.68 39.23 -8.26
N ASP E 95 26.61 40.20 -7.34
CA ASP E 95 26.60 41.63 -7.65
C ASP E 95 25.36 42.04 -8.46
N ASN E 96 24.20 41.56 -8.03
CA ASN E 96 22.93 42.05 -8.55
C ASN E 96 21.84 41.69 -7.55
N THR E 97 20.65 42.25 -7.78
CA THR E 97 19.51 41.96 -6.92
C THR E 97 18.99 40.56 -7.20
N LYS E 98 18.46 39.91 -6.15
CA LYS E 98 17.92 38.57 -6.30
C LYS E 98 16.60 38.57 -7.06
N MET E 99 15.87 39.68 -7.03
CA MET E 99 14.56 39.78 -7.67
C MET E 99 14.47 41.07 -8.47
N LEU E 100 13.64 41.04 -9.51
CA LEU E 100 13.46 42.20 -10.36
C LEU E 100 12.61 43.26 -9.68
N VAL E 101 12.92 44.52 -9.97
CA VAL E 101 12.19 45.68 -9.45
C VAL E 101 11.65 46.47 -10.64
N PHE E 102 10.36 46.79 -10.59
CA PHE E 102 9.69 47.55 -11.64
C PHE E 102 9.41 48.95 -11.09
N MET E 103 9.87 49.97 -11.81
CA MET E 103 9.65 51.33 -11.32
C MET E 103 9.76 52.32 -12.48
N SER E 104 9.20 53.51 -12.25
CA SER E 104 9.31 54.58 -13.24
C SER E 104 10.74 55.09 -13.30
N LYS E 105 11.18 55.42 -14.52
CA LYS E 105 12.56 55.87 -14.70
C LYS E 105 12.75 57.29 -14.17
N ASP E 106 11.74 58.15 -14.32
CA ASP E 106 11.89 59.57 -14.03
C ASP E 106 12.21 59.85 -12.56
N LYS E 107 11.90 58.92 -11.66
CA LYS E 107 12.19 59.10 -10.25
C LYS E 107 13.55 58.57 -9.83
N ILE E 108 14.26 57.87 -10.72
CA ILE E 108 15.47 57.16 -10.32
C ILE E 108 16.54 58.12 -9.82
N LYS E 109 16.57 59.35 -10.34
CA LYS E 109 17.56 60.32 -9.91
C LYS E 109 17.34 60.69 -8.44
N ASP E 110 16.08 60.76 -8.02
CA ASP E 110 15.80 61.00 -6.60
C ASP E 110 16.37 59.87 -5.76
N LEU E 111 16.27 58.64 -6.26
CA LEU E 111 16.90 57.49 -5.60
C LEU E 111 18.39 57.75 -5.38
N ALA E 112 19.06 58.26 -6.41
CA ALA E 112 20.49 58.55 -6.29
C ALA E 112 20.74 59.58 -5.20
N ARG E 113 19.85 60.56 -5.09
CA ARG E 113 20.02 61.60 -4.07
C ARG E 113 20.00 61.00 -2.67
N ILE E 114 19.22 59.93 -2.47
CA ILE E 114 19.19 59.29 -1.16
C ILE E 114 20.54 58.71 -0.81
N VAL E 115 21.27 58.21 -1.81
CA VAL E 115 22.63 57.75 -1.58
C VAL E 115 23.61 58.92 -1.55
N LEU E 116 23.27 60.05 -2.17
CA LEU E 116 24.23 61.15 -2.27
C LEU E 116 24.44 61.89 -0.96
N ASP E 117 23.51 61.75 0.00
CA ASP E 117 23.60 62.46 1.26
C ASP E 117 24.27 61.57 2.30
N ASN E 118 25.37 62.04 2.87
CA ASN E 118 26.13 61.30 3.86
C ASN E 118 25.70 61.61 5.29
N SER E 119 24.73 62.50 5.48
CA SER E 119 24.23 62.83 6.81
C SER E 119 23.13 61.90 7.28
N LEU E 120 22.61 61.05 6.41
CA LEU E 120 21.47 60.20 6.72
C LEU E 120 21.94 58.81 7.15
N GLY E 121 21.35 58.30 8.23
CA GLY E 121 21.68 56.96 8.68
C GLY E 121 21.17 55.90 7.71
N LEU E 122 21.73 54.69 7.86
CA LEU E 122 21.44 53.62 6.93
C LEU E 122 19.98 53.18 7.00
N THR E 123 19.42 53.08 8.20
CA THR E 123 18.02 52.67 8.34
C THR E 123 17.08 53.72 7.75
N GLU E 124 17.32 54.99 8.06
CA GLU E 124 16.47 56.07 7.54
C GLU E 124 16.60 56.19 6.02
N ALA E 125 17.82 56.06 5.50
CA ALA E 125 18.02 56.08 4.05
C ALA E 125 17.33 54.90 3.39
N ALA E 126 17.38 53.72 4.03
CA ALA E 126 16.69 52.55 3.49
C ALA E 126 15.18 52.76 3.48
N GLN E 127 14.64 53.38 4.53
CA GLN E 127 13.21 53.67 4.56
C GLN E 127 12.82 54.66 3.47
N GLN E 128 13.65 55.69 3.25
CA GLN E 128 13.37 56.64 2.18
C GLN E 128 13.45 55.97 0.81
N VAL E 129 14.40 55.06 0.62
CA VAL E 129 14.50 54.31 -0.62
C VAL E 129 13.26 53.45 -0.83
N ALA E 130 12.79 52.80 0.23
CA ALA E 130 11.57 52.00 0.15
C ALA E 130 10.38 52.86 -0.23
N ASN E 131 10.28 54.06 0.36
CA ASN E 131 9.17 54.96 0.05
C ASN E 131 9.19 55.39 -1.42
N VAL E 132 10.37 55.82 -1.91
CA VAL E 132 10.43 56.32 -3.28
C VAL E 132 10.27 55.18 -4.28
N ILE E 133 10.70 53.97 -3.93
CA ILE E 133 10.50 52.82 -4.82
C ILE E 133 9.02 52.43 -4.86
N ALA E 134 8.36 52.41 -3.70
CA ALA E 134 6.97 52.00 -3.65
C ALA E 134 6.04 53.02 -4.29
N GLN E 135 6.38 54.31 -4.22
CA GLN E 135 5.49 55.34 -4.74
C GLN E 135 5.66 55.61 -6.22
N ALA E 136 6.81 55.30 -6.80
CA ALA E 136 7.10 55.65 -8.19
C ALA E 136 6.43 54.65 -9.13
N THR E 137 5.15 54.89 -9.40
CA THR E 137 4.39 54.04 -10.31
C THR E 137 3.65 54.80 -11.39
N LEU E 138 3.79 56.12 -11.46
CA LEU E 138 3.12 56.90 -12.50
C LEU E 138 3.93 56.78 -13.78
N ALA E 139 3.53 55.84 -14.64
CA ALA E 139 4.12 55.65 -15.96
C ALA E 139 3.13 54.87 -16.78
N PRO E 140 3.02 55.11 -18.08
CA PRO E 140 2.11 54.30 -18.92
C PRO E 140 2.49 52.83 -18.95
N ASP E 141 3.76 52.52 -18.70
CA ASP E 141 4.21 51.14 -18.67
C ASP E 141 3.41 50.32 -17.68
N ILE E 142 3.61 50.57 -16.39
CA ILE E 142 2.91 49.82 -15.36
C ILE E 142 1.40 49.98 -15.48
N ALA E 143 0.95 51.17 -15.82
CA ALA E 143 -0.49 51.43 -15.94
C ALA E 143 -1.29 50.23 -16.42
N LEU E 144 -0.86 49.62 -17.53
CA LEU E 144 -1.60 48.51 -18.09
C LEU E 144 -1.10 47.15 -17.64
N CYS E 145 0.17 47.04 -17.27
CA CYS E 145 0.74 45.75 -16.86
C CYS E 145 0.72 45.52 -15.36
N GLY E 146 0.62 46.58 -14.56
CA GLY E 146 0.58 46.42 -13.12
C GLY E 146 1.95 46.07 -12.55
N ARG E 147 1.94 45.79 -11.24
CA ARG E 147 3.16 45.43 -10.54
C ARG E 147 2.80 44.59 -9.32
N MET E 148 3.74 43.74 -8.90
CA MET E 148 3.60 42.99 -7.66
C MET E 148 5.00 42.78 -7.09
N LEU E 149 5.34 43.53 -6.06
CA LEU E 149 6.66 43.53 -5.47
C LEU E 149 6.60 42.94 -4.07
N GLU E 150 7.40 41.92 -3.81
CA GLU E 150 7.47 41.28 -2.51
C GLU E 150 8.89 41.40 -1.95
N PRO E 151 9.15 42.35 -1.06
CA PRO E 151 10.49 42.45 -0.46
C PRO E 151 10.80 41.22 0.39
N ASN E 152 12.09 40.89 0.44
CA ASN E 152 12.53 39.73 1.21
C ASN E 152 12.34 39.97 2.70
N ASP E 153 11.91 38.92 3.40
CA ASP E 153 11.67 39.01 4.84
C ASP E 153 12.77 38.34 5.66
N LYS E 154 13.44 37.32 5.12
CA LYS E 154 14.50 36.64 5.87
C LYS E 154 15.77 37.47 5.95
N ASP E 155 15.91 38.50 5.10
CA ASP E 155 17.13 39.30 5.05
C ASP E 155 16.92 40.74 5.49
N LYS E 156 15.69 41.24 5.44
CA LYS E 156 15.42 42.65 5.70
C LYS E 156 15.78 43.04 7.13
N ASP E 157 16.31 44.24 7.28
CA ASP E 157 16.49 44.81 8.60
C ASP E 157 15.15 45.26 9.17
N LYS E 158 15.06 45.31 10.49
CA LYS E 158 13.84 45.75 11.14
C LYS E 158 13.68 47.26 10.98
N LYS E 159 12.50 47.75 11.39
CA LYS E 159 12.08 49.14 11.32
C LYS E 159 11.98 49.67 9.89
N VAL E 160 12.05 48.80 8.89
CA VAL E 160 11.90 49.20 7.49
C VAL E 160 10.50 48.75 7.07
N LYS E 161 9.53 49.65 7.21
CA LYS E 161 8.17 49.38 6.78
C LYS E 161 8.04 49.58 5.27
N TRP E 162 6.98 49.02 4.71
CA TRP E 162 6.72 49.12 3.29
C TRP E 162 5.29 49.59 3.06
N SER E 163 5.12 50.49 2.09
CA SER E 163 3.81 51.00 1.73
C SER E 163 3.16 50.06 0.72
N ASN E 164 2.06 50.50 0.12
CA ASN E 164 1.39 49.68 -0.89
C ASN E 164 2.21 49.68 -2.17
N THR E 165 2.46 48.49 -2.71
CA THR E 165 3.27 48.33 -3.91
C THR E 165 2.49 47.79 -5.10
N THR E 166 1.41 47.05 -4.87
CA THR E 166 0.66 46.45 -5.95
C THR E 166 -0.08 47.52 -6.76
N VAL E 167 -0.03 47.38 -8.08
CA VAL E 167 -0.73 48.27 -9.00
C VAL E 167 -1.73 47.44 -9.79
N GLU E 168 -2.99 47.88 -9.78
CA GLU E 168 -4.02 47.15 -10.51
C GLU E 168 -3.83 47.31 -12.01
N ALA E 169 -3.87 46.21 -12.73
CA ALA E 169 -3.64 46.22 -14.16
C ALA E 169 -4.85 46.77 -14.91
N ALA E 170 -4.59 47.32 -16.09
CA ALA E 170 -5.64 47.81 -16.97
C ALA E 170 -5.66 47.10 -18.31
N LEU E 171 -4.76 46.14 -18.54
CA LEU E 171 -4.70 45.40 -19.78
C LEU E 171 -4.95 43.93 -19.51
N GLN E 172 -5.63 43.28 -20.44
CA GLN E 172 -6.07 41.89 -20.32
C GLN E 172 -5.76 41.13 -21.61
N VAL E 173 -4.51 41.22 -22.07
CA VAL E 173 -4.10 40.53 -23.29
C VAL E 173 -4.30 39.03 -23.16
N ALA E 174 -4.98 38.44 -24.12
CA ALA E 174 -5.15 37.00 -24.20
C ALA E 174 -4.07 36.39 -25.08
N HIS E 175 -3.93 35.08 -24.98
CA HIS E 175 -2.99 34.37 -25.83
C HIS E 175 -3.49 34.35 -27.27
N ALA E 176 -2.56 34.35 -28.21
CA ALA E 176 -2.89 34.35 -29.64
C ALA E 176 -2.88 32.92 -30.14
N ILE E 177 -4.03 32.46 -30.67
CA ILE E 177 -4.20 31.09 -31.12
C ILE E 177 -4.64 31.11 -32.57
N SER E 178 -4.20 30.11 -33.32
CA SER E 178 -4.57 30.00 -34.73
C SER E 178 -6.02 29.59 -34.87
N THR E 179 -6.57 29.82 -36.06
CA THR E 179 -7.96 29.48 -36.36
C THR E 179 -8.08 28.19 -37.17
N HIS E 180 -7.09 27.31 -37.08
CA HIS E 180 -7.12 26.04 -37.81
C HIS E 180 -6.18 25.08 -37.11
N ILE E 181 -6.12 23.85 -37.62
CA ILE E 181 -5.21 22.84 -37.06
C ILE E 181 -3.78 23.19 -37.45
N ALA E 182 -2.90 23.24 -36.45
CA ALA E 182 -1.52 23.63 -36.69
C ALA E 182 -0.76 22.53 -37.43
N ARG E 183 0.21 22.97 -38.24
CA ARG E 183 1.06 22.06 -39.02
C ARG E 183 2.51 22.42 -38.77
N PRO E 184 3.09 21.96 -37.67
CA PRO E 184 4.51 22.22 -37.43
C PRO E 184 5.39 21.46 -38.41
N GLU E 185 6.50 22.07 -38.77
CA GLU E 185 7.43 21.53 -39.76
C GLU E 185 8.85 21.58 -39.23
N ILE E 186 9.65 20.61 -39.65
CA ILE E 186 11.06 20.57 -39.33
C ILE E 186 11.84 21.16 -40.49
N ASP E 187 13.09 21.54 -40.22
CA ASP E 187 13.93 22.19 -41.21
C ASP E 187 15.37 21.73 -40.97
N TYR E 188 15.87 20.87 -41.84
CA TYR E 188 17.22 20.37 -41.72
C TYR E 188 18.21 21.45 -42.16
N PHE E 189 19.24 21.68 -41.34
CA PHE E 189 20.26 22.66 -41.68
C PHE E 189 21.65 22.10 -41.39
N VAL E 190 22.62 22.56 -42.17
CA VAL E 190 24.03 22.25 -41.98
C VAL E 190 24.80 23.56 -41.91
N ALA E 191 26.06 23.45 -41.52
CA ALA E 191 26.98 24.59 -41.46
C ALA E 191 28.19 24.25 -42.32
N ALA E 192 28.28 24.84 -43.50
CA ALA E 192 29.35 24.50 -44.43
C ALA E 192 30.68 25.07 -43.95
N ASP E 193 31.76 24.45 -44.40
CA ASP E 193 33.12 24.85 -44.07
C ASP E 193 33.78 25.47 -45.29
N ASP E 194 34.34 26.66 -45.12
CA ASP E 194 34.91 27.40 -46.25
C ASP E 194 36.31 26.93 -46.65
N VAL E 195 36.97 26.16 -45.81
CA VAL E 195 38.31 25.65 -46.09
C VAL E 195 38.20 24.17 -46.44
N PRO E 196 38.77 23.74 -47.56
CA PRO E 196 38.69 22.31 -47.92
C PRO E 196 39.42 21.44 -46.91
N GLY E 197 38.89 20.23 -46.71
CA GLY E 197 39.47 19.27 -45.78
C GLY E 197 39.55 17.89 -46.40
N GLU E 198 40.12 16.97 -45.61
CA GLU E 198 40.26 15.60 -46.07
C GLU E 198 38.90 14.92 -46.23
N ASP E 199 38.00 15.11 -45.28
CA ASP E 199 36.67 14.54 -45.33
C ASP E 199 35.72 15.53 -46.02
N ALA E 200 34.42 15.24 -45.98
CA ALA E 200 33.43 16.08 -46.64
C ALA E 200 32.42 16.60 -45.62
N GLY E 201 31.78 17.71 -45.98
CA GLY E 201 30.67 18.24 -45.22
C GLY E 201 31.07 19.02 -43.99
N ALA E 202 31.44 18.29 -42.93
CA ALA E 202 31.88 18.86 -41.65
C ALA E 202 30.91 19.89 -41.08
N GLY E 203 31.41 20.72 -40.17
CA GLY E 203 30.60 21.81 -39.64
C GLY E 203 29.66 21.34 -38.56
N HIS E 204 28.38 21.64 -38.73
CA HIS E 204 27.35 21.29 -37.76
C HIS E 204 26.14 20.73 -38.49
N ILE E 205 25.36 19.94 -37.77
CA ILE E 205 24.15 19.32 -38.29
C ILE E 205 23.01 19.60 -37.31
N GLY E 206 21.87 20.04 -37.82
CA GLY E 206 20.77 20.30 -36.91
C GLY E 206 19.41 20.28 -37.60
N GLU E 207 18.37 20.33 -36.76
CA GLU E 207 16.99 20.28 -37.23
C GLU E 207 16.20 21.34 -36.47
N SER E 208 15.96 22.48 -37.11
CA SER E 208 15.15 23.54 -36.53
C SER E 208 13.67 23.28 -36.80
N MET E 209 12.81 24.17 -36.31
CA MET E 209 11.38 24.01 -36.47
C MET E 209 10.74 25.34 -36.84
N PHE E 210 9.61 25.25 -37.55
CA PHE E 210 8.87 26.44 -37.97
C PHE E 210 7.44 26.05 -38.29
N ALA E 211 6.55 27.04 -38.32
CA ALA E 211 5.15 26.81 -38.63
C ALA E 211 4.53 28.10 -39.15
N SER E 212 3.44 27.95 -39.90
CA SER E 212 2.70 29.07 -40.45
C SER E 212 1.23 28.94 -40.07
N ALA E 213 0.59 30.07 -39.76
CA ALA E 213 -0.79 30.04 -39.29
C ALA E 213 -1.44 31.40 -39.47
N CYS E 214 -2.77 31.40 -39.35
CA CYS E 214 -3.59 32.61 -39.26
C CYS E 214 -4.14 32.69 -37.85
N PHE E 215 -3.82 33.78 -37.16
CA PHE E 215 -4.06 33.93 -35.73
C PHE E 215 -5.20 34.89 -35.44
N TYR E 216 -5.76 34.76 -34.24
CA TYR E 216 -6.77 35.64 -33.70
C TYR E 216 -6.25 36.24 -32.40
N LYS E 217 -6.31 37.56 -32.28
CA LYS E 217 -5.74 38.28 -31.16
C LYS E 217 -6.80 39.05 -30.40
N TYR E 218 -6.60 39.19 -29.09
CA TYR E 218 -7.53 39.83 -28.16
C TYR E 218 -6.77 40.83 -27.31
N PHE E 219 -7.29 42.05 -27.22
CA PHE E 219 -6.81 43.05 -26.28
C PHE E 219 -8.01 43.70 -25.60
N SER E 220 -7.86 44.03 -24.32
CA SER E 220 -8.93 44.63 -23.54
C SER E 220 -8.34 45.69 -22.62
N ILE E 221 -8.79 46.93 -22.76
CA ILE E 221 -8.31 48.04 -21.95
C ILE E 221 -9.49 48.58 -21.15
N ASP E 222 -9.39 48.49 -19.82
CA ASP E 222 -10.40 49.08 -18.95
C ASP E 222 -10.11 50.57 -18.83
N TRP E 223 -11.02 51.40 -19.37
CA TRP E 223 -10.78 52.83 -19.45
C TRP E 223 -10.72 53.46 -18.06
N GLU E 224 -11.65 53.11 -17.19
CA GLU E 224 -11.70 53.72 -15.86
C GLU E 224 -10.50 53.32 -15.02
N GLN E 225 -10.09 52.05 -15.07
CA GLN E 225 -8.93 51.60 -14.32
C GLN E 225 -7.66 52.25 -14.83
N LEU E 226 -7.54 52.41 -16.16
CA LEU E 226 -6.37 53.08 -16.72
C LEU E 226 -6.32 54.55 -16.30
N VAL E 227 -7.47 55.22 -16.31
CA VAL E 227 -7.52 56.62 -15.91
C VAL E 227 -7.16 56.78 -14.43
N LYS E 228 -7.72 55.90 -13.58
CA LYS E 228 -7.43 55.96 -12.15
C LYS E 228 -5.97 55.64 -11.87
N ASN E 229 -5.38 54.70 -12.63
CA ASN E 229 -3.98 54.34 -12.45
C ASN E 229 -3.04 55.50 -12.78
N LEU E 230 -3.44 56.37 -13.71
CA LEU E 230 -2.63 57.51 -14.12
C LEU E 230 -2.95 58.77 -13.32
N LYS E 231 -3.59 58.62 -12.16
CA LYS E 231 -3.89 59.73 -11.25
C LYS E 231 -4.73 60.81 -11.92
N GLY E 232 -5.79 60.38 -12.62
CA GLY E 232 -6.78 61.29 -13.14
C GLY E 232 -6.44 61.95 -14.46
N ASP E 233 -5.28 61.68 -15.04
CA ASP E 233 -4.91 62.29 -16.30
C ASP E 233 -5.68 61.62 -17.44
N THR E 234 -6.32 62.44 -18.28
CA THR E 234 -7.07 61.94 -19.43
C THR E 234 -6.33 62.08 -20.74
N ASN E 235 -5.53 63.15 -20.89
CA ASN E 235 -4.74 63.32 -22.11
C ASN E 235 -3.69 62.22 -22.23
N LEU E 236 -3.01 61.90 -21.13
CA LEU E 236 -2.04 60.81 -21.14
C LEU E 236 -2.69 59.47 -21.40
N ALA E 237 -3.90 59.27 -20.86
CA ALA E 237 -4.63 58.04 -21.11
C ALA E 237 -5.02 57.90 -22.58
N ALA E 238 -5.49 58.99 -23.20
CA ALA E 238 -5.82 58.95 -24.62
C ALA E 238 -4.59 58.72 -25.47
N HIS E 239 -3.47 59.36 -25.12
CA HIS E 239 -2.22 59.14 -25.84
C HIS E 239 -1.77 57.68 -25.72
N THR E 240 -1.90 57.11 -24.52
CA THR E 240 -1.55 55.72 -24.30
C THR E 240 -2.44 54.79 -25.14
N VAL E 241 -3.74 55.09 -25.20
CA VAL E 241 -4.67 54.28 -25.98
C VAL E 241 -4.30 54.32 -27.46
N GLY E 242 -4.04 55.52 -27.98
CA GLY E 242 -3.69 55.66 -29.39
C GLY E 242 -2.37 55.01 -29.74
N ALA E 243 -1.35 55.20 -28.88
CA ALA E 243 -0.06 54.59 -29.12
C ALA E 243 -0.15 53.07 -29.02
N PHE E 244 -0.93 52.55 -28.08
CA PHE E 244 -1.12 51.11 -27.97
C PHE E 244 -1.80 50.54 -29.21
N LEU E 245 -2.83 51.23 -29.71
CA LEU E 245 -3.50 50.75 -30.92
C LEU E 245 -2.54 50.76 -32.12
N LEU E 246 -1.77 51.84 -32.26
CA LEU E 246 -0.85 51.92 -33.40
C LEU E 246 0.29 50.91 -33.29
N ALA E 247 0.75 50.64 -32.07
CA ALA E 247 1.83 49.67 -31.88
C ALA E 247 1.34 48.25 -32.11
N ALA E 248 0.24 47.87 -31.45
CA ALA E 248 -0.30 46.52 -31.60
C ALA E 248 -0.83 46.25 -33.00
N ALA E 249 -1.14 47.31 -33.75
CA ALA E 249 -1.52 47.12 -35.15
C ALA E 249 -0.31 46.85 -36.03
N LYS E 250 0.86 47.41 -35.69
CA LYS E 250 2.00 47.41 -36.61
C LYS E 250 3.29 47.00 -35.88
N THR E 251 3.26 45.88 -35.15
CA THR E 251 4.51 45.31 -34.66
C THR E 251 4.38 43.79 -34.62
N ASN E 252 5.54 43.14 -34.66
CA ASN E 252 5.67 41.69 -34.63
C ASN E 252 6.71 41.30 -33.60
N PRO E 253 6.57 40.13 -32.98
CA PRO E 253 7.63 39.62 -32.10
C PRO E 253 8.92 39.40 -32.89
N SER E 254 10.05 39.59 -32.18
CA SER E 254 11.36 39.53 -32.81
C SER E 254 11.99 38.14 -32.74
N GLY E 255 11.19 37.09 -32.73
CA GLY E 255 11.73 35.75 -32.67
C GLY E 255 12.11 35.19 -34.02
N LYS E 256 13.42 35.03 -34.24
CA LYS E 256 13.96 34.45 -35.48
C LYS E 256 13.51 35.21 -36.71
N GLN E 257 13.49 36.55 -36.62
CA GLN E 257 13.15 37.38 -37.77
C GLN E 257 14.34 37.60 -38.71
N ASN E 258 15.55 37.25 -38.28
CA ASN E 258 16.71 37.34 -39.15
C ASN E 258 16.80 36.18 -40.14
N SER E 259 15.98 35.15 -39.97
CA SER E 259 15.98 34.02 -40.88
C SER E 259 14.60 33.66 -41.41
N PHE E 260 13.54 34.31 -40.95
CA PHE E 260 12.19 34.07 -41.46
C PHE E 260 11.48 35.33 -41.91
N ALA E 261 11.68 36.45 -41.21
CA ALA E 261 11.26 37.78 -41.63
C ALA E 261 9.76 37.86 -41.94
N ALA E 262 8.94 37.33 -41.04
CA ALA E 262 7.49 37.34 -41.19
C ALA E 262 6.93 38.67 -40.68
N HIS E 263 7.17 39.72 -41.46
CA HIS E 263 6.72 41.07 -41.11
C HIS E 263 5.37 41.39 -41.73
N ASN E 264 4.39 40.53 -41.49
CA ASN E 264 3.06 40.72 -42.06
C ASN E 264 2.25 41.69 -41.21
N TYR E 265 1.20 42.25 -41.82
CA TYR E 265 0.30 43.14 -41.13
C TYR E 265 -1.07 42.48 -40.97
N PRO E 266 -1.83 42.86 -39.95
CA PRO E 266 -3.20 42.36 -39.82
C PRO E 266 -4.10 42.90 -40.93
N ASP E 267 -5.16 42.14 -41.21
CA ASP E 267 -6.08 42.48 -42.27
C ASP E 267 -7.53 42.54 -41.80
N GLY E 268 -7.77 42.46 -40.50
CA GLY E 268 -9.09 42.69 -39.95
C GLY E 268 -9.03 43.08 -38.49
N ILE E 269 -9.64 44.21 -38.13
CA ILE E 269 -9.59 44.74 -36.78
C ILE E 269 -11.00 45.15 -36.37
N LEU E 270 -11.43 44.74 -35.18
CA LEU E 270 -12.71 45.13 -34.61
C LEU E 270 -12.47 45.84 -33.29
N VAL E 271 -12.93 47.08 -33.19
CA VAL E 271 -12.77 47.89 -31.99
C VAL E 271 -14.15 48.17 -31.42
N GLU E 272 -14.36 47.79 -30.17
CA GLU E 272 -15.67 47.88 -29.54
C GLU E 272 -15.59 48.60 -28.21
N PHE E 273 -16.72 49.19 -27.80
CA PHE E 273 -16.83 49.91 -26.53
C PHE E 273 -18.04 49.34 -25.80
N LYS E 274 -17.79 48.41 -24.88
CA LYS E 274 -18.85 47.74 -24.13
C LYS E 274 -18.62 47.92 -22.64
N ASN E 275 -19.60 47.47 -21.85
CA ASN E 275 -19.52 47.52 -20.39
C ASN E 275 -19.00 46.23 -19.80
N SER E 276 -19.16 45.10 -20.48
CA SER E 276 -18.65 43.81 -20.03
C SER E 276 -17.74 43.24 -21.10
N PRO E 277 -16.52 42.79 -20.73
CA PRO E 277 -15.61 42.25 -21.74
C PRO E 277 -16.08 40.92 -22.28
N ILE E 278 -15.98 40.77 -23.59
CA ILE E 278 -16.46 39.57 -24.29
C ILE E 278 -15.38 39.09 -25.25
N SER E 279 -15.43 37.80 -25.57
CA SER E 279 -14.45 37.17 -26.44
C SER E 279 -15.16 36.43 -27.55
N TYR E 280 -14.72 36.63 -28.79
CA TYR E 280 -15.25 35.93 -29.95
C TYR E 280 -14.35 34.79 -30.39
N ALA E 281 -13.50 34.28 -29.51
CA ALA E 281 -12.64 33.16 -29.85
C ALA E 281 -13.42 31.86 -30.04
N ASN E 282 -14.67 31.80 -29.59
CA ASN E 282 -15.48 30.61 -29.78
C ASN E 282 -15.95 30.44 -31.22
N ALA E 283 -15.68 31.41 -32.09
CA ALA E 283 -15.97 31.23 -33.51
C ALA E 283 -15.14 30.13 -34.12
N PHE E 284 -13.92 29.92 -33.61
CA PHE E 284 -12.96 29.00 -34.18
C PHE E 284 -12.85 27.70 -33.42
N VAL E 285 -13.88 27.33 -32.66
CA VAL E 285 -13.91 26.00 -32.04
C VAL E 285 -13.92 24.93 -33.12
N ARG E 286 -14.73 25.11 -34.15
CA ARG E 286 -14.56 24.35 -35.37
C ARG E 286 -13.47 25.00 -36.20
N PRO E 287 -12.40 24.28 -36.54
CA PRO E 287 -11.28 24.91 -37.26
C PRO E 287 -11.68 25.30 -38.67
N VAL E 288 -11.00 26.32 -39.19
CA VAL E 288 -11.26 26.79 -40.55
C VAL E 288 -10.56 25.83 -41.51
N SER E 289 -11.35 25.23 -42.40
CA SER E 289 -10.85 24.31 -43.40
C SER E 289 -10.96 25.00 -44.76
N VAL E 290 -9.83 25.11 -45.47
CA VAL E 290 -9.81 25.85 -46.71
C VAL E 290 -10.54 25.06 -47.80
N VAL E 291 -11.05 25.79 -48.79
CA VAL E 291 -11.77 25.20 -49.92
C VAL E 291 -11.23 25.83 -51.20
N LYS E 292 -11.70 25.30 -52.32
CA LYS E 292 -11.13 25.66 -53.62
C LYS E 292 -11.50 27.07 -54.06
N GLU E 293 -12.66 27.57 -53.63
CA GLU E 293 -13.10 28.89 -54.08
C GLU E 293 -12.45 30.01 -53.27
N SER E 294 -12.66 30.02 -51.96
CA SER E 294 -12.18 31.10 -51.11
C SER E 294 -10.76 30.81 -50.63
N ASP E 295 -10.25 31.65 -49.75
CA ASP E 295 -8.94 31.48 -49.12
C ASP E 295 -9.12 31.35 -47.61
N LEU E 296 -8.00 31.30 -46.89
CA LEU E 296 -8.04 31.04 -45.46
C LEU E 296 -8.52 32.26 -44.69
N VAL E 297 -8.08 33.45 -45.07
CA VAL E 297 -8.36 34.66 -44.29
C VAL E 297 -9.85 34.99 -44.36
N GLU E 298 -10.41 35.00 -45.57
CA GLU E 298 -11.81 35.40 -45.71
C GLU E 298 -12.76 34.38 -45.09
N GLN E 299 -12.36 33.10 -45.03
CA GLN E 299 -13.17 32.10 -44.33
C GLN E 299 -13.21 32.39 -42.83
N SER E 300 -12.06 32.74 -42.25
CA SER E 300 -12.01 33.10 -40.83
C SER E 300 -12.80 34.37 -40.57
N ILE E 301 -12.74 35.33 -41.49
CA ILE E 301 -13.52 36.56 -41.34
C ILE E 301 -15.01 36.24 -41.39
N GLY E 302 -15.41 35.33 -42.27
CA GLY E 302 -16.81 34.94 -42.33
C GLY E 302 -17.29 34.25 -41.06
N GLN E 303 -16.48 33.33 -40.52
CA GLN E 303 -16.86 32.67 -39.28
C GLN E 303 -16.92 33.64 -38.12
N LEU E 304 -15.97 34.58 -38.05
CA LEU E 304 -15.98 35.60 -37.02
C LEU E 304 -17.22 36.49 -37.14
N SER E 305 -17.59 36.86 -38.37
CA SER E 305 -18.79 37.66 -38.58
C SER E 305 -20.04 36.90 -38.15
N ASN E 306 -20.11 35.60 -38.46
CA ASN E 306 -21.23 34.78 -38.03
C ASN E 306 -21.37 34.77 -36.52
N TYR E 307 -20.25 34.52 -35.82
CA TYR E 307 -20.30 34.46 -34.36
C TYR E 307 -20.62 35.81 -33.75
N VAL E 308 -20.07 36.90 -34.32
CA VAL E 308 -20.33 38.23 -33.79
C VAL E 308 -21.80 38.61 -33.95
N ASN E 309 -22.37 38.33 -35.12
CA ASN E 309 -23.78 38.63 -35.33
C ASN E 309 -24.67 37.79 -34.43
N ASP E 310 -24.34 36.50 -34.27
CA ASP E 310 -25.14 35.64 -33.41
C ASP E 310 -25.07 36.10 -31.95
N ILE E 311 -23.89 36.50 -31.50
CA ILE E 311 -23.75 37.00 -30.12
C ILE E 311 -24.52 38.29 -29.94
N ARG E 312 -24.43 39.21 -30.91
CA ARG E 312 -25.11 40.50 -30.79
C ARG E 312 -26.61 40.33 -30.77
N LEU E 313 -27.15 39.43 -31.61
CA LEU E 313 -28.58 39.18 -31.60
C LEU E 313 -29.03 38.27 -30.47
N GLY E 314 -28.11 37.58 -29.80
CA GLY E 314 -28.47 36.69 -28.72
C GLY E 314 -28.44 37.33 -27.35
N TYR E 315 -27.33 37.98 -27.00
CA TYR E 315 -27.15 38.58 -25.68
C TYR E 315 -27.43 40.07 -25.71
N TYR E 316 -28.42 40.49 -26.50
CA TYR E 316 -28.72 41.90 -26.68
C TYR E 316 -29.32 42.50 -25.40
N ASP E 317 -28.97 43.76 -25.14
CA ASP E 317 -29.52 44.52 -24.03
C ASP E 317 -29.99 45.88 -24.52
N GLU E 318 -31.00 46.43 -23.85
CA GLU E 318 -31.61 47.67 -24.30
C GLU E 318 -31.01 48.90 -23.62
N GLN E 319 -30.73 48.82 -22.31
CA GLN E 319 -30.22 49.96 -21.59
C GLN E 319 -28.73 50.21 -21.83
N SER E 320 -28.04 49.31 -22.51
CA SER E 320 -26.61 49.46 -22.77
C SER E 320 -26.31 49.07 -24.22
N PRO E 321 -26.10 50.04 -25.10
CA PRO E 321 -25.76 49.73 -26.48
C PRO E 321 -24.26 49.63 -26.71
N VAL E 322 -23.90 48.97 -27.81
CA VAL E 322 -22.51 48.84 -28.21
C VAL E 322 -22.31 49.60 -29.52
N ILE E 323 -21.10 50.12 -29.69
CA ILE E 323 -20.70 50.82 -30.90
C ILE E 323 -19.38 50.23 -31.36
N GLY E 324 -19.37 49.70 -32.58
CA GLY E 324 -18.20 48.99 -33.09
C GLY E 324 -17.66 49.63 -34.35
N PHE E 325 -16.34 49.61 -34.49
CA PHE E 325 -15.65 50.03 -35.70
C PHE E 325 -14.95 48.82 -36.30
N TRP E 326 -15.15 48.61 -37.60
CA TRP E 326 -14.52 47.51 -38.32
C TRP E 326 -13.55 48.08 -39.35
N PHE E 327 -12.32 47.61 -39.31
CA PHE E 327 -11.27 48.07 -40.21
C PHE E 327 -10.72 46.90 -41.01
N SER E 328 -10.65 47.08 -42.32
CA SER E 328 -9.97 46.20 -43.25
C SER E 328 -9.17 47.09 -44.20
N PRO E 329 -8.04 46.62 -44.71
CA PRO E 329 -7.23 47.47 -45.60
C PRO E 329 -7.93 47.76 -46.91
N ASN E 330 -8.36 49.02 -47.09
CA ASN E 330 -9.06 49.47 -48.29
C ASN E 330 -10.33 48.67 -48.57
N ASN E 331 -10.99 48.22 -47.50
CA ASN E 331 -12.17 47.36 -47.57
C ASN E 331 -11.91 46.11 -48.41
N ARG E 332 -10.74 45.51 -48.22
CA ARG E 332 -10.40 44.28 -48.94
C ARG E 332 -11.32 43.15 -48.54
N TYR E 333 -11.62 43.04 -47.25
CA TYR E 333 -12.54 42.03 -46.74
C TYR E 333 -13.60 42.72 -45.89
N PRO E 334 -14.85 42.81 -46.37
CA PRO E 334 -15.91 43.35 -45.51
C PRO E 334 -16.25 42.40 -44.39
N LEU E 335 -16.86 42.96 -43.33
CA LEU E 335 -17.23 42.18 -42.15
C LEU E 335 -18.44 41.33 -42.51
N GLY E 336 -18.18 40.25 -43.24
CA GLY E 336 -19.24 39.37 -43.68
C GLY E 336 -20.01 39.90 -44.88
N TYR E 337 -20.35 39.03 -45.82
CA TYR E 337 -21.15 39.41 -46.97
C TYR E 337 -22.64 39.20 -46.73
N LYS E 338 -23.00 38.25 -45.86
CA LYS E 338 -24.38 37.83 -45.68
C LYS E 338 -25.13 38.69 -44.66
N HIS E 339 -24.58 38.83 -43.46
CA HIS E 339 -25.26 39.53 -42.40
C HIS E 339 -25.21 41.04 -42.63
N SER E 340 -25.87 41.78 -41.74
CA SER E 340 -25.90 43.24 -41.84
C SER E 340 -24.54 43.83 -41.49
N LYS E 341 -24.43 45.14 -41.69
CA LYS E 341 -23.20 45.85 -41.36
C LYS E 341 -23.10 45.95 -39.84
N LEU E 342 -22.33 45.05 -39.23
CA LEU E 342 -22.21 45.01 -37.78
C LEU E 342 -21.18 46.03 -37.29
N ALA E 343 -21.35 47.28 -37.69
CA ALA E 343 -20.43 48.36 -37.33
C ALA E 343 -21.07 49.71 -37.61
N SER E 344 -20.97 50.64 -36.66
CA SER E 344 -21.45 51.99 -36.89
C SER E 344 -20.64 52.70 -37.96
N ARG E 345 -19.40 52.28 -38.19
CA ARG E 345 -18.55 52.85 -39.22
C ARG E 345 -17.69 51.74 -39.80
N ASN E 346 -17.46 51.79 -41.11
CA ASN E 346 -16.52 50.92 -41.79
C ASN E 346 -15.37 51.77 -42.30
N ILE E 347 -14.15 51.44 -41.88
CA ILE E 347 -13.00 52.31 -42.08
C ILE E 347 -11.96 51.57 -42.92
N GLY E 348 -11.34 52.29 -43.86
CA GLY E 348 -10.37 51.69 -44.75
C GLY E 348 -8.92 52.07 -44.47
N ASN E 349 -8.71 53.01 -43.54
CA ASN E 349 -7.38 53.46 -43.20
C ASN E 349 -7.22 53.47 -41.68
N LEU E 350 -6.01 53.16 -41.22
CA LEU E 350 -5.78 52.98 -39.79
C LEU E 350 -5.85 54.30 -39.03
N ASN E 351 -5.39 55.39 -39.65
CA ASN E 351 -5.35 56.68 -38.96
C ASN E 351 -6.75 57.20 -38.68
N GLU E 352 -7.70 57.00 -39.61
CA GLU E 352 -9.07 57.37 -39.32
C GLU E 352 -9.66 56.50 -38.23
N LEU E 353 -9.25 55.24 -38.16
CA LEU E 353 -9.70 54.37 -37.07
C LEU E 353 -9.21 54.87 -35.72
N VAL E 354 -7.95 55.29 -35.65
CA VAL E 354 -7.42 55.82 -34.39
C VAL E 354 -8.09 57.14 -34.04
N GLY E 355 -8.35 57.99 -35.05
CA GLY E 355 -9.05 59.24 -34.79
C GLY E 355 -10.46 59.02 -34.27
N ALA E 356 -11.19 58.08 -34.88
CA ALA E 356 -12.53 57.77 -34.40
C ALA E 356 -12.51 57.13 -33.02
N VAL E 357 -11.46 56.35 -32.72
CA VAL E 357 -11.31 55.77 -31.38
C VAL E 357 -11.16 56.88 -30.35
N LEU E 358 -10.29 57.86 -30.64
CA LEU E 358 -10.12 59.00 -29.73
C LEU E 358 -11.41 59.80 -29.62
N ASP E 359 -12.13 59.94 -30.74
CA ASP E 359 -13.41 60.64 -30.76
C ASP E 359 -14.41 59.99 -29.82
N TYR E 360 -14.56 58.67 -29.91
CA TYR E 360 -15.53 57.98 -29.07
C TYR E 360 -15.06 57.92 -27.62
N ILE E 361 -13.75 57.89 -27.37
CA ILE E 361 -13.27 57.87 -26.00
C ILE E 361 -13.54 59.21 -25.32
N GLY E 362 -12.98 60.29 -25.85
CA GLY E 362 -13.23 61.58 -25.24
C GLY E 362 -13.28 62.74 -26.21
N GLY E 363 -13.37 62.44 -27.50
CA GLY E 363 -13.28 63.51 -28.49
C GLY E 363 -11.90 64.14 -28.59
N PHE E 364 -10.87 63.42 -28.15
CA PHE E 364 -9.52 63.97 -28.15
C PHE E 364 -8.98 64.08 -29.58
N LYS E 365 -8.27 65.16 -29.84
CA LYS E 365 -7.57 65.30 -31.11
C LYS E 365 -6.25 64.53 -31.05
N TRP E 366 -5.79 64.11 -32.23
CA TRP E 366 -4.55 63.33 -32.31
C TRP E 366 -3.36 64.15 -31.81
N GLU E 367 -3.04 65.24 -32.52
CA GLU E 367 -1.87 66.04 -32.19
C GLU E 367 -2.00 66.75 -30.86
N GLU E 368 -3.22 66.90 -30.34
CA GLU E 368 -3.40 67.50 -29.02
C GLU E 368 -2.82 66.63 -27.93
N VAL E 369 -2.96 65.31 -28.04
CA VAL E 369 -2.49 64.40 -27.00
C VAL E 369 -1.07 63.91 -27.24
N GLN E 370 -0.47 64.19 -28.39
CA GLN E 370 0.91 63.79 -28.64
C GLN E 370 1.91 64.59 -27.82
N LYS E 371 1.49 65.72 -27.23
CA LYS E 371 2.38 66.48 -26.36
C LYS E 371 2.54 65.82 -25.01
N SER E 372 1.52 65.10 -24.54
CA SER E 372 1.59 64.42 -23.25
C SER E 372 2.43 63.16 -23.38
N LYS E 373 3.47 63.06 -22.57
CA LYS E 373 4.39 61.94 -22.64
C LYS E 373 5.10 61.77 -21.30
N ALA E 374 5.65 60.59 -21.09
CA ALA E 374 6.49 60.31 -19.93
C ALA E 374 7.97 60.25 -20.29
N TYR E 375 8.31 59.59 -21.39
CA TYR E 375 9.69 59.53 -21.87
C TYR E 375 9.73 59.51 -23.39
N MET F 1 -41.10 23.77 -5.16
CA MET F 1 -40.70 24.16 -6.51
C MET F 1 -39.23 24.55 -6.54
N LEU F 2 -38.45 23.85 -7.38
CA LEU F 2 -37.03 24.03 -7.49
C LEU F 2 -36.68 24.55 -8.88
N ILE F 3 -35.84 25.58 -8.94
CA ILE F 3 -35.40 26.18 -10.20
C ILE F 3 -33.94 25.83 -10.40
N GLU F 4 -33.63 25.20 -11.54
CA GLU F 4 -32.28 24.69 -11.78
C GLU F 4 -31.74 25.22 -13.10
N ILE F 5 -30.43 25.45 -13.11
CA ILE F 5 -29.71 25.95 -14.27
C ILE F 5 -28.61 24.96 -14.63
N HIS F 6 -28.57 24.56 -15.91
CA HIS F 6 -27.53 23.69 -16.44
C HIS F 6 -26.86 24.42 -17.60
N MET F 7 -25.55 24.63 -17.49
CA MET F 7 -24.82 25.47 -18.44
C MET F 7 -23.71 24.68 -19.10
N ILE F 8 -23.55 24.87 -20.40
CA ILE F 8 -22.43 24.35 -21.18
C ILE F 8 -21.65 25.55 -21.70
N GLN F 9 -20.37 25.62 -21.36
CA GLN F 9 -19.58 26.81 -21.66
C GLN F 9 -18.18 26.42 -22.11
N ASN F 10 -17.78 26.89 -23.29
CA ASN F 10 -16.42 26.66 -23.76
C ASN F 10 -15.49 27.74 -23.23
N HIS F 11 -14.21 27.39 -23.10
CA HIS F 11 -13.23 28.28 -22.52
C HIS F 11 -11.89 28.10 -23.22
N SER F 12 -11.40 29.20 -23.79
CA SER F 12 -10.10 29.27 -24.41
C SER F 12 -9.00 29.11 -23.35
N PRO F 13 -7.74 28.74 -23.77
CA PRO F 13 -6.69 28.41 -22.79
C PRO F 13 -6.49 29.43 -21.68
N ALA F 14 -6.68 29.00 -20.44
CA ALA F 14 -6.63 29.89 -19.29
C ALA F 14 -6.30 29.07 -18.05
N ASN F 15 -6.12 29.77 -16.92
CA ASN F 15 -5.91 29.17 -15.62
C ASN F 15 -6.91 29.82 -14.66
N LEU F 16 -8.12 29.28 -14.64
CA LEU F 16 -9.22 29.94 -13.93
C LEU F 16 -9.19 29.64 -12.43
N ASN F 17 -8.76 28.45 -12.05
CA ASN F 17 -8.72 28.04 -10.66
C ASN F 17 -7.43 27.29 -10.41
N ARG F 18 -6.72 27.63 -9.34
CA ARG F 18 -5.41 27.07 -9.04
C ARG F 18 -5.43 26.35 -7.69
N ASP F 19 -4.24 25.94 -7.25
CA ASP F 19 -4.06 25.28 -5.97
C ASP F 19 -2.77 25.81 -5.35
N ASP F 20 -2.26 25.09 -4.36
CA ASP F 20 -1.06 25.55 -3.66
C ASP F 20 0.09 25.75 -4.64
N LEU F 21 0.40 24.72 -5.41
CA LEU F 21 1.54 24.83 -6.33
C LEU F 21 1.29 25.85 -7.42
N GLY F 22 0.12 25.80 -8.04
CA GLY F 22 -0.17 26.67 -9.16
C GLY F 22 -0.74 25.91 -10.33
N ALA F 23 -0.93 24.61 -10.16
CA ALA F 23 -1.55 23.81 -11.20
C ALA F 23 -3.04 24.09 -11.26
N PRO F 24 -3.65 24.08 -12.44
CA PRO F 24 -5.11 24.17 -12.52
C PRO F 24 -5.76 23.00 -11.81
N LYS F 25 -6.90 23.28 -11.16
CA LYS F 25 -7.56 22.27 -10.37
C LYS F 25 -8.15 21.19 -11.27
N THR F 26 -7.83 19.93 -10.98
CA THR F 26 -8.33 18.79 -11.73
C THR F 26 -9.12 17.89 -10.80
N CYS F 27 -9.77 16.90 -11.41
CA CYS F 27 -10.54 15.91 -10.67
C CYS F 27 -10.75 14.70 -11.57
N TYR F 28 -11.15 13.60 -10.94
CA TYR F 28 -11.42 12.36 -11.66
C TYR F 28 -12.92 12.13 -11.71
N PHE F 29 -13.44 11.86 -12.91
CA PHE F 29 -14.86 11.61 -13.09
C PHE F 29 -15.02 10.63 -14.23
N GLY F 30 -15.58 9.46 -13.94
CA GLY F 30 -15.69 8.42 -14.93
C GLY F 30 -14.40 7.69 -15.24
N GLY F 31 -13.43 7.76 -14.33
CA GLY F 31 -12.16 7.09 -14.53
C GLY F 31 -11.13 7.84 -15.34
N VAL F 32 -11.41 9.09 -15.71
CA VAL F 32 -10.50 9.88 -16.52
C VAL F 32 -10.30 11.24 -15.86
N LEU F 33 -9.21 11.91 -16.25
CA LEU F 33 -8.86 13.19 -15.68
C LEU F 33 -9.69 14.30 -16.33
N ARG F 34 -10.15 15.23 -15.50
CA ARG F 34 -10.98 16.35 -15.94
C ARG F 34 -10.33 17.66 -15.52
N SER F 35 -10.96 18.76 -15.93
CA SER F 35 -10.60 20.10 -15.48
C SER F 35 -11.75 20.63 -14.64
N ARG F 36 -11.41 21.24 -13.49
CA ARG F 36 -12.43 21.58 -12.50
C ARG F 36 -12.31 23.03 -12.08
N ILE F 37 -13.46 23.69 -11.98
CA ILE F 37 -13.58 24.98 -11.32
C ILE F 37 -14.41 24.76 -10.06
N SER F 38 -13.85 25.09 -8.90
CA SER F 38 -14.52 24.82 -7.64
C SER F 38 -15.78 25.66 -7.48
N SER F 39 -16.78 25.08 -6.83
CA SER F 39 -18.06 25.75 -6.66
C SER F 39 -17.94 27.00 -5.80
N GLN F 40 -16.99 27.02 -4.86
CA GLN F 40 -16.76 28.22 -4.07
C GLN F 40 -16.30 29.38 -4.95
N CYS F 41 -15.43 29.09 -5.92
CA CYS F 41 -14.96 30.12 -6.85
C CYS F 41 -16.11 30.67 -7.70
N ILE F 42 -16.98 29.78 -8.19
CA ILE F 42 -18.12 30.22 -8.99
C ILE F 42 -19.07 31.06 -8.14
N LYS F 43 -19.31 30.63 -6.89
CA LYS F 43 -20.19 31.39 -6.00
C LYS F 43 -19.62 32.77 -5.69
N ARG F 44 -18.31 32.86 -5.48
CA ARG F 44 -17.69 34.16 -5.23
C ARG F 44 -17.73 35.04 -6.47
N SER F 45 -17.51 34.47 -7.65
CA SER F 45 -17.57 35.25 -8.89
C SER F 45 -18.97 35.77 -9.13
N ILE F 46 -19.99 34.97 -8.83
CA ILE F 46 -21.37 35.43 -8.94
C ILE F 46 -21.64 36.53 -7.92
N ARG F 47 -21.19 36.34 -6.68
CA ARG F 47 -21.55 37.23 -5.58
C ARG F 47 -20.99 38.64 -5.78
N THR F 48 -19.74 38.75 -6.24
CA THR F 48 -19.09 40.05 -6.41
C THR F 48 -19.10 40.50 -7.88
N SER F 49 -20.16 40.20 -8.60
CA SER F 49 -20.26 40.54 -10.01
C SER F 49 -20.96 41.89 -10.18
N ASN F 50 -21.02 42.35 -11.44
CA ASN F 50 -21.70 43.62 -11.72
C ASN F 50 -23.21 43.46 -11.68
N ASP F 51 -23.72 42.32 -12.13
CA ASP F 51 -25.16 42.10 -12.11
C ASP F 51 -25.69 41.79 -10.71
N PHE F 52 -24.81 41.54 -9.75
CA PHE F 52 -25.19 41.30 -8.36
C PHE F 52 -24.76 42.44 -7.45
N LYS F 53 -24.38 43.59 -8.02
CA LYS F 53 -23.96 44.73 -7.21
C LYS F 53 -25.10 45.29 -6.38
N ALA F 54 -26.31 45.35 -6.95
CA ALA F 54 -27.45 45.92 -6.27
C ALA F 54 -27.98 45.05 -5.13
N LEU F 55 -27.49 43.82 -5.00
CA LEU F 55 -27.98 42.91 -3.98
C LEU F 55 -26.92 42.50 -2.96
N LEU F 56 -25.68 42.96 -3.11
CA LEU F 56 -24.63 42.56 -2.19
C LEU F 56 -24.82 43.25 -0.85
N GLY F 57 -25.51 42.58 0.08
CA GLY F 57 -25.79 43.15 1.37
C GLY F 57 -24.86 42.68 2.47
N GLY F 58 -24.57 41.38 2.49
CA GLY F 58 -23.77 40.82 3.57
C GLY F 58 -22.29 41.06 3.39
N VAL F 59 -21.54 40.71 4.44
CA VAL F 59 -20.09 40.83 4.45
C VAL F 59 -19.54 39.74 5.38
N ARG F 60 -18.45 39.11 4.94
CA ARG F 60 -17.77 38.06 5.70
C ARG F 60 -16.35 38.56 5.97
N THR F 61 -16.10 39.02 7.18
CA THR F 61 -14.84 39.66 7.49
C THR F 61 -14.37 39.29 8.90
N ARG F 62 -13.05 39.32 9.08
CA ARG F 62 -12.41 39.19 10.38
C ARG F 62 -12.07 40.54 10.98
N ARG F 63 -12.45 41.64 10.32
CA ARG F 63 -12.07 42.98 10.73
C ARG F 63 -13.29 43.77 11.15
N LEU F 64 -14.16 43.17 11.96
CA LEU F 64 -15.41 43.82 12.35
C LEU F 64 -15.17 45.10 13.16
N ALA F 65 -14.05 45.16 13.89
CA ALA F 65 -13.73 46.36 14.66
C ALA F 65 -13.49 47.55 13.74
N ASP F 66 -12.79 47.33 12.62
CA ASP F 66 -12.54 48.42 11.69
C ASP F 66 -13.83 48.91 11.05
N LEU F 67 -14.74 48.00 10.70
CA LEU F 67 -16.02 48.41 10.13
C LEU F 67 -16.85 49.16 11.17
N ILE F 68 -16.81 48.71 12.43
CA ILE F 68 -17.54 49.39 13.50
C ILE F 68 -17.02 50.81 13.68
N GLN F 69 -15.70 50.97 13.69
CA GLN F 69 -15.11 52.31 13.84
C GLN F 69 -15.38 53.18 12.63
N GLN F 70 -15.38 52.58 11.43
CA GLN F 70 -15.67 53.33 10.21
C GLN F 70 -17.11 53.82 10.19
N GLU F 71 -18.04 53.00 10.66
CA GLU F 71 -19.43 53.44 10.79
C GLU F 71 -19.61 54.40 11.96
N ALA F 72 -18.69 54.40 12.93
CA ALA F 72 -18.78 55.31 14.07
C ALA F 72 -18.14 56.67 13.76
N GLY F 73 -16.85 56.66 13.42
CA GLY F 73 -16.16 57.87 13.06
C GLY F 73 -15.28 58.48 14.14
N GLU F 74 -15.12 57.83 15.28
CA GLU F 74 -14.26 58.32 16.34
C GLU F 74 -13.28 57.22 16.76
N THR F 75 -12.12 57.66 17.24
CA THR F 75 -10.97 56.76 17.36
C THR F 75 -11.11 55.78 18.53
N GLU F 76 -11.25 56.32 19.75
CA GLU F 76 -11.04 55.56 20.96
C GLU F 76 -12.04 54.42 21.16
N CYS F 77 -13.14 54.40 20.41
CA CYS F 77 -14.07 53.29 20.50
C CYS F 77 -13.46 51.99 19.98
N TRP F 78 -12.56 52.09 18.99
CA TRP F 78 -12.08 50.92 18.26
C TRP F 78 -11.48 49.87 19.19
N LYS F 79 -10.53 50.28 20.03
CA LYS F 79 -9.94 49.36 21.00
C LYS F 79 -11.02 48.82 21.93
N LYS F 80 -11.89 49.70 22.43
CA LYS F 80 -13.01 49.27 23.25
C LYS F 80 -13.85 48.24 22.51
N ALA F 81 -14.06 48.47 21.21
CA ALA F 81 -14.86 47.54 20.42
C ALA F 81 -14.26 46.14 20.44
N GLN F 82 -12.93 46.03 20.30
CA GLN F 82 -12.33 44.70 20.29
C GLN F 82 -12.49 44.04 21.65
N GLU F 83 -12.47 44.83 22.73
CA GLU F 83 -12.73 44.27 24.05
C GLU F 83 -14.13 43.68 24.11
N ILE F 84 -15.11 44.38 23.53
CA ILE F 84 -16.45 43.83 23.42
C ILE F 84 -16.42 42.54 22.61
N LEU F 85 -15.66 42.54 21.52
CA LEU F 85 -15.57 41.33 20.71
C LEU F 85 -14.82 40.22 21.43
N ASN F 86 -14.03 40.55 22.45
CA ASN F 86 -13.41 39.50 23.24
C ASN F 86 -14.37 38.88 24.24
N LYS F 87 -15.51 39.53 24.51
CA LYS F 87 -16.46 39.01 25.49
C LYS F 87 -17.62 38.26 24.85
N CYS F 88 -17.80 38.38 23.53
CA CYS F 88 -18.81 37.63 22.81
C CYS F 88 -18.31 36.30 22.27
N GLY F 89 -17.00 36.06 22.30
CA GLY F 89 -16.45 34.81 21.82
C GLY F 89 -15.61 34.95 20.57
N PHE F 90 -14.98 36.09 20.38
CA PHE F 90 -14.09 36.36 19.25
C PHE F 90 -12.75 36.80 19.80
N LYS F 91 -11.85 35.85 20.05
CA LYS F 91 -10.54 36.16 20.58
C LYS F 91 -9.68 36.77 19.49
N ASN F 92 -9.20 37.99 19.71
CA ASN F 92 -8.41 38.69 18.70
C ASN F 92 -7.02 38.10 18.61
N LYS F 93 -6.39 38.30 17.44
CA LYS F 93 -5.03 37.83 17.21
C LYS F 93 -4.40 38.71 16.14
N ASP F 94 -3.44 39.54 16.55
CA ASP F 94 -2.68 40.43 15.67
C ASP F 94 -3.61 41.39 14.92
N ASP F 95 -4.27 42.25 15.72
CA ASP F 95 -5.07 43.40 15.32
C ASP F 95 -6.42 42.99 14.72
N ASN F 96 -6.66 41.70 14.48
CA ASN F 96 -7.93 41.26 13.95
C ASN F 96 -8.37 40.01 14.70
N THR F 97 -9.62 39.60 14.46
CA THR F 97 -10.19 38.44 15.13
C THR F 97 -9.59 37.15 14.57
N LYS F 98 -9.86 36.05 15.27
CA LYS F 98 -9.36 34.75 14.87
C LYS F 98 -10.31 33.99 13.96
N MET F 99 -11.53 34.47 13.78
CA MET F 99 -12.52 33.78 12.95
C MET F 99 -13.32 34.81 12.17
N LEU F 100 -13.88 34.36 11.05
CA LEU F 100 -14.63 35.24 10.17
C LEU F 100 -16.07 35.37 10.65
N VAL F 101 -16.59 36.60 10.62
CA VAL F 101 -17.97 36.90 10.96
C VAL F 101 -18.69 37.27 9.67
N PHE F 102 -19.80 36.57 9.40
CA PHE F 102 -20.60 36.77 8.20
C PHE F 102 -21.96 37.33 8.63
N MET F 103 -22.23 38.58 8.26
CA MET F 103 -23.47 39.20 8.67
C MET F 103 -23.81 40.33 7.71
N SER F 104 -25.07 40.77 7.76
CA SER F 104 -25.52 41.85 6.89
C SER F 104 -24.89 43.18 7.30
N LYS F 105 -24.69 44.04 6.31
CA LYS F 105 -24.08 45.34 6.56
C LYS F 105 -25.05 46.32 7.22
N ASP F 106 -26.34 46.18 6.93
CA ASP F 106 -27.32 47.16 7.39
C ASP F 106 -27.46 47.20 8.91
N LYS F 107 -27.07 46.13 9.61
CA LYS F 107 -27.12 46.11 11.06
C LYS F 107 -25.82 46.61 11.69
N ILE F 108 -24.77 46.84 10.87
CA ILE F 108 -23.46 47.22 11.39
C ILE F 108 -23.55 48.53 12.17
N LYS F 109 -24.34 49.48 11.66
CA LYS F 109 -24.52 50.76 12.36
C LYS F 109 -25.08 50.56 13.76
N ASP F 110 -25.97 49.58 13.94
CA ASP F 110 -26.50 49.29 15.27
C ASP F 110 -25.39 48.84 16.20
N LEU F 111 -24.41 48.08 15.68
CA LEU F 111 -23.23 47.74 16.45
C LEU F 111 -22.54 48.98 16.98
N ALA F 112 -22.47 50.03 16.15
CA ALA F 112 -21.86 51.29 16.57
C ALA F 112 -22.59 51.88 17.77
N ARG F 113 -23.92 51.75 17.79
CA ARG F 113 -24.69 52.28 18.93
C ARG F 113 -24.25 51.62 20.23
N ILE F 114 -23.89 50.33 20.17
CA ILE F 114 -23.46 49.64 21.37
C ILE F 114 -22.14 50.19 21.87
N VAL F 115 -21.26 50.64 20.97
CA VAL F 115 -20.01 51.24 21.41
C VAL F 115 -20.18 52.75 21.48
N LEU F 116 -21.40 53.23 21.27
CA LEU F 116 -21.75 54.62 21.53
C LEU F 116 -22.51 54.80 22.83
N ASP F 117 -22.68 53.74 23.60
CA ASP F 117 -23.42 53.78 24.88
C ASP F 117 -22.42 53.61 26.01
N ASN F 118 -22.01 54.72 26.61
CA ASN F 118 -21.05 54.68 27.71
C ASN F 118 -21.70 54.33 29.03
N SER F 119 -23.02 54.31 29.11
CA SER F 119 -23.73 53.90 30.32
C SER F 119 -24.01 52.41 30.34
N LEU F 120 -23.75 51.69 29.26
CA LEU F 120 -24.04 50.27 29.18
C LEU F 120 -23.01 49.45 29.94
N GLY F 121 -23.49 48.41 30.62
CA GLY F 121 -22.58 47.45 31.22
C GLY F 121 -21.89 46.60 30.17
N LEU F 122 -20.69 46.13 30.50
CA LEU F 122 -19.89 45.37 29.55
C LEU F 122 -20.57 44.06 29.17
N THR F 123 -21.08 43.32 30.17
CA THR F 123 -21.80 42.08 29.90
C THR F 123 -23.09 42.34 29.14
N GLU F 124 -23.82 43.40 29.51
CA GLU F 124 -25.06 43.75 28.81
C GLU F 124 -24.77 44.17 27.36
N ALA F 125 -23.70 44.93 27.15
CA ALA F 125 -23.32 45.32 25.79
C ALA F 125 -22.92 44.11 24.97
N ALA F 126 -22.19 43.17 25.57
CA ALA F 126 -21.82 41.94 24.88
C ALA F 126 -23.05 41.12 24.51
N GLN F 127 -24.02 41.04 25.43
CA GLN F 127 -25.26 40.31 25.14
C GLN F 127 -26.05 40.97 24.00
N GLN F 128 -26.12 42.30 24.00
CA GLN F 128 -26.82 42.99 22.92
C GLN F 128 -26.10 42.82 21.59
N VAL F 129 -24.77 42.86 21.60
CA VAL F 129 -24.00 42.62 20.38
C VAL F 129 -24.24 41.22 19.86
N ALA F 130 -24.26 40.23 20.76
CA ALA F 130 -24.52 38.85 20.34
C ALA F 130 -25.91 38.71 19.74
N ASN F 131 -26.90 39.37 20.35
CA ASN F 131 -28.27 39.30 19.83
C ASN F 131 -28.37 39.94 18.45
N VAL F 132 -27.80 41.13 18.27
CA VAL F 132 -27.95 41.82 16.99
C VAL F 132 -27.13 41.13 15.91
N ILE F 133 -26.01 40.48 16.28
CA ILE F 133 -25.26 39.68 15.32
C ILE F 133 -26.05 38.44 14.93
N ALA F 134 -26.73 37.82 15.90
CA ALA F 134 -27.54 36.65 15.61
C ALA F 134 -28.74 36.99 14.73
N GLN F 135 -29.26 38.21 14.82
CA GLN F 135 -30.45 38.58 14.06
C GLN F 135 -30.13 39.22 12.72
N ALA F 136 -28.87 39.30 12.32
CA ALA F 136 -28.48 39.98 11.08
C ALA F 136 -28.38 38.95 9.96
N THR F 137 -29.53 38.66 9.33
CA THR F 137 -29.56 37.68 8.24
C THR F 137 -30.46 38.11 7.09
N LEU F 138 -30.83 39.38 7.00
CA LEU F 138 -31.78 39.83 5.98
C LEU F 138 -30.98 40.43 4.81
N ALA F 139 -30.42 39.54 4.00
CA ALA F 139 -29.66 39.92 2.82
C ALA F 139 -29.74 38.77 1.81
N PRO F 140 -29.80 39.08 0.51
CA PRO F 140 -29.92 38.00 -0.48
C PRO F 140 -28.77 37.00 -0.49
N ASP F 141 -27.54 37.47 -0.28
CA ASP F 141 -26.39 36.56 -0.36
C ASP F 141 -26.36 35.61 0.84
N ILE F 142 -26.69 36.11 2.03
CA ILE F 142 -26.75 35.26 3.20
C ILE F 142 -27.89 34.26 3.08
N ALA F 143 -29.00 34.68 2.49
CA ALA F 143 -30.11 33.76 2.24
C ALA F 143 -29.71 32.67 1.25
N LEU F 144 -28.96 33.03 0.22
CA LEU F 144 -28.55 32.05 -0.79
C LEU F 144 -27.54 31.06 -0.22
N CYS F 145 -26.49 31.55 0.44
CA CYS F 145 -25.37 30.71 0.80
C CYS F 145 -25.42 30.18 2.24
N GLY F 146 -26.15 30.82 3.13
CA GLY F 146 -26.24 30.35 4.50
C GLY F 146 -25.08 30.81 5.36
N ARG F 147 -25.14 30.40 6.64
CA ARG F 147 -24.16 30.82 7.63
C ARG F 147 -24.05 29.76 8.73
N MET F 148 -22.82 29.46 9.14
CA MET F 148 -22.58 28.78 10.39
C MET F 148 -21.54 29.57 11.17
N LEU F 149 -21.86 29.89 12.42
CA LEU F 149 -21.02 30.75 13.25
C LEU F 149 -21.00 30.19 14.66
N GLU F 150 -19.81 29.86 15.16
CA GLU F 150 -19.64 29.23 16.47
C GLU F 150 -18.60 30.00 17.28
N PRO F 151 -19.03 31.00 18.05
CA PRO F 151 -18.08 31.72 18.92
C PRO F 151 -17.58 30.82 20.04
N ASN F 152 -16.28 30.93 20.32
CA ASN F 152 -15.67 30.07 21.32
C ASN F 152 -16.10 30.50 22.73
N ASP F 153 -16.06 29.53 23.65
CA ASP F 153 -16.42 29.76 25.04
C ASP F 153 -15.26 29.50 26.00
N LYS F 154 -14.04 29.35 25.50
CA LYS F 154 -12.88 29.14 26.37
C LYS F 154 -12.62 30.37 27.23
N ASP F 155 -12.70 31.57 26.64
CA ASP F 155 -12.48 32.80 27.38
C ASP F 155 -13.56 33.84 27.11
N LYS F 156 -14.73 33.39 26.63
CA LYS F 156 -15.78 34.31 26.18
C LYS F 156 -16.31 35.18 27.31
N ASP F 157 -17.08 34.57 28.22
CA ASP F 157 -17.73 35.26 29.33
C ASP F 157 -18.53 34.26 30.15
N LYS F 158 -19.12 34.74 31.24
CA LYS F 158 -20.18 34.03 31.95
C LYS F 158 -21.50 34.74 31.72
N LYS F 159 -22.60 34.00 31.92
CA LYS F 159 -23.99 34.47 31.79
C LYS F 159 -24.25 35.24 30.49
N VAL F 160 -23.54 34.90 29.42
CA VAL F 160 -23.81 35.41 28.08
C VAL F 160 -24.27 34.24 27.23
N LYS F 161 -25.50 34.33 26.73
CA LYS F 161 -26.09 33.26 25.94
C LYS F 161 -26.24 33.68 24.50
N TRP F 162 -25.86 32.79 23.58
CA TRP F 162 -25.94 33.05 22.16
C TRP F 162 -27.21 32.41 21.60
N SER F 163 -27.94 33.16 20.78
CA SER F 163 -29.10 32.61 20.09
C SER F 163 -28.65 31.73 18.94
N ASN F 164 -29.62 31.21 18.19
CA ASN F 164 -29.33 30.31 17.09
C ASN F 164 -28.84 31.12 15.89
N THR F 165 -27.60 30.88 15.48
CA THR F 165 -26.98 31.53 14.33
C THR F 165 -26.70 30.46 13.29
N THR F 166 -27.71 30.13 12.48
CA THR F 166 -27.57 29.09 11.47
C THR F 166 -28.64 29.32 10.41
N VAL F 167 -28.23 29.49 9.17
CA VAL F 167 -29.14 29.68 8.04
C VAL F 167 -28.93 28.53 7.06
N GLU F 168 -30.00 27.85 6.71
CA GLU F 168 -29.92 26.79 5.72
C GLU F 168 -29.90 27.40 4.33
N ALA F 169 -28.91 27.01 3.53
CA ALA F 169 -28.69 27.62 2.23
C ALA F 169 -29.79 27.26 1.25
N ALA F 170 -30.23 28.25 0.47
CA ALA F 170 -31.19 28.04 -0.59
C ALA F 170 -30.53 27.84 -1.94
N LEU F 171 -29.20 27.76 -1.98
CA LEU F 171 -28.46 27.65 -3.24
C LEU F 171 -27.51 26.47 -3.16
N GLN F 172 -27.57 25.59 -4.15
CA GLN F 172 -26.61 24.50 -4.31
C GLN F 172 -25.88 24.68 -5.63
N VAL F 173 -24.56 24.57 -5.60
CA VAL F 173 -23.73 24.75 -6.78
C VAL F 173 -22.81 23.54 -6.89
N ALA F 174 -22.76 22.94 -8.07
CA ALA F 174 -21.90 21.79 -8.32
C ALA F 174 -20.58 22.24 -8.93
N HIS F 175 -19.51 21.52 -8.57
CA HIS F 175 -18.21 21.79 -9.17
C HIS F 175 -18.25 21.53 -10.67
N ALA F 176 -17.73 22.47 -11.44
CA ALA F 176 -17.69 22.32 -12.89
C ALA F 176 -16.70 21.23 -13.27
N ILE F 177 -17.04 20.48 -14.32
CA ILE F 177 -16.18 19.43 -14.85
C ILE F 177 -16.15 19.55 -16.36
N SER F 178 -14.98 19.34 -16.95
CA SER F 178 -14.85 19.36 -18.39
C SER F 178 -15.59 18.19 -19.01
N THR F 179 -16.18 18.43 -20.19
CA THR F 179 -16.95 17.41 -20.89
C THR F 179 -16.08 16.51 -21.75
N HIS F 180 -14.78 16.45 -21.47
CA HIS F 180 -13.84 15.64 -22.24
C HIS F 180 -12.66 15.29 -21.34
N ILE F 181 -11.68 14.60 -21.91
CA ILE F 181 -10.46 14.34 -21.15
C ILE F 181 -9.67 15.65 -21.01
N ALA F 182 -8.82 15.69 -19.98
CA ALA F 182 -8.06 16.89 -19.65
C ALA F 182 -6.67 16.79 -20.25
N ARG F 183 -6.25 17.84 -20.95
CA ARG F 183 -4.92 17.95 -21.54
C ARG F 183 -4.25 19.17 -20.95
N PRO F 184 -3.55 19.04 -19.83
CA PRO F 184 -2.81 20.19 -19.28
C PRO F 184 -1.64 20.56 -20.16
N GLU F 185 -1.31 21.84 -20.15
CA GLU F 185 -0.23 22.37 -20.97
C GLU F 185 0.70 23.22 -20.11
N ILE F 186 1.99 23.16 -20.44
CA ILE F 186 3.05 23.83 -19.70
C ILE F 186 3.64 24.92 -20.59
N ASP F 187 3.68 26.14 -20.08
CA ASP F 187 4.23 27.29 -20.78
C ASP F 187 5.53 27.69 -20.09
N TYR F 188 6.63 27.60 -20.83
CA TYR F 188 7.94 28.01 -20.34
C TYR F 188 8.11 29.51 -20.54
N PHE F 189 8.36 30.24 -19.47
CA PHE F 189 8.53 31.69 -19.55
C PHE F 189 9.86 32.11 -18.97
N VAL F 190 10.36 33.26 -19.45
CA VAL F 190 11.52 33.92 -18.88
C VAL F 190 11.16 35.37 -18.62
N ALA F 191 11.94 36.02 -17.77
CA ALA F 191 11.75 37.43 -17.44
C ALA F 191 12.99 38.18 -17.90
N ALA F 192 12.87 38.87 -19.04
CA ALA F 192 14.01 39.57 -19.62
C ALA F 192 14.39 40.78 -18.77
N ASP F 193 15.68 41.02 -18.67
CA ASP F 193 16.19 42.18 -17.94
C ASP F 193 16.23 43.39 -18.85
N ASP F 194 15.81 44.53 -18.32
CA ASP F 194 15.74 45.77 -19.09
C ASP F 194 17.09 46.46 -19.25
N VAL F 195 18.11 46.02 -18.55
CA VAL F 195 19.41 46.67 -18.53
C VAL F 195 20.42 45.76 -19.22
N PRO F 196 21.20 46.27 -20.18
CA PRO F 196 22.25 45.44 -20.78
C PRO F 196 23.34 45.10 -19.79
N GLY F 197 23.99 43.96 -20.02
CA GLY F 197 25.04 43.50 -19.13
C GLY F 197 26.19 42.83 -19.86
N GLU F 198 26.89 41.92 -19.18
CA GLU F 198 28.02 41.22 -19.76
C GLU F 198 27.68 39.79 -20.16
N ASP F 199 26.48 39.31 -19.85
CA ASP F 199 26.11 37.92 -20.10
C ASP F 199 24.83 37.73 -20.88
N ALA F 200 23.98 38.75 -21.00
CA ALA F 200 22.71 38.69 -21.73
C ALA F 200 21.81 37.58 -21.20
N GLY F 201 21.83 37.37 -19.89
CA GLY F 201 20.95 36.41 -19.25
C GLY F 201 19.58 37.00 -18.96
N ALA F 202 18.74 36.18 -18.34
CA ALA F 202 17.39 36.59 -17.98
C ALA F 202 17.30 36.87 -16.49
N GLY F 203 16.34 37.73 -16.12
CA GLY F 203 16.09 37.97 -14.71
C GLY F 203 15.52 36.76 -14.00
N HIS F 204 14.64 36.03 -14.68
CA HIS F 204 14.00 34.87 -14.08
C HIS F 204 13.67 33.86 -15.18
N ILE F 205 13.56 32.60 -14.77
CA ILE F 205 13.15 31.50 -15.64
C ILE F 205 12.16 30.64 -14.87
N GLY F 206 11.06 30.27 -15.49
CA GLY F 206 10.08 29.46 -14.79
C GLY F 206 9.04 28.91 -15.73
N GLU F 207 7.98 28.37 -15.12
CA GLU F 207 6.92 27.72 -15.87
C GLU F 207 5.56 28.16 -15.35
N SER F 208 4.55 27.96 -16.19
CA SER F 208 3.15 28.12 -15.81
C SER F 208 2.37 26.99 -16.45
N MET F 209 1.14 26.77 -15.97
CA MET F 209 0.30 25.73 -16.52
C MET F 209 -1.06 26.31 -16.90
N PHE F 210 -1.68 25.72 -17.90
CA PHE F 210 -2.97 26.20 -18.39
C PHE F 210 -3.66 25.09 -19.16
N ALA F 211 -4.96 25.29 -19.40
CA ALA F 211 -5.76 24.31 -20.13
C ALA F 211 -7.05 24.97 -20.61
N SER F 212 -7.47 24.62 -21.83
CA SER F 212 -8.74 25.04 -22.38
C SER F 212 -9.75 23.91 -22.26
N ALA F 213 -11.01 24.25 -22.03
CA ALA F 213 -11.97 23.19 -21.73
C ALA F 213 -13.39 23.64 -21.96
N CYS F 214 -14.27 22.67 -22.19
CA CYS F 214 -15.71 22.88 -22.27
C CYS F 214 -16.32 22.35 -20.99
N PHE F 215 -16.88 23.24 -20.18
CA PHE F 215 -17.34 22.94 -18.83
C PHE F 215 -18.85 22.78 -18.79
N TYR F 216 -19.29 21.95 -17.84
CA TYR F 216 -20.69 21.81 -17.45
C TYR F 216 -20.86 22.35 -16.04
N LYS F 217 -21.79 23.29 -15.88
CA LYS F 217 -22.05 23.91 -14.59
C LYS F 217 -23.50 23.67 -14.19
N TYR F 218 -23.73 23.55 -12.88
CA TYR F 218 -25.03 23.15 -12.36
C TYR F 218 -25.36 23.96 -11.11
N PHE F 219 -26.45 24.72 -11.17
CA PHE F 219 -26.97 25.45 -10.02
C PHE F 219 -28.40 25.02 -9.72
N SER F 220 -28.76 25.03 -8.44
CA SER F 220 -30.11 24.71 -8.01
C SER F 220 -30.53 25.68 -6.92
N ILE F 221 -31.78 26.13 -6.98
CA ILE F 221 -32.32 27.09 -6.02
C ILE F 221 -33.69 26.58 -5.55
N ASP F 222 -33.87 26.53 -4.23
CA ASP F 222 -35.15 26.18 -3.62
C ASP F 222 -35.95 27.46 -3.39
N TRP F 223 -37.14 27.54 -4.01
CA TRP F 223 -37.90 28.78 -3.98
C TRP F 223 -38.52 29.01 -2.60
N GLU F 224 -39.14 27.97 -2.02
CA GLU F 224 -39.80 28.12 -0.73
C GLU F 224 -38.80 28.42 0.39
N GLN F 225 -37.65 27.74 0.37
CA GLN F 225 -36.62 28.00 1.38
C GLN F 225 -36.06 29.40 1.26
N LEU F 226 -35.89 29.89 0.02
CA LEU F 226 -35.42 31.25 -0.18
C LEU F 226 -36.43 32.26 0.33
N VAL F 227 -37.72 32.03 0.05
CA VAL F 227 -38.76 32.95 0.51
C VAL F 227 -38.82 32.96 2.04
N LYS F 228 -38.71 31.78 2.66
CA LYS F 228 -38.70 31.69 4.12
C LYS F 228 -37.48 32.42 4.70
N ASN F 229 -36.32 32.24 4.07
CA ASN F 229 -35.10 32.90 4.56
C ASN F 229 -35.18 34.41 4.41
N LEU F 230 -35.87 34.91 3.39
CA LEU F 230 -35.99 36.34 3.18
C LEU F 230 -37.17 36.97 3.92
N LYS F 231 -37.66 36.31 4.98
CA LYS F 231 -38.68 36.84 5.88
C LYS F 231 -39.98 37.18 5.15
N GLY F 232 -40.39 36.30 4.25
CA GLY F 232 -41.66 36.44 3.56
C GLY F 232 -41.65 37.40 2.39
N ASP F 233 -40.52 38.01 2.06
CA ASP F 233 -40.45 38.92 0.93
C ASP F 233 -40.40 38.12 -0.37
N THR F 234 -41.17 38.58 -1.37
CA THR F 234 -41.22 37.95 -2.68
C THR F 234 -40.60 38.78 -3.78
N ASN F 235 -40.74 40.11 -3.72
CA ASN F 235 -40.14 40.97 -4.72
C ASN F 235 -38.61 40.90 -4.66
N LEU F 236 -38.05 40.92 -3.45
CA LEU F 236 -36.61 40.76 -3.31
C LEU F 236 -36.15 39.36 -3.74
N ALA F 237 -36.99 38.34 -3.51
CA ALA F 237 -36.65 36.99 -3.98
C ALA F 237 -36.63 36.94 -5.51
N ALA F 238 -37.61 37.56 -6.17
CA ALA F 238 -37.61 37.59 -7.63
C ALA F 238 -36.43 38.37 -8.18
N HIS F 239 -36.09 39.49 -7.52
CA HIS F 239 -34.89 40.23 -7.90
C HIS F 239 -33.64 39.38 -7.74
N THR F 240 -33.59 38.60 -6.65
CA THR F 240 -32.45 37.72 -6.42
C THR F 240 -32.33 36.66 -7.50
N VAL F 241 -33.44 36.04 -7.88
CA VAL F 241 -33.40 35.01 -8.91
C VAL F 241 -32.99 35.59 -10.26
N GLY F 242 -33.56 36.74 -10.63
CA GLY F 242 -33.21 37.35 -11.90
C GLY F 242 -31.77 37.80 -11.97
N ALA F 243 -31.30 38.47 -10.91
CA ALA F 243 -29.91 38.91 -10.88
C ALA F 243 -28.95 37.73 -10.84
N PHE F 244 -29.33 36.65 -10.16
CA PHE F 244 -28.50 35.45 -10.12
C PHE F 244 -28.38 34.84 -11.51
N LEU F 245 -29.49 34.76 -12.24
CA LEU F 245 -29.45 34.20 -13.59
C LEU F 245 -28.58 35.06 -14.50
N LEU F 246 -28.76 36.38 -14.44
CA LEU F 246 -27.99 37.27 -15.30
C LEU F 246 -26.50 37.27 -14.94
N ALA F 247 -26.18 37.15 -13.64
CA ALA F 247 -24.78 37.14 -13.23
C ALA F 247 -24.11 35.81 -13.55
N ALA F 248 -24.80 34.69 -13.31
CA ALA F 248 -24.22 33.39 -13.62
C ALA F 248 -24.12 33.14 -15.11
N ALA F 249 -24.91 33.84 -15.92
CA ALA F 249 -24.81 33.69 -17.37
C ALA F 249 -23.78 34.63 -17.99
N LYS F 250 -23.22 35.59 -17.23
CA LYS F 250 -22.39 36.62 -17.84
C LYS F 250 -21.15 36.99 -17.03
N THR F 251 -20.71 36.15 -16.10
CA THR F 251 -19.55 36.46 -15.29
C THR F 251 -18.62 35.26 -15.22
N ASN F 252 -17.32 35.55 -15.16
CA ASN F 252 -16.27 34.53 -15.16
C ASN F 252 -15.34 34.76 -13.97
N PRO F 253 -14.66 33.70 -13.52
CA PRO F 253 -13.67 33.88 -12.45
C PRO F 253 -12.54 34.81 -12.87
N SER F 254 -11.98 35.49 -11.89
CA SER F 254 -10.95 36.50 -12.12
C SER F 254 -9.55 35.99 -11.79
N GLY F 255 -9.28 34.71 -12.10
CA GLY F 255 -7.99 34.13 -11.85
C GLY F 255 -7.15 34.07 -13.10
N LYS F 256 -6.02 34.79 -13.09
CA LYS F 256 -5.09 34.86 -14.21
C LYS F 256 -5.77 35.32 -15.50
N GLN F 257 -6.70 36.25 -15.36
CA GLN F 257 -7.35 36.83 -16.54
C GLN F 257 -6.53 37.96 -17.14
N ASN F 258 -5.58 38.51 -16.38
CA ASN F 258 -4.68 39.51 -16.93
C ASN F 258 -3.67 38.90 -17.91
N SER F 259 -3.54 37.58 -17.94
CA SER F 259 -2.62 36.90 -18.84
C SER F 259 -3.29 35.95 -19.81
N PHE F 260 -4.54 35.57 -19.58
CA PHE F 260 -5.21 34.59 -20.43
C PHE F 260 -6.53 35.08 -21.03
N ALA F 261 -7.35 35.78 -20.24
CA ALA F 261 -8.51 36.53 -20.72
C ALA F 261 -9.48 35.64 -21.51
N ALA F 262 -10.10 34.71 -20.79
CA ALA F 262 -11.00 33.71 -21.37
C ALA F 262 -12.46 34.09 -21.22
N HIS F 263 -12.81 35.37 -21.37
CA HIS F 263 -14.17 35.85 -21.10
C HIS F 263 -15.11 35.36 -22.19
N ASN F 264 -15.46 34.07 -22.10
CA ASN F 264 -16.33 33.43 -23.08
C ASN F 264 -17.72 33.26 -22.49
N TYR F 265 -18.73 33.65 -23.26
CA TYR F 265 -20.11 33.48 -22.84
C TYR F 265 -20.57 32.04 -23.12
N PRO F 266 -21.47 31.50 -22.31
CA PRO F 266 -21.95 30.14 -22.56
C PRO F 266 -22.74 30.06 -23.85
N ASP F 267 -22.64 28.90 -24.51
CA ASP F 267 -23.35 28.65 -25.76
C ASP F 267 -24.52 27.70 -25.56
N GLY F 268 -25.11 27.71 -24.36
CA GLY F 268 -26.32 26.97 -24.09
C GLY F 268 -26.69 26.96 -22.62
N ILE F 269 -27.96 27.22 -22.31
CA ILE F 269 -28.44 27.26 -20.94
C ILE F 269 -29.78 26.54 -20.87
N LEU F 270 -29.93 25.62 -19.92
CA LEU F 270 -31.18 24.94 -19.68
C LEU F 270 -31.71 25.38 -18.32
N VAL F 271 -32.93 25.90 -18.30
CA VAL F 271 -33.56 26.35 -17.06
C VAL F 271 -34.78 25.50 -16.82
N GLU F 272 -34.81 24.79 -15.70
CA GLU F 272 -35.84 23.82 -15.41
C GLU F 272 -36.56 24.16 -14.12
N PHE F 273 -37.84 23.80 -14.07
CA PHE F 273 -38.68 23.97 -12.89
C PHE F 273 -39.24 22.60 -12.54
N LYS F 274 -38.85 22.07 -11.38
CA LYS F 274 -39.34 20.76 -10.98
C LYS F 274 -39.24 20.60 -9.47
N ASN F 275 -39.95 19.58 -8.97
CA ASN F 275 -40.10 19.38 -7.53
C ASN F 275 -38.92 18.67 -6.89
N SER F 276 -37.96 18.19 -7.68
CA SER F 276 -36.79 17.50 -7.16
C SER F 276 -35.55 17.96 -7.92
N PRO F 277 -34.38 17.98 -7.25
CA PRO F 277 -33.17 18.43 -7.94
C PRO F 277 -32.47 17.31 -8.69
N ILE F 278 -32.27 17.50 -10.00
CA ILE F 278 -31.59 16.52 -10.85
C ILE F 278 -30.38 17.20 -11.48
N SER F 279 -29.30 16.44 -11.65
CA SER F 279 -28.09 16.92 -12.29
C SER F 279 -27.72 15.98 -13.43
N TYR F 280 -27.55 16.54 -14.63
CA TYR F 280 -27.27 15.76 -15.82
C TYR F 280 -25.78 15.59 -16.08
N ALA F 281 -24.94 15.68 -15.04
CA ALA F 281 -23.50 15.52 -15.21
C ALA F 281 -23.10 14.09 -15.58
N ASN F 282 -24.00 13.12 -15.41
CA ASN F 282 -23.72 11.74 -15.81
C ASN F 282 -23.77 11.56 -17.32
N ALA F 283 -24.16 12.59 -18.07
CA ALA F 283 -24.16 12.51 -19.53
C ALA F 283 -22.76 12.26 -20.07
N PHE F 284 -21.80 13.04 -19.59
CA PHE F 284 -20.43 12.97 -20.09
C PHE F 284 -19.56 12.04 -19.25
N VAL F 285 -20.05 10.82 -19.02
CA VAL F 285 -19.20 9.79 -18.43
C VAL F 285 -18.23 9.26 -19.48
N ARG F 286 -18.75 8.95 -20.66
CA ARG F 286 -17.89 8.72 -21.82
C ARG F 286 -17.39 10.08 -22.31
N PRO F 287 -16.08 10.33 -22.31
CA PRO F 287 -15.58 11.64 -22.74
C PRO F 287 -15.88 11.90 -24.21
N VAL F 288 -16.15 13.16 -24.51
CA VAL F 288 -16.46 13.56 -25.88
C VAL F 288 -15.18 13.50 -26.70
N SER F 289 -15.12 12.56 -27.64
CA SER F 289 -14.00 12.45 -28.56
C SER F 289 -14.32 13.24 -29.83
N VAL F 290 -13.46 14.18 -30.18
CA VAL F 290 -13.74 15.13 -31.24
C VAL F 290 -13.58 14.45 -32.59
N VAL F 291 -14.59 14.58 -33.44
CA VAL F 291 -14.51 14.13 -34.82
C VAL F 291 -14.34 15.35 -35.71
N LYS F 292 -13.93 15.10 -36.96
CA LYS F 292 -13.59 16.20 -37.85
C LYS F 292 -14.82 16.92 -38.37
N GLU F 293 -15.95 16.22 -38.50
CA GLU F 293 -17.15 16.80 -39.09
C GLU F 293 -17.87 17.78 -38.18
N SER F 294 -17.51 17.85 -36.89
CA SER F 294 -18.15 18.77 -35.97
C SER F 294 -17.08 19.29 -35.00
N ASP F 295 -17.53 19.94 -33.93
CA ASP F 295 -16.61 20.51 -32.96
C ASP F 295 -16.95 20.08 -31.54
N LEU F 296 -16.30 20.71 -30.55
CA LEU F 296 -16.48 20.30 -29.17
C LEU F 296 -17.87 20.64 -28.65
N VAL F 297 -18.36 21.83 -28.95
CA VAL F 297 -19.60 22.31 -28.34
C VAL F 297 -20.81 21.55 -28.90
N GLU F 298 -20.81 21.29 -30.20
CA GLU F 298 -21.95 20.62 -30.83
C GLU F 298 -22.14 19.20 -30.30
N GLN F 299 -21.04 18.44 -30.21
CA GLN F 299 -21.12 17.08 -29.71
C GLN F 299 -21.50 17.05 -28.23
N SER F 300 -20.98 18.01 -27.45
CA SER F 300 -21.31 18.08 -26.03
C SER F 300 -22.79 18.38 -25.82
N ILE F 301 -23.31 19.35 -26.59
CA ILE F 301 -24.73 19.66 -26.49
C ILE F 301 -25.58 18.50 -26.98
N GLY F 302 -25.12 17.77 -28.00
CA GLY F 302 -25.86 16.60 -28.45
C GLY F 302 -25.94 15.50 -27.40
N GLN F 303 -24.81 15.21 -26.74
CA GLN F 303 -24.81 14.21 -25.68
C GLN F 303 -25.66 14.65 -24.49
N LEU F 304 -25.60 15.94 -24.15
CA LEU F 304 -26.42 16.46 -23.07
C LEU F 304 -27.90 16.34 -23.40
N SER F 305 -28.27 16.66 -24.65
CA SER F 305 -29.67 16.55 -25.07
C SER F 305 -30.14 15.10 -25.05
N ASN F 306 -29.27 14.18 -25.48
CA ASN F 306 -29.59 12.76 -25.44
C ASN F 306 -29.90 12.29 -24.02
N TYR F 307 -29.01 12.62 -23.08
CA TYR F 307 -29.22 12.22 -21.69
C TYR F 307 -30.43 12.91 -21.09
N VAL F 308 -30.66 14.18 -21.42
CA VAL F 308 -31.79 14.91 -20.87
C VAL F 308 -33.11 14.30 -21.35
N ASN F 309 -33.20 13.98 -22.65
CA ASN F 309 -34.41 13.36 -23.17
C ASN F 309 -34.62 11.97 -22.58
N ASP F 310 -33.55 11.18 -22.44
CA ASP F 310 -33.68 9.84 -21.89
C ASP F 310 -34.09 9.90 -20.41
N ILE F 311 -33.61 10.89 -19.67
CA ILE F 311 -33.99 11.04 -18.27
C ILE F 311 -35.44 11.51 -18.17
N ARG F 312 -35.84 12.46 -19.02
CA ARG F 312 -37.20 12.99 -18.98
C ARG F 312 -38.22 11.93 -19.33
N LEU F 313 -37.90 11.07 -20.31
CA LEU F 313 -38.81 9.99 -20.67
C LEU F 313 -38.65 8.76 -19.77
N GLY F 314 -37.63 8.72 -18.92
CA GLY F 314 -37.40 7.57 -18.08
C GLY F 314 -37.94 7.74 -16.67
N TYR F 315 -37.77 8.94 -16.12
CA TYR F 315 -38.30 9.27 -14.79
C TYR F 315 -39.55 10.15 -14.92
N TYR F 316 -40.38 9.87 -15.91
CA TYR F 316 -41.58 10.65 -16.17
C TYR F 316 -42.60 10.46 -15.06
N ASP F 317 -43.15 11.57 -14.57
CA ASP F 317 -44.14 11.57 -13.51
C ASP F 317 -45.42 12.24 -14.00
N GLU F 318 -46.56 11.73 -13.54
CA GLU F 318 -47.85 12.23 -14.00
C GLU F 318 -48.32 13.44 -13.21
N GLN F 319 -48.22 13.40 -11.88
CA GLN F 319 -48.71 14.46 -11.02
C GLN F 319 -47.69 15.55 -10.78
N SER F 320 -46.70 15.69 -11.66
CA SER F 320 -45.68 16.73 -11.53
C SER F 320 -45.15 17.05 -12.92
N PRO F 321 -45.80 17.99 -13.62
CA PRO F 321 -45.33 18.36 -14.96
C PRO F 321 -43.97 19.05 -14.90
N VAL F 322 -43.23 18.91 -15.99
CA VAL F 322 -41.90 19.50 -16.12
C VAL F 322 -41.96 20.54 -17.23
N ILE F 323 -41.63 21.78 -16.89
CA ILE F 323 -41.56 22.88 -17.84
C ILE F 323 -40.10 23.27 -17.98
N GLY F 324 -39.60 23.28 -19.20
CA GLY F 324 -38.20 23.58 -19.45
C GLY F 324 -38.03 24.70 -20.45
N PHE F 325 -37.01 25.52 -20.22
CA PHE F 325 -36.63 26.60 -21.14
C PHE F 325 -35.23 26.31 -21.66
N TRP F 326 -35.06 26.35 -22.98
CA TRP F 326 -33.75 26.15 -23.59
C TRP F 326 -33.30 27.45 -24.25
N PHE F 327 -32.08 27.87 -23.95
CA PHE F 327 -31.54 29.12 -24.46
C PHE F 327 -30.23 28.87 -25.19
N SER F 328 -30.09 29.48 -26.36
CA SER F 328 -28.87 29.51 -27.15
C SER F 328 -28.94 30.82 -27.91
N PRO F 329 -27.81 31.53 -28.08
CA PRO F 329 -27.85 32.84 -28.74
C PRO F 329 -28.27 32.73 -30.19
N ASN F 330 -29.42 33.32 -30.51
CA ASN F 330 -29.99 33.34 -31.86
C ASN F 330 -30.23 31.94 -32.41
N ASN F 331 -30.54 30.99 -31.52
CA ASN F 331 -30.75 29.58 -31.87
C ASN F 331 -29.57 29.01 -32.65
N ARG F 332 -28.36 29.33 -32.19
CA ARG F 332 -27.16 28.82 -32.84
C ARG F 332 -27.01 27.32 -32.66
N TYR F 333 -27.43 26.80 -31.51
CA TYR F 333 -27.38 25.37 -31.23
C TYR F 333 -28.74 24.93 -30.71
N PRO F 334 -29.45 24.06 -31.43
CA PRO F 334 -30.63 23.42 -30.82
C PRO F 334 -30.21 22.25 -29.94
N LEU F 335 -31.17 21.47 -29.45
CA LEU F 335 -30.88 20.31 -28.60
C LEU F 335 -30.38 19.14 -29.44
N GLY F 336 -29.27 19.37 -30.13
CA GLY F 336 -28.74 18.37 -31.04
C GLY F 336 -29.74 18.06 -32.13
N TYR F 337 -30.05 16.78 -32.27
CA TYR F 337 -31.05 16.29 -33.21
C TYR F 337 -31.68 15.04 -32.61
N LYS F 338 -32.35 14.25 -33.46
CA LYS F 338 -32.94 12.96 -33.09
C LYS F 338 -34.04 13.13 -32.04
N HIS F 339 -34.72 14.27 -32.06
CA HIS F 339 -35.80 14.55 -31.12
C HIS F 339 -36.73 15.56 -31.75
N SER F 340 -38.01 15.49 -31.37
CA SER F 340 -38.98 16.46 -31.88
C SER F 340 -38.88 17.77 -31.12
N LYS F 341 -39.15 17.75 -29.81
CA LYS F 341 -39.02 18.91 -28.94
C LYS F 341 -39.01 18.44 -27.51
N LEU F 342 -38.06 18.94 -26.72
CA LEU F 342 -37.92 18.56 -25.32
C LEU F 342 -38.28 19.69 -24.37
N ALA F 343 -37.69 20.85 -24.55
CA ALA F 343 -38.05 22.02 -23.75
C ALA F 343 -39.27 22.71 -24.35
N SER F 344 -40.04 23.37 -23.49
CA SER F 344 -41.26 24.03 -23.93
C SER F 344 -40.95 25.19 -24.87
N ARG F 345 -39.99 26.03 -24.52
CA ARG F 345 -39.67 27.22 -25.30
C ARG F 345 -38.17 27.27 -25.58
N ASN F 346 -37.83 27.51 -26.85
CA ASN F 346 -36.45 27.71 -27.29
C ASN F 346 -36.24 29.21 -27.44
N ILE F 347 -35.86 29.85 -26.34
CA ILE F 347 -35.68 31.30 -26.32
C ILE F 347 -34.30 31.64 -26.88
N GLY F 348 -34.25 32.65 -27.74
CA GLY F 348 -33.01 33.08 -28.35
C GLY F 348 -32.35 34.29 -27.73
N ASN F 349 -32.90 34.83 -26.65
CA ASN F 349 -32.32 36.00 -26.01
C ASN F 349 -32.29 35.79 -24.50
N LEU F 350 -31.27 36.39 -23.87
CA LEU F 350 -31.09 36.18 -22.42
C LEU F 350 -32.13 36.94 -21.61
N ASN F 351 -32.38 38.21 -21.96
CA ASN F 351 -33.33 39.00 -21.19
C ASN F 351 -34.76 38.53 -21.39
N GLU F 352 -35.09 38.02 -22.58
CA GLU F 352 -36.39 37.40 -22.80
C GLU F 352 -36.53 36.13 -21.95
N LEU F 353 -35.45 35.36 -21.82
CA LEU F 353 -35.47 34.19 -20.96
C LEU F 353 -35.67 34.58 -19.49
N VAL F 354 -35.02 35.67 -19.06
CA VAL F 354 -35.20 36.15 -17.68
C VAL F 354 -36.64 36.61 -17.46
N GLY F 355 -37.21 37.32 -18.44
CA GLY F 355 -38.59 37.74 -18.33
C GLY F 355 -39.56 36.57 -18.28
N ALA F 356 -39.30 35.54 -19.09
CA ALA F 356 -40.14 34.34 -19.04
C ALA F 356 -40.02 33.62 -17.70
N VAL F 357 -38.80 33.58 -17.15
CA VAL F 357 -38.58 32.94 -15.86
C VAL F 357 -39.34 33.67 -14.77
N LEU F 358 -39.27 35.01 -14.76
CA LEU F 358 -40.02 35.78 -13.77
C LEU F 358 -41.52 35.71 -14.02
N ASP F 359 -41.93 35.47 -15.27
CA ASP F 359 -43.35 35.29 -15.57
C ASP F 359 -43.86 33.96 -15.06
N TYR F 360 -43.01 32.93 -15.03
CA TYR F 360 -43.45 31.61 -14.60
C TYR F 360 -43.77 31.58 -13.11
N ILE F 361 -43.06 32.37 -12.29
CA ILE F 361 -43.23 32.31 -10.83
C ILE F 361 -44.52 32.97 -10.39
N GLY F 362 -45.31 33.51 -11.30
CA GLY F 362 -46.55 34.17 -10.94
C GLY F 362 -46.86 35.34 -11.83
N GLY F 363 -45.87 35.79 -12.59
CA GLY F 363 -46.09 36.87 -13.54
C GLY F 363 -45.46 38.18 -13.16
N PHE F 364 -44.38 38.13 -12.36
CA PHE F 364 -43.68 39.36 -12.00
C PHE F 364 -42.93 39.91 -13.21
N LYS F 365 -42.64 41.21 -13.15
CA LYS F 365 -41.94 41.91 -14.21
C LYS F 365 -40.56 42.34 -13.74
N TRP F 366 -39.58 42.24 -14.62
CA TRP F 366 -38.19 42.51 -14.24
C TRP F 366 -37.99 43.97 -13.83
N GLU F 367 -38.60 44.90 -14.56
CA GLU F 367 -38.38 46.32 -14.30
C GLU F 367 -39.03 46.77 -13.00
N GLU F 368 -40.09 46.10 -12.56
CA GLU F 368 -40.75 46.48 -11.31
C GLU F 368 -40.17 45.76 -10.10
N VAL F 369 -39.57 44.57 -10.29
CA VAL F 369 -38.80 43.96 -9.21
C VAL F 369 -37.39 44.49 -9.13
N GLN F 370 -36.97 45.29 -10.11
CA GLN F 370 -35.73 46.06 -9.97
C GLN F 370 -35.78 47.02 -8.79
N LYS F 371 -36.98 47.47 -8.40
CA LYS F 371 -37.13 48.49 -7.38
C LYS F 371 -36.84 48.00 -5.97
N SER F 372 -36.71 46.70 -5.77
CA SER F 372 -36.45 46.16 -4.43
C SER F 372 -35.04 46.51 -3.95
N MET G 1 -40.54 -15.22 1.02
CA MET G 1 -40.37 -14.30 -0.10
C MET G 1 -39.51 -13.11 0.30
N LEU G 2 -38.57 -12.73 -0.56
CA LEU G 2 -37.69 -11.61 -0.31
C LEU G 2 -37.57 -10.76 -1.56
N ILE G 3 -37.72 -9.44 -1.40
CA ILE G 3 -37.64 -8.48 -2.49
C ILE G 3 -36.27 -7.81 -2.41
N GLU G 4 -35.44 -8.01 -3.42
CA GLU G 4 -34.09 -7.46 -3.45
C GLU G 4 -33.99 -6.37 -4.49
N ILE G 5 -33.34 -5.27 -4.12
CA ILE G 5 -33.14 -4.13 -5.00
C ILE G 5 -31.65 -3.85 -5.08
N HIS G 6 -31.07 -4.01 -6.27
CA HIS G 6 -29.68 -3.72 -6.53
C HIS G 6 -29.58 -2.48 -7.41
N MET G 7 -28.65 -1.59 -7.08
CA MET G 7 -28.51 -0.34 -7.81
C MET G 7 -27.06 -0.13 -8.20
N ILE G 8 -26.84 0.24 -9.46
CA ILE G 8 -25.55 0.74 -9.94
C ILE G 8 -25.74 2.22 -10.21
N GLN G 9 -24.95 3.05 -9.51
CA GLN G 9 -25.20 4.49 -9.50
C GLN G 9 -23.87 5.22 -9.55
N ASN G 10 -23.70 6.09 -10.55
CA ASN G 10 -22.49 6.89 -10.69
C ASN G 10 -22.74 8.29 -10.17
N HIS G 11 -21.76 8.84 -9.46
CA HIS G 11 -21.94 10.09 -8.74
C HIS G 11 -20.90 11.12 -9.17
N SER G 12 -21.29 12.39 -9.06
CA SER G 12 -20.39 13.50 -9.31
C SER G 12 -19.36 13.60 -8.20
N PRO G 13 -18.25 14.32 -8.42
CA PRO G 13 -17.30 14.55 -7.33
C PRO G 13 -17.95 15.22 -6.13
N ALA G 14 -17.97 14.50 -5.01
CA ALA G 14 -18.65 14.95 -3.81
C ALA G 14 -18.04 14.25 -2.60
N ASN G 15 -18.51 14.68 -1.42
CA ASN G 15 -18.12 14.07 -0.14
C ASN G 15 -19.41 13.77 0.62
N LEU G 16 -20.00 12.61 0.34
CA LEU G 16 -21.33 12.28 0.83
C LEU G 16 -21.34 11.58 2.18
N ASN G 17 -20.18 11.15 2.68
CA ASN G 17 -20.10 10.43 3.95
C ASN G 17 -18.69 10.53 4.47
N ARG G 18 -18.50 11.18 5.62
CA ARG G 18 -17.18 11.44 6.17
C ARG G 18 -17.03 10.73 7.51
N ASP G 19 -15.87 10.95 8.14
CA ASP G 19 -15.58 10.44 9.46
C ASP G 19 -15.13 11.60 10.34
N ASP G 20 -14.58 11.30 11.52
CA ASP G 20 -14.15 12.34 12.45
C ASP G 20 -13.04 13.22 11.90
N LEU G 21 -12.25 12.72 10.95
CA LEU G 21 -11.16 13.49 10.36
C LEU G 21 -11.56 14.20 9.08
N GLY G 22 -12.83 14.13 8.68
CA GLY G 22 -13.28 14.85 7.50
C GLY G 22 -12.84 14.27 6.18
N ALA G 23 -12.51 12.99 6.14
CA ALA G 23 -12.14 12.30 4.92
C ALA G 23 -13.29 11.41 4.46
N PRO G 24 -13.42 11.17 3.15
CA PRO G 24 -14.47 10.27 2.68
C PRO G 24 -14.27 8.86 3.20
N LYS G 25 -15.37 8.21 3.57
CA LYS G 25 -15.29 6.88 4.17
C LYS G 25 -14.88 5.87 3.12
N THR G 26 -13.89 5.05 3.45
CA THR G 26 -13.33 4.06 2.55
C THR G 26 -13.39 2.68 3.20
N CYS G 27 -12.96 1.68 2.43
CA CYS G 27 -12.91 0.31 2.91
C CYS G 27 -11.91 -0.45 2.05
N TYR G 28 -11.65 -1.70 2.44
CA TYR G 28 -10.75 -2.58 1.72
C TYR G 28 -11.56 -3.79 1.24
N PHE G 29 -11.85 -3.81 -0.06
CA PHE G 29 -12.61 -4.90 -0.65
C PHE G 29 -11.78 -5.53 -1.77
N GLY G 30 -11.82 -6.86 -1.85
CA GLY G 30 -11.06 -7.57 -2.86
C GLY G 30 -9.57 -7.41 -2.75
N GLY G 31 -9.08 -6.98 -1.58
CA GLY G 31 -7.68 -6.66 -1.41
C GLY G 31 -7.26 -5.29 -1.86
N VAL G 32 -8.20 -4.45 -2.33
CA VAL G 32 -7.86 -3.12 -2.82
C VAL G 32 -8.76 -2.09 -2.16
N LEU G 33 -8.34 -0.84 -2.22
CA LEU G 33 -9.03 0.26 -1.56
C LEU G 33 -10.24 0.71 -2.38
N ARG G 34 -11.39 0.82 -1.72
CA ARG G 34 -12.62 1.27 -2.36
C ARG G 34 -13.23 2.40 -1.53
N SER G 35 -14.06 3.20 -2.19
CA SER G 35 -14.81 4.26 -1.54
C SER G 35 -16.15 3.71 -1.07
N ARG G 36 -16.54 4.08 0.15
CA ARG G 36 -17.67 3.44 0.82
C ARG G 36 -18.67 4.48 1.29
N ILE G 37 -19.95 4.13 1.20
CA ILE G 37 -21.04 4.87 1.83
C ILE G 37 -21.69 3.96 2.86
N SER G 38 -21.80 4.44 4.09
CA SER G 38 -22.35 3.64 5.17
C SER G 38 -23.83 3.39 4.97
N SER G 39 -24.31 2.26 5.50
CA SER G 39 -25.72 1.89 5.32
C SER G 39 -26.64 2.80 6.11
N GLN G 40 -26.17 3.32 7.24
CA GLN G 40 -26.99 4.24 8.04
C GLN G 40 -27.28 5.52 7.27
N CYS G 41 -26.31 6.00 6.49
CA CYS G 41 -26.52 7.19 5.67
C CYS G 41 -27.64 6.97 4.65
N ILE G 42 -27.60 5.83 3.96
CA ILE G 42 -28.62 5.52 2.98
C ILE G 42 -29.98 5.36 3.64
N LYS G 43 -30.04 4.68 4.78
CA LYS G 43 -31.30 4.47 5.47
C LYS G 43 -31.89 5.79 5.97
N ARG G 44 -31.04 6.69 6.50
CA ARG G 44 -31.54 7.98 6.96
C ARG G 44 -31.98 8.86 5.79
N SER G 45 -31.27 8.82 4.67
CA SER G 45 -31.67 9.58 3.50
C SER G 45 -32.99 9.07 2.94
N ILE G 46 -33.21 7.76 2.97
CA ILE G 46 -34.49 7.19 2.54
C ILE G 46 -35.60 7.61 3.50
N ARG G 47 -35.34 7.56 4.81
CA ARG G 47 -36.40 7.73 5.80
C ARG G 47 -36.98 9.13 5.80
N THR G 48 -36.13 10.15 5.67
CA THR G 48 -36.58 11.55 5.74
C THR G 48 -36.72 12.18 4.36
N SER G 49 -37.14 11.41 3.36
CA SER G 49 -37.29 11.92 2.01
C SER G 49 -38.72 12.36 1.75
N ASN G 50 -38.91 13.08 0.64
CA ASN G 50 -40.23 13.56 0.27
C ASN G 50 -41.15 12.42 -0.12
N ASP G 51 -40.62 11.36 -0.72
CA ASP G 51 -41.46 10.23 -1.11
C ASP G 51 -41.90 9.43 0.10
N PHE G 52 -41.11 9.43 1.17
CA PHE G 52 -41.45 8.76 2.42
C PHE G 52 -42.11 9.69 3.43
N LYS G 53 -42.46 10.91 3.01
CA LYS G 53 -42.96 11.92 3.95
C LYS G 53 -44.30 11.51 4.57
N ALA G 54 -45.16 10.89 3.77
CA ALA G 54 -46.48 10.47 4.27
C ALA G 54 -46.39 9.27 5.21
N LEU G 55 -45.24 8.64 5.34
CA LEU G 55 -45.10 7.42 6.15
C LEU G 55 -44.16 7.61 7.34
N LEU G 56 -43.78 8.84 7.67
CA LEU G 56 -42.90 9.09 8.81
C LEU G 56 -43.72 9.00 10.10
N GLY G 57 -43.97 7.76 10.51
CA GLY G 57 -44.81 7.51 11.67
C GLY G 57 -44.08 7.53 13.00
N GLY G 58 -42.82 7.12 13.02
CA GLY G 58 -42.07 7.01 14.25
C GLY G 58 -41.10 8.15 14.45
N VAL G 59 -40.71 8.34 15.71
CA VAL G 59 -39.74 9.35 16.11
C VAL G 59 -38.74 8.70 17.07
N ARG G 60 -37.45 8.94 16.82
CA ARG G 60 -36.37 8.47 17.68
C ARG G 60 -35.65 9.70 18.22
N THR G 61 -35.76 9.92 19.53
CA THR G 61 -35.25 11.16 20.10
C THR G 61 -34.90 10.97 21.57
N ARG G 62 -34.07 11.88 22.06
CA ARG G 62 -33.69 11.89 23.47
C ARG G 62 -34.62 12.73 24.33
N ARG G 63 -35.21 13.80 23.76
CA ARG G 63 -36.05 14.71 24.52
C ARG G 63 -37.52 14.35 24.30
N LEU G 64 -37.94 13.28 24.98
CA LEU G 64 -39.34 12.88 24.94
C LEU G 64 -40.22 13.79 25.80
N ALA G 65 -39.63 14.36 26.87
CA ALA G 65 -40.39 15.23 27.76
C ALA G 65 -40.88 16.48 27.05
N ASP G 66 -40.06 17.03 26.16
CA ASP G 66 -40.48 18.19 25.38
C ASP G 66 -41.66 17.86 24.48
N LEU G 67 -41.65 16.69 23.85
CA LEU G 67 -42.78 16.28 23.02
C LEU G 67 -44.04 16.08 23.86
N ILE G 68 -43.90 15.47 25.04
CA ILE G 68 -45.06 15.27 25.91
C ILE G 68 -45.64 16.61 26.34
N GLN G 69 -44.77 17.55 26.74
CA GLN G 69 -45.22 18.86 27.17
C GLN G 69 -45.87 19.64 26.01
N GLN G 70 -45.31 19.53 24.80
CA GLN G 70 -45.86 20.25 23.67
C GLN G 70 -47.21 19.69 23.27
N GLU G 71 -47.38 18.36 23.31
CA GLU G 71 -48.67 17.76 22.99
C GLU G 71 -49.70 18.08 24.06
N ALA G 72 -49.29 18.14 25.33
CA ALA G 72 -50.22 18.42 26.41
C ALA G 72 -50.74 19.85 26.40
N GLY G 73 -50.15 20.74 25.60
CA GLY G 73 -50.69 22.08 25.44
C GLY G 73 -50.08 23.12 26.35
N GLU G 74 -50.17 22.92 27.66
CA GLU G 74 -49.67 23.89 28.62
C GLU G 74 -48.16 23.70 28.82
N THR G 75 -47.60 24.37 29.82
CA THR G 75 -46.16 24.40 30.04
C THR G 75 -45.72 23.72 31.34
N GLU G 76 -46.57 23.69 32.36
CA GLU G 76 -46.18 23.17 33.66
C GLU G 76 -45.98 21.65 33.67
N CYS G 77 -46.42 20.96 32.64
CA CYS G 77 -46.27 19.50 32.54
C CYS G 77 -44.93 19.10 31.94
N TRP G 78 -43.84 19.64 32.50
CA TRP G 78 -42.49 19.34 32.04
C TRP G 78 -41.68 18.60 33.07
N LYS G 79 -41.57 19.13 34.29
CA LYS G 79 -40.78 18.46 35.32
C LYS G 79 -41.45 17.18 35.79
N LYS G 80 -42.78 17.14 35.80
CA LYS G 80 -43.49 15.92 36.18
C LYS G 80 -43.19 14.80 35.20
N ALA G 81 -43.24 15.11 33.89
CA ALA G 81 -42.92 14.11 32.87
C ALA G 81 -41.46 13.67 32.98
N GLN G 82 -40.58 14.60 33.34
CA GLN G 82 -39.18 14.24 33.58
C GLN G 82 -39.06 13.27 34.76
N GLU G 83 -39.87 13.47 35.81
CA GLU G 83 -39.87 12.55 36.93
C GLU G 83 -40.36 11.15 36.52
N ILE G 84 -41.43 11.10 35.73
CA ILE G 84 -41.94 9.80 35.28
C ILE G 84 -40.90 9.09 34.41
N LEU G 85 -40.25 9.83 33.51
CA LEU G 85 -39.21 9.22 32.67
C LEU G 85 -38.00 8.81 33.49
N ASN G 86 -37.69 9.54 34.56
CA ASN G 86 -36.59 9.15 35.44
C ASN G 86 -36.91 7.90 36.23
N LYS G 87 -38.19 7.70 36.60
CA LYS G 87 -38.58 6.48 37.29
C LYS G 87 -38.78 5.30 36.36
N CYS G 88 -38.77 5.52 35.04
CA CYS G 88 -38.93 4.45 34.08
C CYS G 88 -37.61 3.82 33.65
N GLY G 89 -36.48 4.32 34.16
CA GLY G 89 -35.18 3.82 33.78
C GLY G 89 -34.39 4.73 32.86
N PHE G 90 -34.81 5.97 32.67
CA PHE G 90 -34.13 6.93 31.82
C PHE G 90 -33.60 8.06 32.70
N LYS G 91 -32.35 7.94 33.13
CA LYS G 91 -31.71 8.99 33.91
C LYS G 91 -31.49 10.21 33.04
N ASN G 92 -31.80 11.39 33.59
CA ASN G 92 -31.66 12.64 32.86
C ASN G 92 -30.26 13.22 33.05
N LYS G 93 -29.81 13.97 32.04
CA LYS G 93 -28.51 14.63 32.06
C LYS G 93 -28.68 15.98 31.37
N ASP G 94 -28.84 17.04 32.17
CA ASP G 94 -29.01 18.41 31.69
C ASP G 94 -30.20 18.51 30.74
N ASP G 95 -31.39 18.30 31.33
CA ASP G 95 -32.70 18.33 30.67
C ASP G 95 -32.72 17.50 29.39
N ASN G 96 -32.05 16.35 29.44
CA ASN G 96 -31.99 15.43 28.30
C ASN G 96 -31.68 14.05 28.83
N THR G 97 -32.45 13.06 28.40
CA THR G 97 -32.21 11.68 28.80
C THR G 97 -30.95 11.14 28.13
N LYS G 98 -30.30 10.20 28.80
CA LYS G 98 -29.07 9.63 28.26
C LYS G 98 -29.32 8.83 26.98
N MET G 99 -30.40 8.07 26.94
CA MET G 99 -30.66 7.12 25.88
C MET G 99 -31.73 7.64 24.92
N LEU G 100 -31.58 7.31 23.65
CA LEU G 100 -32.61 7.61 22.65
C LEU G 100 -33.80 6.67 22.82
N VAL G 101 -34.98 7.21 22.58
CA VAL G 101 -36.24 6.47 22.66
C VAL G 101 -36.89 6.51 21.28
N PHE G 102 -37.25 5.34 20.77
CA PHE G 102 -37.90 5.18 19.48
C PHE G 102 -39.34 4.77 19.72
N MET G 103 -40.29 5.53 19.19
CA MET G 103 -41.69 5.20 19.40
C MET G 103 -42.55 5.87 18.33
N SER G 104 -43.76 5.33 18.18
CA SER G 104 -44.71 5.89 17.23
C SER G 104 -45.24 7.23 17.72
N LYS G 105 -45.53 8.11 16.77
CA LYS G 105 -45.96 9.47 17.09
C LYS G 105 -47.41 9.55 17.54
N ASP G 106 -48.21 8.52 17.27
CA ASP G 106 -49.63 8.59 17.62
C ASP G 106 -49.87 8.45 19.12
N LYS G 107 -48.94 7.81 19.83
CA LYS G 107 -49.13 7.53 21.26
C LYS G 107 -48.61 8.64 22.16
N ILE G 108 -48.03 9.71 21.59
CA ILE G 108 -47.62 10.84 22.41
C ILE G 108 -48.83 11.55 23.00
N LYS G 109 -49.97 11.51 22.30
CA LYS G 109 -51.20 12.06 22.86
C LYS G 109 -51.62 11.30 24.12
N ASP G 110 -51.48 9.97 24.10
CA ASP G 110 -51.80 9.18 25.30
C ASP G 110 -50.82 9.49 26.42
N LEU G 111 -49.54 9.70 26.08
CA LEU G 111 -48.56 10.06 27.09
C LEU G 111 -48.89 11.41 27.73
N ALA G 112 -49.30 12.38 26.92
CA ALA G 112 -49.73 13.66 27.47
C ALA G 112 -50.97 13.48 28.34
N ARG G 113 -51.88 12.59 27.93
CA ARG G 113 -53.09 12.33 28.70
C ARG G 113 -52.77 11.76 30.08
N ILE G 114 -51.86 10.78 30.15
CA ILE G 114 -51.56 10.18 31.45
C ILE G 114 -50.74 11.14 32.32
N VAL G 115 -49.77 11.85 31.72
CA VAL G 115 -48.95 12.77 32.50
C VAL G 115 -49.79 13.93 33.03
N LEU G 116 -50.75 14.41 32.24
CA LEU G 116 -51.61 15.51 32.67
C LEU G 116 -52.51 15.13 33.83
N ASP G 117 -52.81 13.84 34.01
CA ASP G 117 -53.66 13.41 35.12
C ASP G 117 -52.86 13.45 36.41
N ASN G 118 -53.37 14.20 37.39
CA ASN G 118 -52.69 14.39 38.67
C ASN G 118 -53.20 13.48 39.76
N SER G 119 -54.18 12.64 39.48
CA SER G 119 -54.85 11.85 40.51
C SER G 119 -54.21 10.48 40.72
N LEU G 120 -53.09 10.19 40.07
CA LEU G 120 -52.51 8.86 40.06
C LEU G 120 -51.10 8.93 40.62
N GLY G 121 -50.74 7.92 41.42
CA GLY G 121 -49.43 7.88 42.04
C GLY G 121 -48.30 7.69 41.04
N LEU G 122 -47.07 7.87 41.55
CA LEU G 122 -45.90 7.91 40.68
C LEU G 122 -45.61 6.56 40.03
N THR G 123 -45.57 5.49 40.83
CA THR G 123 -45.10 4.21 40.34
C THR G 123 -46.06 3.59 39.33
N GLU G 124 -47.37 3.69 39.58
CA GLU G 124 -48.34 3.11 38.65
C GLU G 124 -48.39 3.90 37.35
N ALA G 125 -48.24 5.23 37.43
CA ALA G 125 -48.16 6.04 36.22
C ALA G 125 -46.92 5.69 35.42
N ALA G 126 -45.80 5.45 36.11
CA ALA G 126 -44.58 5.02 35.42
C ALA G 126 -44.79 3.66 34.76
N GLN G 127 -45.50 2.75 35.42
CA GLN G 127 -45.80 1.45 34.84
C GLN G 127 -46.64 1.57 33.58
N GLN G 128 -47.68 2.42 33.61
CA GLN G 128 -48.51 2.61 32.43
C GLN G 128 -47.73 3.28 31.30
N VAL G 129 -46.85 4.23 31.64
CA VAL G 129 -46.01 4.87 30.64
C VAL G 129 -45.09 3.83 29.98
N ALA G 130 -44.49 2.96 30.79
CA ALA G 130 -43.63 1.92 30.25
C ALA G 130 -44.41 0.96 29.35
N ASN G 131 -45.63 0.59 29.76
CA ASN G 131 -46.44 -0.30 28.94
C ASN G 131 -46.79 0.33 27.60
N VAL G 132 -47.22 1.59 27.61
CA VAL G 132 -47.64 2.20 26.35
C VAL G 132 -46.44 2.55 25.48
N ILE G 133 -45.26 2.75 26.08
CA ILE G 133 -44.05 2.94 25.29
C ILE G 133 -43.65 1.61 24.64
N ALA G 134 -43.74 0.52 25.39
CA ALA G 134 -43.39 -0.78 24.84
C ALA G 134 -44.36 -1.24 23.75
N GLN G 135 -45.62 -0.81 23.83
CA GLN G 135 -46.61 -1.21 22.84
C GLN G 135 -46.74 -0.25 21.67
N ALA G 136 -45.92 0.79 21.60
CA ALA G 136 -46.01 1.81 20.55
C ALA G 136 -45.03 1.50 19.42
N THR G 137 -45.26 0.37 18.73
CA THR G 137 -44.37 -0.11 17.69
C THR G 137 -45.05 -0.21 16.32
N LEU G 138 -46.15 0.52 16.11
CA LEU G 138 -46.87 0.47 14.83
C LEU G 138 -46.49 1.70 14.01
N ALA G 139 -45.52 1.52 13.12
CA ALA G 139 -45.07 2.56 12.21
C ALA G 139 -44.28 1.91 11.09
N PRO G 140 -44.39 2.39 9.85
CA PRO G 140 -43.61 1.79 8.75
C PRO G 140 -42.11 1.83 8.96
N ASP G 141 -41.57 2.93 9.49
CA ASP G 141 -40.13 3.04 9.67
C ASP G 141 -39.65 2.17 10.82
N ILE G 142 -40.44 2.08 11.89
CA ILE G 142 -40.11 1.17 12.99
C ILE G 142 -40.18 -0.28 12.52
N ALA G 143 -41.16 -0.59 11.65
CA ALA G 143 -41.26 -1.93 11.10
C ALA G 143 -40.06 -2.26 10.22
N LEU G 144 -39.58 -1.27 9.45
CA LEU G 144 -38.47 -1.53 8.55
C LEU G 144 -37.14 -1.63 9.31
N CYS G 145 -36.92 -0.76 10.28
CA CYS G 145 -35.60 -0.62 10.91
C CYS G 145 -35.43 -1.43 12.18
N GLY G 146 -36.51 -1.74 12.90
CA GLY G 146 -36.40 -2.45 14.16
C GLY G 146 -36.14 -1.49 15.32
N ARG G 147 -36.28 -2.03 16.53
CA ARG G 147 -36.17 -1.22 17.74
C ARG G 147 -35.36 -1.93 18.80
N MET G 148 -34.59 -1.17 19.55
CA MET G 148 -33.92 -1.62 20.77
C MET G 148 -34.09 -0.60 21.88
N LEU G 149 -34.42 -1.09 23.07
CA LEU G 149 -34.54 -0.23 24.24
C LEU G 149 -34.26 -1.07 25.48
N GLU G 150 -33.17 -0.76 26.19
CA GLU G 150 -32.80 -1.44 27.43
C GLU G 150 -32.71 -0.39 28.54
N PRO G 151 -33.77 -0.19 29.30
CA PRO G 151 -33.74 0.86 30.34
C PRO G 151 -32.75 0.55 31.45
N ASN G 152 -32.22 1.62 32.05
CA ASN G 152 -31.24 1.49 33.13
C ASN G 152 -31.94 0.97 34.39
N ASP G 153 -31.72 -0.29 34.72
CA ASP G 153 -32.38 -0.90 35.87
C ASP G 153 -31.81 -0.42 37.20
N LYS G 154 -30.56 0.06 37.21
CA LYS G 154 -29.97 0.52 38.47
C LYS G 154 -30.55 1.85 38.92
N ASP G 155 -31.19 2.60 38.03
CA ASP G 155 -31.81 3.86 38.38
C ASP G 155 -33.33 3.81 38.47
N LYS G 156 -33.97 2.83 37.84
CA LYS G 156 -35.41 2.75 37.85
C LYS G 156 -35.92 2.24 39.20
N ASP G 157 -37.21 2.45 39.43
CA ASP G 157 -37.86 1.91 40.61
C ASP G 157 -38.02 0.40 40.48
N LYS G 158 -37.93 -0.29 41.62
CA LYS G 158 -37.99 -1.75 41.62
C LYS G 158 -39.39 -2.29 41.31
N LYS G 159 -40.42 -1.45 41.37
CA LYS G 159 -41.78 -1.89 41.11
C LYS G 159 -42.18 -1.79 39.64
N VAL G 160 -41.30 -1.31 38.78
CA VAL G 160 -41.62 -1.12 37.36
C VAL G 160 -41.25 -2.39 36.61
N LYS G 161 -42.20 -2.93 35.86
CA LYS G 161 -42.03 -4.17 35.11
C LYS G 161 -42.23 -3.86 33.63
N TRP G 162 -41.16 -3.99 32.85
CA TRP G 162 -41.20 -3.74 31.41
C TRP G 162 -41.60 -5.01 30.67
N SER G 163 -42.44 -4.84 29.65
CA SER G 163 -42.77 -5.93 28.73
C SER G 163 -41.70 -5.97 27.63
N ASN G 164 -41.97 -6.75 26.58
CA ASN G 164 -41.02 -6.86 25.49
C ASN G 164 -40.95 -5.55 24.70
N THR G 165 -39.76 -5.24 24.20
CA THR G 165 -39.53 -4.02 23.44
C THR G 165 -38.83 -4.23 22.12
N THR G 166 -38.04 -5.29 21.96
CA THR G 166 -37.30 -5.51 20.73
C THR G 166 -38.24 -5.89 19.58
N VAL G 167 -38.02 -5.28 18.42
CA VAL G 167 -38.75 -5.58 17.20
C VAL G 167 -37.78 -6.07 16.15
N GLU G 168 -38.16 -7.12 15.44
CA GLU G 168 -37.30 -7.71 14.42
C GLU G 168 -37.39 -6.87 13.15
N ALA G 169 -36.25 -6.36 12.70
CA ALA G 169 -36.22 -5.50 11.52
C ALA G 169 -36.54 -6.29 10.26
N ALA G 170 -37.40 -5.71 9.41
CA ALA G 170 -37.82 -6.35 8.17
C ALA G 170 -37.12 -5.74 6.95
N LEU G 171 -35.88 -5.30 7.11
CA LEU G 171 -35.15 -4.67 6.02
C LEU G 171 -33.66 -4.77 6.30
N GLN G 172 -32.88 -5.09 5.27
CA GLN G 172 -31.43 -5.13 5.36
C GLN G 172 -30.84 -4.21 4.31
N VAL G 173 -29.82 -3.44 4.69
CA VAL G 173 -29.17 -2.49 3.80
C VAL G 173 -27.67 -2.70 3.92
N ALA G 174 -26.99 -2.76 2.78
CA ALA G 174 -25.55 -3.00 2.73
C ALA G 174 -24.79 -1.71 2.56
N HIS G 175 -23.57 -1.67 3.11
CA HIS G 175 -22.67 -0.56 2.89
C HIS G 175 -22.30 -0.47 1.41
N ALA G 176 -22.68 0.63 0.77
CA ALA G 176 -22.39 0.82 -0.64
C ALA G 176 -20.90 0.95 -0.87
N ILE G 177 -20.38 0.22 -1.85
CA ILE G 177 -18.95 0.21 -2.16
C ILE G 177 -18.78 0.55 -3.64
N SER G 178 -17.60 1.08 -3.95
CA SER G 178 -17.28 1.46 -5.32
C SER G 178 -16.90 0.23 -6.13
N THR G 179 -17.36 0.20 -7.38
CA THR G 179 -17.03 -0.93 -8.26
C THR G 179 -15.56 -0.93 -8.62
N HIS G 180 -14.99 0.23 -8.95
CA HIS G 180 -13.59 0.36 -9.31
C HIS G 180 -12.75 0.69 -8.08
N ILE G 181 -11.46 0.91 -8.30
CA ILE G 181 -10.58 1.31 -7.21
C ILE G 181 -10.83 2.76 -6.83
N ALA G 182 -10.42 3.12 -5.62
CA ALA G 182 -10.67 4.45 -5.09
C ALA G 182 -9.52 5.40 -5.41
N ARG G 183 -9.87 6.65 -5.72
CA ARG G 183 -8.90 7.69 -6.03
C ARG G 183 -9.24 8.93 -5.22
N PRO G 184 -8.85 8.97 -3.95
CA PRO G 184 -9.14 10.15 -3.13
C PRO G 184 -8.37 11.37 -3.61
N GLU G 185 -8.99 12.53 -3.46
CA GLU G 185 -8.41 13.79 -3.90
C GLU G 185 -8.50 14.85 -2.80
N ILE G 186 -7.55 15.76 -2.81
CA ILE G 186 -7.44 16.82 -1.80
C ILE G 186 -7.71 18.16 -2.47
N ASP G 187 -8.66 18.92 -1.93
CA ASP G 187 -9.07 20.20 -2.47
C ASP G 187 -8.54 21.31 -1.57
N TYR G 188 -7.72 22.18 -2.13
CA TYR G 188 -7.14 23.31 -1.40
C TYR G 188 -8.06 24.51 -1.50
N PHE G 189 -8.53 25.00 -0.36
CA PHE G 189 -9.42 26.15 -0.32
C PHE G 189 -8.87 27.21 0.62
N VAL G 190 -9.25 28.46 0.37
CA VAL G 190 -9.11 29.52 1.36
C VAL G 190 -10.43 30.28 1.42
N ALA G 191 -10.66 30.96 2.53
CA ALA G 191 -11.82 31.83 2.71
C ALA G 191 -11.33 33.27 2.68
N ALA G 192 -11.87 34.05 1.75
CA ALA G 192 -11.34 35.39 1.50
C ALA G 192 -11.93 36.41 2.46
N ASP G 193 -11.05 37.27 2.98
CA ASP G 193 -11.50 38.43 3.73
C ASP G 193 -12.16 39.43 2.78
N ASP G 194 -13.32 39.93 3.17
CA ASP G 194 -14.10 40.78 2.28
C ASP G 194 -13.75 42.26 2.38
N VAL G 195 -12.85 42.64 3.29
CA VAL G 195 -12.48 44.05 3.44
C VAL G 195 -10.97 44.20 3.27
N PRO G 196 -10.50 45.34 2.78
CA PRO G 196 -9.05 45.58 2.74
C PRO G 196 -8.49 45.82 4.13
N GLY G 197 -7.21 45.49 4.29
CA GLY G 197 -6.53 45.69 5.56
C GLY G 197 -5.09 46.13 5.34
N GLU G 198 -4.17 45.47 6.04
CA GLU G 198 -2.75 45.72 5.86
C GLU G 198 -2.08 44.67 4.96
N ASP G 199 -2.25 43.40 5.29
CA ASP G 199 -1.71 42.32 4.49
C ASP G 199 -2.73 41.84 3.46
N ALA G 200 -2.24 41.19 2.41
CA ALA G 200 -3.09 40.61 1.39
C ALA G 200 -3.47 39.17 1.69
N GLY G 201 -3.20 38.70 2.90
CA GLY G 201 -3.52 37.33 3.26
C GLY G 201 -5.02 37.11 3.36
N ALA G 202 -5.40 35.84 3.23
CA ALA G 202 -6.79 35.44 3.30
C ALA G 202 -7.25 35.26 4.74
N GLY G 203 -8.41 34.64 4.91
CA GLY G 203 -8.89 34.30 6.23
C GLY G 203 -8.46 32.89 6.58
N HIS G 204 -9.37 31.94 6.48
CA HIS G 204 -8.98 30.56 6.69
C HIS G 204 -8.25 30.00 5.48
N ILE G 205 -7.45 28.96 5.73
CA ILE G 205 -6.77 28.17 4.71
C ILE G 205 -6.90 26.71 5.09
N GLY G 206 -7.32 25.87 4.15
CA GLY G 206 -7.54 24.47 4.51
C GLY G 206 -7.46 23.55 3.32
N GLU G 207 -7.46 22.25 3.63
CA GLU G 207 -7.40 21.19 2.63
C GLU G 207 -8.52 20.20 2.93
N SER G 208 -9.63 20.32 2.20
CA SER G 208 -10.71 19.36 2.32
C SER G 208 -10.42 18.15 1.44
N MET G 209 -11.28 17.15 1.48
CA MET G 209 -11.10 15.93 0.71
C MET G 209 -12.39 15.57 -0.01
N PHE G 210 -12.24 14.95 -1.18
CA PHE G 210 -13.40 14.53 -1.96
C PHE G 210 -12.97 13.44 -2.93
N ALA G 211 -13.96 12.70 -3.42
CA ALA G 211 -13.72 11.62 -4.37
C ALA G 211 -15.01 11.31 -5.11
N SER G 212 -14.86 10.84 -6.35
CA SER G 212 -15.99 10.44 -7.19
C SER G 212 -15.84 8.97 -7.55
N ALA G 213 -16.94 8.22 -7.45
CA ALA G 213 -16.90 6.79 -7.73
C ALA G 213 -18.29 6.31 -8.09
N CYS G 214 -18.32 5.16 -8.76
CA CYS G 214 -19.56 4.48 -9.12
C CYS G 214 -19.84 3.39 -8.09
N PHE G 215 -20.99 3.47 -7.45
CA PHE G 215 -21.32 2.64 -6.30
C PHE G 215 -22.31 1.55 -6.67
N TYR G 216 -22.24 0.46 -5.91
CA TYR G 216 -23.18 -0.65 -5.98
C TYR G 216 -23.91 -0.73 -4.64
N LYS G 217 -25.21 -0.42 -4.66
CA LYS G 217 -26.04 -0.42 -3.46
C LYS G 217 -26.97 -1.63 -3.46
N TYR G 218 -27.28 -2.11 -2.27
CA TYR G 218 -28.04 -3.35 -2.11
C TYR G 218 -29.05 -3.18 -0.97
N PHE G 219 -30.31 -3.51 -1.24
CA PHE G 219 -31.36 -3.49 -0.23
C PHE G 219 -32.16 -4.79 -0.32
N SER G 220 -32.65 -5.23 0.83
CA SER G 220 -33.46 -6.45 0.89
C SER G 220 -34.64 -6.21 1.82
N ILE G 221 -35.83 -6.62 1.38
CA ILE G 221 -37.06 -6.46 2.14
C ILE G 221 -37.68 -7.84 2.37
N ASP G 222 -38.03 -8.13 3.61
CA ASP G 222 -38.75 -9.34 3.97
C ASP G 222 -40.24 -9.00 4.05
N TRP G 223 -41.01 -9.64 3.17
CA TRP G 223 -42.43 -9.30 3.05
C TRP G 223 -43.22 -9.74 4.27
N GLU G 224 -43.04 -10.99 4.69
CA GLU G 224 -43.82 -11.53 5.79
C GLU G 224 -43.51 -10.81 7.10
N GLN G 225 -42.23 -10.52 7.35
CA GLN G 225 -41.86 -9.81 8.57
C GLN G 225 -42.40 -8.39 8.56
N LEU G 226 -42.42 -7.74 7.39
CA LEU G 226 -42.98 -6.39 7.30
C LEU G 226 -44.47 -6.40 7.59
N VAL G 227 -45.20 -7.36 7.03
CA VAL G 227 -46.64 -7.45 7.30
C VAL G 227 -46.90 -7.75 8.77
N LYS G 228 -46.10 -8.65 9.35
CA LYS G 228 -46.26 -9.01 10.77
C LYS G 228 -45.95 -7.82 11.67
N ASN G 229 -44.91 -7.05 11.37
CA ASN G 229 -44.56 -5.90 12.18
C ASN G 229 -45.57 -4.76 12.00
N LEU G 230 -46.24 -4.72 10.87
CA LEU G 230 -47.30 -3.73 10.65
C LEU G 230 -48.67 -4.22 11.12
N LYS G 231 -48.69 -5.20 12.03
CA LYS G 231 -49.91 -5.72 12.65
C LYS G 231 -50.90 -6.30 11.63
N GLY G 232 -50.38 -6.88 10.56
CA GLY G 232 -51.21 -7.63 9.63
C GLY G 232 -51.91 -6.81 8.57
N ASP G 233 -51.57 -5.54 8.40
CA ASP G 233 -52.20 -4.71 7.37
C ASP G 233 -51.34 -4.78 6.11
N THR G 234 -51.82 -5.51 5.11
CA THR G 234 -51.05 -5.72 3.88
C THR G 234 -51.02 -4.48 3.00
N ASN G 235 -52.07 -3.65 3.05
CA ASN G 235 -52.10 -2.43 2.25
C ASN G 235 -51.01 -1.46 2.70
N LEU G 236 -50.81 -1.33 4.01
CA LEU G 236 -49.74 -0.48 4.53
C LEU G 236 -48.38 -1.02 4.11
N ALA G 237 -48.20 -2.34 4.13
CA ALA G 237 -46.94 -2.93 3.71
C ALA G 237 -46.67 -2.68 2.23
N ALA G 238 -47.70 -2.81 1.39
CA ALA G 238 -47.54 -2.55 -0.04
C ALA G 238 -47.19 -1.09 -0.31
N HIS G 239 -47.89 -0.17 0.37
CA HIS G 239 -47.59 1.25 0.23
C HIS G 239 -46.17 1.54 0.71
N THR G 240 -45.75 0.89 1.79
CA THR G 240 -44.40 1.09 2.32
C THR G 240 -43.36 0.62 1.33
N VAL G 241 -43.58 -0.55 0.71
CA VAL G 241 -42.62 -1.08 -0.26
C VAL G 241 -42.53 -0.16 -1.48
N GLY G 242 -43.68 0.28 -1.99
CA GLY G 242 -43.67 1.15 -3.17
C GLY G 242 -43.01 2.49 -2.89
N ALA G 243 -43.37 3.11 -1.76
CA ALA G 243 -42.75 4.38 -1.39
C ALA G 243 -41.27 4.22 -1.09
N PHE G 244 -40.86 3.07 -0.53
CA PHE G 244 -39.45 2.82 -0.28
C PHE G 244 -38.67 2.73 -1.58
N LEU G 245 -39.21 2.03 -2.57
CA LEU G 245 -38.54 1.94 -3.86
C LEU G 245 -38.45 3.33 -4.52
N LEU G 246 -39.53 4.09 -4.46
CA LEU G 246 -39.52 5.43 -5.05
C LEU G 246 -38.53 6.35 -4.33
N ALA G 247 -38.43 6.24 -3.01
CA ALA G 247 -37.51 7.09 -2.25
C ALA G 247 -36.06 6.64 -2.43
N ALA G 248 -35.82 5.34 -2.59
CA ALA G 248 -34.46 4.87 -2.81
C ALA G 248 -33.99 5.20 -4.22
N ALA G 249 -34.92 5.33 -5.17
CA ALA G 249 -34.52 5.69 -6.52
C ALA G 249 -34.14 7.17 -6.63
N LYS G 250 -34.90 8.05 -5.98
CA LYS G 250 -34.75 9.48 -6.23
C LYS G 250 -34.39 10.29 -4.99
N THR G 251 -33.44 9.80 -4.19
CA THR G 251 -32.94 10.55 -3.04
C THR G 251 -31.50 10.14 -2.78
N ASN G 252 -30.66 11.13 -2.50
CA ASN G 252 -29.24 10.94 -2.23
C ASN G 252 -28.89 11.52 -0.86
N PRO G 253 -27.82 11.01 -0.22
CA PRO G 253 -27.41 11.56 1.08
C PRO G 253 -27.07 13.04 0.99
N SER G 254 -27.39 13.77 2.05
CA SER G 254 -27.30 15.22 2.07
C SER G 254 -25.95 15.74 2.57
N GLY G 255 -24.98 14.85 2.78
CA GLY G 255 -23.70 15.26 3.29
C GLY G 255 -22.90 16.12 2.32
N LYS G 256 -22.71 17.39 2.69
CA LYS G 256 -21.93 18.35 1.92
C LYS G 256 -22.42 18.48 0.48
N GLN G 257 -23.73 18.44 0.30
CA GLN G 257 -24.33 18.63 -1.01
C GLN G 257 -24.58 20.09 -1.34
N ASN G 258 -24.42 20.99 -0.36
CA ASN G 258 -24.53 22.41 -0.66
C ASN G 258 -23.33 22.91 -1.45
N SER G 259 -22.19 22.22 -1.34
CA SER G 259 -20.97 22.62 -2.03
C SER G 259 -20.63 21.73 -3.21
N PHE G 260 -21.21 20.54 -3.30
CA PHE G 260 -20.88 19.60 -4.37
C PHE G 260 -22.07 19.25 -5.24
N ALA G 261 -23.25 19.05 -4.64
CA ALA G 261 -24.52 18.87 -5.34
C ALA G 261 -24.47 17.71 -6.34
N ALA G 262 -24.17 16.51 -5.82
CA ALA G 262 -24.12 15.31 -6.65
C ALA G 262 -25.49 14.62 -6.63
N HIS G 263 -26.46 15.30 -7.22
CA HIS G 263 -27.83 14.78 -7.30
C HIS G 263 -28.01 13.96 -8.56
N ASN G 264 -27.27 12.86 -8.64
CA ASN G 264 -27.25 11.98 -9.79
C ASN G 264 -28.21 10.82 -9.59
N TYR G 265 -29.10 10.61 -10.55
CA TYR G 265 -30.01 9.48 -10.49
C TYR G 265 -29.27 8.19 -10.85
N PRO G 266 -29.70 7.05 -10.31
CA PRO G 266 -29.02 5.79 -10.63
C PRO G 266 -29.18 5.41 -12.10
N ASP G 267 -28.11 4.86 -12.66
CA ASP G 267 -28.12 4.42 -14.05
C ASP G 267 -28.46 2.94 -14.18
N GLY G 268 -28.69 2.25 -13.08
CA GLY G 268 -29.22 0.89 -13.15
C GLY G 268 -29.92 0.46 -11.89
N ILE G 269 -31.15 -0.03 -12.00
CA ILE G 269 -31.90 -0.56 -10.87
C ILE G 269 -32.48 -1.91 -11.28
N LEU G 270 -32.15 -2.94 -10.53
CA LEU G 270 -32.64 -4.29 -10.77
C LEU G 270 -33.39 -4.76 -9.53
N VAL G 271 -34.54 -5.40 -9.74
CA VAL G 271 -35.40 -5.88 -8.66
C VAL G 271 -35.65 -7.36 -8.88
N GLU G 272 -35.42 -8.16 -7.84
CA GLU G 272 -35.60 -9.60 -7.89
C GLU G 272 -36.47 -10.07 -6.75
N PHE G 273 -37.14 -11.20 -6.97
CA PHE G 273 -38.02 -11.84 -5.98
C PHE G 273 -37.52 -13.25 -5.74
N LYS G 274 -36.93 -13.50 -4.57
CA LYS G 274 -36.45 -14.83 -4.27
C LYS G 274 -36.41 -15.04 -2.76
N ASN G 275 -36.34 -16.31 -2.36
CA ASN G 275 -36.52 -16.71 -0.98
C ASN G 275 -35.27 -16.54 -0.12
N SER G 276 -34.12 -16.28 -0.73
CA SER G 276 -32.89 -16.11 0.03
C SER G 276 -32.15 -14.87 -0.44
N PRO G 277 -31.63 -14.04 0.47
CA PRO G 277 -30.94 -12.82 0.07
C PRO G 277 -29.52 -13.14 -0.40
N ILE G 278 -29.15 -12.58 -1.55
CA ILE G 278 -27.78 -12.67 -2.05
C ILE G 278 -27.38 -11.30 -2.61
N SER G 279 -26.14 -10.91 -2.33
CA SER G 279 -25.59 -9.66 -2.81
C SER G 279 -24.61 -9.94 -3.94
N TYR G 280 -24.71 -9.15 -5.01
CA TYR G 280 -23.82 -9.26 -6.15
C TYR G 280 -22.54 -8.44 -5.99
N ALA G 281 -22.11 -8.19 -4.76
CA ALA G 281 -20.91 -7.40 -4.53
C ALA G 281 -19.64 -8.10 -5.00
N ASN G 282 -19.69 -9.42 -5.20
CA ASN G 282 -18.53 -10.13 -5.72
C ASN G 282 -18.39 -10.02 -7.22
N ALA G 283 -19.27 -9.29 -7.89
CA ALA G 283 -19.09 -8.96 -9.30
C ALA G 283 -17.88 -8.07 -9.53
N PHE G 284 -17.42 -7.38 -8.50
CA PHE G 284 -16.38 -6.37 -8.62
C PHE G 284 -15.24 -6.65 -7.67
N VAL G 285 -14.89 -7.93 -7.47
CA VAL G 285 -13.69 -8.25 -6.70
C VAL G 285 -12.46 -7.73 -7.41
N ARG G 286 -12.37 -7.98 -8.71
CA ARG G 286 -11.38 -7.33 -9.55
C ARG G 286 -11.90 -5.96 -9.94
N PRO G 287 -11.17 -4.87 -9.67
CA PRO G 287 -11.69 -3.54 -9.99
C PRO G 287 -11.89 -3.34 -11.48
N VAL G 288 -12.93 -2.58 -11.82
CA VAL G 288 -13.22 -2.25 -13.21
C VAL G 288 -12.23 -1.19 -13.68
N SER G 289 -11.38 -1.56 -14.63
CA SER G 289 -10.41 -0.64 -15.20
C SER G 289 -10.95 -0.09 -16.50
N VAL G 290 -11.00 1.23 -16.61
CA VAL G 290 -11.61 1.88 -17.78
C VAL G 290 -10.68 1.76 -18.98
N VAL G 291 -11.27 1.51 -20.14
CA VAL G 291 -10.54 1.43 -21.39
C VAL G 291 -10.82 2.69 -22.20
N LYS G 292 -10.06 2.86 -23.29
CA LYS G 292 -10.14 4.09 -24.08
C LYS G 292 -11.44 4.21 -24.88
N GLU G 293 -12.18 3.11 -25.04
CA GLU G 293 -13.36 3.10 -25.88
C GLU G 293 -14.66 3.05 -25.08
N SER G 294 -14.73 2.19 -24.07
CA SER G 294 -15.93 2.04 -23.26
C SER G 294 -15.93 3.10 -22.16
N ASP G 295 -16.89 3.00 -21.23
CA ASP G 295 -16.97 3.94 -20.13
C ASP G 295 -16.99 3.20 -18.80
N LEU G 296 -17.26 3.93 -17.71
CA LEU G 296 -17.27 3.33 -16.39
C LEU G 296 -18.59 2.61 -16.12
N VAL G 297 -19.71 3.28 -16.39
CA VAL G 297 -21.01 2.74 -16.01
C VAL G 297 -21.37 1.53 -16.85
N GLU G 298 -21.11 1.59 -18.15
CA GLU G 298 -21.44 0.46 -19.02
C GLU G 298 -20.59 -0.76 -18.69
N GLN G 299 -19.31 -0.55 -18.37
CA GLN G 299 -18.45 -1.66 -17.96
C GLN G 299 -18.90 -2.25 -16.64
N SER G 300 -19.31 -1.39 -15.69
CA SER G 300 -19.81 -1.88 -14.41
C SER G 300 -21.08 -2.71 -14.59
N ILE G 301 -22.00 -2.24 -15.43
CA ILE G 301 -23.23 -2.98 -15.67
C ILE G 301 -22.93 -4.30 -16.38
N GLY G 302 -21.96 -4.30 -17.31
CA GLY G 302 -21.60 -5.53 -17.97
C GLY G 302 -21.01 -6.57 -17.04
N GLN G 303 -20.09 -6.14 -16.16
CA GLN G 303 -19.51 -7.07 -15.20
C GLN G 303 -20.55 -7.59 -14.22
N LEU G 304 -21.43 -6.70 -13.74
CA LEU G 304 -22.51 -7.12 -12.85
C LEU G 304 -23.42 -8.12 -13.53
N SER G 305 -23.71 -7.90 -14.82
CA SER G 305 -24.58 -8.80 -15.57
C SER G 305 -23.91 -10.16 -15.77
N ASN G 306 -22.61 -10.18 -16.03
CA ASN G 306 -21.89 -11.45 -16.17
C ASN G 306 -21.95 -12.24 -14.87
N TYR G 307 -21.72 -11.57 -13.73
CA TYR G 307 -21.77 -12.26 -12.45
C TYR G 307 -23.19 -12.72 -12.10
N VAL G 308 -24.19 -11.91 -12.47
CA VAL G 308 -25.59 -12.31 -12.27
C VAL G 308 -25.91 -13.55 -13.09
N ASN G 309 -25.42 -13.60 -14.33
CA ASN G 309 -25.62 -14.78 -15.17
C ASN G 309 -24.97 -16.01 -14.57
N ASP G 310 -23.75 -15.85 -14.06
CA ASP G 310 -23.04 -16.98 -13.45
C ASP G 310 -23.78 -17.48 -12.21
N ILE G 311 -24.30 -16.57 -11.38
CA ILE G 311 -25.07 -16.99 -10.22
C ILE G 311 -26.37 -17.68 -10.63
N ARG G 312 -27.09 -17.10 -11.60
CA ARG G 312 -28.39 -17.66 -11.97
C ARG G 312 -28.24 -19.03 -12.63
N LEU G 313 -27.15 -19.26 -13.36
CA LEU G 313 -26.94 -20.57 -13.94
C LEU G 313 -26.22 -21.53 -13.00
N GLY G 314 -25.63 -21.04 -11.92
CA GLY G 314 -24.90 -21.92 -11.00
C GLY G 314 -25.68 -22.30 -9.76
N TYR G 315 -26.60 -21.45 -9.33
CA TYR G 315 -27.37 -21.69 -8.12
C TYR G 315 -28.86 -21.75 -8.43
N TYR G 316 -29.24 -22.46 -9.47
CA TYR G 316 -30.62 -22.54 -9.91
C TYR G 316 -31.25 -23.86 -9.49
N ASP G 317 -32.47 -23.80 -8.98
CA ASP G 317 -33.26 -24.97 -8.68
C ASP G 317 -34.67 -24.78 -9.23
N GLU G 318 -35.27 -25.89 -9.69
CA GLU G 318 -36.62 -25.85 -10.23
C GLU G 318 -37.64 -25.49 -9.16
N GLN G 319 -37.37 -25.85 -7.91
CA GLN G 319 -38.32 -25.68 -6.82
C GLN G 319 -38.41 -24.24 -6.31
N SER G 320 -37.72 -23.29 -6.93
CA SER G 320 -37.81 -21.89 -6.55
C SER G 320 -37.54 -21.03 -7.76
N PRO G 321 -38.58 -20.60 -8.47
CA PRO G 321 -38.39 -19.70 -9.61
C PRO G 321 -38.01 -18.30 -9.15
N VAL G 322 -37.37 -17.56 -10.05
CA VAL G 322 -36.93 -16.20 -9.80
C VAL G 322 -37.43 -15.31 -10.94
N ILE G 323 -38.11 -14.22 -10.58
CA ILE G 323 -38.61 -13.23 -11.53
C ILE G 323 -37.90 -11.92 -11.25
N GLY G 324 -37.20 -11.41 -12.25
CA GLY G 324 -36.42 -10.19 -12.11
C GLY G 324 -36.90 -9.08 -13.02
N PHE G 325 -36.85 -7.85 -12.51
CA PHE G 325 -37.16 -6.66 -13.29
C PHE G 325 -35.93 -5.76 -13.32
N TRP G 326 -35.52 -5.36 -14.52
CA TRP G 326 -34.38 -4.48 -14.72
C TRP G 326 -34.88 -3.14 -15.25
N PHE G 327 -34.39 -2.05 -14.66
CA PHE G 327 -34.83 -0.71 -15.03
C PHE G 327 -33.63 0.13 -15.43
N SER G 328 -33.67 0.69 -16.64
CA SER G 328 -32.74 1.69 -17.10
C SER G 328 -33.55 2.81 -17.74
N PRO G 329 -33.13 4.08 -17.58
CA PRO G 329 -33.94 5.20 -18.09
C PRO G 329 -34.08 5.19 -19.61
N ASN G 330 -35.30 4.89 -20.07
CA ASN G 330 -35.61 4.77 -21.50
C ASN G 330 -34.70 3.77 -22.20
N ASN G 331 -34.35 2.70 -21.49
CA ASN G 331 -33.46 1.64 -21.98
C ASN G 331 -32.12 2.21 -22.46
N ARG G 332 -31.53 3.08 -21.64
CA ARG G 332 -30.21 3.61 -21.96
C ARG G 332 -29.15 2.54 -21.89
N TYR G 333 -29.26 1.62 -20.93
CA TYR G 333 -28.29 0.55 -20.75
C TYR G 333 -29.02 -0.79 -20.74
N PRO G 334 -28.56 -1.78 -21.50
CA PRO G 334 -29.06 -3.15 -21.32
C PRO G 334 -28.21 -3.92 -20.33
N LEU G 335 -28.82 -4.91 -19.69
CA LEU G 335 -28.13 -5.71 -18.70
C LEU G 335 -27.97 -7.17 -19.12
N GLY G 336 -29.09 -7.86 -19.43
CA GLY G 336 -29.15 -9.32 -19.31
C GLY G 336 -27.98 -10.05 -19.92
N TYR G 337 -27.61 -9.69 -21.14
CA TYR G 337 -26.36 -10.11 -21.76
C TYR G 337 -26.09 -9.17 -22.92
N LYS G 338 -25.03 -9.43 -23.69
CA LYS G 338 -24.86 -8.73 -24.94
C LYS G 338 -25.83 -9.22 -26.01
N HIS G 339 -26.41 -10.41 -25.82
CA HIS G 339 -27.44 -10.92 -26.73
C HIS G 339 -28.67 -11.50 -26.02
N SER G 340 -28.57 -11.90 -24.76
CA SER G 340 -29.68 -12.53 -24.05
C SER G 340 -30.23 -11.60 -23.00
N LYS G 341 -31.46 -11.87 -22.57
CA LYS G 341 -32.12 -11.10 -21.53
C LYS G 341 -32.46 -12.00 -20.36
N LEU G 342 -31.83 -11.75 -19.21
CA LEU G 342 -32.09 -12.50 -17.99
C LEU G 342 -33.19 -11.89 -17.15
N ALA G 343 -33.54 -10.63 -17.39
CA ALA G 343 -34.66 -10.00 -16.71
C ALA G 343 -35.93 -10.29 -17.50
N SER G 344 -36.97 -10.73 -16.79
CA SER G 344 -38.21 -11.14 -17.45
C SER G 344 -38.91 -9.98 -18.14
N ARG G 345 -38.65 -8.74 -17.72
CA ARG G 345 -39.28 -7.59 -18.35
C ARG G 345 -38.41 -6.36 -18.13
N ASN G 346 -37.78 -5.87 -19.20
CA ASN G 346 -37.03 -4.63 -19.13
C ASN G 346 -38.00 -3.46 -19.06
N ILE G 347 -37.76 -2.55 -18.14
CA ILE G 347 -38.62 -1.39 -17.95
C ILE G 347 -37.80 -0.13 -18.19
N GLY G 348 -38.31 0.75 -19.04
CA GLY G 348 -37.72 2.05 -19.27
C GLY G 348 -38.32 3.17 -18.45
N ASN G 349 -39.12 2.83 -17.45
CA ASN G 349 -39.84 3.82 -16.65
C ASN G 349 -39.74 3.41 -15.19
N LEU G 350 -39.87 4.40 -14.30
CA LEU G 350 -39.81 4.14 -12.87
C LEU G 350 -41.19 3.84 -12.29
N ASN G 351 -42.19 4.66 -12.64
CA ASN G 351 -43.54 4.44 -12.13
C ASN G 351 -44.12 3.14 -12.67
N GLU G 352 -43.83 2.80 -13.93
CA GLU G 352 -44.26 1.52 -14.48
C GLU G 352 -43.59 0.35 -13.76
N LEU G 353 -42.32 0.52 -13.39
CA LEU G 353 -41.64 -0.51 -12.62
C LEU G 353 -42.27 -0.70 -11.25
N VAL G 354 -42.63 0.41 -10.60
CA VAL G 354 -43.28 0.33 -9.28
C VAL G 354 -44.64 -0.36 -9.40
N GLY G 355 -45.41 0.00 -10.42
CA GLY G 355 -46.68 -0.67 -10.66
C GLY G 355 -46.50 -2.15 -10.94
N ALA G 356 -45.44 -2.51 -11.68
CA ALA G 356 -45.18 -3.91 -11.99
C ALA G 356 -44.83 -4.71 -10.75
N VAL G 357 -43.98 -4.17 -9.87
CA VAL G 357 -43.60 -4.94 -8.69
C VAL G 357 -44.79 -5.07 -7.74
N LEU G 358 -45.60 -4.00 -7.63
CA LEU G 358 -46.80 -4.10 -6.81
C LEU G 358 -47.78 -5.13 -7.38
N ASP G 359 -47.96 -5.12 -8.70
CA ASP G 359 -48.88 -6.06 -9.33
C ASP G 359 -48.41 -7.50 -9.18
N TYR G 360 -47.09 -7.73 -9.21
CA TYR G 360 -46.62 -9.08 -8.95
C TYR G 360 -46.79 -9.46 -7.48
N ILE G 361 -46.55 -8.50 -6.56
CA ILE G 361 -46.54 -8.84 -5.15
C ILE G 361 -47.95 -9.14 -4.64
N GLY G 362 -48.95 -8.40 -5.10
CA GLY G 362 -50.30 -8.76 -4.71
C GLY G 362 -51.39 -8.42 -5.72
N GLY G 363 -51.00 -7.93 -6.89
CA GLY G 363 -51.98 -7.30 -7.76
C GLY G 363 -52.38 -5.92 -7.30
N PHE G 364 -51.70 -5.35 -6.31
CA PHE G 364 -52.06 -4.04 -5.78
C PHE G 364 -51.75 -2.95 -6.79
N LYS G 365 -52.42 -1.81 -6.62
CA LYS G 365 -52.25 -0.66 -7.49
C LYS G 365 -51.79 0.53 -6.68
N TRP G 366 -50.98 1.39 -7.32
CA TRP G 366 -50.47 2.58 -6.67
C TRP G 366 -51.55 3.61 -6.37
N GLU G 367 -52.73 3.47 -6.96
CA GLU G 367 -53.84 4.39 -6.71
C GLU G 367 -54.73 3.94 -5.57
N GLU G 368 -54.42 2.83 -4.92
CA GLU G 368 -55.20 2.31 -3.81
C GLU G 368 -54.46 2.33 -2.48
N VAL G 369 -53.23 1.79 -2.45
CA VAL G 369 -52.46 1.79 -1.21
C VAL G 369 -52.05 3.19 -0.80
N GLN G 370 -51.77 4.05 -1.78
CA GLN G 370 -51.39 5.43 -1.51
C GLN G 370 -52.60 6.27 -1.12
N MET H 1 -14.48 -44.22 5.66
CA MET H 1 -14.90 -43.24 4.65
C MET H 1 -15.19 -41.89 5.28
N LEU H 2 -14.59 -40.84 4.72
CA LEU H 2 -14.76 -39.47 5.20
C LEU H 2 -15.05 -38.56 4.02
N ILE H 3 -16.00 -37.64 4.21
CA ILE H 3 -16.36 -36.64 3.21
C ILE H 3 -15.82 -35.30 3.70
N GLU H 4 -14.87 -34.72 2.98
CA GLU H 4 -14.24 -33.48 3.40
C GLU H 4 -14.51 -32.38 2.38
N ILE H 5 -14.95 -31.23 2.87
CA ILE H 5 -15.36 -30.11 2.02
C ILE H 5 -14.46 -28.92 2.32
N HIS H 6 -13.80 -28.39 1.30
CA HIS H 6 -12.98 -27.19 1.40
C HIS H 6 -13.60 -26.09 0.56
N MET H 7 -13.79 -24.92 1.14
CA MET H 7 -14.51 -23.84 0.50
C MET H 7 -13.70 -22.55 0.56
N ILE H 8 -13.75 -21.77 -0.51
CA ILE H 8 -13.15 -20.45 -0.57
C ILE H 8 -14.28 -19.43 -0.73
N GLN H 9 -14.33 -18.45 0.16
CA GLN H 9 -15.46 -17.52 0.17
C GLN H 9 -14.97 -16.12 0.50
N ASN H 10 -15.07 -15.20 -0.46
CA ASN H 10 -14.76 -13.80 -0.21
C ASN H 10 -16.01 -13.10 0.29
N HIS H 11 -15.86 -12.27 1.31
CA HIS H 11 -16.98 -11.63 1.96
C HIS H 11 -16.92 -10.11 1.80
N SER H 12 -18.09 -9.50 1.73
CA SER H 12 -18.20 -8.06 1.76
C SER H 12 -17.84 -7.55 3.16
N PRO H 13 -17.49 -6.25 3.28
CA PRO H 13 -17.20 -5.69 4.62
C PRO H 13 -18.31 -5.91 5.62
N ALA H 14 -18.04 -6.69 6.66
CA ALA H 14 -19.04 -7.05 7.65
C ALA H 14 -18.33 -7.47 8.93
N ASN H 15 -19.13 -7.84 9.94
CA ASN H 15 -18.67 -8.21 11.27
C ASN H 15 -19.37 -9.48 11.72
N LEU H 16 -19.33 -10.52 10.89
CA LEU H 16 -20.12 -11.73 11.11
C LEU H 16 -19.82 -12.41 12.44
N ASN H 17 -18.61 -12.25 12.97
CA ASN H 17 -18.24 -12.81 14.26
C ASN H 17 -17.37 -11.82 15.01
N ARG H 18 -17.64 -11.64 16.30
CA ARG H 18 -16.89 -10.70 17.10
C ARG H 18 -16.77 -11.21 18.53
N ASP H 19 -15.76 -10.70 19.23
CA ASP H 19 -15.47 -11.10 20.60
C ASP H 19 -16.20 -10.20 21.58
N ASP H 20 -15.80 -10.25 22.85
CA ASP H 20 -16.48 -9.49 23.91
C ASP H 20 -16.33 -8.00 23.73
N LEU H 21 -15.25 -7.54 23.10
CA LEU H 21 -15.00 -6.12 22.92
C LEU H 21 -15.56 -5.58 21.61
N GLY H 22 -16.20 -6.43 20.80
CA GLY H 22 -16.79 -6.01 19.55
C GLY H 22 -15.89 -6.16 18.34
N ALA H 23 -14.59 -6.31 18.54
CA ALA H 23 -13.67 -6.47 17.43
C ALA H 23 -13.88 -7.83 16.74
N PRO H 24 -13.69 -7.90 15.43
CA PRO H 24 -13.78 -9.19 14.75
C PRO H 24 -12.70 -10.15 15.22
N LYS H 25 -13.03 -11.44 15.23
CA LYS H 25 -12.13 -12.44 15.76
C LYS H 25 -10.95 -12.66 14.81
N THR H 26 -9.74 -12.67 15.38
CA THR H 26 -8.52 -12.87 14.61
C THR H 26 -7.70 -13.99 15.24
N CYS H 27 -6.67 -14.41 14.52
CA CYS H 27 -5.78 -15.47 14.97
C CYS H 27 -4.42 -15.29 14.31
N TYR H 28 -3.42 -15.98 14.85
CA TYR H 28 -2.06 -15.94 14.32
C TYR H 28 -1.77 -17.25 13.61
N PHE H 29 -1.66 -17.20 12.29
CA PHE H 29 -1.35 -18.38 11.48
C PHE H 29 -0.15 -18.08 10.59
N GLY H 30 0.86 -18.94 10.68
CA GLY H 30 2.06 -18.74 9.89
C GLY H 30 2.88 -17.52 10.28
N GLY H 31 2.74 -17.06 11.52
CA GLY H 31 3.40 -15.85 11.95
C GLY H 31 2.72 -14.57 11.50
N VAL H 32 1.57 -14.66 10.83
CA VAL H 32 0.87 -13.51 10.28
C VAL H 32 -0.56 -13.51 10.83
N LEU H 33 -1.09 -12.32 11.05
CA LEU H 33 -2.42 -12.15 11.64
C LEU H 33 -3.48 -12.30 10.56
N ARG H 34 -4.42 -13.24 10.77
CA ARG H 34 -5.51 -13.49 9.86
C ARG H 34 -6.84 -13.32 10.58
N SER H 35 -7.88 -13.04 9.80
CA SER H 35 -9.23 -12.98 10.34
C SER H 35 -9.80 -14.38 10.51
N ARG H 36 -10.67 -14.54 11.51
CA ARG H 36 -11.18 -15.85 11.87
C ARG H 36 -12.67 -15.78 12.12
N ILE H 37 -13.35 -16.88 11.79
CA ILE H 37 -14.73 -17.12 12.19
C ILE H 37 -14.75 -18.41 13.00
N SER H 38 -15.30 -18.35 14.22
CA SER H 38 -15.27 -19.50 15.11
C SER H 38 -16.13 -20.63 14.55
N SER H 39 -15.70 -21.86 14.83
CA SER H 39 -16.35 -23.04 14.25
C SER H 39 -17.76 -23.23 14.81
N GLN H 40 -17.97 -22.90 16.09
CA GLN H 40 -19.30 -23.03 16.68
C GLN H 40 -20.28 -22.07 16.04
N CYS H 41 -19.81 -20.90 15.59
CA CYS H 41 -20.67 -19.96 14.89
C CYS H 41 -21.18 -20.55 13.58
N ILE H 42 -20.28 -21.14 12.80
CA ILE H 42 -20.67 -21.78 11.54
C ILE H 42 -21.61 -22.94 11.80
N LYS H 43 -21.30 -23.76 12.82
CA LYS H 43 -22.13 -24.91 13.13
C LYS H 43 -23.55 -24.50 13.53
N ARG H 44 -23.67 -23.45 14.36
CA ARG H 44 -25.00 -23.00 14.75
C ARG H 44 -25.74 -22.36 13.58
N SER H 45 -25.04 -21.57 12.76
CA SER H 45 -25.70 -20.91 11.64
C SER H 45 -26.18 -21.92 10.60
N ILE H 46 -25.45 -23.02 10.42
CA ILE H 46 -25.95 -24.10 9.57
C ILE H 46 -27.12 -24.81 10.24
N ARG H 47 -27.00 -25.08 11.54
CA ARG H 47 -28.00 -25.87 12.25
C ARG H 47 -29.34 -25.16 12.32
N THR H 48 -29.35 -23.86 12.58
CA THR H 48 -30.58 -23.08 12.71
C THR H 48 -30.96 -22.38 11.41
N SER H 49 -30.64 -22.97 10.27
CA SER H 49 -30.93 -22.38 8.98
C SER H 49 -32.30 -22.84 8.48
N ASN H 50 -32.81 -22.11 7.47
CA ASN H 50 -34.08 -22.50 6.87
C ASN H 50 -33.94 -23.77 6.05
N ASP H 51 -32.78 -23.96 5.40
CA ASP H 51 -32.56 -25.12 4.56
C ASP H 51 -32.33 -26.39 5.37
N PHE H 52 -32.14 -26.28 6.68
CA PHE H 52 -31.98 -27.43 7.55
C PHE H 52 -33.18 -27.63 8.48
N LYS H 53 -34.30 -26.94 8.21
CA LYS H 53 -35.42 -26.92 9.13
C LYS H 53 -36.12 -28.28 9.20
N ALA H 54 -36.13 -29.04 8.11
CA ALA H 54 -36.75 -30.35 8.11
C ALA H 54 -36.00 -31.38 8.94
N LEU H 55 -34.78 -31.07 9.38
CA LEU H 55 -33.95 -32.00 10.12
C LEU H 55 -33.72 -31.57 11.56
N LEU H 56 -34.19 -30.38 11.96
CA LEU H 56 -34.00 -29.90 13.31
C LEU H 56 -34.91 -30.64 14.29
N GLY H 57 -34.39 -31.70 14.91
CA GLY H 57 -35.18 -32.49 15.83
C GLY H 57 -34.60 -32.56 17.23
N GLY H 58 -33.93 -31.50 17.66
CA GLY H 58 -33.34 -31.47 18.98
C GLY H 58 -33.26 -30.04 19.48
N VAL H 59 -33.32 -29.90 20.81
CA VAL H 59 -33.29 -28.59 21.45
C VAL H 59 -32.23 -28.62 22.55
N ARG H 60 -31.37 -27.61 22.59
CA ARG H 60 -30.38 -27.42 23.64
C ARG H 60 -30.86 -26.26 24.49
N THR H 61 -31.54 -26.56 25.59
CA THR H 61 -32.23 -25.56 26.38
C THR H 61 -31.74 -25.58 27.82
N ARG H 62 -32.03 -24.50 28.52
CA ARG H 62 -31.80 -24.43 29.96
C ARG H 62 -33.10 -24.53 30.76
N ARG H 63 -34.22 -24.12 30.18
CA ARG H 63 -35.52 -24.16 30.84
C ARG H 63 -36.31 -25.35 30.29
N LEU H 64 -36.25 -26.48 31.00
CA LEU H 64 -37.01 -27.66 30.63
C LEU H 64 -38.38 -27.71 31.30
N ALA H 65 -38.52 -27.15 32.49
CA ALA H 65 -39.82 -27.10 33.15
C ALA H 65 -40.81 -26.25 32.38
N ASP H 66 -40.33 -25.17 31.74
CA ASP H 66 -41.20 -24.37 30.90
C ASP H 66 -41.73 -25.18 29.71
N LEU H 67 -40.87 -25.97 29.08
CA LEU H 67 -41.32 -26.84 28.00
C LEU H 67 -42.29 -27.90 28.51
N ILE H 68 -42.05 -28.41 29.72
CA ILE H 68 -42.95 -29.40 30.32
C ILE H 68 -44.33 -28.81 30.51
N GLN H 69 -44.40 -27.59 31.04
CA GLN H 69 -45.69 -26.93 31.23
C GLN H 69 -46.34 -26.60 29.89
N GLN H 70 -45.56 -26.13 28.92
CA GLN H 70 -46.11 -25.73 27.63
C GLN H 70 -46.57 -26.92 26.80
N GLU H 71 -46.08 -28.12 27.08
CA GLU H 71 -46.54 -29.33 26.41
C GLU H 71 -47.54 -30.13 27.23
N ALA H 72 -47.76 -29.77 28.49
CA ALA H 72 -48.78 -30.40 29.31
C ALA H 72 -50.10 -29.66 29.26
N GLY H 73 -50.16 -28.49 28.62
CA GLY H 73 -51.39 -27.75 28.46
C GLY H 73 -51.76 -26.88 29.64
N GLU H 74 -52.78 -27.30 30.40
CA GLU H 74 -53.35 -26.48 31.45
C GLU H 74 -53.20 -27.03 32.86
N THR H 75 -52.91 -28.33 33.00
CA THR H 75 -52.76 -28.91 34.33
C THR H 75 -51.45 -28.47 34.96
N GLU H 76 -51.53 -28.00 36.20
CA GLU H 76 -50.40 -27.37 36.87
C GLU H 76 -49.43 -28.44 37.35
N CYS H 77 -48.25 -28.49 36.74
CA CYS H 77 -47.20 -29.42 37.15
C CYS H 77 -45.82 -28.79 37.11
N TRP H 78 -45.72 -27.47 37.09
CA TRP H 78 -44.44 -26.80 36.86
C TRP H 78 -43.51 -26.92 38.06
N LYS H 79 -44.02 -26.67 39.26
CA LYS H 79 -43.22 -26.89 40.46
C LYS H 79 -42.80 -28.34 40.60
N LYS H 80 -43.73 -29.26 40.31
CA LYS H 80 -43.42 -30.68 40.42
C LYS H 80 -42.32 -31.07 39.44
N ALA H 81 -42.40 -30.59 38.20
CA ALA H 81 -41.39 -30.87 37.20
C ALA H 81 -40.04 -30.29 37.61
N GLN H 82 -40.04 -29.08 38.18
CA GLN H 82 -38.81 -28.49 38.68
C GLN H 82 -38.21 -29.34 39.80
N GLU H 83 -39.07 -29.87 40.67
CA GLU H 83 -38.59 -30.70 41.78
C GLU H 83 -37.95 -32.00 41.27
N ILE H 84 -38.63 -32.69 40.35
CA ILE H 84 -38.05 -33.92 39.81
C ILE H 84 -36.80 -33.65 38.99
N LEU H 85 -36.73 -32.50 38.30
CA LEU H 85 -35.50 -32.13 37.62
C LEU H 85 -34.37 -31.87 38.62
N ASN H 86 -34.70 -31.29 39.77
CA ASN H 86 -33.68 -31.08 40.80
C ASN H 86 -33.24 -32.40 41.41
N LYS H 87 -34.12 -33.40 41.46
CA LYS H 87 -33.78 -34.65 42.12
C LYS H 87 -32.74 -35.47 41.34
N CYS H 88 -32.68 -35.30 40.03
CA CYS H 88 -31.74 -36.06 39.21
C CYS H 88 -30.41 -35.32 39.02
N GLY H 89 -30.07 -34.40 39.92
CA GLY H 89 -28.77 -33.76 39.90
C GLY H 89 -28.63 -32.69 38.83
N PHE H 90 -29.56 -31.72 38.82
CA PHE H 90 -29.51 -30.63 37.86
C PHE H 90 -29.50 -29.25 38.49
N LYS H 91 -29.85 -29.11 39.78
CA LYS H 91 -29.98 -27.84 40.50
C LYS H 91 -31.06 -26.96 39.88
N ASN H 92 -31.35 -25.81 40.51
CA ASN H 92 -32.39 -24.91 40.03
C ASN H 92 -32.06 -23.51 40.51
N LYS H 93 -31.90 -22.58 39.57
CA LYS H 93 -31.65 -21.17 39.86
C LYS H 93 -32.70 -20.34 39.12
N ASP H 94 -33.87 -20.16 39.75
CA ASP H 94 -34.94 -19.29 39.26
C ASP H 94 -35.42 -19.73 37.87
N ASP H 95 -36.03 -20.91 37.85
CA ASP H 95 -36.74 -21.50 36.72
C ASP H 95 -35.79 -22.02 35.63
N ASN H 96 -34.50 -21.77 35.77
CA ASN H 96 -33.52 -22.30 34.83
C ASN H 96 -32.44 -23.03 35.61
N THR H 97 -32.19 -24.29 35.27
CA THR H 97 -31.18 -25.07 35.96
C THR H 97 -29.79 -24.55 35.62
N LYS H 98 -28.79 -25.09 36.32
CA LYS H 98 -27.44 -24.59 36.18
C LYS H 98 -26.73 -25.06 34.92
N MET H 99 -27.32 -26.00 34.17
CA MET H 99 -26.67 -26.59 33.01
C MET H 99 -27.62 -26.65 31.83
N LEU H 100 -27.05 -26.59 30.63
CA LEU H 100 -27.79 -26.82 29.40
C LEU H 100 -27.97 -28.32 29.17
N VAL H 101 -29.13 -28.71 28.67
CA VAL H 101 -29.44 -30.11 28.42
C VAL H 101 -29.76 -30.28 26.93
N PHE H 102 -29.07 -31.20 26.29
CA PHE H 102 -29.27 -31.51 24.87
C PHE H 102 -30.13 -32.78 24.78
N MET H 103 -31.27 -32.68 24.11
CA MET H 103 -32.21 -33.79 24.05
C MET H 103 -33.16 -33.56 22.89
N SER H 104 -33.53 -34.65 22.21
CA SER H 104 -34.44 -34.56 21.08
C SER H 104 -35.81 -34.09 21.52
N LYS H 105 -36.46 -33.30 20.65
CA LYS H 105 -37.74 -32.69 20.98
C LYS H 105 -38.90 -33.67 20.98
N ASP H 106 -38.72 -34.88 20.45
CA ASP H 106 -39.79 -35.85 20.43
C ASP H 106 -40.10 -36.42 21.82
N LYS H 107 -39.17 -36.31 22.75
CA LYS H 107 -39.29 -36.97 24.04
C LYS H 107 -39.89 -36.08 25.13
N ILE H 108 -40.32 -34.86 24.79
CA ILE H 108 -40.95 -34.01 25.78
C ILE H 108 -42.33 -34.54 26.16
N LYS H 109 -43.01 -35.20 25.23
CA LYS H 109 -44.31 -35.79 25.54
C LYS H 109 -44.18 -36.91 26.58
N ASP H 110 -43.12 -37.72 26.47
CA ASP H 110 -42.88 -38.76 27.45
C ASP H 110 -42.60 -38.17 28.83
N LEU H 111 -41.78 -37.11 28.88
CA LEU H 111 -41.51 -36.45 30.15
C LEU H 111 -42.77 -35.86 30.75
N ALA H 112 -43.64 -35.30 29.91
CA ALA H 112 -44.94 -34.81 30.38
C ALA H 112 -45.78 -35.95 30.94
N ARG H 113 -45.74 -37.11 30.29
CA ARG H 113 -46.50 -38.26 30.78
C ARG H 113 -46.01 -38.71 32.15
N ILE H 114 -44.69 -38.76 32.36
CA ILE H 114 -44.18 -39.16 33.67
C ILE H 114 -44.46 -38.08 34.71
N VAL H 115 -44.42 -36.81 34.34
CA VAL H 115 -44.59 -35.77 35.36
C VAL H 115 -46.07 -35.57 35.72
N LEU H 116 -47.00 -35.90 34.81
CA LEU H 116 -48.40 -35.64 35.09
C LEU H 116 -48.98 -36.58 36.15
N ASP H 117 -48.73 -37.87 36.02
CA ASP H 117 -49.43 -38.84 36.85
C ASP H 117 -48.84 -38.90 38.26
N ASN H 118 -49.73 -38.96 39.24
CA ASN H 118 -49.36 -39.15 40.63
C ASN H 118 -49.36 -40.61 41.06
N SER H 119 -49.59 -41.53 40.12
CA SER H 119 -49.59 -42.96 40.45
C SER H 119 -48.22 -43.42 40.92
N LEU H 120 -47.16 -42.93 40.29
CA LEU H 120 -45.80 -43.24 40.70
C LEU H 120 -45.33 -42.28 41.78
N GLY H 121 -44.31 -42.70 42.53
CA GLY H 121 -43.71 -41.86 43.53
C GLY H 121 -42.78 -40.83 42.91
N LEU H 122 -42.12 -40.08 43.79
CA LEU H 122 -41.24 -39.02 43.31
C LEU H 122 -39.89 -39.58 42.85
N THR H 123 -39.13 -40.16 43.78
CA THR H 123 -37.72 -40.45 43.53
C THR H 123 -37.53 -41.46 42.40
N GLU H 124 -38.35 -42.51 42.38
CA GLU H 124 -38.25 -43.49 41.29
C GLU H 124 -38.54 -42.83 39.94
N ALA H 125 -39.51 -41.92 39.90
CA ALA H 125 -39.79 -41.18 38.68
C ALA H 125 -38.57 -40.40 38.22
N ALA H 126 -37.82 -39.84 39.18
CA ALA H 126 -36.58 -39.15 38.84
C ALA H 126 -35.63 -40.08 38.11
N GLN H 127 -35.48 -41.31 38.62
CA GLN H 127 -34.66 -42.30 37.94
C GLN H 127 -35.20 -42.55 36.54
N GLN H 128 -36.52 -42.68 36.43
CA GLN H 128 -37.15 -42.86 35.11
C GLN H 128 -36.84 -41.68 34.21
N VAL H 129 -36.86 -40.46 34.76
CA VAL H 129 -36.55 -39.27 33.98
C VAL H 129 -35.17 -39.37 33.37
N ALA H 130 -34.20 -39.88 34.16
CA ALA H 130 -32.85 -40.05 33.64
C ALA H 130 -32.84 -40.98 32.45
N ASN H 131 -33.59 -42.08 32.53
CA ASN H 131 -33.63 -43.05 31.45
C ASN H 131 -34.24 -42.49 30.17
N VAL H 132 -34.92 -41.34 30.24
CA VAL H 132 -35.39 -40.71 29.01
C VAL H 132 -34.37 -39.72 28.46
N ILE H 133 -33.60 -39.07 29.32
CA ILE H 133 -32.64 -38.10 28.81
C ILE H 133 -31.37 -38.79 28.33
N ALA H 134 -31.07 -39.98 28.86
CA ALA H 134 -29.93 -40.75 28.41
C ALA H 134 -30.18 -41.48 27.10
N GLN H 135 -31.43 -41.51 26.62
CA GLN H 135 -31.77 -42.22 25.40
C GLN H 135 -32.42 -41.30 24.36
N ALA H 136 -32.41 -39.99 24.58
CA ALA H 136 -32.99 -39.04 23.62
C ALA H 136 -31.92 -38.53 22.66
N THR H 137 -31.36 -39.46 21.89
CA THR H 137 -30.23 -39.17 21.01
C THR H 137 -30.56 -39.35 19.54
N LEU H 138 -31.82 -39.62 19.20
CA LEU H 138 -32.19 -39.89 17.81
C LEU H 138 -32.59 -38.60 17.09
N ALA H 139 -31.65 -37.65 17.05
CA ALA H 139 -31.83 -36.40 16.36
C ALA H 139 -30.69 -36.16 15.39
N PRO H 140 -30.95 -35.59 14.21
CA PRO H 140 -29.86 -35.27 13.28
C PRO H 140 -28.83 -34.30 13.83
N ASP H 141 -29.27 -33.30 14.60
CA ASP H 141 -28.33 -32.32 15.12
C ASP H 141 -27.48 -32.89 16.26
N ILE H 142 -28.07 -33.74 17.10
CA ILE H 142 -27.30 -34.46 18.10
C ILE H 142 -26.31 -35.40 17.44
N ALA H 143 -26.74 -36.07 16.36
CA ALA H 143 -25.86 -36.98 15.63
C ALA H 143 -24.68 -36.24 15.01
N LEU H 144 -24.91 -35.04 14.49
CA LEU H 144 -23.84 -34.29 13.86
C LEU H 144 -22.91 -33.65 14.89
N CYS H 145 -23.46 -32.79 15.75
CA CYS H 145 -22.61 -32.00 16.66
C CYS H 145 -22.02 -32.87 17.77
N GLY H 146 -22.84 -33.69 18.38
CA GLY H 146 -22.37 -34.49 19.51
C GLY H 146 -22.75 -33.87 20.83
N ARG H 147 -23.02 -34.73 21.82
CA ARG H 147 -23.50 -34.30 23.13
C ARG H 147 -22.71 -34.98 24.23
N MET H 148 -22.40 -34.22 25.28
CA MET H 148 -21.89 -34.78 26.52
C MET H 148 -22.60 -34.08 27.67
N LEU H 149 -23.06 -34.86 28.65
CA LEU H 149 -23.79 -34.29 29.77
C LEU H 149 -23.40 -35.02 31.05
N GLU H 150 -22.82 -34.28 31.99
CA GLU H 150 -22.44 -34.83 33.29
C GLU H 150 -23.23 -34.13 34.39
N PRO H 151 -24.19 -34.81 35.01
CA PRO H 151 -25.01 -34.17 36.05
C PRO H 151 -24.27 -34.04 37.37
N ASN H 152 -24.92 -33.38 38.31
CA ASN H 152 -24.33 -33.08 39.61
C ASN H 152 -24.22 -34.35 40.46
N ASP H 153 -23.59 -34.20 41.62
CA ASP H 153 -23.42 -35.30 42.56
C ASP H 153 -23.72 -34.93 44.00
N LYS H 154 -23.84 -33.65 44.33
CA LYS H 154 -24.08 -33.21 45.70
C LYS H 154 -25.56 -33.09 46.03
N ASP H 155 -26.46 -33.30 45.06
CA ASP H 155 -27.89 -33.24 45.32
C ASP H 155 -28.63 -34.36 44.60
N LYS H 156 -27.95 -35.47 44.30
CA LYS H 156 -28.60 -36.60 43.66
C LYS H 156 -29.37 -37.42 44.68
N ASP H 157 -30.22 -38.31 44.17
CA ASP H 157 -31.14 -39.07 45.01
C ASP H 157 -30.57 -40.42 45.44
N LYS H 158 -29.33 -40.74 45.06
CA LYS H 158 -28.58 -41.95 45.38
C LYS H 158 -29.17 -43.20 44.73
N LYS H 159 -30.33 -43.09 44.07
CA LYS H 159 -30.95 -44.18 43.34
C LYS H 159 -31.15 -43.83 41.87
N VAL H 160 -30.43 -42.81 41.39
CA VAL H 160 -30.65 -42.24 40.07
C VAL H 160 -29.38 -42.36 39.24
N LYS H 161 -28.63 -43.45 39.45
CA LYS H 161 -27.38 -43.65 38.72
C LYS H 161 -27.61 -43.65 37.22
N TRP H 162 -26.75 -42.93 36.51
CA TRP H 162 -26.97 -42.62 35.10
C TRP H 162 -26.31 -43.66 34.20
N SER H 163 -26.89 -43.83 33.02
CA SER H 163 -26.29 -44.65 31.98
C SER H 163 -25.28 -43.80 31.21
N ASN H 164 -24.82 -44.27 30.06
CA ASN H 164 -23.90 -43.51 29.24
C ASN H 164 -24.65 -42.43 28.49
N THR H 165 -24.34 -41.17 28.78
CA THR H 165 -25.05 -40.02 28.22
C THR H 165 -24.13 -39.19 27.33
N THR H 166 -23.33 -39.85 26.50
CA THR H 166 -22.46 -39.14 25.56
C THR H 166 -22.69 -39.68 24.16
N VAL H 167 -22.43 -38.82 23.17
CA VAL H 167 -22.50 -39.18 21.76
C VAL H 167 -21.25 -38.62 21.09
N GLU H 168 -20.48 -39.49 20.44
CA GLU H 168 -19.31 -39.04 19.71
C GLU H 168 -19.72 -38.22 18.51
N ALA H 169 -18.96 -37.15 18.24
CA ALA H 169 -19.28 -36.27 17.13
C ALA H 169 -19.02 -36.97 15.81
N ALA H 170 -19.93 -36.77 14.86
CA ALA H 170 -19.79 -37.29 13.51
C ALA H 170 -19.43 -36.21 12.51
N LEU H 171 -19.07 -35.01 12.98
CA LEU H 171 -18.76 -33.89 12.11
C LEU H 171 -17.70 -33.03 12.77
N GLN H 172 -16.61 -32.79 12.05
CA GLN H 172 -15.53 -31.93 12.53
C GLN H 172 -15.50 -30.67 11.68
N VAL H 173 -15.57 -29.52 12.35
CA VAL H 173 -15.59 -28.22 11.67
C VAL H 173 -14.42 -27.41 12.19
N ALA H 174 -13.63 -26.85 11.27
CA ALA H 174 -12.47 -26.06 11.63
C ALA H 174 -12.84 -24.59 11.77
N HIS H 175 -11.89 -23.81 12.29
CA HIS H 175 -12.06 -22.38 12.37
C HIS H 175 -11.69 -21.74 11.03
N ALA H 176 -12.59 -20.93 10.50
CA ALA H 176 -12.44 -20.39 9.15
C ALA H 176 -11.41 -19.29 9.15
N ILE H 177 -10.15 -19.66 8.91
CA ILE H 177 -9.06 -18.70 8.82
C ILE H 177 -9.15 -17.96 7.49
N SER H 178 -8.42 -16.86 7.37
CA SER H 178 -8.39 -16.06 6.15
C SER H 178 -7.16 -16.42 5.33
N THR H 179 -7.30 -16.31 4.00
CA THR H 179 -6.20 -16.63 3.11
C THR H 179 -5.15 -15.53 3.03
N HIS H 180 -5.47 -14.33 3.48
CA HIS H 180 -4.53 -13.22 3.40
C HIS H 180 -4.34 -12.55 4.76
N ILE H 181 -3.66 -11.40 4.77
CA ILE H 181 -3.45 -10.66 6.01
C ILE H 181 -4.77 -10.08 6.52
N ALA H 182 -4.77 -9.73 7.81
CA ALA H 182 -5.93 -9.09 8.42
C ALA H 182 -5.88 -7.59 8.20
N ARG H 183 -7.02 -7.00 7.86
CA ARG H 183 -7.14 -5.56 7.64
C ARG H 183 -8.34 -5.04 8.43
N PRO H 184 -8.18 -4.86 9.74
CA PRO H 184 -9.30 -4.37 10.55
C PRO H 184 -9.57 -2.91 10.27
N GLU H 185 -10.85 -2.54 10.26
CA GLU H 185 -11.28 -1.19 9.95
C GLU H 185 -12.28 -0.71 10.99
N ILE H 186 -12.28 0.60 11.21
CA ILE H 186 -13.14 1.25 12.18
C ILE H 186 -14.15 2.11 11.43
N ASP H 187 -15.44 1.90 11.73
CA ASP H 187 -16.53 2.69 11.18
C ASP H 187 -17.01 3.63 12.27
N TYR H 188 -16.74 4.92 12.11
CA TYR H 188 -17.13 5.94 13.08
C TYR H 188 -18.57 6.34 12.81
N PHE H 189 -19.48 5.94 13.68
CA PHE H 189 -20.90 6.18 13.47
C PHE H 189 -21.42 7.20 14.48
N VAL H 190 -22.50 7.87 14.09
CA VAL H 190 -23.23 8.80 14.94
C VAL H 190 -24.70 8.42 14.82
N ALA H 191 -25.48 8.84 15.81
CA ALA H 191 -26.92 8.58 15.84
C ALA H 191 -27.61 9.87 16.22
N ALA H 192 -28.41 10.39 15.29
CA ALA H 192 -28.96 11.73 15.39
C ALA H 192 -30.32 11.71 16.11
N ASP H 193 -30.74 12.91 16.51
CA ASP H 193 -32.01 13.10 17.22
C ASP H 193 -33.04 13.65 16.25
N ASP H 194 -34.23 13.04 16.23
CA ASP H 194 -35.26 13.45 15.29
C ASP H 194 -35.91 14.78 15.65
N VAL H 195 -35.74 15.25 16.88
CA VAL H 195 -36.36 16.48 17.34
C VAL H 195 -35.28 17.55 17.43
N PRO H 196 -35.41 18.67 16.73
CA PRO H 196 -34.40 19.73 16.83
C PRO H 196 -34.39 20.37 18.21
N GLY H 197 -33.22 20.86 18.59
CA GLY H 197 -33.04 21.54 19.86
C GLY H 197 -32.18 22.79 19.72
N GLU H 198 -31.46 23.14 20.78
CA GLU H 198 -30.59 24.30 20.71
C GLU H 198 -29.31 23.99 19.93
N ASP H 199 -28.56 22.99 20.39
CA ASP H 199 -27.28 22.67 19.77
C ASP H 199 -27.49 21.84 18.50
N ALA H 200 -26.39 21.60 17.80
CA ALA H 200 -26.37 20.75 16.61
C ALA H 200 -25.92 19.34 16.93
N GLY H 201 -25.76 19.00 18.20
CA GLY H 201 -25.29 17.69 18.58
C GLY H 201 -26.29 16.59 18.30
N ALA H 202 -25.79 15.36 18.31
CA ALA H 202 -26.57 14.18 18.03
C ALA H 202 -26.76 13.35 19.28
N GLY H 203 -27.63 12.34 19.18
CA GLY H 203 -27.97 11.52 20.33
C GLY H 203 -26.81 10.68 20.83
N HIS H 204 -26.07 10.05 19.92
CA HIS H 204 -25.02 9.13 20.33
C HIS H 204 -23.86 9.20 19.36
N ILE H 205 -22.65 8.94 19.85
CA ILE H 205 -21.45 8.85 19.03
C ILE H 205 -20.72 7.58 19.41
N GLY H 206 -20.27 6.81 18.41
CA GLY H 206 -19.52 5.62 18.73
C GLY H 206 -18.70 5.15 17.54
N GLU H 207 -18.03 4.03 17.74
CA GLU H 207 -17.28 3.40 16.65
C GLU H 207 -17.56 1.90 16.67
N SER H 208 -17.72 1.34 15.48
CA SER H 208 -17.84 -0.10 15.28
C SER H 208 -16.63 -0.60 14.51
N MET H 209 -16.47 -1.92 14.47
CA MET H 209 -15.34 -2.54 13.81
C MET H 209 -15.83 -3.53 12.77
N PHE H 210 -15.16 -3.54 11.62
CA PHE H 210 -15.53 -4.43 10.54
C PHE H 210 -14.29 -4.74 9.71
N ALA H 211 -14.37 -5.83 8.95
CA ALA H 211 -13.27 -6.24 8.07
C ALA H 211 -13.83 -7.10 6.96
N SER H 212 -13.18 -7.04 5.79
CA SER H 212 -13.53 -7.85 4.65
C SER H 212 -12.38 -8.79 4.34
N ALA H 213 -12.70 -10.06 4.08
CA ALA H 213 -11.67 -11.06 3.92
C ALA H 213 -12.16 -12.21 3.07
N CYS H 214 -11.22 -13.01 2.58
CA CYS H 214 -11.50 -14.26 1.91
C CYS H 214 -11.19 -15.40 2.88
N PHE H 215 -12.20 -16.20 3.20
CA PHE H 215 -12.09 -17.24 4.20
C PHE H 215 -11.96 -18.60 3.54
N TYR H 216 -11.19 -19.47 4.21
CA TYR H 216 -11.03 -20.87 3.83
C TYR H 216 -11.76 -21.71 4.86
N LYS H 217 -12.84 -22.36 4.43
CA LYS H 217 -13.67 -23.18 5.30
C LYS H 217 -13.34 -24.66 5.08
N TYR H 218 -13.30 -25.41 6.17
CA TYR H 218 -13.00 -26.84 6.11
C TYR H 218 -13.99 -27.60 6.97
N PHE H 219 -14.63 -28.61 6.38
CA PHE H 219 -15.57 -29.47 7.09
C PHE H 219 -15.22 -30.92 6.82
N SER H 220 -15.55 -31.79 7.77
CA SER H 220 -15.32 -33.23 7.60
C SER H 220 -16.49 -33.99 8.23
N ILE H 221 -16.96 -35.01 7.52
CA ILE H 221 -18.08 -35.84 7.97
C ILE H 221 -17.64 -37.30 7.95
N ASP H 222 -17.89 -38.01 9.04
CA ASP H 222 -17.59 -39.43 9.16
C ASP H 222 -18.88 -40.21 8.91
N TRP H 223 -18.96 -40.88 7.76
CA TRP H 223 -20.19 -41.55 7.36
C TRP H 223 -20.53 -42.72 8.28
N GLU H 224 -19.53 -43.53 8.65
CA GLU H 224 -19.78 -44.68 9.52
C GLU H 224 -20.25 -44.24 10.90
N GLN H 225 -19.60 -43.24 11.48
CA GLN H 225 -20.04 -42.74 12.78
C GLN H 225 -21.38 -42.03 12.67
N LEU H 226 -21.68 -41.44 11.52
CA LEU H 226 -22.99 -40.82 11.32
C LEU H 226 -24.10 -41.85 11.30
N VAL H 227 -23.92 -42.93 10.55
CA VAL H 227 -24.95 -43.96 10.50
C VAL H 227 -25.01 -44.77 11.78
N LYS H 228 -23.92 -44.79 12.56
CA LYS H 228 -23.99 -45.39 13.89
C LYS H 228 -24.69 -44.47 14.89
N ASN H 229 -24.58 -43.16 14.71
CA ASN H 229 -25.23 -42.20 15.60
C ASN H 229 -26.75 -42.25 15.47
N LEU H 230 -27.25 -42.56 14.28
CA LEU H 230 -28.68 -42.66 14.04
C LEU H 230 -29.18 -44.10 14.00
N LYS H 231 -28.33 -45.05 14.41
CA LYS H 231 -28.66 -46.48 14.49
C LYS H 231 -29.09 -47.03 13.14
N GLY H 232 -28.15 -46.98 12.19
CA GLY H 232 -28.31 -47.65 10.92
C GLY H 232 -29.25 -46.99 9.93
N ASP H 233 -29.72 -45.78 10.22
CA ASP H 233 -30.65 -45.07 9.32
C ASP H 233 -29.83 -44.42 8.21
N THR H 234 -29.49 -45.22 7.19
CA THR H 234 -28.69 -44.73 6.09
C THR H 234 -29.45 -43.68 5.26
N ASN H 235 -30.75 -43.89 5.08
CA ASN H 235 -31.58 -42.92 4.37
C ASN H 235 -31.56 -41.56 5.06
N LEU H 236 -31.83 -41.56 6.37
CA LEU H 236 -31.85 -40.30 7.11
C LEU H 236 -30.45 -39.68 7.17
N ALA H 237 -29.41 -40.51 7.25
CA ALA H 237 -28.05 -39.99 7.25
C ALA H 237 -27.70 -39.30 5.93
N ALA H 238 -28.10 -39.91 4.81
CA ALA H 238 -27.87 -39.27 3.51
C ALA H 238 -28.67 -37.98 3.39
N HIS H 239 -29.89 -37.97 3.93
CA HIS H 239 -30.69 -36.74 3.93
C HIS H 239 -30.00 -35.65 4.72
N THR H 240 -29.43 -36.00 5.88
CA THR H 240 -28.69 -35.03 6.67
C THR H 240 -27.47 -34.50 5.92
N VAL H 241 -26.76 -35.39 5.22
CA VAL H 241 -25.57 -34.96 4.49
C VAL H 241 -25.93 -33.99 3.37
N GLY H 242 -26.99 -34.31 2.61
CA GLY H 242 -27.40 -33.43 1.53
C GLY H 242 -27.91 -32.09 2.03
N ALA H 243 -28.76 -32.11 3.06
CA ALA H 243 -29.26 -30.87 3.62
C ALA H 243 -28.14 -30.04 4.24
N PHE H 244 -27.16 -30.71 4.85
CA PHE H 244 -26.02 -29.99 5.42
C PHE H 244 -25.20 -29.32 4.33
N LEU H 245 -24.99 -30.01 3.20
CA LEU H 245 -24.26 -29.39 2.10
C LEU H 245 -25.00 -28.16 1.57
N LEU H 246 -26.31 -28.28 1.39
CA LEU H 246 -27.10 -27.16 0.89
C LEU H 246 -27.07 -25.98 1.86
N ALA H 247 -27.25 -26.26 3.16
CA ALA H 247 -27.25 -25.20 4.16
C ALA H 247 -25.89 -24.55 4.31
N ALA H 248 -24.82 -25.35 4.29
CA ALA H 248 -23.48 -24.80 4.41
C ALA H 248 -23.13 -23.93 3.21
N ALA H 249 -23.58 -24.32 2.02
CA ALA H 249 -23.29 -23.51 0.85
C ALA H 249 -24.13 -22.23 0.80
N LYS H 250 -25.39 -22.30 1.26
CA LYS H 250 -26.35 -21.23 0.99
C LYS H 250 -26.73 -20.42 2.23
N THR H 251 -25.90 -20.48 3.27
CA THR H 251 -26.17 -19.72 4.49
C THR H 251 -24.93 -19.04 5.08
N ASN H 252 -25.12 -17.88 5.67
CA ASN H 252 -24.05 -17.13 6.31
C ASN H 252 -24.45 -16.80 7.74
N PRO H 253 -23.47 -16.65 8.63
CA PRO H 253 -23.79 -16.26 10.01
C PRO H 253 -24.48 -14.90 10.07
N SER H 254 -25.48 -14.80 10.95
CA SER H 254 -26.32 -13.61 11.06
C SER H 254 -25.79 -12.63 12.10
N GLY H 255 -24.54 -12.21 11.95
CA GLY H 255 -23.98 -11.22 12.85
C GLY H 255 -23.86 -9.85 12.21
N LYS H 256 -24.62 -8.89 12.73
CA LYS H 256 -24.68 -7.51 12.21
C LYS H 256 -25.05 -7.49 10.73
N GLN H 257 -25.95 -8.38 10.32
CA GLN H 257 -26.35 -8.48 8.93
C GLN H 257 -27.47 -7.51 8.56
N ASN H 258 -28.07 -6.84 9.53
CA ASN H 258 -29.03 -5.78 9.22
C ASN H 258 -28.34 -4.47 8.91
N SER H 259 -27.04 -4.36 9.15
CA SER H 259 -26.28 -3.16 8.84
C SER H 259 -25.24 -3.38 7.75
N PHE H 260 -24.89 -4.61 7.42
CA PHE H 260 -23.89 -4.90 6.42
C PHE H 260 -24.39 -5.78 5.29
N ALA H 261 -25.23 -6.78 5.61
CA ALA H 261 -25.91 -7.62 4.62
C ALA H 261 -24.92 -8.29 3.66
N ALA H 262 -23.87 -8.88 4.21
CA ALA H 262 -22.86 -9.56 3.41
C ALA H 262 -23.33 -10.98 3.11
N HIS H 263 -24.27 -11.08 2.17
CA HIS H 263 -24.85 -12.37 1.79
C HIS H 263 -24.16 -12.90 0.53
N ASN H 264 -22.87 -13.22 0.68
CA ASN H 264 -22.04 -13.62 -0.44
C ASN H 264 -21.95 -15.13 -0.53
N TYR H 265 -22.04 -15.64 -1.77
CA TYR H 265 -21.93 -17.07 -2.05
C TYR H 265 -20.48 -17.50 -2.17
N PRO H 266 -20.19 -18.77 -1.92
CA PRO H 266 -18.84 -19.27 -2.16
C PRO H 266 -18.48 -19.27 -3.64
N ASP H 267 -17.20 -19.05 -3.92
CA ASP H 267 -16.69 -19.03 -5.28
C ASP H 267 -15.94 -20.30 -5.64
N GLY H 268 -15.93 -21.30 -4.77
CA GLY H 268 -15.32 -22.57 -5.08
C GLY H 268 -15.51 -23.60 -3.98
N ILE H 269 -15.95 -24.80 -4.33
CA ILE H 269 -16.16 -25.89 -3.38
C ILE H 269 -15.43 -27.12 -3.87
N LEU H 270 -14.67 -27.77 -2.99
CA LEU H 270 -13.97 -28.99 -3.32
C LEU H 270 -14.40 -30.07 -2.33
N VAL H 271 -15.02 -31.13 -2.86
CA VAL H 271 -15.56 -32.22 -2.04
C VAL H 271 -14.78 -33.49 -2.35
N GLU H 272 -14.12 -34.04 -1.33
CA GLU H 272 -13.25 -35.19 -1.51
C GLU H 272 -13.74 -36.35 -0.64
N PHE H 273 -13.60 -37.56 -1.17
CA PHE H 273 -13.91 -38.79 -0.45
C PHE H 273 -12.60 -39.47 -0.10
N LYS H 274 -12.34 -39.65 1.19
CA LYS H 274 -11.06 -40.17 1.65
C LYS H 274 -11.28 -41.26 2.70
N ASN H 275 -10.17 -41.75 3.24
CA ASN H 275 -10.19 -42.61 4.42
C ASN H 275 -9.53 -41.96 5.63
N SER H 276 -8.67 -40.98 5.41
CA SER H 276 -8.01 -40.22 6.47
C SER H 276 -8.14 -38.73 6.17
N PRO H 277 -8.40 -37.91 7.18
CA PRO H 277 -8.66 -36.49 6.92
C PRO H 277 -7.38 -35.71 6.64
N ILE H 278 -7.44 -34.83 5.64
CA ILE H 278 -6.36 -33.93 5.30
C ILE H 278 -6.92 -32.52 5.21
N SER H 279 -6.20 -31.56 5.77
CA SER H 279 -6.58 -30.16 5.72
C SER H 279 -5.64 -29.41 4.79
N TYR H 280 -6.21 -28.58 3.91
CA TYR H 280 -5.43 -27.76 2.99
C TYR H 280 -5.21 -26.36 3.52
N ALA H 281 -5.28 -26.18 4.84
CA ALA H 281 -5.05 -24.86 5.43
C ALA H 281 -3.60 -24.40 5.27
N ASN H 282 -2.67 -25.31 5.03
CA ASN H 282 -1.27 -24.96 4.82
C ASN H 282 -1.00 -24.43 3.42
N ALA H 283 -2.03 -24.34 2.57
CA ALA H 283 -1.87 -23.69 1.27
C ALA H 283 -1.54 -22.22 1.43
N PHE H 284 -2.00 -21.60 2.51
CA PHE H 284 -1.85 -20.17 2.74
C PHE H 284 -0.97 -19.87 3.94
N VAL H 285 0.10 -20.66 4.13
CA VAL H 285 1.11 -20.29 5.11
C VAL H 285 1.79 -18.99 4.69
N ARG H 286 2.12 -18.89 3.41
CA ARG H 286 2.45 -17.60 2.82
C ARG H 286 1.15 -16.88 2.49
N PRO H 287 0.94 -15.67 3.01
CA PRO H 287 -0.31 -14.95 2.73
C PRO H 287 -0.42 -14.58 1.26
N VAL H 288 -1.67 -14.42 0.82
CA VAL H 288 -1.96 -14.12 -0.59
C VAL H 288 -1.92 -12.62 -0.78
N SER H 289 -0.98 -12.15 -1.60
CA SER H 289 -0.91 -10.76 -1.99
C SER H 289 -1.74 -10.56 -3.26
N VAL H 290 -1.78 -9.32 -3.74
CA VAL H 290 -2.62 -8.96 -4.88
C VAL H 290 -1.74 -8.47 -6.02
N VAL H 291 -1.97 -9.02 -7.20
CA VAL H 291 -1.37 -8.53 -8.43
C VAL H 291 -2.47 -7.96 -9.30
N LYS H 292 -2.14 -6.94 -10.09
CA LYS H 292 -3.13 -6.30 -10.95
C LYS H 292 -3.66 -7.24 -12.01
N GLU H 293 -2.85 -8.21 -12.43
CA GLU H 293 -3.23 -9.13 -13.49
C GLU H 293 -4.30 -10.13 -13.05
N SER H 294 -4.58 -10.23 -11.77
CA SER H 294 -5.58 -11.17 -11.25
C SER H 294 -6.35 -10.48 -10.13
N ASP H 295 -7.12 -11.27 -9.37
CA ASP H 295 -7.83 -10.77 -8.21
C ASP H 295 -7.64 -11.74 -7.05
N LEU H 296 -8.23 -11.40 -5.91
CA LEU H 296 -7.99 -12.13 -4.67
C LEU H 296 -8.48 -13.58 -4.76
N VAL H 297 -9.69 -13.77 -5.29
CA VAL H 297 -10.29 -15.11 -5.30
C VAL H 297 -9.55 -16.03 -6.26
N GLU H 298 -9.19 -15.52 -7.44
CA GLU H 298 -8.46 -16.33 -8.42
C GLU H 298 -7.09 -16.72 -7.89
N GLN H 299 -6.39 -15.78 -7.24
CA GLN H 299 -5.09 -16.09 -6.65
C GLN H 299 -5.21 -17.11 -5.54
N SER H 300 -6.24 -16.99 -4.70
CA SER H 300 -6.46 -17.96 -3.63
C SER H 300 -6.75 -19.34 -4.19
N ILE H 301 -7.56 -19.42 -5.24
CA ILE H 301 -7.88 -20.70 -5.86
C ILE H 301 -6.65 -21.31 -6.52
N GLY H 302 -5.82 -20.48 -7.14
CA GLY H 302 -4.58 -20.99 -7.72
C GLY H 302 -3.62 -21.51 -6.67
N GLN H 303 -3.50 -20.80 -5.54
CA GLN H 303 -2.66 -21.28 -4.45
C GLN H 303 -3.18 -22.60 -3.89
N LEU H 304 -4.50 -22.70 -3.72
CA LEU H 304 -5.10 -23.94 -3.24
C LEU H 304 -4.83 -25.09 -4.21
N SER H 305 -4.95 -24.83 -5.52
CA SER H 305 -4.69 -25.86 -6.52
C SER H 305 -3.24 -26.30 -6.49
N ASN H 306 -2.31 -25.35 -6.35
CA ASN H 306 -0.89 -25.71 -6.27
C ASN H 306 -0.61 -26.58 -5.05
N TYR H 307 -1.17 -26.22 -3.90
CA TYR H 307 -0.93 -27.04 -2.71
C TYR H 307 -1.61 -28.40 -2.79
N VAL H 308 -2.78 -28.47 -3.43
CA VAL H 308 -3.45 -29.75 -3.62
C VAL H 308 -2.63 -30.66 -4.53
N ASN H 309 -2.05 -30.09 -5.59
CA ASN H 309 -1.15 -30.86 -6.45
C ASN H 309 0.06 -31.35 -5.68
N ASP H 310 0.65 -30.48 -4.84
CA ASP H 310 1.80 -30.87 -4.02
C ASP H 310 1.43 -32.02 -3.09
N ILE H 311 0.28 -31.93 -2.43
CA ILE H 311 -0.14 -32.95 -1.48
C ILE H 311 -0.40 -34.27 -2.20
N ARG H 312 -1.10 -34.23 -3.34
CA ARG H 312 -1.42 -35.45 -4.07
C ARG H 312 -0.16 -36.13 -4.62
N LEU H 313 0.79 -35.34 -5.14
CA LEU H 313 2.00 -35.95 -5.67
C LEU H 313 2.96 -36.40 -4.57
N GLY H 314 2.93 -35.77 -3.39
CA GLY H 314 3.84 -36.15 -2.33
C GLY H 314 3.30 -37.21 -1.40
N TYR H 315 1.99 -37.43 -1.42
CA TYR H 315 1.35 -38.43 -0.56
C TYR H 315 0.46 -39.36 -1.36
N TYR H 316 0.84 -39.64 -2.61
CA TYR H 316 0.09 -40.59 -3.41
C TYR H 316 0.26 -41.99 -2.83
N ASP H 317 -0.85 -42.73 -2.77
CA ASP H 317 -0.82 -44.13 -2.36
C ASP H 317 -1.77 -44.89 -3.27
N GLU H 318 -1.25 -45.92 -3.95
CA GLU H 318 -2.06 -46.71 -4.87
C GLU H 318 -3.14 -47.52 -4.15
N GLN H 319 -3.02 -47.69 -2.83
CA GLN H 319 -4.01 -48.47 -2.10
C GLN H 319 -5.30 -47.67 -1.88
N SER H 320 -5.20 -46.35 -1.71
CA SER H 320 -6.37 -45.49 -1.51
C SER H 320 -6.32 -44.28 -2.44
N PRO H 321 -6.72 -44.44 -3.71
CA PRO H 321 -7.03 -43.26 -4.53
C PRO H 321 -8.09 -42.39 -3.88
N VAL H 322 -8.06 -41.11 -4.24
CA VAL H 322 -9.00 -40.12 -3.72
C VAL H 322 -9.80 -39.56 -4.88
N ILE H 323 -11.12 -39.50 -4.71
CA ILE H 323 -12.04 -38.96 -5.71
C ILE H 323 -12.61 -37.66 -5.18
N GLY H 324 -12.47 -36.60 -5.98
CA GLY H 324 -12.95 -35.29 -5.59
C GLY H 324 -13.70 -34.61 -6.71
N PHE H 325 -14.58 -33.70 -6.31
CA PHE H 325 -15.37 -32.87 -7.22
C PHE H 325 -15.06 -31.40 -6.94
N TRP H 326 -14.97 -30.61 -8.01
CA TRP H 326 -14.78 -29.17 -7.93
C TRP H 326 -16.01 -28.47 -8.48
N PHE H 327 -16.53 -27.52 -7.73
CA PHE H 327 -17.73 -26.78 -8.09
C PHE H 327 -17.45 -25.29 -8.09
N SER H 328 -17.87 -24.63 -9.17
CA SER H 328 -17.83 -23.19 -9.35
C SER H 328 -19.03 -22.86 -10.20
N PRO H 329 -19.74 -21.75 -9.92
CA PRO H 329 -20.98 -21.45 -10.66
C PRO H 329 -20.72 -21.20 -12.13
N ASN H 330 -21.29 -22.06 -12.97
CA ASN H 330 -21.13 -22.03 -14.43
C ASN H 330 -19.66 -22.15 -14.84
N ASN H 331 -18.87 -22.84 -14.01
CA ASN H 331 -17.43 -23.02 -14.22
C ASN H 331 -16.71 -21.68 -14.38
N ARG H 332 -17.08 -20.72 -13.54
CA ARG H 332 -16.41 -19.42 -13.56
C ARG H 332 -14.96 -19.53 -13.12
N TYR H 333 -14.70 -20.29 -12.07
CA TYR H 333 -13.35 -20.42 -11.50
C TYR H 333 -12.89 -21.87 -11.56
N PRO H 334 -12.04 -22.23 -12.51
CA PRO H 334 -11.47 -23.57 -12.52
C PRO H 334 -10.36 -23.70 -11.49
N LEU H 335 -9.87 -24.93 -11.31
CA LEU H 335 -8.85 -25.22 -10.31
C LEU H 335 -7.45 -24.85 -10.83
N GLY H 336 -7.29 -23.57 -11.14
CA GLY H 336 -6.04 -23.06 -11.64
C GLY H 336 -5.82 -23.35 -13.11
N TYR H 337 -5.27 -22.38 -13.85
CA TYR H 337 -4.97 -22.58 -15.27
C TYR H 337 -3.59 -23.18 -15.47
N LYS H 338 -3.29 -24.26 -14.75
CA LYS H 338 -1.99 -24.92 -14.90
C LYS H 338 -2.07 -26.44 -14.98
N HIS H 339 -3.07 -27.09 -14.43
CA HIS H 339 -3.07 -28.55 -14.33
C HIS H 339 -4.25 -29.20 -15.04
N SER H 340 -5.48 -28.76 -14.74
CA SER H 340 -6.72 -29.34 -15.27
C SER H 340 -6.83 -30.83 -14.98
N LYS H 341 -6.20 -31.30 -13.91
CA LYS H 341 -6.13 -32.73 -13.62
C LYS H 341 -6.41 -33.11 -12.17
N LEU H 342 -6.49 -32.15 -11.26
CA LEU H 342 -6.80 -32.48 -9.87
C LEU H 342 -8.29 -32.65 -9.62
N ALA H 343 -9.14 -32.22 -10.55
CA ALA H 343 -10.58 -32.34 -10.42
C ALA H 343 -11.04 -33.52 -11.27
N SER H 344 -11.56 -34.56 -10.62
CA SER H 344 -12.06 -35.71 -11.37
C SER H 344 -13.29 -35.34 -12.18
N ARG H 345 -14.15 -34.47 -11.63
CA ARG H 345 -15.34 -34.00 -12.33
C ARG H 345 -15.50 -32.51 -12.07
N ASN H 346 -15.82 -31.77 -13.13
CA ASN H 346 -16.07 -30.34 -13.03
C ASN H 346 -17.58 -30.13 -13.09
N ILE H 347 -18.13 -29.50 -12.06
CA ILE H 347 -19.57 -29.30 -11.93
C ILE H 347 -19.84 -27.80 -11.85
N GLY H 348 -20.90 -27.36 -12.55
CA GLY H 348 -21.25 -25.96 -12.56
C GLY H 348 -22.57 -25.67 -11.88
N ASN H 349 -23.27 -26.70 -11.44
CA ASN H 349 -24.55 -26.56 -10.76
C ASN H 349 -24.45 -27.18 -9.36
N LEU H 350 -24.96 -26.45 -8.37
CA LEU H 350 -24.90 -26.92 -6.99
C LEU H 350 -25.76 -28.16 -6.78
N ASN H 351 -26.96 -28.19 -7.38
CA ASN H 351 -27.83 -29.35 -7.23
C ASN H 351 -27.23 -30.59 -7.86
N GLU H 352 -26.57 -30.44 -9.02
CA GLU H 352 -25.88 -31.57 -9.62
C GLU H 352 -24.73 -32.05 -8.75
N LEU H 353 -24.04 -31.12 -8.10
CA LEU H 353 -22.97 -31.49 -7.17
C LEU H 353 -23.52 -32.30 -6.00
N VAL H 354 -24.64 -31.86 -5.43
CA VAL H 354 -25.26 -32.58 -4.32
C VAL H 354 -25.74 -33.96 -4.76
N GLY H 355 -26.33 -34.04 -5.96
CA GLY H 355 -26.79 -35.33 -6.47
C GLY H 355 -25.63 -36.29 -6.72
N ALA H 356 -24.53 -35.80 -7.29
CA ALA H 356 -23.37 -36.64 -7.51
C ALA H 356 -22.77 -37.11 -6.19
N VAL H 357 -22.74 -36.22 -5.19
CA VAL H 357 -22.23 -36.58 -3.87
C VAL H 357 -23.08 -37.70 -3.26
N LEU H 358 -24.40 -37.55 -3.35
CA LEU H 358 -25.29 -38.58 -2.80
C LEU H 358 -25.16 -39.90 -3.56
N ASP H 359 -25.03 -39.83 -4.89
CA ASP H 359 -24.89 -41.05 -5.69
C ASP H 359 -23.59 -41.78 -5.37
N TYR H 360 -22.51 -41.03 -5.16
CA TYR H 360 -21.26 -41.66 -4.70
C TYR H 360 -21.42 -42.23 -3.31
N ILE H 361 -22.17 -41.54 -2.44
CA ILE H 361 -22.31 -41.97 -1.05
C ILE H 361 -23.05 -43.31 -0.98
N GLY H 362 -24.21 -43.40 -1.64
CA GLY H 362 -24.95 -44.65 -1.58
C GLY H 362 -25.75 -45.01 -2.80
N GLY H 363 -25.60 -44.25 -3.88
CA GLY H 363 -26.40 -44.50 -5.06
C GLY H 363 -27.83 -44.02 -4.99
N PHE H 364 -28.20 -43.26 -3.96
CA PHE H 364 -29.55 -42.74 -3.86
C PHE H 364 -29.73 -41.51 -4.75
N LYS H 365 -30.99 -41.13 -4.93
CA LYS H 365 -31.35 -39.88 -5.60
C LYS H 365 -31.79 -38.87 -4.56
N TRP H 366 -31.68 -37.59 -4.90
CA TRP H 366 -31.98 -36.53 -3.93
C TRP H 366 -33.45 -36.49 -3.57
N GLU H 367 -34.33 -36.53 -4.58
CA GLU H 367 -35.77 -36.42 -4.32
C GLU H 367 -36.32 -37.64 -3.60
N GLU H 368 -35.65 -38.79 -3.69
CA GLU H 368 -36.03 -39.94 -2.89
C GLU H 368 -35.78 -39.69 -1.41
N VAL H 369 -34.64 -39.08 -1.08
CA VAL H 369 -34.16 -38.99 0.30
C VAL H 369 -34.63 -37.72 1.00
N GLN H 370 -35.19 -36.77 0.27
CA GLN H 370 -35.66 -35.53 0.90
C GLN H 370 -36.82 -35.76 1.85
N LYS H 371 -37.50 -36.91 1.75
CA LYS H 371 -38.54 -37.25 2.71
C LYS H 371 -38.32 -38.67 3.25
N MET I 1 24.66 -48.97 15.09
CA MET I 1 24.24 -47.75 14.41
C MET I 1 22.85 -47.32 14.85
N LEU I 2 22.52 -46.05 14.64
CA LEU I 2 21.25 -45.49 15.08
C LEU I 2 20.58 -44.73 13.95
N ILE I 3 19.26 -44.81 13.91
CA ILE I 3 18.43 -44.12 12.93
C ILE I 3 17.75 -42.95 13.64
N GLU I 4 17.74 -41.79 13.00
CA GLU I 4 17.17 -40.60 13.60
C GLU I 4 16.30 -39.85 12.60
N ILE I 5 15.07 -39.55 12.99
CA ILE I 5 14.11 -38.87 12.14
C ILE I 5 13.86 -37.48 12.73
N HIS I 6 14.08 -36.46 11.92
CA HIS I 6 13.78 -35.08 12.28
C HIS I 6 12.63 -34.60 11.41
N MET I 7 11.69 -33.87 12.02
CA MET I 7 10.40 -33.60 11.41
C MET I 7 10.05 -32.15 11.64
N ILE I 8 9.56 -31.47 10.59
CA ILE I 8 9.08 -30.10 10.69
C ILE I 8 7.62 -30.09 10.28
N GLN I 9 6.74 -29.63 11.17
CA GLN I 9 5.31 -29.71 10.91
C GLN I 9 4.60 -28.46 11.44
N ASN I 10 4.02 -27.68 10.54
CA ASN I 10 3.20 -26.53 10.91
C ASN I 10 1.77 -26.99 11.15
N HIS I 11 1.13 -26.42 12.16
CA HIS I 11 -0.24 -26.77 12.51
C HIS I 11 -1.13 -25.55 12.43
N SER I 12 -2.37 -25.76 12.00
CA SER I 12 -3.37 -24.70 12.02
C SER I 12 -3.75 -24.39 13.47
N PRO I 13 -4.30 -23.19 13.74
CA PRO I 13 -4.69 -22.82 15.11
C PRO I 13 -5.59 -23.84 15.79
N ALA I 14 -5.09 -24.45 16.86
CA ALA I 14 -5.79 -25.51 17.57
C ALA I 14 -5.27 -25.59 18.99
N ASN I 15 -5.72 -26.59 19.74
CA ASN I 15 -5.23 -26.90 21.07
C ASN I 15 -5.01 -28.41 21.11
N LEU I 16 -3.82 -28.85 20.70
CA LEU I 16 -3.57 -30.28 20.53
C LEU I 16 -3.13 -30.96 21.82
N ASN I 17 -2.75 -30.20 22.84
CA ASN I 17 -2.33 -30.76 24.12
C ASN I 17 -2.60 -29.75 25.21
N ARG I 18 -3.29 -30.19 26.26
CA ARG I 18 -3.72 -29.31 27.32
C ARG I 18 -3.02 -29.65 28.63
N ASP I 19 -3.45 -29.00 29.70
CA ASP I 19 -2.91 -29.22 31.03
C ASP I 19 -4.09 -29.17 32.00
N ASP I 20 -3.80 -29.03 33.29
CA ASP I 20 -4.84 -28.99 34.30
C ASP I 20 -5.73 -27.75 34.21
N LEU I 21 -5.33 -26.74 33.46
CA LEU I 21 -6.12 -25.52 33.33
C LEU I 21 -6.65 -25.28 31.92
N GLY I 22 -6.29 -26.12 30.95
CA GLY I 22 -6.77 -25.99 29.60
C GLY I 22 -5.80 -25.32 28.65
N ALA I 23 -4.77 -24.67 29.18
CA ALA I 23 -3.82 -23.98 28.31
C ALA I 23 -2.98 -24.99 27.53
N PRO I 24 -2.52 -24.61 26.35
CA PRO I 24 -1.57 -25.46 25.63
C PRO I 24 -0.26 -25.59 26.39
N LYS I 25 0.33 -26.78 26.32
CA LYS I 25 1.56 -27.03 27.05
C LYS I 25 2.73 -26.29 26.40
N THR I 26 3.55 -25.66 27.23
CA THR I 26 4.65 -24.83 26.75
C THR I 26 5.95 -25.28 27.40
N CYS I 27 7.04 -24.67 26.94
CA CYS I 27 8.37 -24.91 27.47
C CYS I 27 9.22 -23.66 27.23
N TYR I 28 10.47 -23.72 27.66
CA TYR I 28 11.37 -22.59 27.60
C TYR I 28 12.61 -22.96 26.79
N PHE I 29 12.96 -22.12 25.82
CA PHE I 29 14.16 -22.36 25.03
C PHE I 29 14.59 -21.06 24.35
N GLY I 30 15.89 -20.94 24.10
CA GLY I 30 16.44 -19.78 23.42
C GLY I 30 16.18 -18.47 24.11
N GLY I 31 15.93 -18.50 25.42
CA GLY I 31 15.58 -17.30 26.15
C GLY I 31 14.13 -16.88 26.04
N VAL I 32 13.32 -17.60 25.28
CA VAL I 32 11.92 -17.27 25.08
C VAL I 32 11.05 -18.48 25.43
N LEU I 33 9.75 -18.30 25.28
CA LEU I 33 8.74 -19.31 25.62
C LEU I 33 8.19 -19.90 24.34
N ARG I 34 8.27 -21.22 24.22
CA ARG I 34 7.83 -21.93 23.02
C ARG I 34 6.64 -22.82 23.34
N SER I 35 5.83 -23.08 22.32
CA SER I 35 4.78 -24.07 22.46
C SER I 35 5.38 -25.46 22.49
N ARG I 36 4.64 -26.41 23.07
CA ARG I 36 5.16 -27.75 23.24
C ARG I 36 4.05 -28.77 23.07
N ILE I 37 4.44 -29.97 22.65
CA ILE I 37 3.58 -31.15 22.71
C ILE I 37 4.36 -32.21 23.47
N SER I 38 3.76 -32.75 24.53
CA SER I 38 4.44 -33.71 25.37
C SER I 38 4.69 -35.01 24.60
N SER I 39 5.81 -35.65 24.91
CA SER I 39 6.26 -36.81 24.14
C SER I 39 5.31 -37.98 24.29
N GLN I 40 4.74 -38.17 25.48
CA GLN I 40 3.82 -39.29 25.69
C GLN I 40 2.55 -39.13 24.88
N CYS I 41 2.13 -37.88 24.60
CA CYS I 41 0.98 -37.65 23.74
C CYS I 41 1.25 -38.15 22.32
N ILE I 42 2.42 -37.80 21.78
CA ILE I 42 2.79 -38.24 20.44
C ILE I 42 2.92 -39.76 20.39
N LYS I 43 3.56 -40.35 21.41
CA LYS I 43 3.73 -41.80 21.42
C LYS I 43 2.39 -42.52 21.51
N ARG I 44 1.47 -42.03 22.35
CA ARG I 44 0.15 -42.64 22.44
C ARG I 44 -0.62 -42.50 21.13
N SER I 45 -0.59 -41.32 20.52
CA SER I 45 -1.32 -41.10 19.28
C SER I 45 -0.76 -41.94 18.15
N ILE I 46 0.55 -42.18 18.14
CA ILE I 46 1.13 -43.09 17.16
C ILE I 46 0.72 -44.53 17.45
N ARG I 47 0.71 -44.93 18.72
CA ARG I 47 0.52 -46.33 19.06
C ARG I 47 -0.92 -46.79 18.85
N THR I 48 -1.89 -45.99 19.29
CA THR I 48 -3.29 -46.44 19.29
C THR I 48 -4.01 -46.16 17.98
N SER I 49 -3.29 -45.76 16.93
CA SER I 49 -3.93 -45.42 15.66
C SER I 49 -4.52 -46.67 15.00
N ASN I 50 -5.76 -46.57 14.54
CA ASN I 50 -6.45 -47.72 13.98
C ASN I 50 -5.84 -48.12 12.63
N ASP I 51 -5.46 -47.15 11.81
CA ASP I 51 -4.82 -47.46 10.53
C ASP I 51 -3.45 -48.09 10.74
N PHE I 52 -2.72 -47.64 11.77
CA PHE I 52 -1.45 -48.26 12.10
C PHE I 52 -1.64 -49.69 12.58
N LYS I 53 -2.63 -49.93 13.45
CA LYS I 53 -2.86 -51.27 13.97
C LYS I 53 -3.33 -52.22 12.87
N ALA I 54 -4.20 -51.74 11.98
CA ALA I 54 -4.66 -52.56 10.87
C ALA I 54 -3.59 -52.76 9.80
N LEU I 55 -2.49 -52.03 9.87
CA LEU I 55 -1.42 -52.18 8.88
C LEU I 55 -0.54 -53.40 9.20
N LEU I 56 0.06 -53.41 10.37
CA LEU I 56 1.03 -54.45 10.72
C LEU I 56 0.44 -55.42 11.74
N LEU I 138 7.13 -60.10 21.63
CA LEU I 138 7.34 -60.63 20.30
C LEU I 138 6.48 -59.84 19.30
N ALA I 139 5.43 -59.22 19.82
CA ALA I 139 4.54 -58.43 18.97
C ALA I 139 5.29 -57.22 18.42
N PRO I 140 4.98 -56.80 17.19
CA PRO I 140 5.71 -55.67 16.59
C PRO I 140 5.54 -54.37 17.34
N ASP I 141 4.38 -54.14 17.97
CA ASP I 141 4.22 -52.93 18.77
C ASP I 141 4.94 -53.05 20.11
N ILE I 142 4.95 -54.25 20.70
CA ILE I 142 5.69 -54.46 21.94
C ILE I 142 7.19 -54.42 21.69
N ALA I 143 7.63 -54.84 20.50
CA ALA I 143 9.05 -54.76 20.17
C ALA I 143 9.50 -53.32 19.95
N LEU I 144 8.69 -52.54 19.24
CA LEU I 144 9.04 -51.14 18.98
C LEU I 144 8.81 -50.28 20.21
N CYS I 145 7.57 -50.20 20.68
CA CYS I 145 7.22 -49.44 21.87
C CYS I 145 7.56 -50.27 23.12
N GLY I 146 7.08 -49.83 24.28
CA GLY I 146 7.32 -50.53 25.52
C GLY I 146 6.23 -51.54 25.83
N ARG I 147 6.26 -52.04 27.06
CA ARG I 147 5.28 -53.00 27.54
C ARG I 147 3.90 -52.37 27.67
N THR I 166 13.37 -57.56 31.32
CA THR I 166 12.91 -56.19 31.17
C THR I 166 12.87 -55.78 29.71
N VAL I 167 11.67 -55.63 29.17
CA VAL I 167 11.48 -55.24 27.78
C VAL I 167 11.68 -53.74 27.67
N GLU I 168 12.80 -53.32 27.10
CA GLU I 168 13.12 -51.90 26.91
C GLU I 168 12.94 -51.55 25.44
N ALA I 169 12.17 -50.48 25.20
CA ALA I 169 11.84 -50.09 23.84
C ALA I 169 13.04 -49.50 23.12
N ALA I 170 13.13 -49.79 21.82
CA ALA I 170 14.10 -49.11 20.96
C ALA I 170 13.59 -47.75 20.49
N LEU I 171 12.30 -47.48 20.65
CA LEU I 171 11.74 -46.20 20.23
C LEU I 171 12.14 -45.11 21.21
N GLN I 172 12.14 -43.87 20.72
CA GLN I 172 12.53 -42.73 21.55
C GLN I 172 11.88 -41.48 20.96
N VAL I 173 10.87 -40.95 21.66
CA VAL I 173 10.13 -39.78 21.22
C VAL I 173 10.49 -38.64 22.15
N ALA I 174 11.00 -37.54 21.58
CA ALA I 174 11.33 -36.36 22.35
C ALA I 174 10.17 -35.37 22.33
N HIS I 175 10.20 -34.44 23.28
CA HIS I 175 9.17 -33.41 23.34
C HIS I 175 9.22 -32.51 22.11
N ALA I 176 8.05 -32.21 21.56
CA ALA I 176 7.95 -31.47 20.30
C ALA I 176 8.08 -29.98 20.60
N ILE I 177 9.33 -29.50 20.56
CA ILE I 177 9.57 -28.08 20.74
C ILE I 177 9.14 -27.32 19.48
N SER I 178 8.95 -26.02 19.62
CA SER I 178 8.54 -25.16 18.53
C SER I 178 9.69 -24.26 18.10
N THR I 179 9.78 -24.00 16.80
CA THR I 179 10.86 -23.21 16.23
C THR I 179 10.63 -21.71 16.31
N HIS I 180 9.65 -21.27 17.09
CA HIS I 180 9.34 -19.84 17.18
C HIS I 180 8.66 -19.57 18.51
N ILE I 181 8.58 -18.29 18.85
CA ILE I 181 7.99 -17.86 20.11
C ILE I 181 6.51 -18.22 20.14
N ALA I 182 6.06 -18.81 21.25
CA ALA I 182 4.67 -19.23 21.38
C ALA I 182 3.73 -18.04 21.34
N ARG I 183 2.55 -18.26 20.78
CA ARG I 183 1.51 -17.23 20.66
C ARG I 183 0.17 -17.81 21.06
N PRO I 184 -0.09 -17.96 22.36
CA PRO I 184 -1.40 -18.43 22.79
C PRO I 184 -2.46 -17.36 22.59
N GLU I 185 -3.70 -17.81 22.46
CA GLU I 185 -4.81 -16.90 22.23
C GLU I 185 -6.06 -17.44 22.91
N ILE I 186 -6.95 -16.52 23.27
CA ILE I 186 -8.20 -16.83 23.96
C ILE I 186 -9.36 -16.60 23.01
N ASP I 187 -10.26 -17.58 22.93
CA ASP I 187 -11.49 -17.48 22.18
C ASP I 187 -12.64 -17.40 23.16
N TYR I 188 -13.48 -16.38 23.01
CA TYR I 188 -14.58 -16.11 23.92
C TYR I 188 -15.84 -16.78 23.37
N PHE I 189 -16.26 -17.86 24.00
CA PHE I 189 -17.43 -18.60 23.55
C PHE I 189 -18.65 -18.29 24.43
N VAL I 190 -19.81 -18.29 23.79
CA VAL I 190 -21.10 -18.06 24.43
C VAL I 190 -22.05 -19.16 23.98
N ALA I 191 -22.64 -19.86 24.94
CA ALA I 191 -23.64 -20.87 24.61
C ALA I 191 -24.98 -20.22 24.36
N ALA I 192 -25.80 -20.88 23.55
CA ALA I 192 -27.08 -20.34 23.12
C ALA I 192 -28.21 -21.25 23.59
N ASP I 193 -29.37 -20.64 23.81
CA ASP I 193 -30.57 -21.36 24.20
C ASP I 193 -31.62 -21.21 23.10
N ASP I 194 -32.21 -22.33 22.70
CA ASP I 194 -33.20 -22.33 21.62
C ASP I 194 -34.60 -21.98 22.11
N VAL I 195 -34.77 -21.75 23.41
CA VAL I 195 -36.08 -21.47 24.01
C VAL I 195 -36.06 -20.02 24.48
N PRO I 196 -36.94 -19.17 23.98
CA PRO I 196 -36.94 -17.76 24.39
C PRO I 196 -37.33 -17.59 25.85
N GLY I 197 -36.76 -16.56 26.47
CA GLY I 197 -37.05 -16.24 27.85
C GLY I 197 -37.37 -14.77 28.05
N GLU I 198 -37.31 -14.30 29.30
CA GLU I 198 -37.60 -12.90 29.57
C GLU I 198 -36.50 -11.97 29.08
N ASP I 199 -35.28 -12.48 28.90
CA ASP I 199 -34.17 -11.68 28.39
C ASP I 199 -33.39 -12.51 27.38
N ALA I 200 -32.39 -11.87 26.77
CA ALA I 200 -31.53 -12.56 25.80
C ALA I 200 -30.29 -13.13 26.49
N GLY I 201 -30.54 -13.98 27.49
CA GLY I 201 -29.46 -14.64 28.18
C GLY I 201 -28.78 -15.68 27.32
N ALA I 202 -27.59 -16.09 27.76
CA ALA I 202 -26.80 -17.04 27.00
C ALA I 202 -27.03 -18.47 27.46
N GLY I 203 -26.78 -18.75 28.74
CA GLY I 203 -26.79 -20.11 29.23
C GLY I 203 -25.42 -20.48 29.74
N HIS I 204 -24.38 -20.03 29.03
CA HIS I 204 -23.01 -20.18 29.48
C HIS I 204 -22.12 -19.16 28.78
N ILE I 205 -21.07 -18.75 29.47
CA ILE I 205 -20.10 -17.79 28.96
C ILE I 205 -18.72 -18.28 29.40
N GLY I 206 -17.75 -18.29 28.49
CA GLY I 206 -16.43 -18.70 28.92
C GLY I 206 -15.38 -18.40 27.88
N GLU I 207 -14.16 -18.84 28.17
CA GLU I 207 -13.01 -18.66 27.30
C GLU I 207 -12.25 -19.97 27.17
N SER I 208 -11.86 -20.29 25.93
CA SER I 208 -11.02 -21.43 25.64
C SER I 208 -9.71 -20.93 25.05
N MET I 209 -8.71 -21.80 24.99
CA MET I 209 -7.39 -21.44 24.54
C MET I 209 -7.03 -22.18 23.25
N PHE I 210 -6.24 -21.52 22.40
CA PHE I 210 -5.72 -22.17 21.21
C PHE I 210 -4.40 -21.52 20.84
N ALA I 211 -3.63 -22.21 20.00
CA ALA I 211 -2.33 -21.74 19.57
C ALA I 211 -1.91 -22.45 18.30
N SER I 212 -1.28 -21.71 17.39
CA SER I 212 -0.73 -22.27 16.17
C SER I 212 0.79 -22.26 16.28
N ALA I 213 1.42 -23.37 15.85
CA ALA I 213 2.86 -23.49 15.98
C ALA I 213 3.42 -24.37 14.87
N CYS I 214 4.71 -24.18 14.61
CA CYS I 214 5.48 -25.00 13.68
C CYS I 214 6.44 -25.85 14.53
N PHE I 215 6.02 -27.07 14.82
CA PHE I 215 6.76 -27.93 15.72
C PHE I 215 7.92 -28.62 15.03
N TYR I 216 8.95 -28.90 15.82
CA TYR I 216 10.10 -29.71 15.42
C TYR I 216 10.07 -30.98 16.24
N LYS I 217 10.01 -32.13 15.56
CA LYS I 217 9.93 -33.43 16.21
C LYS I 217 11.21 -34.20 15.99
N TYR I 218 11.62 -34.95 17.01
CA TYR I 218 12.81 -35.79 16.95
C TYR I 218 12.42 -37.22 17.32
N PHE I 219 12.94 -38.18 16.57
CA PHE I 219 12.69 -39.59 16.82
C PHE I 219 14.00 -40.36 16.72
N SER I 220 14.05 -41.50 17.40
CA SER I 220 15.24 -42.34 17.39
C SER I 220 14.83 -43.79 17.48
N ILE I 221 15.44 -44.63 16.64
CA ILE I 221 15.18 -46.07 16.64
C ILE I 221 16.53 -46.78 16.76
N ASP I 222 16.67 -47.61 17.79
CA ASP I 222 17.89 -48.39 18.00
C ASP I 222 17.73 -49.72 17.26
N TRP I 223 18.53 -49.91 16.21
CA TRP I 223 18.36 -51.08 15.36
C TRP I 223 18.77 -52.36 16.08
N GLU I 224 19.81 -52.30 16.91
CA GLU I 224 20.30 -53.48 17.60
C GLU I 224 19.28 -53.99 18.62
N GLN I 225 18.71 -53.07 19.41
CA GLN I 225 17.68 -53.46 20.38
C GLN I 225 16.45 -54.00 19.67
N LEU I 226 16.10 -53.43 18.52
CA LEU I 226 14.95 -53.90 17.76
C LEU I 226 15.18 -55.32 17.23
N VAL I 227 16.37 -55.61 16.71
CA VAL I 227 16.59 -56.93 16.15
C VAL I 227 16.79 -57.98 17.24
N LYS I 228 17.36 -57.59 18.39
CA LYS I 228 17.44 -58.54 19.49
C LYS I 228 16.10 -58.72 20.19
N ASN I 229 15.18 -57.78 20.05
CA ASN I 229 13.85 -57.93 20.63
C ASN I 229 13.03 -58.98 19.88
N LEU I 230 13.35 -59.21 18.60
CA LEU I 230 12.61 -60.18 17.78
C LEU I 230 13.45 -61.41 17.44
N LYS I 231 14.56 -61.62 18.15
CA LYS I 231 15.38 -62.83 18.05
C LYS I 231 15.90 -63.04 16.62
N GLY I 232 16.70 -62.09 16.16
CA GLY I 232 17.40 -62.20 14.91
C GLY I 232 16.60 -61.90 13.67
N ASP I 233 15.29 -61.64 13.80
CA ASP I 233 14.48 -61.33 12.63
C ASP I 233 14.83 -59.94 12.11
N THR I 234 14.91 -59.81 10.79
CA THR I 234 15.27 -58.56 10.14
C THR I 234 14.19 -58.02 9.22
N ASN I 235 13.53 -58.88 8.45
CA ASN I 235 12.49 -58.42 7.53
C ASN I 235 11.32 -57.81 8.28
N LEU I 236 10.90 -58.45 9.38
CA LEU I 236 9.82 -57.89 10.19
C LEU I 236 10.25 -56.60 10.87
N ALA I 237 11.53 -56.48 11.24
CA ALA I 237 12.04 -55.24 11.79
C ALA I 237 11.96 -54.11 10.77
N ALA I 238 12.35 -54.38 9.53
CA ALA I 238 12.22 -53.35 8.50
C ALA I 238 10.77 -53.03 8.21
N HIS I 239 9.90 -54.04 8.25
CA HIS I 239 8.47 -53.83 8.03
C HIS I 239 7.87 -52.93 9.10
N THR I 240 8.21 -53.17 10.37
CA THR I 240 7.66 -52.32 11.43
C THR I 240 8.29 -50.93 11.43
N VAL I 241 9.55 -50.82 10.97
CA VAL I 241 10.15 -49.49 10.82
C VAL I 241 9.40 -48.70 9.75
N GLY I 242 9.09 -49.33 8.62
CA GLY I 242 8.32 -48.65 7.59
C GLY I 242 6.91 -48.33 8.03
N ALA I 243 6.29 -49.23 8.78
CA ALA I 243 4.95 -48.98 9.31
C ALA I 243 4.94 -47.78 10.25
N PHE I 244 5.93 -47.70 11.14
CA PHE I 244 6.02 -46.53 12.02
C PHE I 244 6.30 -45.27 11.22
N LEU I 245 7.09 -45.37 10.15
CA LEU I 245 7.37 -44.18 9.35
C LEU I 245 6.11 -43.64 8.71
N LEU I 246 5.31 -44.51 8.10
CA LEU I 246 4.04 -44.07 7.52
C LEU I 246 3.09 -43.55 8.59
N ALA I 247 3.00 -44.23 9.73
CA ALA I 247 2.08 -43.81 10.78
C ALA I 247 2.46 -42.44 11.35
N ALA I 248 3.74 -42.27 11.70
CA ALA I 248 4.20 -40.99 12.24
C ALA I 248 4.12 -39.88 11.21
N ALA I 249 4.23 -40.21 9.91
CA ALA I 249 4.05 -39.19 8.89
C ALA I 249 2.58 -38.83 8.70
N LYS I 250 1.66 -39.72 9.03
CA LYS I 250 0.23 -39.50 8.77
C LYS I 250 -0.60 -39.69 10.04
N THR I 251 -0.20 -39.03 11.13
CA THR I 251 -1.00 -39.06 12.36
C THR I 251 -0.89 -37.73 13.08
N ASN I 252 -1.81 -37.51 14.02
CA ASN I 252 -1.88 -36.29 14.80
C ASN I 252 -2.65 -36.57 16.08
N PRO I 253 -2.41 -35.82 17.14
CA PRO I 253 -3.18 -36.01 18.37
C PRO I 253 -4.65 -35.62 18.19
N SER I 254 -5.49 -36.19 19.05
CA SER I 254 -6.93 -36.02 18.96
C SER I 254 -7.46 -34.95 19.91
N GLY I 255 -6.59 -34.14 20.49
CA GLY I 255 -7.02 -33.15 21.46
C GLY I 255 -7.79 -32.02 20.80
N LYS I 256 -9.08 -31.88 21.15
CA LYS I 256 -9.93 -30.78 20.69
C LYS I 256 -10.00 -30.70 19.17
N GLN I 257 -10.06 -31.86 18.51
CA GLN I 257 -10.10 -31.91 17.05
C GLN I 257 -11.52 -31.89 16.50
N ASN I 258 -12.54 -31.96 17.35
CA ASN I 258 -13.91 -31.78 16.90
C ASN I 258 -14.29 -30.31 16.76
N SER I 259 -13.44 -29.40 17.23
CA SER I 259 -13.72 -27.97 17.19
C SER I 259 -12.72 -27.18 16.37
N PHE I 260 -11.49 -27.66 16.23
CA PHE I 260 -10.45 -26.95 15.49
C PHE I 260 -10.01 -27.68 14.22
N ALA I 261 -9.96 -29.01 14.25
CA ALA I 261 -9.67 -29.85 13.09
C ALA I 261 -8.34 -29.49 12.42
N ALA I 262 -7.26 -29.66 13.18
CA ALA I 262 -5.91 -29.36 12.69
C ALA I 262 -5.29 -30.61 12.09
N HIS I 263 -5.81 -31.00 10.93
CA HIS I 263 -5.35 -32.21 10.24
C HIS I 263 -4.30 -31.87 9.19
N ASN I 264 -3.21 -31.27 9.65
CA ASN I 264 -2.14 -30.87 8.76
C ASN I 264 -1.22 -32.06 8.46
N TYR I 265 -0.31 -31.84 7.53
CA TYR I 265 0.67 -32.83 7.11
C TYR I 265 2.08 -32.23 7.22
N PRO I 266 3.09 -33.07 7.44
CA PRO I 266 4.46 -32.54 7.54
C PRO I 266 4.94 -31.95 6.23
N ASP I 267 5.81 -30.95 6.35
CA ASP I 267 6.40 -30.28 5.20
C ASP I 267 7.90 -30.50 5.09
N GLY I 268 8.49 -31.32 5.96
CA GLY I 268 9.89 -31.67 5.83
C GLY I 268 10.31 -32.79 6.76
N ILE I 269 10.95 -33.81 6.20
CA ILE I 269 11.42 -34.97 6.95
C ILE I 269 12.88 -35.20 6.60
N LEU I 270 13.71 -35.48 7.61
CA LEU I 270 15.12 -35.77 7.42
C LEU I 270 15.48 -37.02 8.20
N VAL I 271 15.84 -38.08 7.48
CA VAL I 271 16.18 -39.37 8.09
C VAL I 271 17.67 -39.60 7.94
N GLU I 272 18.36 -39.77 9.08
CA GLU I 272 19.80 -39.89 9.08
C GLU I 272 20.23 -41.16 9.81
N PHE I 273 21.41 -41.67 9.43
CA PHE I 273 22.02 -42.81 10.10
C PHE I 273 23.35 -42.37 10.70
N LYS I 274 23.49 -42.49 12.02
CA LYS I 274 24.77 -42.22 12.66
C LYS I 274 24.77 -42.88 14.04
N ASN I 275 25.92 -42.79 14.71
CA ASN I 275 26.15 -43.53 15.95
C ASN I 275 25.79 -42.70 17.18
N SER I 276 26.44 -41.56 17.35
CA SER I 276 26.20 -40.74 18.53
C SER I 276 24.88 -39.98 18.37
N PRO I 277 24.00 -40.02 19.38
CA PRO I 277 22.70 -39.33 19.26
C PRO I 277 22.84 -37.85 19.54
N ILE I 278 22.59 -37.03 18.52
CA ILE I 278 22.51 -35.58 18.67
C ILE I 278 21.22 -35.12 17.98
N SER I 279 20.44 -34.29 18.68
CA SER I 279 19.27 -33.65 18.11
C SER I 279 19.62 -32.24 17.65
N TYR I 280 18.77 -31.70 16.77
CA TYR I 280 19.02 -30.42 16.14
C TYR I 280 18.13 -29.31 16.70
N ALA I 281 17.77 -29.41 17.97
CA ALA I 281 17.02 -28.34 18.62
C ALA I 281 17.84 -27.07 18.76
N ASN I 282 19.17 -27.18 18.75
CA ASN I 282 20.04 -26.01 18.82
C ASN I 282 19.95 -25.13 17.58
N ALA I 283 19.37 -25.63 16.49
CA ALA I 283 19.17 -24.81 15.31
C ALA I 283 18.25 -23.64 15.60
N PHE I 284 17.17 -23.88 16.36
CA PHE I 284 16.17 -22.88 16.66
C PHE I 284 16.40 -22.20 18.01
N VAL I 285 17.66 -22.05 18.41
CA VAL I 285 17.97 -21.24 19.59
C VAL I 285 17.55 -19.79 19.34
N ARG I 286 17.90 -19.26 18.19
CA ARG I 286 17.29 -18.02 17.72
C ARG I 286 15.90 -18.32 17.21
N PRO I 287 14.85 -17.71 17.77
CA PRO I 287 13.49 -17.97 17.27
C PRO I 287 13.32 -17.48 15.83
N VAL I 288 12.53 -18.23 15.07
CA VAL I 288 12.30 -17.89 13.67
C VAL I 288 11.35 -16.71 13.60
N SER I 289 11.78 -15.65 12.91
CA SER I 289 10.96 -14.47 12.66
C SER I 289 10.66 -14.41 11.17
N VAL I 290 9.38 -14.21 10.85
CA VAL I 290 8.95 -14.30 9.46
C VAL I 290 9.36 -13.05 8.69
N VAL I 291 9.54 -13.22 7.38
CA VAL I 291 9.78 -12.12 6.46
C VAL I 291 8.83 -12.31 5.28
N LYS I 292 8.65 -11.23 4.52
CA LYS I 292 7.72 -11.26 3.40
C LYS I 292 8.19 -12.16 2.26
N GLU I 293 9.49 -12.52 2.23
CA GLU I 293 10.05 -13.31 1.15
C GLU I 293 10.16 -14.79 1.49
N SER I 294 9.48 -15.25 2.54
CA SER I 294 9.56 -16.65 2.94
C SER I 294 8.34 -17.00 3.78
N ASP I 295 8.22 -18.28 4.09
CA ASP I 295 7.15 -18.81 4.92
C ASP I 295 7.68 -19.11 6.32
N LEU I 296 6.80 -19.65 7.17
CA LEU I 296 7.25 -20.18 8.45
C LEU I 296 7.99 -21.50 8.26
N VAL I 297 7.48 -22.36 7.39
CA VAL I 297 8.11 -23.65 7.14
C VAL I 297 9.43 -23.46 6.39
N GLU I 298 9.46 -22.53 5.44
CA GLU I 298 10.66 -22.31 4.62
C GLU I 298 11.84 -21.86 5.48
N GLN I 299 11.60 -20.91 6.39
CA GLN I 299 12.68 -20.41 7.23
C GLN I 299 13.14 -21.46 8.22
N SER I 300 12.22 -22.27 8.76
CA SER I 300 12.60 -23.35 9.66
C SER I 300 13.46 -24.38 8.95
N ILE I 301 13.09 -24.75 7.73
CA ILE I 301 13.87 -25.71 6.96
C ILE I 301 15.23 -25.13 6.60
N GLY I 302 15.27 -23.84 6.27
CA GLY I 302 16.54 -23.20 5.98
C GLY I 302 17.47 -23.12 7.18
N GLN I 303 16.93 -22.83 8.36
CA GLN I 303 17.75 -22.78 9.56
C GLN I 303 18.24 -24.18 9.94
N LEU I 304 17.40 -25.21 9.73
CA LEU I 304 17.85 -26.58 9.91
C LEU I 304 19.00 -26.90 8.96
N SER I 305 18.90 -26.47 7.70
CA SER I 305 19.98 -26.68 6.74
C SER I 305 21.25 -25.97 7.18
N ASN I 306 21.14 -24.74 7.67
CA ASN I 306 22.30 -24.00 8.13
C ASN I 306 22.99 -24.71 9.30
N TYR I 307 22.20 -25.18 10.27
CA TYR I 307 22.79 -25.88 11.41
C TYR I 307 23.45 -27.18 10.97
N VAL I 308 22.80 -27.92 10.05
CA VAL I 308 23.39 -29.18 9.57
C VAL I 308 24.69 -28.91 8.84
N ASN I 309 24.73 -27.84 8.04
CA ASN I 309 25.96 -27.46 7.35
C ASN I 309 27.07 -27.10 8.33
N ASP I 310 26.74 -26.32 9.36
CA ASP I 310 27.75 -25.92 10.33
C ASP I 310 28.29 -27.10 11.12
N ILE I 311 27.42 -28.04 11.50
CA ILE I 311 27.92 -29.19 12.26
C ILE I 311 28.63 -30.19 11.34
N ARG I 312 28.30 -30.22 10.04
CA ARG I 312 29.04 -31.05 9.11
C ARG I 312 30.44 -30.48 8.87
N LEU I 313 30.57 -29.15 8.89
CA LEU I 313 31.90 -28.55 8.81
C LEU I 313 32.71 -28.71 10.09
N GLY I 314 32.10 -29.20 11.17
CA GLY I 314 32.77 -29.27 12.45
C GLY I 314 33.10 -30.66 12.95
N TYR I 315 32.28 -31.17 13.87
CA TYR I 315 32.61 -32.40 14.60
C TYR I 315 32.66 -33.61 13.68
N TYR I 316 31.71 -33.73 12.75
CA TYR I 316 31.57 -34.93 11.94
C TYR I 316 32.66 -34.92 10.87
N ASP I 317 33.83 -35.44 11.24
CA ASP I 317 34.98 -35.49 10.35
C ASP I 317 34.87 -36.69 9.42
N GLU I 318 35.96 -37.02 8.73
CA GLU I 318 36.01 -38.14 7.81
C GLU I 318 36.19 -39.49 8.50
N GLN I 319 35.93 -39.57 9.81
CA GLN I 319 35.97 -40.84 10.52
C GLN I 319 34.92 -41.81 9.98
N SER I 320 33.70 -41.31 9.73
CA SER I 320 32.64 -42.12 9.18
C SER I 320 31.67 -41.19 8.45
N PRO I 321 31.29 -41.52 7.22
CA PRO I 321 30.31 -40.69 6.52
C PRO I 321 28.93 -40.81 7.16
N VAL I 322 28.15 -39.75 7.01
CA VAL I 322 26.79 -39.68 7.53
C VAL I 322 25.84 -39.71 6.35
N ILE I 323 24.91 -40.66 6.36
CA ILE I 323 23.97 -40.84 5.26
C ILE I 323 22.61 -40.32 5.70
N GLY I 324 22.07 -39.39 4.93
CA GLY I 324 20.78 -38.80 5.24
C GLY I 324 19.94 -38.63 3.99
N PHE I 325 18.63 -38.61 4.20
CA PHE I 325 17.66 -38.45 3.13
C PHE I 325 16.67 -37.35 3.53
N TRP I 326 16.35 -36.49 2.58
CA TRP I 326 15.47 -35.35 2.81
C TRP I 326 14.22 -35.49 1.95
N PHE I 327 13.06 -35.26 2.56
CA PHE I 327 11.78 -35.42 1.87
C PHE I 327 10.89 -34.21 2.11
N SER I 328 10.33 -33.70 1.02
CA SER I 328 9.25 -32.74 1.00
C SER I 328 8.29 -33.14 -0.12
N PRO I 329 7.00 -32.89 0.03
CA PRO I 329 6.02 -33.37 -0.96
C PRO I 329 6.23 -32.70 -2.31
N ASN I 330 6.49 -33.51 -3.33
CA ASN I 330 6.71 -33.05 -4.71
C ASN I 330 7.86 -32.04 -4.80
N ASN I 331 8.88 -32.26 -3.96
CA ASN I 331 10.04 -31.36 -3.85
C ASN I 331 9.60 -29.92 -3.57
N ARG I 332 8.70 -29.77 -2.59
CA ARG I 332 8.19 -28.45 -2.24
C ARG I 332 9.27 -27.56 -1.66
N TYR I 333 10.09 -28.09 -0.74
CA TYR I 333 11.12 -27.30 -0.09
C TYR I 333 12.46 -28.02 -0.21
N PRO I 334 13.50 -27.35 -0.72
CA PRO I 334 14.84 -27.94 -0.69
C PRO I 334 15.60 -27.56 0.57
N LEU I 335 16.30 -28.56 1.12
CA LEU I 335 17.15 -28.34 2.29
C LEU I 335 18.57 -28.08 1.79
N GLY I 336 18.96 -26.81 1.75
CA GLY I 336 20.29 -26.48 1.30
C GLY I 336 20.48 -26.72 -0.17
N TYR I 337 19.88 -25.85 -1.01
CA TYR I 337 20.06 -25.91 -2.45
C TYR I 337 21.54 -25.97 -2.82
N LYS I 338 21.89 -26.97 -3.63
CA LYS I 338 23.27 -27.36 -3.89
C LYS I 338 24.01 -27.58 -2.57
N HIS I 339 24.82 -26.59 -2.17
CA HIS I 339 25.52 -26.57 -0.88
C HIS I 339 26.37 -27.83 -0.68
N SER I 340 27.05 -28.26 -1.75
CA SER I 340 27.90 -29.45 -1.75
C SER I 340 27.14 -30.71 -1.34
N LYS I 341 25.85 -30.78 -1.70
CA LYS I 341 24.99 -31.92 -1.42
C LYS I 341 24.93 -32.23 0.08
N LEU I 342 24.36 -31.27 0.81
CA LEU I 342 24.17 -31.44 2.25
C LEU I 342 23.28 -32.64 2.55
N ALA I 343 22.20 -32.80 1.80
CA ALA I 343 21.37 -33.99 1.85
C ALA I 343 21.74 -34.90 0.68
N SER I 344 21.92 -36.19 0.97
CA SER I 344 22.37 -37.11 -0.07
C SER I 344 21.31 -37.33 -1.12
N ARG I 345 20.04 -37.19 -0.78
CA ARG I 345 18.95 -37.38 -1.73
C ARG I 345 17.87 -36.34 -1.48
N ASN I 346 17.10 -36.07 -2.54
CA ASN I 346 15.91 -35.23 -2.46
C ASN I 346 14.73 -36.04 -2.97
N ILE I 347 13.72 -36.22 -2.13
CA ILE I 347 12.63 -37.15 -2.38
C ILE I 347 11.33 -36.36 -2.46
N GLY I 348 10.41 -36.85 -3.29
CA GLY I 348 9.12 -36.18 -3.45
C GLY I 348 7.93 -37.09 -3.29
N ASN I 349 8.09 -38.17 -2.55
CA ASN I 349 7.00 -39.08 -2.24
C ASN I 349 7.39 -39.91 -1.03
N LEU I 350 6.43 -40.17 -0.14
CA LEU I 350 6.72 -40.89 1.10
C LEU I 350 7.16 -42.31 0.84
N ASN I 351 6.55 -42.97 -0.16
CA ASN I 351 6.91 -44.35 -0.47
C ASN I 351 8.36 -44.47 -0.93
N GLU I 352 8.84 -43.49 -1.70
CA GLU I 352 10.22 -43.52 -2.15
C GLU I 352 11.20 -43.38 -1.00
N LEU I 353 10.91 -42.49 -0.03
CA LEU I 353 11.77 -42.37 1.14
C LEU I 353 11.75 -43.64 1.97
N VAL I 354 10.56 -44.24 2.16
CA VAL I 354 10.48 -45.48 2.92
C VAL I 354 11.29 -46.57 2.25
N GLY I 355 11.17 -46.69 0.92
CA GLY I 355 11.92 -47.69 0.19
C GLY I 355 13.42 -47.45 0.24
N ALA I 356 13.83 -46.18 0.15
CA ALA I 356 15.26 -45.86 0.23
C ALA I 356 15.85 -46.21 1.58
N VAL I 357 15.14 -45.86 2.66
CA VAL I 357 15.61 -46.17 4.00
C VAL I 357 15.66 -47.68 4.22
N LEU I 358 14.63 -48.40 3.74
CA LEU I 358 14.62 -49.86 3.86
C LEU I 358 15.77 -50.48 3.08
N ASP I 359 16.03 -49.98 1.87
CA ASP I 359 17.09 -50.53 1.04
C ASP I 359 18.47 -50.22 1.61
N TYR I 360 18.61 -49.12 2.33
CA TYR I 360 19.87 -48.90 3.05
C TYR I 360 19.99 -49.87 4.22
N ILE I 361 18.94 -49.99 5.04
CA ILE I 361 19.09 -50.71 6.30
C ILE I 361 19.26 -52.20 6.05
N GLY I 362 18.53 -52.77 5.10
CA GLY I 362 18.74 -54.18 4.81
C GLY I 362 18.74 -54.57 3.35
N GLY I 363 18.37 -53.65 2.47
CA GLY I 363 18.12 -54.02 1.09
C GLY I 363 16.84 -54.76 0.86
N PHE I 364 15.95 -54.81 1.85
CA PHE I 364 14.68 -55.50 1.73
C PHE I 364 13.64 -54.63 1.03
N LYS I 365 12.69 -55.27 0.36
CA LYS I 365 11.65 -54.56 -0.37
C LYS I 365 10.28 -55.19 -0.10
N VAL J 80 16.93 -66.49 64.59
CA VAL J 80 15.68 -65.90 64.13
C VAL J 80 15.15 -64.92 65.16
N MET J 81 15.77 -64.90 66.35
CA MET J 81 15.33 -63.99 67.40
C MET J 81 15.57 -62.54 67.01
N TYR J 82 16.74 -62.25 66.45
CA TYR J 82 17.08 -60.96 65.84
C TYR J 82 16.86 -59.78 66.80
N ASN J 83 17.63 -59.79 67.88
CA ASN J 83 17.63 -58.65 68.79
C ASN J 83 18.30 -57.46 68.12
N LEU J 84 17.63 -56.31 68.17
CA LEU J 84 18.15 -55.12 67.50
C LEU J 84 19.29 -54.45 68.26
N LEU J 85 19.54 -54.86 69.51
CA LEU J 85 20.64 -54.28 70.27
C LEU J 85 21.98 -54.79 69.79
N CYS J 86 22.02 -56.00 69.23
CA CYS J 86 23.25 -56.60 68.75
C CYS J 86 23.32 -56.72 67.23
N ASP J 87 22.20 -56.90 66.55
CA ASP J 87 22.19 -57.01 65.10
C ASP J 87 22.41 -55.64 64.47
N ASN J 88 23.13 -55.63 63.35
CA ASN J 88 23.40 -54.39 62.62
C ASN J 88 22.21 -54.08 61.73
N TRP J 89 21.47 -53.03 62.08
CA TRP J 89 20.27 -52.72 61.32
C TRP J 89 20.20 -51.26 60.88
N VAL J 90 20.78 -50.33 61.63
CA VAL J 90 20.68 -48.91 61.29
C VAL J 90 21.79 -48.53 60.33
N ASN J 91 21.40 -47.90 59.22
CA ASN J 91 22.33 -47.51 58.17
C ASN J 91 22.91 -46.13 58.50
N VAL J 92 24.24 -46.06 58.66
CA VAL J 92 24.90 -44.85 59.08
C VAL J 92 25.96 -44.46 58.06
N VAL J 93 26.39 -43.22 58.14
CA VAL J 93 27.53 -42.73 57.37
C VAL J 93 28.53 -42.09 58.33
N TYR J 94 29.78 -42.48 58.20
CA TYR J 94 30.84 -41.93 59.03
C TYR J 94 31.39 -40.66 58.38
N LEU J 95 31.89 -39.75 59.21
CA LEU J 95 32.39 -38.48 58.71
C LEU J 95 33.71 -38.62 57.95
N SER J 96 34.33 -39.80 57.99
CA SER J 96 35.48 -40.10 57.15
C SER J 96 35.08 -40.64 55.79
N GLY J 97 33.81 -40.48 55.39
CA GLY J 97 33.35 -40.90 54.09
C GLY J 97 33.02 -42.37 53.95
N LYS J 98 33.02 -43.13 55.05
CA LYS J 98 32.80 -44.56 54.97
C LYS J 98 31.38 -44.88 55.41
N PRO J 99 30.50 -45.30 54.50
CA PRO J 99 29.16 -45.76 54.91
C PRO J 99 29.23 -47.10 55.61
N ASP J 100 28.19 -47.39 56.39
CA ASP J 100 28.18 -48.64 57.16
C ASP J 100 26.74 -48.98 57.52
N ARG J 101 26.55 -50.24 57.90
CA ARG J 101 25.30 -50.73 58.48
C ARG J 101 25.63 -51.30 59.84
N ILE J 102 25.28 -50.56 60.89
CA ILE J 102 25.74 -50.86 62.25
C ILE J 102 24.56 -51.15 63.18
N SER J 103 24.87 -51.50 64.43
CA SER J 103 23.88 -51.83 65.45
C SER J 103 23.55 -50.59 66.27
N LEU J 104 22.84 -50.79 67.38
CA LEU J 104 22.39 -49.71 68.26
C LEU J 104 23.43 -49.32 69.30
N VAL J 105 24.11 -50.31 69.89
CA VAL J 105 25.15 -50.03 70.88
C VAL J 105 26.30 -49.27 70.23
N GLN J 106 26.70 -49.68 69.02
CA GLN J 106 27.74 -48.96 68.29
C GLN J 106 27.28 -47.55 67.95
N THR J 107 25.99 -47.37 67.66
CA THR J 107 25.46 -46.03 67.38
C THR J 107 25.57 -45.13 68.60
N LEU J 108 25.20 -45.66 69.77
CA LEU J 108 25.32 -44.86 70.99
C LEU J 108 26.78 -44.59 71.34
N LYS J 109 27.67 -45.52 71.00
CA LYS J 109 29.09 -45.31 71.29
C LYS J 109 29.70 -44.24 70.39
N ASP J 110 29.34 -44.24 69.11
CA ASP J 110 29.96 -43.34 68.12
C ASP J 110 28.99 -42.31 67.58
N ALA J 111 28.01 -41.90 68.37
CA ALA J 111 27.12 -40.80 67.98
C ALA J 111 27.85 -39.48 67.76
N HIS J 112 29.07 -39.35 68.28
CA HIS J 112 29.87 -38.16 68.02
C HIS J 112 30.62 -38.23 66.68
N CYS J 113 30.58 -39.37 65.99
CA CYS J 113 31.33 -39.52 64.75
C CYS J 113 30.52 -40.26 63.69
N LEU J 114 29.20 -40.07 63.66
CA LEU J 114 28.36 -40.72 62.67
C LEU J 114 27.12 -39.87 62.42
N GLN J 115 26.48 -40.13 61.29
CA GLN J 115 25.20 -39.52 60.95
C GLN J 115 24.26 -40.58 60.41
N LEU J 116 22.97 -40.36 60.64
CA LEU J 116 21.96 -41.29 60.14
C LEU J 116 21.79 -41.09 58.63
N ALA J 117 21.90 -42.18 57.88
CA ALA J 117 21.87 -42.14 56.42
C ALA J 117 20.60 -42.84 55.94
N TYR J 118 19.59 -42.04 55.57
CA TYR J 118 18.35 -42.57 55.05
C TYR J 118 17.88 -41.69 53.91
N SER J 119 17.49 -42.29 52.80
CA SER J 119 17.03 -41.52 51.65
C SER J 119 15.69 -40.85 51.95
N ASN J 120 14.74 -41.60 52.48
CA ASN J 120 13.45 -41.04 52.84
C ASN J 120 13.60 -40.16 54.08
N PRO J 121 13.20 -38.89 54.03
CA PRO J 121 13.26 -38.04 55.23
C PRO J 121 12.39 -38.56 56.37
N MET J 122 11.28 -39.21 56.04
CA MET J 122 10.39 -39.78 57.05
C MET J 122 11.11 -40.81 57.90
N ASP J 123 11.88 -41.70 57.27
CA ASP J 123 12.61 -42.72 58.00
C ASP J 123 13.68 -42.09 58.89
N ARG J 124 14.37 -41.07 58.39
CA ARG J 124 15.36 -40.38 59.19
C ARG J 124 14.74 -39.75 60.44
N PHE J 125 13.61 -39.05 60.25
CA PHE J 125 12.95 -38.41 61.37
C PHE J 125 12.47 -39.41 62.41
N THR J 126 11.85 -40.50 61.96
CA THR J 126 11.30 -41.44 62.93
C THR J 126 12.42 -42.23 63.62
N VAL J 127 13.53 -42.51 62.92
CA VAL J 127 14.66 -43.16 63.58
C VAL J 127 15.25 -42.25 64.64
N PHE J 128 15.42 -40.97 64.32
CA PHE J 128 15.96 -40.04 65.32
C PHE J 128 14.99 -39.88 66.49
N ARG J 129 13.69 -39.94 66.23
CA ARG J 129 12.71 -39.93 67.32
C ARG J 129 12.87 -41.15 68.22
N PHE J 130 13.14 -42.32 67.62
CA PHE J 130 13.36 -43.51 68.44
C PHE J 130 14.61 -43.39 69.29
N LEU J 131 15.70 -42.84 68.73
CA LEU J 131 16.90 -42.59 69.54
C LEU J 131 16.62 -41.58 70.65
N LEU J 132 15.80 -40.56 70.37
CA LEU J 132 15.45 -39.61 71.42
C LEU J 132 14.65 -40.28 72.54
N ALA J 133 13.72 -41.18 72.17
CA ALA J 133 12.95 -41.90 73.17
C ALA J 133 13.84 -42.80 74.01
N LEU J 134 14.78 -43.50 73.37
CA LEU J 134 15.72 -44.35 74.11
C LEU J 134 16.60 -43.52 75.03
N GLY J 135 17.03 -42.34 74.57
CA GLY J 135 17.79 -41.45 75.43
C GLY J 135 16.98 -40.96 76.62
N TYR J 136 15.70 -40.68 76.42
CA TYR J 136 14.83 -40.25 77.51
C TYR J 136 14.69 -41.35 78.56
N TRP J 137 14.45 -42.58 78.09
CA TRP J 137 14.34 -43.71 79.03
C TRP J 137 15.66 -43.96 79.76
N CYS J 138 16.78 -43.87 79.04
CA CYS J 138 18.09 -44.08 79.66
C CYS J 138 18.39 -43.02 80.70
N PHE J 139 18.07 -41.75 80.40
CA PHE J 139 18.27 -40.69 81.37
C PHE J 139 17.36 -40.87 82.58
N ALA J 140 16.11 -41.30 82.35
CA ALA J 140 15.19 -41.48 83.46
C ALA J 140 15.66 -42.59 84.40
N ASN J 141 16.17 -43.69 83.85
CA ASN J 141 16.56 -44.84 84.68
C ASN J 141 18.03 -44.86 85.06
N THR J 142 18.84 -43.91 84.57
CA THR J 142 20.25 -43.84 84.94
C THR J 142 20.67 -42.50 85.52
N ASN J 143 19.85 -41.46 85.37
CA ASN J 143 20.09 -40.13 85.94
C ASN J 143 21.42 -39.54 85.48
N VAL J 144 21.73 -39.71 84.20
CA VAL J 144 22.92 -39.12 83.58
C VAL J 144 22.42 -38.15 82.50
N GLU J 145 22.37 -36.87 82.82
CA GLU J 145 21.91 -35.87 81.87
C GLU J 145 22.96 -35.64 80.80
N PRO J 146 22.62 -35.76 79.51
CA PRO J 146 23.62 -35.51 78.46
C PRO J 146 24.08 -34.07 78.44
N GLU J 147 25.35 -33.88 78.11
CA GLU J 147 25.98 -32.57 78.12
C GLU J 147 26.35 -32.14 76.71
N PRO J 148 26.32 -30.83 76.42
CA PRO J 148 26.69 -30.37 75.08
C PRO J 148 28.16 -30.61 74.76
N ASP J 149 28.42 -30.85 73.48
CA ASP J 149 29.77 -31.05 72.94
C ASP J 149 30.52 -32.16 73.66
N LYS J 150 29.85 -33.30 73.85
CA LYS J 150 30.43 -34.45 74.49
C LYS J 150 30.29 -35.67 73.59
N PRO J 151 31.21 -36.64 73.71
CA PRO J 151 31.05 -37.86 72.90
C PRO J 151 29.82 -38.66 73.26
N LEU J 152 29.67 -39.03 74.54
CA LEU J 152 28.60 -39.93 74.96
C LEU J 152 28.44 -39.94 76.48
N PRO J 153 27.21 -39.85 76.98
CA PRO J 153 26.98 -40.07 78.42
C PRO J 153 27.20 -41.53 78.76
N VAL J 154 28.18 -41.79 79.63
CA VAL J 154 28.62 -43.15 79.95
C VAL J 154 27.56 -43.87 80.77
N SER J 155 27.72 -45.19 80.91
CA SER J 155 26.88 -46.12 81.65
C SER J 155 25.52 -46.36 81.00
N TRP J 156 25.22 -45.70 79.88
CA TRP J 156 23.98 -46.00 79.17
C TRP J 156 24.03 -47.34 78.47
N ILE J 157 25.19 -47.72 77.95
CA ILE J 157 25.33 -49.01 77.26
C ILE J 157 25.09 -50.20 78.20
N PRO J 158 25.67 -50.27 79.40
CA PRO J 158 25.30 -51.37 80.30
C PRO J 158 23.82 -51.42 80.63
N TRP J 159 23.19 -50.25 80.81
CA TRP J 159 21.76 -50.23 81.11
C TRP J 159 20.94 -50.74 79.94
N LEU J 160 21.34 -50.39 78.72
CA LEU J 160 20.68 -50.97 77.55
C LEU J 160 20.93 -52.47 77.46
N GLU J 161 22.08 -52.93 77.96
CA GLU J 161 22.35 -54.37 77.96
C GLU J 161 21.51 -55.11 79.00
N GLU J 162 21.14 -54.45 80.10
CA GLU J 162 20.33 -55.12 81.12
C GLU J 162 18.92 -55.42 80.63
N ASN J 163 18.45 -54.77 79.57
CA ASN J 163 17.09 -54.94 79.06
C ASN J 163 17.09 -55.57 77.68
N LYS J 164 17.89 -56.62 77.50
CA LYS J 164 17.99 -57.30 76.21
C LYS J 164 16.71 -58.04 75.86
N GLU J 165 16.02 -58.61 76.86
CA GLU J 165 14.88 -59.48 76.63
C GLU J 165 13.67 -58.75 76.05
N TYR J 166 13.63 -57.43 76.10
CA TYR J 166 12.45 -56.68 75.66
C TYR J 166 12.47 -56.41 74.16
N PHE J 167 13.53 -55.77 73.67
CA PHE J 167 13.63 -55.39 72.25
C PHE J 167 13.93 -56.66 71.45
N GLU J 168 12.89 -57.46 71.23
CA GLU J 168 13.03 -58.78 70.63
C GLU J 168 12.07 -58.93 69.45
N LEU J 169 12.56 -59.53 68.39
CA LEU J 169 11.76 -59.90 67.22
C LEU J 169 11.25 -61.32 67.39
N PHE J 170 10.85 -61.95 66.27
CA PHE J 170 10.17 -63.24 66.23
C PHE J 170 10.84 -64.29 67.10
N GLY J 171 10.05 -65.25 67.59
CA GLY J 171 10.53 -66.28 68.48
C GLY J 171 9.72 -66.40 69.75
N ASP J 172 8.49 -65.88 69.70
CA ASP J 172 7.53 -65.89 70.81
C ASP J 172 8.08 -65.14 72.03
N GLY J 173 7.35 -65.23 73.15
CA GLY J 173 7.73 -64.44 74.30
C GLY J 173 7.43 -62.96 74.09
N LYS J 174 8.17 -62.13 74.82
CA LYS J 174 8.05 -60.68 74.65
C LYS J 174 8.57 -60.26 73.28
N ARG J 175 7.83 -59.38 72.62
CA ARG J 175 8.12 -58.96 71.26
C ARG J 175 8.05 -57.45 71.17
N PHE J 176 8.99 -56.86 70.42
CA PHE J 176 9.15 -55.41 70.37
C PHE J 176 8.16 -54.80 69.39
N PHE J 177 7.30 -53.90 69.87
CA PHE J 177 6.30 -53.19 69.07
C PHE J 177 5.40 -54.18 68.33
N GLN J 178 5.10 -55.30 68.98
CA GLN J 178 4.44 -56.43 68.33
C GLN J 178 3.40 -56.99 69.30
N ALA J 179 2.13 -56.83 68.95
CA ALA J 179 1.03 -57.21 69.80
C ALA J 179 0.52 -58.61 69.43
N ASP J 180 -0.65 -58.97 69.96
CA ASP J 180 -1.18 -60.31 69.81
C ASP J 180 -1.52 -60.60 68.35
N PRO J 181 -1.26 -61.81 67.86
CA PRO J 181 -1.67 -62.17 66.51
C PRO J 181 -3.18 -62.31 66.40
N SER J 182 -3.68 -62.09 65.19
CA SER J 182 -5.12 -62.10 64.93
C SER J 182 -5.36 -62.78 63.58
N SER J 183 -6.60 -62.66 63.08
CA SER J 183 -6.98 -63.27 61.82
C SER J 183 -6.89 -62.32 60.64
N ARG J 184 -6.84 -61.01 60.88
CA ARG J 184 -6.71 -60.03 59.80
C ARG J 184 -5.28 -60.08 59.28
N ILE J 185 -5.07 -60.78 58.16
CA ILE J 185 -3.75 -60.95 57.58
C ILE J 185 -3.64 -60.08 56.33
N ARG J 186 -2.58 -59.28 56.28
CA ARG J 186 -2.26 -58.43 55.14
C ARG J 186 -0.82 -58.67 54.75
N ALA J 187 -0.46 -58.19 53.55
CA ALA J 187 0.93 -58.21 53.14
C ALA J 187 1.75 -57.29 54.02
N ILE J 188 3.03 -57.64 54.20
CA ILE J 188 3.88 -56.87 55.11
C ILE J 188 4.17 -55.48 54.56
N THR J 189 3.97 -55.26 53.26
CA THR J 189 4.11 -53.94 52.67
C THR J 189 2.91 -53.04 52.94
N ASP J 190 1.99 -53.45 53.82
CA ASP J 190 0.88 -52.59 54.20
C ASP J 190 1.39 -51.38 54.98
N LEU J 191 2.41 -51.58 55.82
CA LEU J 191 2.89 -50.53 56.70
C LEU J 191 3.92 -49.61 56.05
N ILE J 192 4.19 -49.78 54.75
CA ILE J 192 5.08 -48.91 54.00
C ILE J 192 4.24 -48.07 53.05
N HIS J 193 4.40 -46.75 53.13
CA HIS J 193 3.56 -45.84 52.34
C HIS J 193 3.94 -45.85 50.86
N GLU J 194 5.24 -45.88 50.57
CA GLU J 194 5.70 -45.67 49.20
C GLU J 194 5.38 -46.87 48.31
N ILE J 195 5.45 -48.08 48.86
CA ILE J 195 5.24 -49.29 48.07
C ILE J 195 3.74 -49.52 47.89
N PRO J 196 3.24 -49.63 46.66
CA PRO J 196 1.79 -49.79 46.47
C PRO J 196 1.32 -51.18 46.86
N THR J 197 0.17 -51.22 47.52
CA THR J 197 -0.44 -52.49 47.92
C THR J 197 -1.93 -52.25 48.19
N ALA J 198 -2.69 -53.35 48.14
CA ALA J 198 -4.10 -53.37 48.52
C ALA J 198 -4.91 -52.35 47.69
N HIS J 199 -5.00 -52.66 46.39
CA HIS J 199 -5.67 -51.88 45.35
C HIS J 199 -4.96 -50.57 45.03
N ASN J 200 -3.77 -50.35 45.56
CA ASN J 200 -2.96 -49.21 45.13
C ASN J 200 -2.37 -49.52 43.76
N LEU J 201 -2.48 -48.56 42.84
CA LEU J 201 -1.92 -48.73 41.51
C LEU J 201 -0.40 -48.79 41.57
N CYS J 202 0.18 -49.75 40.87
CA CYS J 202 1.63 -49.92 40.79
C CYS J 202 2.10 -49.42 39.43
N HIS J 203 2.74 -48.25 39.42
CA HIS J 203 3.25 -47.67 38.19
C HIS J 203 4.70 -47.24 38.37
N PHE J 204 5.08 -46.93 39.61
CA PHE J 204 6.44 -46.50 39.92
C PHE J 204 7.24 -47.53 40.67
N LYS J 205 6.60 -48.53 41.27
CA LYS J 205 7.29 -49.66 41.89
C LYS J 205 6.52 -50.92 41.52
N HIS J 206 7.12 -51.75 40.67
CA HIS J 206 6.45 -52.92 40.10
C HIS J 206 6.56 -54.07 41.10
N VAL J 207 5.52 -54.24 41.92
CA VAL J 207 5.50 -55.26 42.96
C VAL J 207 4.08 -55.81 43.08
N THR J 208 3.98 -56.98 43.72
CA THR J 208 2.70 -57.59 44.04
C THR J 208 2.74 -58.12 45.46
N ASP J 209 1.56 -58.21 46.08
CA ASP J 209 1.46 -58.62 47.47
C ASP J 209 1.87 -60.09 47.63
N TYR J 210 2.49 -60.39 48.78
CA TYR J 210 2.95 -61.71 49.17
C TYR J 210 3.95 -62.31 48.17
N ILE J 211 4.60 -61.48 47.38
CA ILE J 211 5.62 -61.92 46.44
C ILE J 211 6.99 -61.35 46.80
N ASP J 212 7.04 -60.10 47.22
CA ASP J 212 8.27 -59.44 47.63
C ASP J 212 8.39 -59.44 49.15
N GLY J 213 9.63 -59.28 49.63
CA GLY J 213 9.90 -59.39 51.03
C GLY J 213 10.76 -58.24 51.54
N LEU J 214 10.85 -58.15 52.86
CA LEU J 214 11.61 -57.11 53.54
C LEU J 214 12.65 -57.75 54.46
N CYS J 215 13.84 -57.17 54.47
CA CYS J 215 14.84 -57.57 55.44
C CYS J 215 14.45 -57.06 56.83
N GLU J 216 15.11 -57.62 57.85
CA GLU J 216 14.75 -57.33 59.22
C GLU J 216 15.03 -55.88 59.60
N ALA J 217 16.08 -55.28 59.04
CA ALA J 217 16.34 -53.86 59.29
C ALA J 217 15.22 -53.00 58.73
N CYS J 218 14.75 -53.30 57.53
CA CYS J 218 13.60 -52.59 56.99
C CYS J 218 12.32 -52.92 57.76
N CYS J 219 12.26 -54.11 58.37
CA CYS J 219 11.13 -54.44 59.23
C CYS J 219 11.09 -53.53 60.46
N ILE J 220 12.25 -53.31 61.09
CA ILE J 220 12.30 -52.38 62.23
C ILE J 220 12.01 -50.96 61.76
N LYS J 221 12.48 -50.61 60.57
CA LYS J 221 12.18 -49.29 60.00
C LYS J 221 10.69 -49.08 59.81
N GLY J 222 9.99 -50.10 59.30
CA GLY J 222 8.55 -50.01 59.15
C GLY J 222 7.81 -50.02 60.48
N LEU J 223 8.32 -50.79 61.45
CA LEU J 223 7.70 -50.82 62.78
C LEU J 223 7.83 -49.48 63.49
N LEU J 224 8.94 -48.78 63.26
CA LEU J 224 9.15 -47.48 63.88
C LEU J 224 8.50 -46.38 63.05
N ARG J 225 7.26 -46.59 62.61
CA ARG J 225 6.58 -45.60 61.77
C ARG J 225 5.14 -45.32 62.19
N LEU J 226 4.50 -46.22 62.93
CA LEU J 226 3.09 -46.08 63.27
C LEU J 226 2.75 -44.83 64.09
N PRO J 227 3.45 -44.48 65.18
CA PRO J 227 2.97 -43.36 66.02
C PRO J 227 3.05 -42.00 65.35
N VAL J 228 3.75 -41.85 64.23
CA VAL J 228 3.94 -40.51 63.66
C VAL J 228 3.45 -40.44 62.22
N PHE J 229 3.42 -41.57 61.52
CA PHE J 229 3.15 -41.56 60.09
C PHE J 229 2.15 -42.64 59.69
N THR J 230 1.04 -42.69 60.40
CA THR J 230 -0.07 -43.56 60.02
C THR J 230 -1.25 -42.71 59.53
N THR J 231 -2.08 -43.31 58.69
CA THR J 231 -3.24 -42.64 58.13
C THR J 231 -4.46 -43.53 58.28
N VAL J 232 -5.62 -42.98 57.89
CA VAL J 232 -6.88 -43.69 58.01
C VAL J 232 -6.92 -44.85 57.01
N GLY J 233 -7.83 -45.79 57.26
CA GLY J 233 -8.02 -46.91 56.36
C GLY J 233 -9.33 -46.81 55.60
N GLY J 234 -10.14 -47.86 55.64
CA GLY J 234 -11.43 -47.86 54.99
C GLY J 234 -12.58 -47.70 55.96
N ARG J 235 -13.53 -48.63 55.93
CA ARG J 235 -14.66 -48.63 56.85
C ARG J 235 -14.32 -49.47 58.07
N GLY J 236 -14.30 -48.85 59.25
CA GLY J 236 -13.94 -49.51 60.48
C GLY J 236 -12.52 -49.28 60.93
N ILE J 237 -11.72 -48.53 60.16
CA ILE J 237 -10.32 -48.27 60.49
C ILE J 237 -10.15 -46.76 60.62
N GLY J 238 -9.54 -46.34 61.73
CA GLY J 238 -9.29 -44.94 62.01
C GLY J 238 -7.85 -44.56 61.77
N ALA J 239 -7.41 -43.51 62.46
CA ALA J 239 -6.05 -42.99 62.35
C ALA J 239 -5.35 -43.11 63.70
N GLY J 240 -4.15 -42.52 63.78
CA GLY J 240 -3.33 -42.60 64.97
C GLY J 240 -3.69 -41.54 66.00
N ILE J 241 -2.80 -41.40 66.98
CA ILE J 241 -2.99 -40.45 68.07
C ILE J 241 -2.80 -39.01 67.63
N ASN J 242 -2.22 -38.78 66.45
CA ASN J 242 -2.02 -37.45 65.92
C ASN J 242 -3.06 -37.05 64.88
N ASN J 243 -4.11 -37.86 64.73
CA ASN J 243 -5.14 -37.72 63.68
C ASN J 243 -4.42 -37.75 62.34
N THR J 244 -4.67 -36.82 61.43
CA THR J 244 -3.89 -36.74 60.21
C THR J 244 -2.46 -36.35 60.53
N PRO J 245 -1.48 -36.88 59.80
CA PRO J 245 -0.07 -36.60 60.12
C PRO J 245 0.27 -35.14 59.87
N PRO J 246 0.61 -34.39 60.92
CA PRO J 246 0.89 -32.97 60.75
C PRO J 246 2.33 -32.68 60.35
N PHE J 247 2.68 -31.40 60.29
CA PHE J 247 4.08 -31.00 60.13
C PHE J 247 4.90 -31.39 61.35
N TYR J 248 6.15 -31.74 61.11
CA TYR J 248 7.07 -32.12 62.18
C TYR J 248 8.31 -31.24 62.07
N LEU J 249 8.65 -30.56 63.17
CA LEU J 249 9.73 -29.58 63.18
C LEU J 249 10.64 -29.83 64.37
N LEU J 250 11.95 -29.75 64.12
CA LEU J 250 12.96 -30.05 65.12
C LEU J 250 14.30 -29.52 64.61
N TRP J 251 15.31 -29.63 65.46
CA TRP J 251 16.61 -29.01 65.21
C TRP J 251 17.58 -30.00 64.56
N HIS J 252 18.69 -29.45 64.08
CA HIS J 252 19.69 -30.21 63.34
C HIS J 252 21.09 -29.87 63.86
N ALA J 253 22.05 -30.71 63.50
CA ALA J 253 23.44 -30.53 63.88
C ALA J 253 24.31 -31.25 62.87
N ASN J 254 25.61 -31.39 63.19
CA ASN J 254 26.55 -32.04 62.30
C ASN J 254 26.78 -33.51 62.63
N ASP J 255 26.28 -33.99 63.77
CA ASP J 255 26.43 -35.39 64.15
C ASP J 255 25.33 -35.74 65.13
N LEU J 256 25.23 -37.04 65.45
CA LEU J 256 24.12 -37.54 66.23
C LEU J 256 24.17 -37.04 67.68
N ALA J 257 25.37 -36.97 68.26
CA ALA J 257 25.49 -36.50 69.64
C ALA J 257 25.08 -35.03 69.76
N GLY J 258 25.56 -34.20 68.83
CA GLY J 258 25.14 -32.80 68.83
C GLY J 258 23.66 -32.65 68.54
N MET J 259 23.12 -33.49 67.66
CA MET J 259 21.69 -33.47 67.37
C MET J 259 20.87 -33.79 68.62
N LEU J 260 21.29 -34.82 69.37
CA LEU J 260 20.60 -35.19 70.60
C LEU J 260 20.70 -34.07 71.64
N ALA J 261 21.89 -33.49 71.80
CA ALA J 261 22.07 -32.43 72.78
C ALA J 261 21.25 -31.19 72.43
N GLN J 262 21.20 -30.84 71.14
CA GLN J 262 20.39 -29.70 70.71
C GLN J 262 18.90 -29.98 70.86
N ASN J 263 18.48 -31.22 70.63
CA ASN J 263 17.08 -31.61 70.74
C ASN J 263 16.76 -32.30 72.06
N TRP J 264 17.41 -31.90 73.15
CA TRP J 264 17.21 -32.51 74.45
C TRP J 264 16.29 -31.64 75.29
N GLN J 265 15.20 -32.22 75.80
CA GLN J 265 14.22 -31.50 76.59
C GLN J 265 13.41 -32.46 77.44
N PRO J 266 13.86 -32.79 78.66
CA PRO J 266 13.09 -33.71 79.50
C PRO J 266 11.74 -33.14 79.90
N TRP J 267 10.78 -34.04 80.08
CA TRP J 267 9.42 -33.71 80.47
C TRP J 267 9.16 -34.11 81.92
N ASP J 268 7.91 -33.97 82.34
CA ASP J 268 7.48 -34.30 83.69
C ASP J 268 7.04 -35.76 83.82
N ASN J 269 6.06 -36.16 83.01
CA ASN J 269 5.49 -37.50 83.06
C ASN J 269 6.11 -38.32 81.94
N MET J 270 7.07 -39.18 82.31
CA MET J 270 7.65 -40.09 81.33
C MET J 270 6.63 -41.10 80.83
N GLY J 271 5.84 -41.67 81.72
CA GLY J 271 4.90 -42.70 81.34
C GLY J 271 5.58 -44.03 81.13
N ILE J 272 4.83 -44.95 80.52
CA ILE J 272 5.31 -46.29 80.23
C ILE J 272 5.58 -46.38 78.73
N PRO J 273 6.82 -46.59 78.32
CA PRO J 273 7.11 -46.77 76.88
C PRO J 273 6.53 -48.07 76.36
N ALA J 274 6.27 -48.08 75.04
CA ALA J 274 5.59 -49.21 74.42
C ALA J 274 6.46 -50.46 74.37
N TRP J 275 7.79 -50.32 74.43
CA TRP J 275 8.64 -51.51 74.44
C TRP J 275 8.63 -52.22 75.79
N LEU J 276 8.07 -51.60 76.83
CA LEU J 276 7.89 -52.29 78.10
C LEU J 276 6.79 -53.35 77.99
N GLY J 277 5.67 -53.02 77.34
CA GLY J 277 4.59 -53.95 77.10
C GLY J 277 3.27 -53.52 77.71
N SER J 278 3.30 -52.88 78.88
CA SER J 278 2.09 -52.48 79.59
C SER J 278 1.46 -51.27 78.90
N PHE J 279 0.47 -51.52 78.05
CA PHE J 279 -0.22 -50.46 77.33
C PHE J 279 -1.57 -50.12 77.96
N GLN J 280 -1.85 -50.61 79.16
CA GLN J 280 -3.10 -50.32 79.85
C GLN J 280 -2.98 -48.95 80.51
N LYS J 281 -3.10 -47.90 79.70
CA LYS J 281 -2.94 -46.54 80.22
C LYS J 281 -4.24 -46.06 80.87
N GLU J 282 -5.29 -45.91 80.06
CA GLU J 282 -6.65 -45.56 80.53
C GLU J 282 -6.65 -44.31 81.40
N SER J 283 -5.87 -43.31 81.00
CA SER J 283 -5.72 -42.07 81.77
C SER J 283 -6.01 -40.87 80.88
N ARG J 284 -6.50 -39.80 81.50
CA ARG J 284 -6.76 -38.56 80.78
C ARG J 284 -5.47 -37.93 80.28
N GLU J 285 -4.43 -37.93 81.12
CA GLU J 285 -3.13 -37.36 80.74
C GLU J 285 -2.23 -38.47 80.20
N VAL J 286 -1.61 -38.20 79.06
CA VAL J 286 -0.73 -39.16 78.39
C VAL J 286 0.71 -38.72 78.61
N GLY J 287 1.54 -39.65 79.07
CA GLY J 287 2.93 -39.36 79.34
C GLY J 287 3.77 -39.23 78.08
N LEU J 288 5.04 -38.88 78.29
CA LEU J 288 5.96 -38.68 77.16
C LEU J 288 6.20 -39.99 76.41
N LEU J 289 6.81 -40.97 77.08
CA LEU J 289 7.11 -42.24 76.42
C LEU J 289 5.86 -43.03 76.09
N ALA J 290 4.76 -42.80 76.82
CA ALA J 290 3.50 -43.46 76.48
C ALA J 290 2.96 -42.97 75.14
N GLY J 291 3.05 -41.66 74.88
CA GLY J 291 2.48 -41.09 73.67
C GLY J 291 3.43 -41.03 72.50
N MET J 292 4.71 -40.78 72.77
CA MET J 292 5.70 -40.74 71.70
C MET J 292 6.01 -42.12 71.15
N THR J 293 5.61 -43.18 71.85
CA THR J 293 5.67 -44.54 71.33
C THR J 293 4.27 -45.16 71.20
N TRP J 294 3.23 -44.32 71.16
CA TRP J 294 1.86 -44.80 71.16
C TRP J 294 1.49 -45.44 69.83
N LEU J 295 1.64 -46.76 69.74
CA LEU J 295 1.31 -47.46 68.51
C LEU J 295 -0.20 -47.55 68.36
N PRO J 296 -0.78 -47.06 67.26
CA PRO J 296 -2.23 -47.14 67.07
C PRO J 296 -2.72 -48.42 66.41
N ARG J 297 -1.88 -49.45 66.32
CA ARG J 297 -2.28 -50.71 65.70
C ARG J 297 -1.66 -51.86 66.49
N LYS J 298 -2.27 -53.04 66.34
CA LYS J 298 -1.77 -54.27 66.93
C LYS J 298 -1.24 -55.13 65.80
N VAL J 299 0.06 -55.42 65.82
CA VAL J 299 0.72 -56.09 64.71
C VAL J 299 1.50 -57.30 65.23
N TYR J 300 1.65 -58.30 64.35
CA TYR J 300 2.41 -59.51 64.67
C TYR J 300 3.00 -60.01 63.36
N LEU J 301 4.24 -59.60 63.08
CA LEU J 301 4.91 -60.02 61.87
C LEU J 301 5.38 -61.46 61.99
N HIS J 302 5.39 -62.15 60.85
CA HIS J 302 5.53 -63.60 60.79
C HIS J 302 7.01 -64.00 60.81
N ASP J 303 7.25 -65.29 60.55
CA ASP J 303 8.59 -65.86 60.60
C ASP J 303 9.32 -65.65 59.28
N PRO J 304 10.66 -65.67 59.30
CA PRO J 304 11.42 -65.56 58.05
C PRO J 304 11.19 -66.74 57.13
N VAL J 305 11.27 -66.47 55.83
CA VAL J 305 11.06 -67.47 54.79
C VAL J 305 12.36 -67.57 53.98
N PRO J 306 12.93 -68.77 53.81
CA PRO J 306 14.12 -68.89 52.97
C PRO J 306 13.82 -68.56 51.52
N GLY J 307 14.83 -68.01 50.84
CA GLY J 307 14.68 -67.62 49.45
C GLY J 307 15.91 -66.90 48.97
N GLN J 308 15.80 -66.34 47.76
CA GLN J 308 16.91 -65.59 47.17
C GLN J 308 16.31 -64.44 46.36
N ALA J 309 16.21 -63.28 46.98
CA ALA J 309 15.65 -62.09 46.34
C ALA J 309 16.32 -60.86 46.94
N ALA J 310 15.73 -59.69 46.71
CA ALA J 310 16.21 -58.44 47.29
C ALA J 310 15.03 -57.69 47.89
N CYS J 311 15.27 -57.03 49.02
CA CYS J 311 14.23 -56.25 49.68
C CYS J 311 13.83 -55.06 48.83
N CYS J 312 12.53 -54.91 48.58
CA CYS J 312 12.06 -53.83 47.73
C CYS J 312 11.80 -52.54 48.50
N SER J 313 12.76 -52.19 49.36
CA SER J 313 12.85 -50.85 49.94
C SER J 313 14.28 -50.33 50.00
N CYS J 314 15.28 -51.21 49.98
CA CYS J 314 16.68 -50.83 50.01
C CYS J 314 17.54 -51.56 49.00
N GLY J 315 17.10 -52.70 48.48
CA GLY J 315 17.81 -53.40 47.44
C GLY J 315 18.99 -54.24 47.89
N LEU J 316 19.20 -54.38 49.19
CA LEU J 316 20.32 -55.18 49.68
C LEU J 316 20.06 -56.66 49.42
N PRO J 317 21.00 -57.38 48.79
CA PRO J 317 20.77 -58.81 48.52
C PRO J 317 20.82 -59.65 49.77
N SER J 318 19.68 -60.19 50.18
CA SER J 318 19.57 -61.01 51.37
C SER J 318 18.74 -62.25 51.07
N GLU J 319 18.95 -63.28 51.87
CA GLU J 319 18.27 -64.56 51.68
C GLU J 319 17.20 -64.85 52.73
N ALA J 320 17.23 -64.17 53.87
CA ALA J 320 16.25 -64.37 54.93
C ALA J 320 15.24 -63.23 54.85
N LEU J 321 14.24 -63.39 53.99
CA LEU J 321 13.21 -62.39 53.79
C LEU J 321 11.90 -62.87 54.39
N VAL J 322 11.28 -62.01 55.18
CA VAL J 322 9.92 -62.25 55.66
C VAL J 322 8.95 -61.74 54.60
N TYR J 323 7.75 -62.31 54.56
CA TYR J 323 6.85 -62.03 53.44
C TYR J 323 5.42 -61.66 53.85
N SER J 324 5.05 -61.79 55.11
CA SER J 324 3.68 -61.51 55.52
C SER J 324 3.64 -61.12 56.98
N CYS J 325 2.52 -60.53 57.38
CA CYS J 325 2.30 -60.11 58.76
C CYS J 325 0.80 -60.19 59.06
N SER J 326 0.45 -59.85 60.30
CA SER J 326 -0.93 -59.77 60.74
C SER J 326 -1.15 -58.44 61.43
N ILE J 327 -2.30 -57.82 61.16
CA ILE J 327 -2.57 -56.47 61.63
C ILE J 327 -3.90 -56.46 62.38
N GLU J 328 -4.06 -55.46 63.24
CA GLU J 328 -5.28 -55.27 64.01
C GLU J 328 -5.33 -53.82 64.46
N VAL J 329 -6.50 -53.20 64.34
CA VAL J 329 -6.65 -51.77 64.57
C VAL J 329 -7.06 -51.53 66.03
N GLU J 330 -6.31 -50.67 66.70
CA GLU J 330 -6.65 -50.25 68.06
C GLU J 330 -7.16 -48.81 68.02
N PRO J 331 -8.46 -48.59 68.23
CA PRO J 331 -8.99 -47.22 68.13
C PRO J 331 -8.46 -46.31 69.23
N VAL J 332 -8.35 -45.03 68.89
CA VAL J 332 -7.84 -44.00 69.80
C VAL J 332 -9.03 -43.42 70.57
N PRO J 333 -8.98 -43.43 71.90
CA PRO J 333 -10.10 -42.87 72.67
C PRO J 333 -10.12 -41.36 72.62
N LYS J 334 -11.32 -40.80 72.48
CA LYS J 334 -11.49 -39.36 72.44
C LYS J 334 -11.35 -38.76 73.83
N GLY J 335 -11.24 -37.44 73.88
CA GLY J 335 -10.99 -36.75 75.13
C GLY J 335 -9.61 -37.04 75.68
N LEU J 336 -8.62 -37.19 74.80
CA LEU J 336 -7.25 -37.52 75.17
C LEU J 336 -6.34 -36.36 74.82
N GLU J 337 -5.46 -35.99 75.74
CA GLU J 337 -4.51 -34.91 75.53
C GLU J 337 -3.11 -35.50 75.36
N TRP J 338 -2.48 -35.20 74.23
CA TRP J 338 -1.10 -35.59 73.99
C TRP J 338 -0.56 -34.70 72.89
N LYS J 339 0.51 -33.96 73.20
CA LYS J 339 1.14 -33.04 72.26
C LYS J 339 2.54 -33.55 71.94
N ASP J 340 2.77 -33.92 70.69
CA ASP J 340 4.12 -34.22 70.25
C ASP J 340 4.97 -32.96 70.35
N PRO J 341 6.12 -33.02 71.01
CA PRO J 341 6.94 -31.80 71.13
C PRO J 341 7.84 -31.60 69.92
N HIS J 342 7.29 -31.87 68.73
CA HIS J 342 7.97 -31.58 67.47
C HIS J 342 7.00 -31.13 66.39
N GLY J 343 5.71 -30.97 66.70
CA GLY J 343 4.70 -30.73 65.70
C GLY J 343 4.22 -29.28 65.68
N VAL J 344 3.34 -29.01 64.72
CA VAL J 344 2.77 -27.69 64.52
C VAL J 344 1.24 -27.83 64.51
N TYR J 345 0.56 -27.00 65.29
CA TYR J 345 -0.89 -27.02 65.39
C TYR J 345 -1.46 -25.71 64.87
N THR J 346 -2.75 -25.74 64.54
CA THR J 346 -3.44 -24.55 64.06
C THR J 346 -3.89 -23.71 65.24
N ASP J 347 -4.73 -22.70 64.97
CA ASP J 347 -5.30 -21.89 66.04
C ASP J 347 -6.29 -22.69 66.89
N GLN J 348 -6.90 -23.72 66.32
CA GLN J 348 -7.81 -24.59 67.05
C GLN J 348 -7.16 -25.91 67.43
N GLY J 349 -5.84 -26.05 67.24
CA GLY J 349 -5.16 -27.30 67.52
C GLY J 349 -5.59 -28.44 66.62
N LYS J 350 -5.68 -28.17 65.31
CA LYS J 350 -6.23 -29.12 64.36
C LYS J 350 -5.17 -29.82 63.52
N SER J 351 -3.92 -29.89 64.02
CA SER J 351 -2.84 -30.67 63.40
C SER J 351 -2.58 -30.18 61.96
N LEU J 352 -2.04 -28.97 61.89
CA LEU J 352 -1.73 -28.31 60.61
C LEU J 352 -0.90 -29.20 59.71
N GLN J 353 -1.33 -29.33 58.46
CA GLN J 353 -0.79 -30.29 57.51
C GLN J 353 -0.25 -29.55 56.28
N SER J 354 0.83 -30.09 55.72
CA SER J 354 1.40 -29.54 54.49
C SER J 354 0.39 -29.63 53.36
N LYS J 355 0.07 -28.47 52.76
CA LYS J 355 -0.96 -28.37 51.74
C LYS J 355 -0.30 -28.37 50.36
N ILE J 356 0.07 -29.55 49.90
CA ILE J 356 0.57 -29.72 48.55
C ILE J 356 -0.36 -30.68 47.82
N LYS J 357 -0.47 -30.50 46.51
CA LYS J 357 -1.31 -31.34 45.66
C LYS J 357 -0.61 -31.47 44.31
N LEU J 358 -1.33 -32.02 43.33
CA LEU J 358 -0.77 -32.20 42.01
C LEU J 358 -1.78 -31.87 40.92
N MET J 359 -2.72 -30.97 41.22
CA MET J 359 -3.80 -30.70 40.28
C MET J 359 -3.98 -29.21 39.98
N SER J 360 -3.65 -28.35 40.94
CA SER J 360 -3.77 -26.89 40.82
C SER J 360 -5.22 -26.50 40.48
N ASN J 361 -6.09 -26.76 41.47
CA ASN J 361 -7.52 -26.54 41.32
C ASN J 361 -7.90 -25.07 41.48
N ASP J 362 -9.20 -24.81 41.69
CA ASP J 362 -9.68 -23.43 41.78
C ASP J 362 -9.11 -22.71 43.00
N ARG J 363 -8.99 -23.39 44.13
CA ARG J 363 -8.54 -22.77 45.37
C ARG J 363 -7.06 -22.98 45.65
N TYR J 364 -6.35 -23.69 44.78
CA TYR J 364 -4.94 -24.00 45.00
C TYR J 364 -4.16 -23.86 43.71
N THR J 365 -2.99 -23.23 43.79
CA THR J 365 -2.07 -23.13 42.66
C THR J 365 -0.77 -23.82 43.05
N PHE J 366 -0.32 -24.74 42.21
CA PHE J 366 0.87 -25.53 42.51
C PHE J 366 2.11 -24.64 42.49
N ALA J 367 2.83 -24.61 43.61
CA ALA J 367 4.07 -23.87 43.69
C ALA J 367 5.19 -24.63 44.38
N ASP J 368 4.92 -25.82 44.93
CA ASP J 368 5.88 -26.71 45.58
C ASP J 368 6.49 -26.11 46.84
N ARG J 369 7.14 -26.94 47.65
CA ARG J 369 7.98 -26.49 48.76
C ARG J 369 7.17 -25.67 49.77
N ASP J 370 6.33 -26.37 50.51
CA ASP J 370 5.36 -25.77 51.42
C ASP J 370 6.00 -25.34 52.74
N TRP J 371 7.30 -25.05 52.72
CA TRP J 371 8.02 -24.64 53.92
C TRP J 371 7.45 -23.38 54.55
N TYR J 372 6.77 -22.52 53.77
CA TYR J 372 6.35 -21.24 54.29
C TYR J 372 5.15 -21.34 55.23
N SER J 373 4.47 -22.50 55.31
CA SER J 373 3.23 -22.56 56.10
C SER J 373 3.46 -22.63 57.60
N PRO J 374 4.25 -23.55 58.15
CA PRO J 374 4.24 -23.73 59.61
C PRO J 374 5.21 -22.84 60.39
N LEU J 375 5.83 -21.85 59.76
CA LEU J 375 6.75 -20.96 60.47
C LEU J 375 6.04 -19.82 61.20
N PHE J 376 4.74 -19.92 61.44
CA PHE J 376 4.05 -19.02 62.34
C PHE J 376 3.71 -19.67 63.67
N SER J 377 3.11 -20.85 63.65
CA SER J 377 2.72 -21.51 64.89
C SER J 377 3.93 -22.06 65.64
N TYR J 378 4.90 -22.59 64.92
CA TYR J 378 6.11 -23.10 65.58
C TYR J 378 6.96 -21.97 66.13
N LEU J 379 6.99 -20.82 65.46
CA LEU J 379 7.78 -19.68 65.90
C LEU J 379 6.99 -18.74 66.82
N HIS J 380 5.98 -19.26 67.52
CA HIS J 380 5.18 -18.45 68.44
C HIS J 380 4.98 -19.08 69.80
N ALA J 381 5.35 -20.35 70.01
CA ALA J 381 5.12 -20.99 71.31
C ALA J 381 6.26 -21.97 71.57
N GLU J 382 7.29 -21.47 72.25
CA GLU J 382 8.37 -22.25 72.86
C GLU J 382 9.16 -23.10 71.87
N GLY J 383 8.96 -22.92 70.57
CA GLY J 383 9.73 -23.62 69.57
C GLY J 383 10.97 -22.87 69.11
N ASN J 384 11.29 -21.75 69.74
CA ASN J 384 12.40 -20.91 69.34
C ASN J 384 13.59 -21.17 70.24
N SER J 385 14.76 -21.39 69.64
CA SER J 385 16.03 -21.50 70.35
C SER J 385 17.06 -20.57 69.73
N ARG J 386 16.59 -19.44 69.18
CA ARG J 386 17.41 -18.45 68.49
C ARG J 386 18.24 -19.09 67.39
N GLN J 387 19.50 -19.40 67.68
CA GLN J 387 20.37 -20.04 66.70
C GLN J 387 19.95 -21.51 66.49
N GLY J 388 20.21 -22.00 65.29
CA GLY J 388 19.98 -23.40 65.01
C GLY J 388 19.65 -23.63 63.54
N LYS J 389 19.33 -24.90 63.25
CA LYS J 389 18.97 -25.34 61.91
C LYS J 389 17.66 -26.12 62.01
N LEU J 390 16.65 -25.68 61.28
CA LEU J 390 15.34 -26.31 61.28
C LEU J 390 15.30 -27.43 60.24
N TRP J 391 14.85 -28.61 60.67
CA TRP J 391 14.94 -29.84 59.89
C TRP J 391 13.73 -29.98 58.98
N LEU J 392 12.52 -29.79 59.52
CA LEU J 392 11.29 -29.52 58.78
C LEU J 392 10.96 -30.66 57.81
N VAL J 393 10.64 -31.81 58.40
CA VAL J 393 10.08 -32.92 57.62
C VAL J 393 8.65 -32.57 57.24
N GLY J 394 8.33 -32.72 55.95
CA GLY J 394 6.97 -32.46 55.51
C GLY J 394 6.35 -33.62 54.77
N PHE J 395 5.33 -34.24 55.34
CA PHE J 395 4.58 -35.32 54.71
C PHE J 395 3.16 -34.85 54.47
N ALA J 396 2.70 -34.98 53.23
CA ALA J 396 1.38 -34.51 52.84
C ALA J 396 0.57 -35.66 52.27
N SER J 397 -0.66 -35.80 52.75
CA SER J 397 -1.58 -36.83 52.32
C SER J 397 -3.00 -36.28 52.39
N ASP J 398 -3.90 -36.92 51.66
CA ASP J 398 -5.32 -36.55 51.65
C ASP J 398 -6.14 -37.80 51.87
N LYS J 399 -6.79 -37.88 53.04
CA LYS J 399 -7.55 -39.05 53.49
C LYS J 399 -6.59 -40.24 53.49
N ALA J 400 -6.98 -41.40 52.94
CA ALA J 400 -6.10 -42.56 52.93
C ALA J 400 -5.26 -42.63 51.66
N LYS J 401 -4.58 -41.54 51.34
CA LYS J 401 -3.77 -41.49 50.12
C LYS J 401 -2.58 -40.58 50.37
N SER J 402 -1.39 -41.17 50.44
CA SER J 402 -0.17 -40.39 50.58
C SER J 402 0.12 -39.64 49.30
N ILE J 403 0.49 -38.37 49.44
CA ILE J 403 0.76 -37.53 48.27
C ILE J 403 2.26 -37.33 48.10
N ASP J 404 2.92 -36.80 49.14
CA ASP J 404 4.30 -36.39 48.94
C ASP J 404 5.03 -36.35 50.28
N ILE J 405 6.36 -36.33 50.19
CA ILE J 405 7.23 -36.20 51.36
C ILE J 405 8.47 -35.44 50.92
N TRP J 406 8.91 -34.49 51.76
CA TRP J 406 10.07 -33.65 51.42
C TRP J 406 10.72 -33.14 52.69
N ASP J 407 11.84 -32.44 52.50
CA ASP J 407 12.53 -31.88 53.64
C ASP J 407 13.23 -30.60 53.24
N LYS J 408 13.61 -29.81 54.23
CA LYS J 408 14.28 -28.53 54.00
C LYS J 408 14.89 -28.05 55.32
N ILE J 409 16.20 -27.80 55.32
CA ILE J 409 16.87 -27.21 56.47
C ILE J 409 16.84 -25.70 56.32
N ILE J 410 16.70 -25.00 57.44
CA ILE J 410 16.66 -23.54 57.46
C ILE J 410 17.60 -23.05 58.57
N GLU J 411 18.56 -22.20 58.20
CA GLU J 411 19.53 -21.67 59.16
C GLU J 411 18.98 -20.40 59.79
N LEU J 412 18.94 -20.37 61.12
CA LEU J 412 18.45 -19.21 61.86
C LEU J 412 19.44 -18.85 62.95
N GLU J 413 19.51 -17.55 63.25
CA GLU J 413 20.39 -17.03 64.29
C GLU J 413 19.66 -16.36 65.45
N GLY J 414 18.41 -15.94 65.25
CA GLY J 414 17.68 -15.22 66.28
C GLY J 414 16.87 -14.08 65.70
N THR J 415 17.09 -12.87 66.21
CA THR J 415 16.49 -11.63 65.70
C THR J 415 14.96 -11.72 65.69
N ASP J 416 14.41 -11.76 66.91
CA ASP J 416 12.96 -11.80 67.09
C ASP J 416 12.29 -10.63 66.40
N THR J 417 11.25 -10.92 65.61
CA THR J 417 10.59 -9.95 64.76
C THR J 417 9.12 -9.81 65.16
N ASN J 418 8.38 -9.03 64.38
CA ASN J 418 6.97 -8.79 64.63
C ASN J 418 6.15 -9.96 64.07
N ASP J 419 4.83 -9.83 64.13
CA ASP J 419 3.93 -10.90 63.70
C ASP J 419 3.20 -10.61 62.39
N GLU J 420 3.17 -9.35 61.94
CA GLU J 420 2.44 -9.03 60.72
C GLU J 420 3.13 -9.63 59.49
N LEU J 421 4.45 -9.46 59.40
CA LEU J 421 5.19 -10.06 58.30
C LEU J 421 5.25 -11.57 58.43
N LEU J 422 5.32 -12.09 59.66
CA LEU J 422 5.30 -13.53 59.86
C LEU J 422 3.98 -14.14 59.44
N ALA J 423 2.86 -13.48 59.75
CA ALA J 423 1.56 -13.99 59.34
C ALA J 423 1.37 -13.90 57.84
N GLN J 424 1.85 -12.82 57.22
CA GLN J 424 1.76 -12.68 55.77
C GLN J 424 2.58 -13.74 55.06
N LEU J 425 3.80 -14.02 55.56
CA LEU J 425 4.63 -15.05 54.95
C LEU J 425 4.04 -16.43 55.15
N ALA J 426 3.39 -16.67 56.30
CA ALA J 426 2.76 -17.95 56.57
C ALA J 426 1.55 -18.22 55.69
N ASN J 427 1.03 -17.21 55.00
CA ASN J 427 -0.12 -17.34 54.12
C ASN J 427 0.26 -17.05 52.67
N ARG J 428 1.43 -17.54 52.26
CA ARG J 428 1.91 -17.32 50.89
C ARG J 428 1.18 -18.19 49.88
N ALA J 429 0.53 -19.27 50.31
CA ALA J 429 -0.13 -20.18 49.39
C ALA J 429 -1.30 -19.50 48.68
N THR J 430 -2.08 -18.70 49.41
CA THR J 430 -3.22 -18.01 48.82
C THR J 430 -2.83 -16.68 48.17
N ALA J 431 -1.61 -16.19 48.41
CA ALA J 431 -1.16 -14.98 47.74
C ALA J 431 -0.80 -15.27 46.28
N LEU J 432 -0.17 -16.43 46.03
CA LEU J 432 0.16 -16.80 44.67
C LEU J 432 -1.08 -17.18 43.87
N ASN J 433 -2.07 -17.80 44.51
CA ASN J 433 -3.28 -18.20 43.81
C ASN J 433 -4.08 -17.00 43.34
N ALA J 434 -3.97 -15.86 44.02
CA ALA J 434 -4.62 -14.64 43.55
C ALA J 434 -3.87 -14.03 42.37
N MET J 435 -2.56 -14.26 42.27
CA MET J 435 -1.80 -13.76 41.14
C MET J 435 -2.18 -14.48 39.85
N ARG J 436 -2.29 -15.81 39.91
CA ARG J 436 -2.58 -16.59 38.72
C ARG J 436 -4.02 -16.39 38.25
N LYS J 437 -4.95 -16.23 39.18
CA LYS J 437 -6.37 -16.22 38.86
C LYS J 437 -6.89 -14.84 38.47
N LYS J 438 -6.03 -13.96 37.98
CA LYS J 438 -6.45 -12.62 37.59
C LYS J 438 -6.48 -12.51 36.07
N PRO J 439 -7.65 -12.52 35.44
CA PRO J 439 -7.71 -12.33 33.99
C PRO J 439 -7.81 -10.87 33.61
N LEU J 440 -7.93 -10.58 32.31
CA LEU J 440 -8.07 -9.23 31.80
C LEU J 440 -9.49 -8.90 31.34
N ARG J 441 -10.45 -9.79 31.61
CA ARG J 441 -11.81 -9.64 31.09
C ARG J 441 -12.80 -9.58 32.26
N GLY J 442 -14.10 -9.59 31.92
CA GLY J 442 -15.13 -9.33 32.89
C GLY J 442 -15.91 -10.51 33.44
N ASP J 443 -15.39 -11.73 33.26
CA ASP J 443 -16.01 -12.90 33.85
C ASP J 443 -15.84 -12.88 35.37
N PHE J 444 -16.74 -13.54 36.08
CA PHE J 444 -16.62 -13.61 37.53
C PHE J 444 -15.56 -14.64 37.93
N LYS J 445 -15.60 -15.05 39.20
CA LYS J 445 -14.61 -15.94 39.78
C LYS J 445 -14.59 -17.32 39.13
N LYS J 446 -15.62 -17.68 38.37
CA LYS J 446 -15.60 -18.91 37.60
C LYS J 446 -14.69 -18.75 36.39
N SER J 447 -13.38 -18.73 36.64
CA SER J 447 -12.39 -18.51 35.58
C SER J 447 -11.06 -19.05 36.07
N VAL J 448 -10.14 -19.23 35.12
CA VAL J 448 -8.80 -19.75 35.44
C VAL J 448 -7.75 -18.66 35.45
N GLY J 449 -8.04 -17.48 34.92
CA GLY J 449 -7.05 -16.41 34.88
C GLY J 449 -6.02 -16.61 33.80
N THR J 450 -4.75 -16.34 34.12
CA THR J 450 -3.67 -16.54 33.17
C THR J 450 -2.92 -17.80 33.53
N PRO J 451 -3.07 -18.89 32.78
CA PRO J 451 -2.40 -20.15 33.17
C PRO J 451 -0.90 -20.14 32.94
N GLN J 452 -0.38 -19.28 32.06
CA GLN J 452 1.04 -19.27 31.79
C GLN J 452 1.87 -18.76 32.97
N ILE J 453 1.25 -18.01 33.88
CA ILE J 453 1.94 -17.59 35.10
C ILE J 453 2.19 -18.78 36.00
N ALA J 454 1.24 -19.72 36.06
CA ALA J 454 1.39 -20.90 36.90
C ALA J 454 2.55 -21.79 36.47
N ASP J 455 2.98 -21.69 35.21
CA ASP J 455 4.13 -22.46 34.76
C ASP J 455 5.45 -21.89 35.26
N ILE J 456 5.55 -20.56 35.39
CA ILE J 456 6.77 -19.93 35.87
C ILE J 456 6.76 -19.69 37.38
N ILE J 457 5.63 -19.90 38.05
CA ILE J 457 5.58 -19.73 39.51
C ILE J 457 6.52 -20.69 40.25
N PRO J 458 6.55 -22.01 39.97
CA PRO J 458 7.45 -22.88 40.76
C PRO J 458 8.92 -22.52 40.69
N HIS J 459 9.42 -22.09 39.52
CA HIS J 459 10.83 -21.76 39.41
C HIS J 459 11.17 -20.53 40.24
N ALA J 460 10.32 -19.49 40.19
CA ALA J 460 10.56 -18.30 40.98
C ALA J 460 10.45 -18.60 42.47
N GLU J 461 9.48 -19.44 42.86
CA GLU J 461 9.35 -19.82 44.27
C GLU J 461 10.59 -20.56 44.75
N ASN J 462 11.10 -21.50 43.94
CA ASN J 462 12.30 -22.23 44.32
C ASN J 462 13.51 -21.31 44.40
N ARG J 463 13.61 -20.35 43.48
CA ARG J 463 14.74 -19.42 43.51
C ARG J 463 14.68 -18.50 44.73
N ILE J 464 13.47 -18.10 45.13
CA ILE J 464 13.32 -17.33 46.36
C ILE J 464 13.66 -18.17 47.58
N ALA J 465 13.32 -19.46 47.54
CA ALA J 465 13.45 -20.36 48.68
C ALA J 465 14.89 -20.59 49.13
N ILE J 466 15.89 -20.12 48.38
CA ILE J 466 17.28 -20.25 48.81
C ILE J 466 17.55 -19.42 50.06
N ASN J 467 16.74 -18.39 50.32
CA ASN J 467 16.97 -17.48 51.44
C ASN J 467 15.80 -17.49 52.41
N ALA J 468 15.35 -18.70 52.76
CA ALA J 468 14.20 -18.84 53.66
C ALA J 468 14.51 -18.30 55.05
N GLY J 469 15.74 -18.50 55.53
CA GLY J 469 16.11 -17.97 56.84
C GLY J 469 16.05 -16.45 56.88
N LYS J 470 16.59 -15.79 55.86
CA LYS J 470 16.53 -14.33 55.81
C LYS J 470 15.11 -13.85 55.61
N MET J 471 14.28 -14.60 54.86
CA MET J 471 12.88 -14.22 54.72
C MET J 471 12.13 -14.31 56.05
N THR J 472 12.35 -15.38 56.80
CA THR J 472 11.64 -15.55 58.07
C THR J 472 12.12 -14.56 59.11
N GLU J 473 13.44 -14.34 59.20
CA GLU J 473 13.96 -13.41 60.20
C GLU J 473 13.81 -11.96 59.76
N ASN J 474 13.56 -11.71 58.47
CA ASN J 474 13.31 -10.37 57.92
C ASN J 474 14.47 -9.42 58.21
N ARG J 475 15.70 -9.93 58.12
CA ARG J 475 16.88 -9.11 58.35
C ARG J 475 17.57 -8.69 57.07
N GLY J 476 17.43 -9.44 55.99
CA GLY J 476 18.00 -9.06 54.72
C GLY J 476 17.07 -9.33 53.56
N TYR J 477 15.92 -9.94 53.85
CA TYR J 477 14.94 -10.30 52.83
C TYR J 477 13.58 -9.76 53.22
N SER J 478 12.74 -9.58 52.21
CA SER J 478 11.40 -9.05 52.40
C SER J 478 10.51 -9.53 51.26
N TRP J 479 9.20 -9.35 51.43
CA TRP J 479 8.26 -9.66 50.36
C TRP J 479 8.52 -8.78 49.15
N GLN J 480 8.74 -7.48 49.37
CA GLN J 480 9.03 -6.58 48.26
C GLN J 480 10.43 -6.83 47.69
N ASP J 481 11.33 -7.38 48.49
CA ASP J 481 12.63 -7.80 47.98
C ASP J 481 12.49 -8.99 47.04
N ALA J 482 11.59 -9.91 47.35
CA ALA J 482 11.40 -11.11 46.57
C ALA J 482 10.56 -10.88 45.31
N ASP J 483 9.89 -9.74 45.18
CA ASP J 483 9.07 -9.48 44.00
C ASP J 483 9.90 -9.27 42.74
N THR J 484 11.20 -8.98 42.88
CA THR J 484 12.05 -8.80 41.72
C THR J 484 12.35 -10.10 41.00
N GLU J 485 12.20 -11.24 41.69
CA GLU J 485 12.49 -12.53 41.05
C GLU J 485 11.48 -12.87 39.96
N TYR J 486 10.22 -12.46 40.14
CA TYR J 486 9.23 -12.62 39.09
C TYR J 486 9.41 -11.61 37.96
N GLY J 487 10.16 -10.53 38.18
CA GLY J 487 10.26 -9.48 37.19
C GLY J 487 10.98 -9.93 35.92
N GLU J 488 12.03 -10.73 36.06
CA GLU J 488 12.72 -11.24 34.88
C GLU J 488 11.92 -12.34 34.20
N LEU J 489 11.24 -13.18 34.99
CA LEU J 489 10.45 -14.25 34.41
C LEU J 489 9.20 -13.71 33.71
N LEU J 490 8.60 -12.65 34.25
CA LEU J 490 7.39 -12.10 33.66
C LEU J 490 7.67 -11.33 32.37
N THR J 491 8.92 -10.94 32.13
CA THR J 491 9.26 -10.26 30.89
C THR J 491 9.12 -11.21 29.70
N LYS J 492 9.53 -12.47 29.87
CA LYS J 492 9.46 -13.42 28.76
C LYS J 492 8.05 -13.87 28.46
N VAL J 493 7.19 -13.94 29.48
CA VAL J 493 5.82 -14.36 29.26
C VAL J 493 5.03 -13.29 28.52
N ALA J 494 5.32 -12.02 28.78
CA ALA J 494 4.60 -10.93 28.15
C ALA J 494 4.85 -10.86 26.66
N TYR J 495 6.01 -11.31 26.20
CA TYR J 495 6.31 -11.34 24.77
C TYR J 495 5.44 -12.35 24.03
N SER J 496 4.88 -13.34 24.72
CA SER J 496 4.04 -14.34 24.11
C SER J 496 2.56 -14.00 24.21
N LEU J 497 2.13 -13.40 25.32
CA LEU J 497 0.72 -13.06 25.50
C LEU J 497 0.33 -11.84 24.67
N GLU J 498 1.24 -10.90 24.46
CA GLU J 498 1.00 -9.70 23.65
C GLU J 498 2.10 -9.63 22.61
N PRO J 499 1.97 -10.37 21.51
CA PRO J 499 3.06 -10.49 20.54
C PRO J 499 3.12 -9.43 19.46
N ALA J 500 2.18 -8.48 19.44
CA ALA J 500 2.21 -7.46 18.42
C ALA J 500 3.33 -6.45 18.69
N GLN J 501 3.63 -5.65 17.66
CA GLN J 501 4.65 -4.62 17.75
C GLN J 501 4.06 -3.22 17.77
N THR J 502 2.77 -3.10 18.05
CA THR J 502 2.14 -1.81 18.13
C THR J 502 2.41 -1.15 19.48
N VAL J 503 1.97 0.10 19.61
CA VAL J 503 2.16 0.84 20.85
C VAL J 503 1.28 0.26 21.95
N ASP J 504 0.03 -0.07 21.61
CA ASP J 504 -0.90 -0.59 22.61
C ASP J 504 -0.42 -1.92 23.19
N ALA J 505 0.07 -2.82 22.33
CA ALA J 505 0.57 -4.10 22.81
C ALA J 505 1.77 -3.93 23.73
N ARG J 506 2.65 -2.98 23.40
CA ARG J 506 3.76 -2.66 24.29
C ARG J 506 3.24 -2.14 25.63
N LEU J 507 2.16 -1.35 25.61
CA LEU J 507 1.59 -0.86 26.86
C LEU J 507 1.05 -1.99 27.72
N LYS J 508 0.33 -2.95 27.11
CA LYS J 508 -0.16 -4.10 27.88
C LYS J 508 0.99 -4.96 28.38
N ARG J 509 2.07 -5.09 27.60
CA ARG J 509 3.26 -5.78 28.09
C ARG J 509 3.88 -5.07 29.27
N GLY J 510 3.88 -3.73 29.24
CA GLY J 510 4.41 -2.98 30.37
C GLY J 510 3.58 -3.15 31.62
N ASN J 511 2.25 -3.16 31.47
CA ASN J 511 1.39 -3.38 32.63
C ASN J 511 1.45 -4.82 33.14
N PHE J 512 1.87 -5.77 32.30
CA PHE J 512 1.88 -7.17 32.71
C PHE J 512 3.05 -7.50 33.65
N ILE J 513 4.19 -6.85 33.48
CA ILE J 513 5.33 -7.09 34.37
C ILE J 513 5.04 -6.61 35.79
N SER J 514 4.09 -5.69 35.96
CA SER J 514 3.76 -5.14 37.27
C SER J 514 3.02 -6.13 38.16
N ARG J 515 2.63 -7.29 37.64
CA ARG J 515 1.86 -8.26 38.42
C ARG J 515 2.72 -8.90 39.49
N LYS J 516 2.71 -8.33 40.70
CA LYS J 516 3.44 -8.83 41.85
C LYS J 516 2.47 -9.40 42.88
N PRO J 517 2.85 -10.46 43.59
CA PRO J 517 1.94 -11.05 44.58
C PRO J 517 1.71 -10.11 45.75
N TRP J 518 0.51 -10.19 46.32
CA TRP J 518 0.08 -9.29 47.38
C TRP J 518 -0.15 -10.08 48.66
N PRO J 519 0.52 -9.74 49.76
CA PRO J 519 0.30 -10.46 51.03
C PRO J 519 -1.00 -10.00 51.67
N ILE J 520 -1.83 -10.97 52.05
CA ILE J 520 -3.13 -10.68 52.65
C ILE J 520 -3.57 -11.84 53.53
N ILE J 521 -4.01 -11.52 54.76
CA ILE J 521 -4.54 -12.54 55.65
C ILE J 521 -5.66 -11.93 56.50
N ASN K 2 24.19 5.41 4.27
CA ASN K 2 22.87 5.96 4.03
C ASN K 2 22.96 7.21 3.14
N ARG K 3 24.16 7.44 2.59
CA ARG K 3 24.41 8.58 1.73
C ARG K 3 23.52 8.59 0.49
N GLY K 4 23.16 7.41 -0.02
CA GLY K 4 22.25 7.36 -1.15
C GLY K 4 20.88 7.92 -0.84
N THR K 5 20.38 7.63 0.38
CA THR K 5 19.11 8.20 0.81
C THR K 5 19.21 9.71 0.94
N VAL K 6 20.34 10.21 1.44
CA VAL K 6 20.55 11.66 1.55
C VAL K 6 20.54 12.30 0.18
N ASP K 7 21.21 11.69 -0.80
CA ASP K 7 21.21 12.22 -2.16
C ASP K 7 19.81 12.19 -2.75
N PHE K 8 19.05 11.12 -2.48
CA PHE K 8 17.68 11.02 -2.97
C PHE K 8 16.81 12.14 -2.43
N ILE K 9 16.90 12.39 -1.12
CA ILE K 9 16.08 13.42 -0.51
C ILE K 9 16.50 14.81 -1.00
N ALA K 10 17.80 15.04 -1.13
CA ALA K 10 18.28 16.33 -1.63
C ALA K 10 17.83 16.59 -3.06
N SER K 11 17.87 15.55 -3.91
CA SER K 11 17.35 15.68 -5.26
C SER K 11 15.84 15.92 -5.25
N LEU K 12 15.13 15.35 -4.29
CA LEU K 12 13.70 15.62 -4.17
C LEU K 12 13.44 17.08 -3.81
N GLU K 13 14.22 17.64 -2.89
CA GLU K 13 14.08 19.06 -2.56
C GLU K 13 14.48 19.95 -3.74
N ASN K 14 15.41 19.51 -4.58
CA ASN K 14 15.83 20.32 -5.71
C ASN K 14 14.81 20.39 -6.83
N LEU K 15 13.72 19.62 -6.75
CA LEU K 15 12.74 19.57 -7.82
C LEU K 15 12.02 20.91 -8.00
N LYS K 16 11.63 21.19 -9.23
CA LYS K 16 10.85 22.38 -9.55
C LYS K 16 9.38 22.09 -9.29
N GLU K 17 8.50 22.99 -9.76
CA GLU K 17 7.07 22.85 -9.49
C GLU K 17 6.34 22.03 -10.54
N GLY K 18 6.84 21.99 -11.78
CA GLY K 18 6.14 21.24 -12.81
C GLY K 18 6.15 19.75 -12.58
N ASP K 19 7.32 19.18 -12.30
CA ASP K 19 7.40 17.76 -12.00
C ASP K 19 6.82 17.44 -10.63
N LEU K 20 6.82 18.41 -9.71
CA LEU K 20 6.12 18.24 -8.45
C LEU K 20 4.62 18.09 -8.68
N GLY K 21 4.05 18.91 -9.57
CA GLY K 21 2.65 18.73 -9.92
C GLY K 21 2.39 17.43 -10.66
N ILE K 22 3.35 17.02 -11.49
CA ILE K 22 3.26 15.72 -12.18
C ILE K 22 3.16 14.59 -11.16
N LEU K 23 4.00 14.63 -10.13
CA LEU K 23 3.94 13.62 -9.08
C LEU K 23 2.68 13.75 -8.24
N ARG K 24 2.21 14.98 -8.02
CA ARG K 24 1.00 15.19 -7.23
C ARG K 24 -0.22 14.59 -7.91
N LYS K 25 -0.26 14.66 -9.25
CA LYS K 25 -1.39 14.09 -9.98
C LYS K 25 -1.38 12.57 -10.00
N LEU K 26 -0.30 11.92 -9.55
CA LEU K 26 -0.16 10.47 -9.63
C LEU K 26 -0.31 9.79 -8.28
N ARG K 27 -0.99 10.43 -7.34
CA ARG K 27 -1.17 9.84 -6.02
C ARG K 27 -2.11 8.64 -6.09
N GLY K 28 -1.73 7.55 -5.43
CA GLY K 28 -2.54 6.35 -5.44
C GLY K 28 -2.45 5.52 -6.69
N ALA K 29 -1.53 5.83 -7.59
CA ALA K 29 -1.47 5.21 -8.90
C ALA K 29 -0.31 4.20 -8.96
N ARG K 30 -0.20 3.54 -10.11
CA ARG K 30 0.86 2.59 -10.37
C ARG K 30 2.08 3.32 -10.92
N LEU K 31 3.05 2.55 -11.42
CA LEU K 31 4.20 3.12 -12.13
C LEU K 31 4.13 2.89 -13.64
N ASP K 32 3.17 2.11 -14.11
CA ASP K 32 3.11 1.70 -15.51
C ASP K 32 2.25 2.62 -16.38
N GLU K 33 1.63 3.65 -15.81
CA GLU K 33 0.85 4.60 -16.57
C GLU K 33 1.37 6.01 -16.32
N LYS K 34 0.98 6.93 -17.22
CA LYS K 34 1.40 8.33 -17.17
C LYS K 34 2.92 8.45 -17.22
N LEU K 35 3.45 8.09 -18.39
CA LEU K 35 4.86 8.03 -18.76
C LEU K 35 5.75 9.16 -18.22
N PRO K 36 5.32 10.44 -18.18
CA PRO K 36 6.18 11.45 -17.55
C PRO K 36 6.54 11.13 -16.11
N GLY K 37 5.63 10.54 -15.34
CA GLY K 37 5.97 10.12 -13.98
C GLY K 37 7.03 9.03 -13.97
N PHE K 38 6.91 8.06 -14.88
CA PHE K 38 7.91 6.99 -14.98
C PHE K 38 9.27 7.56 -15.36
N ASP K 39 9.30 8.48 -16.33
CA ASP K 39 10.57 9.06 -16.75
C ASP K 39 11.20 9.90 -15.64
N LEU K 40 10.39 10.68 -14.93
CA LEU K 40 10.91 11.49 -13.83
C LEU K 40 11.44 10.62 -12.70
N PHE K 41 10.72 9.55 -12.34
CA PHE K 41 11.18 8.67 -11.29
C PHE K 41 12.44 7.93 -11.70
N SER K 42 12.54 7.52 -12.96
CA SER K 42 13.74 6.86 -13.45
C SER K 42 14.93 7.81 -13.44
N ALA K 43 14.71 9.07 -13.81
CA ALA K 43 15.78 10.07 -13.72
C ALA K 43 16.19 10.33 -12.27
N LEU K 44 15.23 10.27 -11.34
CA LEU K 44 15.54 10.51 -9.94
C LEU K 44 16.34 9.37 -9.32
N TRP K 45 15.95 8.12 -9.61
CA TRP K 45 16.42 6.98 -8.84
C TRP K 45 17.61 6.26 -9.46
N TRP K 46 17.70 6.22 -10.79
CA TRP K 46 18.76 5.43 -11.44
C TRP K 46 20.19 5.89 -11.14
N PRO K 47 20.55 7.18 -11.13
CA PRO K 47 21.95 7.52 -10.83
C PRO K 47 22.41 7.13 -9.43
N LEU K 48 21.50 6.87 -8.50
CA LEU K 48 21.90 6.45 -7.15
C LEU K 48 22.60 5.10 -7.18
N ARG K 49 22.07 4.14 -7.95
CA ARG K 49 22.65 2.80 -7.97
C ARG K 49 24.04 2.79 -8.63
N GLN K 50 24.25 3.63 -9.64
CA GLN K 50 25.49 3.59 -10.40
C GLN K 50 26.69 4.01 -9.54
N LYS K 51 26.59 5.14 -8.86
CA LYS K 51 27.70 5.58 -8.02
C LYS K 51 27.67 4.90 -6.66
N ASN K 52 26.60 5.13 -5.90
CA ASN K 52 26.48 4.56 -4.57
C ASN K 52 26.10 3.08 -4.68
N GLN K 53 26.81 2.24 -3.91
CA GLN K 53 26.50 0.81 -3.92
C GLN K 53 25.13 0.54 -3.33
N ARG K 54 24.76 1.27 -2.27
CA ARG K 54 23.43 1.16 -1.69
C ARG K 54 22.48 2.13 -2.37
N ALA K 55 21.18 1.82 -2.24
CA ALA K 55 20.12 2.65 -2.79
C ALA K 55 18.82 2.24 -2.12
N PRO K 56 17.89 3.15 -1.88
CA PRO K 56 16.60 2.78 -1.30
C PRO K 56 15.81 1.92 -2.27
N LYS K 57 14.91 1.12 -1.71
CA LYS K 57 14.07 0.24 -2.51
C LYS K 57 13.15 1.05 -3.42
N ARG K 58 12.78 0.46 -4.56
CA ARG K 58 12.01 1.18 -5.57
C ARG K 58 10.64 1.56 -5.04
N GLU K 59 9.96 0.63 -4.36
CA GLU K 59 8.64 0.94 -3.81
C GLU K 59 8.72 2.00 -2.72
N VAL K 60 9.73 1.89 -1.85
CA VAL K 60 9.92 2.88 -0.79
C VAL K 60 10.24 4.25 -1.39
N ALA K 61 11.10 4.28 -2.41
CA ALA K 61 11.44 5.54 -3.05
C ALA K 61 10.23 6.18 -3.74
N TRP K 62 9.43 5.36 -4.41
CA TRP K 62 8.23 5.86 -5.08
C TRP K 62 7.23 6.42 -4.07
N LEU K 63 7.03 5.69 -2.97
CA LEU K 63 6.11 6.17 -1.93
C LEU K 63 6.62 7.47 -1.31
N ILE K 64 7.93 7.56 -1.05
CA ILE K 64 8.51 8.75 -0.46
C ILE K 64 8.38 9.94 -1.41
N ALA K 65 8.61 9.72 -2.70
CA ALA K 65 8.49 10.80 -3.67
C ALA K 65 7.05 11.31 -3.77
N LYS K 66 6.08 10.39 -3.82
CA LYS K 66 4.68 10.82 -3.88
C LYS K 66 4.25 11.54 -2.61
N LEU K 67 4.67 11.03 -1.44
CA LEU K 67 4.33 11.68 -0.18
C LEU K 67 4.97 13.06 -0.08
N PHE K 68 6.21 13.19 -0.55
CA PHE K 68 6.88 14.49 -0.55
C PHE K 68 6.18 15.46 -1.49
N ALA K 69 5.72 14.98 -2.64
CA ALA K 69 4.99 15.84 -3.57
C ALA K 69 3.69 16.33 -2.96
N GLU K 70 2.96 15.47 -2.27
CA GLU K 70 1.69 15.89 -1.68
C GLU K 70 1.88 16.75 -0.45
N PHE K 71 2.89 16.45 0.37
CA PHE K 71 3.04 16.98 1.72
C PHE K 71 4.42 17.63 1.90
N ARG K 72 4.77 18.56 1.01
CA ARG K 72 6.09 19.19 0.99
C ARG K 72 6.54 19.69 2.35
N PHE K 73 7.61 19.09 2.87
CA PHE K 73 8.13 19.41 4.19
C PHE K 73 9.62 19.66 4.09
N GLU K 74 10.11 20.64 4.85
CA GLU K 74 11.54 20.91 4.89
C GLU K 74 12.26 19.79 5.62
N GLN K 75 13.22 19.16 4.95
CA GLN K 75 13.95 18.05 5.55
C GLN K 75 14.88 18.59 6.65
N ARG K 76 14.73 18.06 7.86
CA ARG K 76 15.52 18.49 9.00
C ARG K 76 15.86 17.28 9.86
N GLU K 77 17.12 17.17 10.24
CA GLU K 77 17.56 16.05 11.09
C GLU K 77 17.04 16.22 12.50
N GLY K 78 16.48 15.15 13.05
CA GLY K 78 15.94 15.16 14.40
C GLY K 78 14.45 15.41 14.50
N ALA K 79 13.67 15.07 13.49
CA ALA K 79 12.23 15.31 13.45
C ALA K 79 11.50 14.06 12.97
N THR K 80 11.81 12.92 13.58
CA THR K 80 11.22 11.66 13.15
C THR K 80 9.72 11.65 13.40
N LEU K 81 9.02 10.85 12.58
CA LEU K 81 7.55 10.82 12.63
C LEU K 81 6.98 10.39 13.97
N PRO K 82 7.47 9.32 14.65
CA PRO K 82 6.88 8.99 15.96
C PRO K 82 7.04 10.09 17.00
N ILE K 83 8.12 10.85 16.97
CA ILE K 83 8.33 11.89 17.97
C ILE K 83 7.32 13.02 17.79
N LEU K 84 7.13 13.45 16.54
CA LEU K 84 6.14 14.50 16.26
C LEU K 84 4.73 13.99 16.55
N MET K 85 4.46 12.73 16.23
CA MET K 85 3.13 12.16 16.51
C MET K 85 2.87 12.09 18.01
N GLY K 86 3.88 11.73 18.80
CA GLY K 86 3.71 11.73 20.25
C GLY K 86 3.51 13.13 20.81
N GLY K 87 4.26 14.11 20.28
CA GLY K 87 4.07 15.48 20.71
C GLY K 87 2.69 16.02 20.38
N ILE K 88 2.14 15.61 19.24
CA ILE K 88 0.76 15.98 18.90
C ILE K 88 -0.22 15.25 19.80
N CYS K 89 0.02 13.96 20.06
CA CYS K 89 -0.92 13.14 20.84
C CYS K 89 -0.99 13.58 22.29
N ARG K 90 0.10 14.12 22.84
CA ARG K 90 0.10 14.50 24.24
C ARG K 90 -0.86 15.67 24.49
N LYS K 91 -0.96 16.60 23.55
CA LYS K 91 -1.86 17.75 23.69
C LYS K 91 -3.23 17.45 23.08
N LEU K 92 -3.83 16.37 23.58
CA LEU K 92 -5.14 15.92 23.11
C LEU K 92 -6.03 15.61 24.31
N GLU K 93 -7.32 15.51 24.04
CA GLU K 93 -8.25 15.03 25.05
C GLU K 93 -7.97 13.57 25.35
N PRO K 94 -7.78 13.19 26.61
CA PRO K 94 -7.31 11.84 26.93
C PRO K 94 -8.39 10.77 26.98
N LYS K 95 -9.62 11.08 26.58
CA LYS K 95 -10.72 10.12 26.69
C LYS K 95 -11.23 9.63 25.33
N LYS K 96 -11.40 10.51 24.36
CA LYS K 96 -12.00 10.13 23.08
C LYS K 96 -11.08 10.34 21.89
N GLU K 97 -10.46 11.52 21.77
CA GLU K 97 -9.65 11.80 20.59
C GLU K 97 -8.35 11.00 20.59
N LEU K 98 -7.74 10.84 21.76
CA LEU K 98 -6.48 10.12 21.86
C LEU K 98 -6.59 8.66 21.43
N PRO K 99 -7.58 7.87 21.88
CA PRO K 99 -7.68 6.49 21.34
C PRO K 99 -7.88 6.43 19.83
N ARG K 100 -8.66 7.35 19.26
CA ARG K 100 -8.90 7.33 17.82
C ARG K 100 -7.62 7.64 17.05
N VAL K 101 -6.92 8.71 17.43
CA VAL K 101 -5.70 9.08 16.72
C VAL K 101 -4.61 8.03 16.93
N LEU K 102 -4.55 7.46 18.14
CA LEU K 102 -3.58 6.40 18.42
C LEU K 102 -3.89 5.14 17.62
N ALA K 103 -5.18 4.83 17.42
CA ALA K 103 -5.53 3.70 16.56
C ALA K 103 -5.12 3.96 15.12
N ARG K 104 -5.32 5.19 14.64
CA ARG K 104 -4.88 5.52 13.29
C ARG K 104 -3.36 5.46 13.15
N PHE K 105 -2.63 5.75 14.22
CA PHE K 105 -1.17 5.63 14.17
C PHE K 105 -0.74 4.17 14.23
N ASP K 106 -1.36 3.38 15.09
CA ASP K 106 -1.00 1.98 15.30
C ASP K 106 -1.46 1.09 14.16
N GLN K 107 -2.36 1.56 13.31
CA GLN K 107 -2.68 0.83 12.09
C GLN K 107 -1.46 0.68 11.19
N LEU K 108 -0.56 1.67 11.23
CA LEU K 108 0.59 1.70 10.32
C LEU K 108 1.51 0.50 10.52
N ALA K 109 1.78 0.12 11.77
CA ALA K 109 2.72 -0.97 12.02
C ALA K 109 2.05 -2.33 11.90
N SER K 110 1.28 -2.54 10.83
CA SER K 110 0.71 -3.85 10.51
C SER K 110 0.81 -4.25 9.05
N LEU K 111 0.97 -3.30 8.14
CA LEU K 111 0.89 -3.59 6.71
C LEU K 111 2.29 -3.69 6.12
N ASP K 112 2.34 -3.81 4.79
CA ASP K 112 3.58 -3.76 4.04
C ASP K 112 3.75 -2.38 3.40
N ILE K 113 4.82 -2.23 2.62
CA ILE K 113 5.10 -0.96 1.96
C ILE K 113 4.01 -0.64 0.93
N MET K 114 3.47 -1.66 0.27
CA MET K 114 2.54 -1.48 -0.84
C MET K 114 1.20 -0.91 -0.42
N GLN K 115 0.90 -0.86 0.89
CA GLN K 115 -0.41 -0.41 1.35
C GLN K 115 -0.31 0.69 2.42
N MET K 116 0.82 1.35 2.52
CA MET K 116 1.03 2.36 3.57
C MET K 116 0.70 3.77 3.11
N GLU K 117 0.23 3.97 1.87
CA GLU K 117 0.10 5.32 1.32
C GLU K 117 -0.96 6.13 2.04
N GLU K 118 -2.21 5.66 2.01
CA GLU K 118 -3.30 6.36 2.70
C GLU K 118 -3.15 6.38 4.24
N PRO K 119 -2.76 5.27 4.89
CA PRO K 119 -2.50 5.36 6.34
C PRO K 119 -1.34 6.28 6.70
N LEU K 120 -0.42 6.56 5.77
CA LEU K 120 0.58 7.60 6.01
C LEU K 120 0.07 8.99 5.66
N SER K 121 -0.80 9.08 4.66
CA SER K 121 -1.32 10.37 4.23
C SER K 121 -2.25 10.97 5.27
N VAL K 122 -3.00 10.14 5.99
CA VAL K 122 -3.81 10.68 7.08
C VAL K 122 -2.92 11.22 8.19
N ILE K 123 -1.78 10.56 8.44
CA ILE K 123 -0.83 11.03 9.45
C ILE K 123 -0.23 12.37 9.03
N MET K 124 0.19 12.48 7.77
CA MET K 124 0.72 13.75 7.28
C MET K 124 -0.35 14.83 7.25
N GLY K 125 -1.61 14.46 7.03
CA GLY K 125 -2.68 15.44 7.13
C GLY K 125 -2.88 15.96 8.54
N ILE K 126 -2.79 15.08 9.52
CA ILE K 126 -2.86 15.52 10.92
C ILE K 126 -1.66 16.40 11.26
N LEU K 127 -0.49 16.07 10.70
CA LEU K 127 0.69 16.91 10.91
C LEU K 127 0.49 18.30 10.30
N ARG K 128 0.01 18.35 9.06
CA ARG K 128 -0.24 19.62 8.38
C ARG K 128 -1.35 20.42 9.05
N LYS K 129 -2.26 19.75 9.75
CA LYS K 129 -3.32 20.47 10.47
C LYS K 129 -2.74 21.32 11.58
N HIS K 130 -1.68 20.83 12.24
CA HIS K 130 -1.03 21.56 13.32
C HIS K 130 0.14 22.41 12.84
N GLN K 131 0.27 22.60 11.52
CA GLN K 131 1.24 23.51 10.91
C GLN K 131 2.68 23.11 11.24
N GLN K 132 3.06 21.90 10.85
CA GLN K 132 4.45 21.50 10.92
C GLN K 132 5.25 22.12 9.79
N VAL K 133 6.56 22.21 9.98
CA VAL K 133 7.43 22.83 8.99
C VAL K 133 8.64 21.94 8.72
N CYS K 134 8.67 20.76 9.33
CA CYS K 134 9.83 19.90 9.18
C CYS K 134 9.43 18.44 9.29
N LEU K 135 10.22 17.57 8.67
CA LEU K 135 10.06 16.12 8.77
C LEU K 135 11.35 15.46 8.34
N ASP K 136 11.77 14.45 9.10
CA ASP K 136 12.98 13.69 8.78
C ASP K 136 12.66 12.66 7.70
N TRP K 137 12.84 13.07 6.45
CA TRP K 137 12.59 12.14 5.35
C TRP K 137 13.65 11.06 5.26
N VAL K 138 14.88 11.37 5.65
CA VAL K 138 15.96 10.39 5.58
C VAL K 138 15.76 9.28 6.60
N GLY K 139 15.43 9.64 7.84
CA GLY K 139 15.17 8.64 8.86
C GLY K 139 13.93 7.83 8.57
N LEU K 140 12.88 8.48 8.06
CA LEU K 140 11.68 7.75 7.68
C LEU K 140 11.95 6.77 6.55
N THR K 141 12.75 7.18 5.55
CA THR K 141 13.12 6.29 4.47
C THR K 141 13.95 5.11 4.96
N ASP K 142 14.91 5.37 5.86
CA ASP K 142 15.73 4.29 6.39
C ASP K 142 14.90 3.30 7.21
N VAL K 143 13.98 3.82 8.02
CA VAL K 143 13.09 2.93 8.79
C VAL K 143 12.19 2.14 7.87
N LEU K 144 11.62 2.79 6.85
CA LEU K 144 10.73 2.11 5.93
C LEU K 144 11.45 1.05 5.10
N SER K 145 12.75 1.23 4.88
CA SER K 145 13.51 0.22 4.13
C SER K 145 13.56 -1.10 4.88
N PHE K 146 13.98 -1.07 6.14
CA PHE K 146 14.03 -2.27 6.98
C PHE K 146 12.77 -2.42 7.82
N TRP K 147 11.60 -2.39 7.19
CA TRP K 147 10.36 -2.45 7.93
C TRP K 147 10.01 -3.85 8.39
N GLU K 148 10.71 -4.87 7.91
CA GLU K 148 10.41 -6.25 8.30
C GLU K 148 11.23 -6.72 9.49
N GLN K 149 12.19 -5.94 9.95
CA GLN K 149 12.97 -6.31 11.12
C GLN K 149 12.22 -5.92 12.39
N GLU K 150 12.14 -6.85 13.34
CA GLU K 150 11.43 -6.60 14.58
C GLU K 150 12.01 -5.47 15.44
N PRO K 151 13.33 -5.35 15.64
CA PRO K 151 13.83 -4.19 16.41
C PRO K 151 13.50 -2.84 15.77
N VAL K 152 13.29 -2.79 14.46
CA VAL K 152 12.91 -1.53 13.81
C VAL K 152 11.54 -1.07 14.31
N LYS K 153 10.56 -1.98 14.28
CA LYS K 153 9.24 -1.65 14.80
C LYS K 153 9.28 -1.41 16.30
N ARG K 154 10.12 -2.16 17.01
CA ARG K 154 10.26 -1.97 18.44
C ARG K 154 10.76 -0.57 18.77
N GLU K 155 11.77 -0.10 18.04
CA GLU K 155 12.29 1.25 18.26
C GLU K 155 11.30 2.31 17.79
N TRP K 156 10.53 2.03 16.75
CA TRP K 156 9.49 2.96 16.32
C TRP K 156 8.47 3.19 17.44
N SER K 157 7.92 2.09 17.98
CA SER K 157 6.94 2.20 19.06
C SER K 157 7.56 2.79 20.32
N ASP K 158 8.81 2.41 20.63
CA ASP K 158 9.46 2.91 21.83
C ASP K 158 9.74 4.41 21.73
N SER K 159 10.13 4.90 20.55
CA SER K 159 10.33 6.31 20.35
C SER K 159 9.02 7.07 20.47
N PHE K 160 7.93 6.50 19.93
CA PHE K 160 6.63 7.14 20.10
C PHE K 160 6.23 7.24 21.57
N ILE K 161 6.44 6.17 22.33
CA ILE K 161 6.06 6.18 23.75
C ILE K 161 6.95 7.13 24.53
N LYS K 162 8.24 7.18 24.20
CA LYS K 162 9.17 8.08 24.88
C LYS K 162 8.81 9.55 24.63
N ALA K 163 8.44 9.87 23.38
CA ALA K 163 8.00 11.24 23.09
C ALA K 163 6.66 11.55 23.74
N TYR K 164 5.78 10.56 23.85
CA TYR K 164 4.49 10.80 24.48
C TYR K 164 4.62 11.02 25.99
N LYS K 165 5.51 10.28 26.64
CA LYS K 165 5.56 10.30 28.10
C LYS K 165 6.27 11.54 28.63
N ILE K 166 7.56 11.68 28.31
CA ILE K 166 8.44 12.72 28.86
C ILE K 166 8.38 12.74 30.39
ZN ZN M . 11.76 -3.41 -30.06
ZN ZN N . 15.48 -53.63 53.10
#